data_5F8V
#
_entry.id   5F8V
#
_cell.length_a   51.967
_cell.length_b   235.434
_cell.length_c   134.520
_cell.angle_alpha   90.00
_cell.angle_beta   90.02
_cell.angle_gamma   90.00
#
_symmetry.space_group_name_H-M   'P 1 21 1'
#
loop_
_entity.id
_entity.type
_entity.pdbx_description
1 polymer 'Aminotransferase, class V family protein'
2 water water
#
_entity_poly.entity_id   1
_entity_poly.type   'polypeptide(L)'
_entity_poly.pdbx_seq_one_letter_code
;MSAQRAYNFSAGPAAVPLECLERAAAEMTNWRNSGMSVIEVSHRGKHWMEEQKEATERLRTLLQVPENFNILFVAGGASL
QFSAIPFNFIGEHKAVDYLCTGTWSKKAFDECKRLAFPGVTVNSVAGNPPANPVEVPARDTWKLSEDAAYFYYCDNETIQ
GIEFQQFPDVPAPLIIDMSSNFLSRPITQWEKVGCIFACAQ(LLP)NFGLAGMSVVIIRKDMLERPVKPFCPITMDYRIQ
VKNNCMYNTPPTFAIYFANHIFKWIEEKGGLAAMDALNKEKAKKVYEAIDSNPNFVNRIKPEWRSRMNMPFFRPDGYENK
DLDADAKFVNFCTQRKLLTLKGHVSVGGFRASCYNACPMEAVDALVQAMKEWPGFLEHHHHHH
;
_entity_poly.pdbx_strand_id   A,E,B,C,D,F,G,H
#
# COMPACT_ATOMS: atom_id res chain seq x y z
N ARG A 5 -30.55 -27.04 20.42
CA ARG A 5 -30.31 -26.31 21.71
C ARG A 5 -31.60 -26.29 22.53
N ALA A 6 -31.49 -26.66 23.81
CA ALA A 6 -32.64 -26.62 24.71
C ALA A 6 -32.79 -25.21 25.29
N TYR A 7 -33.97 -24.95 25.85
CA TYR A 7 -34.17 -23.76 26.66
C TYR A 7 -33.76 -24.08 28.09
N ASN A 8 -32.61 -23.54 28.48
CA ASN A 8 -31.91 -23.94 29.70
C ASN A 8 -32.10 -22.92 30.82
N PHE A 9 -32.87 -23.29 31.84
CA PHE A 9 -33.11 -22.42 32.98
C PHE A 9 -32.33 -22.86 34.25
N SER A 10 -31.21 -23.56 34.07
CA SER A 10 -30.42 -23.99 35.22
C SER A 10 -29.89 -22.79 36.00
N ALA A 11 -29.99 -22.89 37.32
CA ALA A 11 -29.53 -21.85 38.22
C ALA A 11 -28.01 -21.75 38.29
N GLY A 12 -27.29 -22.81 37.94
CA GLY A 12 -25.83 -22.82 38.04
C GLY A 12 -25.24 -24.22 38.08
N PRO A 13 -24.31 -24.59 37.17
CA PRO A 13 -23.88 -23.78 36.03
C PRO A 13 -25.02 -23.51 35.04
N ALA A 14 -24.85 -22.44 34.26
CA ALA A 14 -25.95 -21.82 33.55
C ALA A 14 -25.67 -21.65 32.07
N ALA A 15 -26.70 -21.22 31.35
CA ALA A 15 -26.62 -20.96 29.92
C ALA A 15 -25.52 -19.96 29.57
N VAL A 16 -24.87 -20.23 28.44
CA VAL A 16 -23.75 -19.45 27.96
C VAL A 16 -24.12 -18.98 26.54
N PRO A 17 -23.54 -17.85 26.07
CA PRO A 17 -23.82 -17.43 24.68
C PRO A 17 -23.33 -18.45 23.67
N LEU A 18 -24.20 -18.84 22.73
CA LEU A 18 -23.85 -19.86 21.73
C LEU A 18 -22.62 -19.45 20.90
N GLU A 19 -22.55 -18.15 20.55
CA GLU A 19 -21.39 -17.57 19.86
C GLU A 19 -20.08 -17.89 20.58
N CYS A 20 -20.09 -17.78 21.91
CA CYS A 20 -18.91 -18.08 22.71
C CYS A 20 -18.54 -19.57 22.66
N LEU A 21 -19.55 -20.43 22.70
CA LEU A 21 -19.31 -21.87 22.57
C LEU A 21 -18.75 -22.18 21.16
N GLU A 22 -19.33 -21.56 20.15
CA GLU A 22 -18.88 -21.76 18.76
C GLU A 22 -17.46 -21.24 18.52
N ARG A 23 -17.16 -20.06 19.05
CA ARG A 23 -15.80 -19.49 19.00
C ARG A 23 -14.78 -20.42 19.68
N ALA A 24 -15.12 -20.91 20.87
CA ALA A 24 -14.22 -21.82 21.61
C ALA A 24 -13.96 -23.13 20.87
N ALA A 25 -15.00 -23.72 20.31
CA ALA A 25 -14.87 -24.96 19.54
C ALA A 25 -14.03 -24.76 18.26
N ALA A 26 -14.25 -23.65 17.55
CA ALA A 26 -13.53 -23.37 16.29
C ALA A 26 -12.01 -23.21 16.44
N GLU A 27 -11.54 -22.70 17.59
CA GLU A 27 -10.11 -22.55 17.85
C GLU A 27 -9.55 -23.57 18.87
N MET A 28 -10.26 -24.67 19.07
CA MET A 28 -9.95 -25.62 20.15
C MET A 28 -8.61 -26.33 19.99
N THR A 29 -8.22 -26.62 18.74
CA THR A 29 -6.94 -27.29 18.45
C THR A 29 -5.81 -26.32 18.14
N ASN A 30 -6.15 -25.08 17.81
CA ASN A 30 -5.15 -24.07 17.49
C ASN A 30 -5.63 -22.67 17.85
N TRP A 31 -5.13 -22.18 18.98
CA TRP A 31 -5.54 -20.89 19.53
C TRP A 31 -4.61 -19.78 19.05
N ARG A 32 -5.21 -18.74 18.45
CA ARG A 32 -4.53 -17.62 17.77
C ARG A 32 -3.28 -18.00 16.97
N ASN A 33 -3.39 -19.08 16.20
CA ASN A 33 -2.32 -19.55 15.31
C ASN A 33 -1.01 -19.91 16.05
N SER A 34 -1.12 -20.36 17.30
CA SER A 34 0.03 -20.70 18.15
C SER A 34 0.56 -22.11 17.89
N GLY A 35 -0.28 -22.96 17.29
CA GLY A 35 0.02 -24.37 17.13
C GLY A 35 -0.49 -25.25 18.27
N MET A 36 -1.20 -24.65 19.22
CA MET A 36 -1.71 -25.40 20.37
C MET A 36 -3.02 -24.83 20.90
N SER A 37 -3.75 -25.68 21.63
CA SER A 37 -4.96 -25.28 22.31
C SER A 37 -4.60 -24.26 23.40
N VAL A 38 -5.56 -23.42 23.77
CA VAL A 38 -5.40 -22.58 24.96
C VAL A 38 -5.17 -23.46 26.20
N ILE A 39 -5.74 -24.67 26.20
CA ILE A 39 -5.56 -25.67 27.26
C ILE A 39 -4.09 -26.16 27.41
N GLU A 40 -3.29 -26.11 26.34
CA GLU A 40 -1.94 -26.68 26.36
C GLU A 40 -0.82 -25.66 26.52
N VAL A 41 -1.19 -24.41 26.75
CA VAL A 41 -0.26 -23.28 26.73
C VAL A 41 0.29 -23.03 28.13
N SER A 42 1.59 -22.77 28.24
CA SER A 42 2.18 -22.42 29.53
C SER A 42 1.68 -21.07 30.04
N HIS A 43 1.33 -21.03 31.33
CA HIS A 43 0.94 -19.79 31.99
C HIS A 43 2.09 -18.77 32.13
N ARG A 44 3.33 -19.25 32.10
CA ARG A 44 4.51 -18.36 32.09
C ARG A 44 4.91 -17.87 30.69
N GLY A 45 4.32 -18.43 29.63
CA GLY A 45 4.62 -18.02 28.27
C GLY A 45 3.99 -16.69 27.88
N LYS A 46 4.39 -16.17 26.73
CA LYS A 46 3.99 -14.84 26.28
C LYS A 46 2.50 -14.78 25.94
N HIS A 47 2.02 -15.79 25.23
CA HIS A 47 0.62 -15.84 24.82
C HIS A 47 -0.37 -15.82 25.98
N TRP A 48 -0.13 -16.64 27.01
CA TRP A 48 -1.06 -16.66 28.14
C TRP A 48 -1.06 -15.34 28.94
N MET A 49 0.14 -14.85 29.25
CA MET A 49 0.24 -13.58 29.99
C MET A 49 -0.46 -12.40 29.31
N GLU A 50 -0.51 -12.38 27.99
CA GLU A 50 -1.31 -11.39 27.25
C GLU A 50 -2.82 -11.61 27.42
N GLU A 51 -3.27 -12.87 27.31
CA GLU A 51 -4.69 -13.20 27.43
C GLU A 51 -5.24 -12.79 28.80
N GLN A 52 -4.50 -13.12 29.85
CA GLN A 52 -4.96 -12.84 31.21
C GLN A 52 -4.94 -11.37 31.51
N LYS A 53 -3.89 -10.69 31.06
CA LYS A 53 -3.80 -9.23 31.13
C LYS A 53 -5.01 -8.61 30.45
N GLU A 54 -5.27 -9.02 29.21
CA GLU A 54 -6.40 -8.54 28.43
C GLU A 54 -7.74 -8.81 29.15
N ALA A 55 -7.92 -10.03 29.64
CA ALA A 55 -9.15 -10.40 30.37
C ALA A 55 -9.40 -9.51 31.58
N THR A 56 -8.32 -9.19 32.31
CA THR A 56 -8.40 -8.33 33.49
C THR A 56 -8.82 -6.90 33.11
N GLU A 57 -8.13 -6.36 32.11
CA GLU A 57 -8.43 -5.03 31.57
C GLU A 57 -9.85 -4.94 31.04
N ARG A 58 -10.28 -5.96 30.29
CA ARG A 58 -11.61 -5.95 29.69
C ARG A 58 -12.69 -5.89 30.78
N LEU A 59 -12.51 -6.68 31.83
CA LEU A 59 -13.43 -6.66 32.96
C LEU A 59 -13.41 -5.29 33.63
N ARG A 60 -12.23 -4.69 33.75
CA ARG A 60 -12.12 -3.35 34.31
C ARG A 60 -12.91 -2.34 33.47
N THR A 61 -12.81 -2.44 32.15
CA THR A 61 -13.53 -1.56 31.23
C THR A 61 -15.04 -1.75 31.37
N LEU A 62 -15.50 -3.00 31.23
CA LEU A 62 -16.92 -3.34 31.36
C LEU A 62 -17.56 -2.74 32.61
N LEU A 63 -16.91 -2.93 33.75
CA LEU A 63 -17.43 -2.44 35.04
C LEU A 63 -17.01 -1.03 35.41
N GLN A 64 -16.03 -0.46 34.71
CA GLN A 64 -15.37 0.78 35.12
C GLN A 64 -14.92 0.67 36.57
N VAL A 65 -14.17 -0.39 36.84
CA VAL A 65 -13.61 -0.62 38.16
C VAL A 65 -12.56 0.48 38.38
N PRO A 66 -12.70 1.31 39.44
CA PRO A 66 -11.68 2.34 39.67
C PRO A 66 -10.30 1.78 40.03
N GLU A 67 -9.26 2.58 39.83
CA GLU A 67 -7.88 2.12 39.96
C GLU A 67 -7.42 1.84 41.40
N ASN A 68 -8.19 2.25 42.39
CA ASN A 68 -7.93 1.81 43.79
C ASN A 68 -8.45 0.39 44.13
N PHE A 69 -8.89 -0.37 43.11
CA PHE A 69 -9.28 -1.76 43.27
C PHE A 69 -8.38 -2.69 42.45
N ASN A 70 -7.95 -3.78 43.08
CA ASN A 70 -7.33 -4.91 42.37
C ASN A 70 -8.42 -5.85 41.83
N ILE A 71 -8.13 -6.53 40.72
CA ILE A 71 -9.01 -7.53 40.13
C ILE A 71 -8.28 -8.86 40.15
N LEU A 72 -8.92 -9.89 40.74
CA LEU A 72 -8.34 -11.23 40.79
C LEU A 72 -9.21 -12.23 40.05
N PHE A 73 -8.54 -13.15 39.35
CA PHE A 73 -9.13 -14.40 38.92
C PHE A 73 -8.50 -15.46 39.79
N VAL A 74 -9.32 -16.25 40.48
CA VAL A 74 -8.81 -17.30 41.38
C VAL A 74 -9.47 -18.65 41.14
N ALA A 75 -8.75 -19.71 41.49
CA ALA A 75 -9.31 -21.06 41.49
C ALA A 75 -10.32 -21.14 42.63
N GLY A 76 -11.36 -21.95 42.45
CA GLY A 76 -12.35 -22.19 43.51
C GLY A 76 -13.62 -21.35 43.35
N GLY A 77 -14.75 -21.93 43.77
CA GLY A 77 -16.05 -21.29 43.66
C GLY A 77 -16.29 -20.28 44.77
N ALA A 78 -17.52 -19.78 44.83
CA ALA A 78 -17.91 -18.79 45.81
C ALA A 78 -17.74 -19.29 47.26
N SER A 79 -18.02 -20.57 47.51
CA SER A 79 -17.95 -21.13 48.87
C SER A 79 -16.54 -21.08 49.47
N LEU A 80 -15.52 -21.22 48.64
CA LEU A 80 -14.14 -21.04 49.09
C LEU A 80 -13.88 -19.58 49.50
N GLN A 81 -14.48 -18.63 48.77
CA GLN A 81 -14.31 -17.21 49.13
C GLN A 81 -15.05 -16.86 50.43
N PHE A 82 -16.14 -17.55 50.75
CA PHE A 82 -16.77 -17.40 52.09
C PHE A 82 -15.75 -17.62 53.22
N SER A 83 -14.86 -18.59 53.04
CA SER A 83 -13.79 -18.85 54.00
C SER A 83 -12.70 -17.78 53.95
N ALA A 84 -12.29 -17.42 52.73
CA ALA A 84 -11.19 -16.48 52.55
C ALA A 84 -11.51 -15.06 53.02
N ILE A 85 -12.78 -14.65 52.93
CA ILE A 85 -13.17 -13.29 53.31
C ILE A 85 -12.74 -12.93 54.76
N PRO A 86 -13.17 -13.71 55.77
CA PRO A 86 -12.74 -13.37 57.13
C PRO A 86 -11.23 -13.51 57.38
N PHE A 87 -10.59 -14.53 56.82
CA PHE A 87 -9.12 -14.65 56.89
C PHE A 87 -8.44 -13.34 56.46
N ASN A 88 -8.94 -12.76 55.36
CA ASN A 88 -8.34 -11.59 54.72
C ASN A 88 -8.73 -10.22 55.27
N PHE A 89 -9.95 -10.08 55.80
CA PHE A 89 -10.52 -8.74 56.06
C PHE A 89 -11.02 -8.43 57.48
N ILE A 90 -10.94 -9.38 58.40
CA ILE A 90 -11.20 -9.07 59.81
C ILE A 90 -10.18 -8.05 60.32
N GLY A 91 -8.92 -8.24 59.94
CA GLY A 91 -7.82 -7.44 60.45
C GLY A 91 -7.72 -7.60 61.95
N GLU A 92 -7.64 -6.47 62.65
CA GLU A 92 -7.60 -6.43 64.12
C GLU A 92 -8.96 -6.05 64.71
N HIS A 93 -10.01 -6.00 63.88
CA HIS A 93 -11.35 -5.65 64.37
C HIS A 93 -11.93 -6.76 65.25
N LYS A 94 -12.82 -6.39 66.16
CA LYS A 94 -13.40 -7.32 67.12
C LYS A 94 -14.77 -7.86 66.69
N ALA A 95 -15.28 -7.41 65.54
CA ALA A 95 -16.58 -7.85 65.06
C ALA A 95 -16.68 -7.89 63.54
N VAL A 96 -17.62 -8.70 63.05
CA VAL A 96 -18.01 -8.72 61.63
C VAL A 96 -19.54 -8.78 61.53
N ASP A 97 -20.08 -8.06 60.56
CA ASP A 97 -21.53 -8.01 60.34
C ASP A 97 -21.93 -8.76 59.06
N TYR A 98 -22.90 -9.66 59.21
CA TYR A 98 -23.49 -10.43 58.12
C TYR A 98 -25.00 -10.17 58.07
N LEU A 99 -25.49 -9.67 56.94
CA LEU A 99 -26.93 -9.55 56.71
C LEU A 99 -27.34 -10.79 55.91
N CYS A 100 -28.20 -11.60 56.52
CA CYS A 100 -28.64 -12.86 55.92
C CYS A 100 -30.05 -12.69 55.35
N THR A 101 -30.13 -12.54 54.03
CA THR A 101 -31.41 -12.37 53.34
C THR A 101 -31.93 -13.66 52.71
N GLY A 102 -31.09 -14.70 52.70
CA GLY A 102 -31.46 -15.97 52.08
C GLY A 102 -30.42 -17.03 52.34
N THR A 103 -30.38 -18.05 51.49
CA THR A 103 -29.54 -19.22 51.73
C THR A 103 -28.03 -18.93 51.62
N TRP A 104 -27.59 -18.17 50.63
CA TRP A 104 -26.14 -18.01 50.41
C TRP A 104 -25.48 -17.07 51.41
N SER A 105 -26.11 -15.95 51.72
CA SER A 105 -25.62 -15.06 52.79
C SER A 105 -25.57 -15.79 54.13
N LYS A 106 -26.61 -16.60 54.40
CA LYS A 106 -26.64 -17.43 55.61
C LYS A 106 -25.49 -18.43 55.60
N LYS A 107 -25.24 -19.08 54.47
CA LYS A 107 -24.08 -19.97 54.32
C LYS A 107 -22.76 -19.24 54.60
N ALA A 108 -22.63 -18.02 54.09
CA ALA A 108 -21.40 -17.24 54.31
C ALA A 108 -21.22 -16.90 55.80
N PHE A 109 -22.33 -16.47 56.42
CA PHE A 109 -22.37 -16.23 57.85
C PHE A 109 -21.96 -17.47 58.64
N ASP A 110 -22.51 -18.63 58.28
CA ASP A 110 -22.24 -19.87 59.02
C ASP A 110 -20.78 -20.32 58.92
N GLU A 111 -20.15 -20.10 57.76
CA GLU A 111 -18.74 -20.45 57.61
C GLU A 111 -17.83 -19.57 58.48
N CYS A 112 -18.10 -18.27 58.52
CA CYS A 112 -17.37 -17.37 59.42
C CYS A 112 -17.58 -17.73 60.90
N LYS A 113 -18.82 -18.06 61.27
CA LYS A 113 -19.14 -18.50 62.64
C LYS A 113 -18.40 -19.81 62.95
N ARG A 114 -18.45 -20.75 62.02
CA ARG A 114 -17.77 -22.03 62.15
C ARG A 114 -16.25 -21.88 62.37
N LEU A 115 -15.60 -21.08 61.52
CA LEU A 115 -14.15 -20.86 61.63
C LEU A 115 -13.74 -20.33 63.03
N ALA A 116 -14.60 -19.51 63.64
CA ALA A 116 -14.45 -19.08 65.03
C ALA A 116 -13.10 -18.44 65.32
N PHE A 117 -12.83 -17.29 64.70
CA PHE A 117 -11.60 -16.55 64.95
C PHE A 117 -11.68 -15.97 66.37
N PRO A 118 -10.74 -16.33 67.26
CA PRO A 118 -10.80 -15.86 68.66
C PRO A 118 -10.98 -14.34 68.76
N GLY A 119 -11.91 -13.93 69.61
CA GLY A 119 -12.13 -12.51 69.91
C GLY A 119 -12.91 -11.74 68.86
N VAL A 120 -13.59 -12.44 67.94
CA VAL A 120 -14.38 -11.79 66.90
C VAL A 120 -15.84 -12.17 67.06
N THR A 121 -16.68 -11.16 67.26
CA THR A 121 -18.14 -11.36 67.33
C THR A 121 -18.67 -11.49 65.89
N VAL A 122 -19.20 -12.66 65.56
CA VAL A 122 -19.83 -12.89 64.26
C VAL A 122 -21.33 -12.61 64.40
N ASN A 123 -21.75 -11.42 63.97
CA ASN A 123 -23.07 -10.91 64.24
C ASN A 123 -23.97 -11.02 63.01
N SER A 124 -25.13 -11.65 63.19
CA SER A 124 -26.20 -11.62 62.20
C SER A 124 -27.03 -10.35 62.42
N VAL A 125 -27.08 -9.49 61.40
CA VAL A 125 -27.62 -8.11 61.50
C VAL A 125 -29.13 -8.02 61.68
N ALA A 126 -29.87 -8.89 60.99
CA ALA A 126 -31.33 -8.93 61.04
C ALA A 126 -31.85 -10.30 61.48
N GLY A 127 -31.00 -11.08 62.14
CA GLY A 127 -31.35 -12.45 62.54
C GLY A 127 -31.33 -13.41 61.37
N ASN A 128 -31.49 -14.70 61.66
CA ASN A 128 -31.58 -15.71 60.61
C ASN A 128 -32.85 -15.49 59.81
N PRO A 129 -32.78 -15.62 58.47
CA PRO A 129 -33.97 -15.32 57.67
C PRO A 129 -35.06 -16.38 57.87
N PRO A 130 -36.33 -16.01 57.65
CA PRO A 130 -37.41 -17.00 57.74
C PRO A 130 -37.32 -18.05 56.63
N ALA A 131 -38.19 -19.05 56.66
CA ALA A 131 -38.19 -20.11 55.65
C ALA A 131 -38.47 -19.57 54.25
N ASN A 132 -39.39 -18.60 54.16
CA ASN A 132 -39.72 -17.94 52.89
C ASN A 132 -39.84 -16.42 53.04
N PRO A 133 -38.69 -15.72 53.06
CA PRO A 133 -38.77 -14.26 53.20
C PRO A 133 -39.40 -13.61 51.97
N VAL A 134 -40.12 -12.51 52.20
CA VAL A 134 -40.77 -11.75 51.13
C VAL A 134 -40.04 -10.44 50.82
N GLU A 135 -38.97 -10.15 51.56
CA GLU A 135 -38.27 -8.88 51.48
C GLU A 135 -36.94 -8.97 52.21
N VAL A 136 -36.08 -7.98 51.98
CA VAL A 136 -34.95 -7.73 52.85
C VAL A 136 -35.51 -6.99 54.08
N PRO A 137 -35.15 -7.42 55.32
CA PRO A 137 -35.66 -6.71 56.50
C PRO A 137 -35.30 -5.22 56.47
N ALA A 138 -36.20 -4.40 57.01
CA ALA A 138 -36.09 -2.95 56.93
C ALA A 138 -34.79 -2.45 57.56
N ARG A 139 -34.15 -1.49 56.90
CA ARG A 139 -32.86 -0.93 57.29
C ARG A 139 -32.80 -0.53 58.77
N ASP A 140 -33.88 0.08 59.26
CA ASP A 140 -33.92 0.62 60.62
C ASP A 140 -34.00 -0.44 61.74
N THR A 141 -34.23 -1.71 61.38
CA THR A 141 -34.20 -2.82 62.35
C THR A 141 -32.83 -3.50 62.46
N TRP A 142 -31.92 -3.15 61.55
CA TRP A 142 -30.59 -3.73 61.52
C TRP A 142 -29.83 -3.33 62.78
N LYS A 143 -29.20 -4.32 63.42
CA LYS A 143 -28.36 -4.11 64.61
C LYS A 143 -26.91 -4.31 64.20
N LEU A 144 -26.21 -3.20 63.95
CA LEU A 144 -24.80 -3.24 63.52
C LEU A 144 -23.87 -3.30 64.73
N SER A 145 -22.67 -3.83 64.49
CA SER A 145 -21.66 -3.98 65.54
C SER A 145 -20.76 -2.77 65.60
N GLU A 146 -20.22 -2.49 66.78
CA GLU A 146 -19.48 -1.25 67.02
C GLU A 146 -18.20 -1.17 66.18
N ASP A 147 -17.37 -2.19 66.28
CA ASP A 147 -16.06 -2.21 65.62
C ASP A 147 -16.06 -3.25 64.50
N ALA A 148 -17.01 -3.12 63.57
CA ALA A 148 -17.20 -4.10 62.50
C ALA A 148 -16.14 -3.95 61.41
N ALA A 149 -15.49 -5.06 61.06
CA ALA A 149 -14.48 -5.09 60.02
C ALA A 149 -15.09 -4.88 58.62
N TYR A 150 -16.33 -5.36 58.47
CA TYR A 150 -17.06 -5.22 57.23
C TYR A 150 -18.54 -5.54 57.45
N PHE A 151 -19.33 -5.23 56.43
CA PHE A 151 -20.75 -5.56 56.35
C PHE A 151 -20.89 -6.49 55.15
N TYR A 152 -21.16 -7.77 55.41
CA TYR A 152 -21.26 -8.79 54.36
C TYR A 152 -22.72 -8.98 53.97
N TYR A 153 -22.98 -9.08 52.66
CA TYR A 153 -24.32 -9.43 52.17
C TYR A 153 -24.31 -9.97 50.76
N CYS A 154 -25.43 -10.60 50.40
CA CYS A 154 -25.62 -11.20 49.08
C CYS A 154 -26.52 -10.30 48.24
N ASP A 155 -25.97 -9.79 47.16
CA ASP A 155 -26.71 -8.85 46.33
C ASP A 155 -27.91 -9.50 45.64
N ASN A 156 -27.79 -10.79 45.28
CA ASN A 156 -28.89 -11.53 44.66
C ASN A 156 -29.00 -12.95 45.22
N GLU A 157 -30.05 -13.21 45.98
CA GLU A 157 -30.26 -14.56 46.54
C GLU A 157 -30.99 -15.42 45.52
N THR A 158 -30.27 -16.44 45.04
CA THR A 158 -30.64 -17.24 43.88
C THR A 158 -31.89 -18.10 44.15
N ILE A 159 -32.00 -18.65 45.35
CA ILE A 159 -33.10 -19.56 45.71
C ILE A 159 -34.38 -18.80 46.10
N GLN A 160 -34.22 -17.69 46.82
CA GLN A 160 -35.35 -16.88 47.27
C GLN A 160 -35.82 -15.86 46.21
N GLY A 161 -34.94 -15.51 45.27
CA GLY A 161 -35.26 -14.46 44.30
C GLY A 161 -35.40 -13.06 44.90
N ILE A 162 -34.53 -12.76 45.87
CA ILE A 162 -34.47 -11.44 46.54
C ILE A 162 -33.20 -10.70 46.10
N GLU A 163 -33.35 -9.55 45.47
CA GLU A 163 -32.23 -8.77 44.92
C GLU A 163 -32.31 -7.33 45.42
N PHE A 164 -31.15 -6.77 45.73
CA PHE A 164 -31.06 -5.38 46.15
C PHE A 164 -31.05 -4.52 44.91
N GLN A 165 -31.81 -3.43 44.91
CA GLN A 165 -31.78 -2.47 43.81
C GLN A 165 -30.57 -1.52 43.89
N GLN A 166 -30.14 -1.21 45.11
CA GLN A 166 -28.95 -0.36 45.35
C GLN A 166 -28.19 -0.90 46.57
N PHE A 167 -26.92 -0.52 46.71
CA PHE A 167 -26.11 -0.97 47.85
C PHE A 167 -26.68 -0.42 49.16
N PRO A 168 -26.62 -1.20 50.25
CA PRO A 168 -27.00 -0.67 51.56
C PRO A 168 -26.11 0.51 52.00
N ASP A 169 -26.67 1.33 52.89
CA ASP A 169 -25.95 2.43 53.52
C ASP A 169 -25.58 2.02 54.95
N VAL A 170 -24.31 1.68 55.16
CA VAL A 170 -23.80 1.29 56.47
C VAL A 170 -22.39 1.83 56.66
N PRO A 171 -21.96 2.00 57.93
CA PRO A 171 -20.61 2.57 58.14
C PRO A 171 -19.48 1.69 57.58
N ALA A 172 -19.48 0.40 57.91
CA ALA A 172 -18.39 -0.49 57.52
C ALA A 172 -18.36 -0.71 56.00
N PRO A 173 -17.17 -1.04 55.45
CA PRO A 173 -17.10 -1.34 54.02
C PRO A 173 -17.88 -2.61 53.63
N LEU A 174 -18.48 -2.59 52.46
CA LEU A 174 -19.33 -3.69 51.99
C LEU A 174 -18.49 -4.81 51.42
N ILE A 175 -18.86 -6.04 51.77
CA ILE A 175 -18.35 -7.22 51.10
C ILE A 175 -19.56 -7.93 50.49
N ILE A 176 -19.58 -8.02 49.17
CA ILE A 176 -20.79 -8.36 48.44
C ILE A 176 -20.63 -9.64 47.62
N ASP A 177 -21.48 -10.63 47.90
CA ASP A 177 -21.57 -11.82 47.03
C ASP A 177 -22.49 -11.48 45.87
N MET A 178 -21.89 -11.31 44.69
CA MET A 178 -22.60 -11.05 43.46
C MET A 178 -22.55 -12.23 42.51
N SER A 179 -22.48 -13.44 43.07
CA SER A 179 -22.29 -14.65 42.25
C SER A 179 -23.36 -14.75 41.16
N SER A 180 -24.61 -14.57 41.54
CA SER A 180 -25.73 -14.76 40.60
C SER A 180 -26.21 -13.50 39.87
N ASN A 181 -25.58 -12.35 40.08
CA ASN A 181 -25.92 -11.15 39.29
C ASN A 181 -24.72 -10.33 38.76
N PHE A 182 -23.53 -10.93 38.78
CA PHE A 182 -22.31 -10.24 38.37
C PHE A 182 -22.35 -9.99 36.89
N LEU A 183 -22.12 -8.74 36.49
CA LEU A 183 -22.16 -8.30 35.08
C LEU A 183 -23.56 -8.39 34.44
N SER A 184 -24.60 -8.36 35.29
CA SER A 184 -25.98 -8.26 34.82
C SER A 184 -26.44 -6.81 34.84
N ARG A 185 -25.63 -5.92 35.43
CA ARG A 185 -25.91 -4.49 35.48
C ARG A 185 -24.68 -3.69 35.91
N PRO A 186 -24.70 -2.35 35.72
CA PRO A 186 -23.56 -1.55 36.19
C PRO A 186 -23.44 -1.53 37.71
N ILE A 187 -22.22 -1.28 38.19
CA ILE A 187 -21.96 -1.10 39.61
C ILE A 187 -21.52 0.34 39.80
N THR A 188 -22.17 1.04 40.74
CA THR A 188 -21.77 2.39 41.16
C THR A 188 -21.48 2.38 42.67
N GLN A 189 -21.12 3.55 43.19
CA GLN A 189 -20.85 3.74 44.62
C GLN A 189 -19.71 2.84 45.10
N TRP A 190 -18.62 2.84 44.34
CA TRP A 190 -17.42 2.08 44.69
C TRP A 190 -16.83 2.48 46.05
N GLU A 191 -17.00 3.74 46.45
CA GLU A 191 -16.60 4.21 47.79
C GLU A 191 -17.16 3.41 48.98
N LYS A 192 -18.28 2.72 48.79
CA LYS A 192 -18.89 1.87 49.83
C LYS A 192 -18.31 0.46 49.93
N VAL A 193 -17.48 0.09 48.95
CA VAL A 193 -17.13 -1.31 48.70
C VAL A 193 -15.70 -1.66 49.17
N GLY A 194 -15.62 -2.63 50.06
CA GLY A 194 -14.37 -3.27 50.43
C GLY A 194 -14.02 -4.38 49.45
N CYS A 195 -15.00 -5.25 49.17
CA CYS A 195 -14.77 -6.41 48.31
C CYS A 195 -16.04 -6.87 47.58
N ILE A 196 -15.89 -7.21 46.31
CA ILE A 196 -16.95 -7.86 45.54
C ILE A 196 -16.38 -9.15 45.01
N PHE A 197 -17.18 -10.20 45.05
CA PHE A 197 -16.79 -11.47 44.44
C PHE A 197 -17.95 -12.17 43.76
N ALA A 198 -17.60 -13.05 42.82
CA ALA A 198 -18.55 -13.81 42.04
C ALA A 198 -17.90 -15.06 41.47
N CYS A 199 -18.52 -16.21 41.69
CA CYS A 199 -18.15 -17.44 41.00
C CYS A 199 -18.57 -17.29 39.54
N ALA A 200 -17.84 -17.93 38.63
CA ALA A 200 -18.09 -17.74 37.19
C ALA A 200 -19.36 -18.42 36.62
N GLN A 201 -19.88 -19.46 37.28
CA GLN A 201 -20.81 -20.39 36.60
C GLN A 201 -22.26 -19.96 36.46
N ASN A 203 -22.91 -16.26 35.46
CA ASN A 203 -22.93 -15.22 34.43
C ASN A 203 -21.65 -14.97 33.64
N PHE A 204 -20.60 -15.76 33.85
CA PHE A 204 -19.40 -15.68 33.02
C PHE A 204 -18.59 -16.98 32.90
N GLY A 205 -19.29 -18.12 32.87
CA GLY A 205 -18.77 -19.33 32.25
C GLY A 205 -18.53 -20.55 33.12
N LEU A 206 -17.27 -20.92 33.29
CA LEU A 206 -16.92 -22.23 33.86
C LEU A 206 -16.97 -22.23 35.36
N ALA A 207 -17.53 -23.30 35.91
CA ALA A 207 -17.41 -23.56 37.34
C ALA A 207 -15.96 -23.91 37.66
N GLY A 208 -15.54 -23.60 38.88
CA GLY A 208 -14.18 -23.82 39.35
C GLY A 208 -13.37 -22.54 39.51
N MET A 209 -13.94 -21.39 39.11
CA MET A 209 -13.25 -20.11 39.10
C MET A 209 -14.14 -18.99 39.63
N SER A 210 -13.52 -18.05 40.35
CA SER A 210 -14.19 -16.86 40.87
C SER A 210 -13.41 -15.59 40.53
N VAL A 211 -14.15 -14.50 40.35
CA VAL A 211 -13.56 -13.16 40.31
C VAL A 211 -13.65 -12.58 41.72
N VAL A 212 -12.54 -11.99 42.18
CA VAL A 212 -12.54 -11.24 43.43
C VAL A 212 -11.99 -9.84 43.12
N ILE A 213 -12.77 -8.83 43.48
CA ILE A 213 -12.41 -7.42 43.28
C ILE A 213 -12.26 -6.79 44.64
N ILE A 214 -11.07 -6.25 44.94
CA ILE A 214 -10.71 -5.82 46.31
C ILE A 214 -10.19 -4.39 46.34
N ARG A 215 -10.73 -3.57 47.23
CA ARG A 215 -10.26 -2.19 47.42
C ARG A 215 -8.87 -2.27 48.10
N LYS A 216 -7.89 -1.54 47.57
CA LYS A 216 -6.47 -1.73 47.96
C LYS A 216 -6.13 -1.54 49.44
N ASP A 217 -6.75 -0.57 50.12
CA ASP A 217 -6.52 -0.38 51.58
C ASP A 217 -7.07 -1.53 52.45
N MET A 218 -8.02 -2.31 51.93
CA MET A 218 -8.51 -3.50 52.65
C MET A 218 -7.41 -4.56 52.82
N LEU A 219 -6.53 -4.67 51.82
CA LEU A 219 -5.40 -5.59 51.89
C LEU A 219 -4.21 -5.09 52.72
N GLU A 220 -4.23 -3.82 53.13
CA GLU A 220 -3.29 -3.34 54.15
C GLU A 220 -3.55 -3.97 55.53
N ARG A 221 -4.74 -4.55 55.72
CA ARG A 221 -5.09 -5.22 56.98
C ARG A 221 -4.30 -6.52 57.13
N PRO A 222 -3.96 -6.90 58.37
CA PRO A 222 -3.18 -8.14 58.56
C PRO A 222 -4.06 -9.37 58.37
N VAL A 223 -3.55 -10.37 57.66
CA VAL A 223 -4.24 -11.67 57.48
C VAL A 223 -4.25 -12.47 58.78
N LYS A 224 -5.33 -13.21 59.04
CA LYS A 224 -5.46 -14.02 60.24
C LYS A 224 -4.56 -15.26 60.13
N PRO A 225 -4.06 -15.80 61.27
CA PRO A 225 -3.24 -17.03 61.22
C PRO A 225 -3.97 -18.22 60.55
N PHE A 226 -3.17 -19.13 60.00
CA PHE A 226 -3.65 -20.36 59.35
C PHE A 226 -4.36 -20.14 58.02
N CYS A 227 -4.17 -18.97 57.40
CA CYS A 227 -4.70 -18.76 56.05
C CYS A 227 -3.86 -19.58 55.08
N PRO A 228 -4.49 -20.45 54.25
CA PRO A 228 -3.74 -21.08 53.18
C PRO A 228 -3.14 -20.02 52.29
N ILE A 229 -1.86 -20.18 51.93
CA ILE A 229 -1.13 -19.11 51.24
C ILE A 229 -1.80 -18.66 49.92
N THR A 230 -2.36 -19.59 49.13
CA THR A 230 -3.06 -19.20 47.87
C THR A 230 -4.37 -18.43 48.11
N MET A 231 -4.93 -18.54 49.32
CA MET A 231 -6.14 -17.81 49.70
C MET A 231 -5.85 -16.47 50.39
N ASP A 232 -4.59 -16.10 50.53
CA ASP A 232 -4.19 -14.76 50.98
C ASP A 232 -4.20 -13.89 49.74
N TYR A 233 -5.14 -12.95 49.68
CA TYR A 233 -5.34 -12.16 48.46
C TYR A 233 -4.16 -11.24 48.14
N ARG A 234 -3.41 -10.82 49.16
CA ARG A 234 -2.14 -10.09 48.97
C ARG A 234 -1.17 -10.90 48.12
N ILE A 235 -1.03 -12.18 48.44
CA ILE A 235 -0.16 -13.09 47.67
C ILE A 235 -0.62 -13.17 46.20
N GLN A 236 -1.94 -13.24 45.97
CA GLN A 236 -2.49 -13.24 44.60
C GLN A 236 -2.14 -11.95 43.85
N VAL A 237 -2.39 -10.80 44.49
CA VAL A 237 -2.10 -9.48 43.91
C VAL A 237 -0.61 -9.35 43.57
N LYS A 238 0.23 -9.66 44.56
CA LYS A 238 1.70 -9.61 44.43
C LYS A 238 2.24 -10.40 43.23
N ASN A 239 1.60 -11.53 42.90
CA ASN A 239 2.02 -12.41 41.80
C ASN A 239 1.09 -12.41 40.57
N ASN A 240 0.33 -11.33 40.38
CA ASN A 240 -0.58 -11.16 39.22
C ASN A 240 -1.50 -12.37 38.96
N CYS A 241 -2.05 -12.91 40.05
CA CYS A 241 -2.85 -14.14 40.05
C CYS A 241 -2.17 -15.37 39.42
N MET A 242 -0.85 -15.36 39.42
CA MET A 242 -0.04 -16.44 38.87
C MET A 242 1.06 -16.80 39.87
N TYR A 243 0.67 -16.87 41.14
CA TYR A 243 1.54 -17.42 42.17
C TYR A 243 1.73 -18.90 41.85
N ASN A 244 0.63 -19.54 41.51
CA ASN A 244 0.65 -20.89 40.95
C ASN A 244 -0.12 -20.84 39.64
N THR A 245 -0.43 -22.00 39.05
CA THR A 245 -1.10 -22.02 37.77
C THR A 245 -2.56 -21.57 37.90
N PRO A 246 -2.96 -20.50 37.19
CA PRO A 246 -4.35 -20.04 37.23
C PRO A 246 -5.25 -20.96 36.38
N PRO A 247 -6.57 -20.94 36.61
CA PRO A 247 -7.47 -21.78 35.81
C PRO A 247 -7.66 -21.21 34.41
N THR A 248 -6.69 -21.50 33.53
CA THR A 248 -6.53 -20.75 32.27
C THR A 248 -7.74 -20.84 31.34
N PHE A 249 -8.29 -22.04 31.16
CA PHE A 249 -9.44 -22.19 30.27
C PHE A 249 -10.65 -21.40 30.76
N ALA A 250 -10.84 -21.33 32.08
CA ALA A 250 -11.94 -20.56 32.65
C ALA A 250 -11.78 -19.07 32.40
N ILE A 251 -10.54 -18.57 32.49
CA ILE A 251 -10.26 -17.15 32.30
C ILE A 251 -10.42 -16.77 30.84
N TYR A 252 -9.80 -17.55 29.95
CA TYR A 252 -9.98 -17.44 28.50
C TYR A 252 -11.47 -17.42 28.12
N PHE A 253 -12.25 -18.35 28.67
CA PHE A 253 -13.67 -18.44 28.34
C PHE A 253 -14.46 -17.28 28.93
N ALA A 254 -14.13 -16.88 30.15
CA ALA A 254 -14.70 -15.68 30.73
C ALA A 254 -14.49 -14.47 29.83
N ASN A 255 -13.27 -14.33 29.30
CA ASN A 255 -12.91 -13.24 28.40
C ASN A 255 -13.75 -13.22 27.13
N HIS A 256 -14.04 -14.40 26.60
CA HIS A 256 -14.93 -14.51 25.44
C HIS A 256 -16.32 -13.94 25.75
N ILE A 257 -16.85 -14.27 26.93
CA ILE A 257 -18.11 -13.71 27.40
C ILE A 257 -18.03 -12.21 27.64
N PHE A 258 -16.92 -11.71 28.20
CA PHE A 258 -16.75 -10.25 28.38
C PHE A 258 -16.88 -9.52 27.04
N LYS A 259 -16.19 -10.04 26.02
CA LYS A 259 -16.29 -9.50 24.66
C LYS A 259 -17.74 -9.54 24.18
N TRP A 260 -18.39 -10.68 24.35
CA TRP A 260 -19.79 -10.80 23.96
C TRP A 260 -20.69 -9.76 24.63
N ILE A 261 -20.47 -9.49 25.91
CA ILE A 261 -21.22 -8.45 26.63
C ILE A 261 -20.96 -7.07 26.03
N GLU A 262 -19.71 -6.78 25.70
CA GLU A 262 -19.37 -5.50 25.06
C GLU A 262 -20.06 -5.35 23.71
N GLU A 263 -20.09 -6.45 22.94
CA GLU A 263 -20.75 -6.48 21.62
C GLU A 263 -22.24 -6.14 21.72
N LYS A 264 -22.88 -6.57 22.81
CA LYS A 264 -24.32 -6.31 23.04
C LYS A 264 -24.65 -4.99 23.73
N GLY A 265 -23.65 -4.12 23.97
CA GLY A 265 -23.89 -2.74 24.43
C GLY A 265 -23.46 -2.41 25.85
N GLY A 266 -22.85 -3.37 26.55
CA GLY A 266 -22.32 -3.14 27.89
C GLY A 266 -23.31 -3.51 28.98
N LEU A 267 -22.96 -3.15 30.21
CA LEU A 267 -23.70 -3.60 31.40
C LEU A 267 -25.06 -2.95 31.58
N ALA A 268 -25.17 -1.69 31.11
CA ALA A 268 -26.46 -0.99 31.12
C ALA A 268 -27.44 -1.63 30.15
N ALA A 269 -26.94 -2.08 29.00
CA ALA A 269 -27.74 -2.85 28.05
C ALA A 269 -28.17 -4.21 28.63
N MET A 270 -27.28 -4.87 29.37
CA MET A 270 -27.62 -6.13 30.04
C MET A 270 -28.75 -5.90 31.05
N ASP A 271 -28.63 -4.83 31.83
CA ASP A 271 -29.65 -4.49 32.80
C ASP A 271 -31.03 -4.29 32.15
N ALA A 272 -31.07 -3.60 31.02
CA ALA A 272 -32.32 -3.38 30.27
C ALA A 272 -32.90 -4.69 29.70
N LEU A 273 -32.04 -5.53 29.13
CA LEU A 273 -32.50 -6.81 28.56
C LEU A 273 -32.98 -7.78 29.64
N ASN A 274 -32.25 -7.81 30.76
CA ASN A 274 -32.61 -8.64 31.89
C ASN A 274 -33.93 -8.19 32.58
N LYS A 275 -34.13 -6.87 32.70
CA LYS A 275 -35.42 -6.33 33.18
C LYS A 275 -36.59 -6.68 32.26
N GLU A 276 -36.36 -6.63 30.94
CA GLU A 276 -37.39 -7.01 29.97
C GLU A 276 -37.83 -8.45 30.16
N LYS A 277 -36.85 -9.35 30.18
CA LYS A 277 -37.10 -10.77 30.41
C LYS A 277 -37.80 -11.03 31.74
N ALA A 278 -37.31 -10.42 32.82
CA ALA A 278 -37.90 -10.59 34.17
C ALA A 278 -39.35 -10.12 34.25
N LYS A 279 -39.64 -8.97 33.65
CA LYS A 279 -41.00 -8.39 33.65
C LYS A 279 -42.02 -9.33 33.00
N LYS A 280 -41.65 -9.89 31.85
CA LYS A 280 -42.47 -10.93 31.19
C LYS A 280 -42.72 -12.15 32.10
N VAL A 281 -41.67 -12.65 32.78
CA VAL A 281 -41.82 -13.83 33.62
C VAL A 281 -42.72 -13.50 34.81
N TYR A 282 -42.53 -12.34 35.45
CA TYR A 282 -43.34 -11.95 36.60
C TYR A 282 -44.80 -11.65 36.25
N GLU A 283 -45.02 -11.03 35.09
CA GLU A 283 -46.39 -10.84 34.60
C GLU A 283 -47.07 -12.18 34.26
N ALA A 284 -46.32 -13.18 33.79
CA ALA A 284 -46.86 -14.53 33.59
C ALA A 284 -47.19 -15.21 34.93
N ILE A 285 -46.38 -14.98 35.96
CA ILE A 285 -46.70 -15.46 37.31
C ILE A 285 -47.96 -14.74 37.83
N ASP A 286 -47.87 -13.42 37.98
CA ASP A 286 -48.88 -12.61 38.68
C ASP A 286 -50.28 -12.66 38.05
N SER A 287 -50.34 -12.66 36.72
CA SER A 287 -51.62 -12.64 35.99
C SER A 287 -52.32 -14.00 35.89
N ASN A 288 -51.69 -15.07 36.39
CA ASN A 288 -52.18 -16.42 36.27
C ASN A 288 -52.55 -16.98 37.64
N PRO A 289 -53.81 -17.43 37.85
CA PRO A 289 -54.20 -17.98 39.17
C PRO A 289 -53.47 -19.27 39.58
N ASN A 290 -52.86 -20.00 38.65
CA ASN A 290 -52.12 -21.22 38.98
C ASN A 290 -50.73 -21.02 39.59
N PHE A 291 -50.20 -19.79 39.52
CA PHE A 291 -48.85 -19.50 39.99
C PHE A 291 -48.82 -18.26 40.91
N VAL A 292 -47.94 -18.29 41.90
CA VAL A 292 -47.73 -17.17 42.83
C VAL A 292 -46.24 -16.95 43.14
N ASN A 293 -45.87 -15.69 43.30
CA ASN A 293 -44.55 -15.30 43.83
C ASN A 293 -44.82 -14.22 44.87
N ARG A 294 -44.22 -14.39 46.05
CA ARG A 294 -44.49 -13.56 47.24
C ARG A 294 -43.56 -12.37 47.41
N ILE A 295 -42.49 -12.30 46.64
CA ILE A 295 -41.44 -11.31 46.88
C ILE A 295 -42.00 -9.95 46.50
N LYS A 296 -41.82 -8.97 47.39
CA LYS A 296 -42.29 -7.61 47.11
C LYS A 296 -41.58 -7.06 45.88
N PRO A 297 -42.29 -6.30 45.02
CA PRO A 297 -41.75 -5.85 43.72
C PRO A 297 -40.41 -5.13 43.82
N GLU A 298 -40.22 -4.34 44.87
CA GLU A 298 -38.96 -3.64 45.12
C GLU A 298 -37.76 -4.57 45.42
N TRP A 299 -38.03 -5.81 45.83
CA TRP A 299 -36.98 -6.82 46.08
C TRP A 299 -36.92 -7.99 45.08
N ARG A 300 -37.74 -7.96 44.02
CA ARG A 300 -37.79 -9.06 43.06
C ARG A 300 -36.53 -9.13 42.19
N SER A 301 -35.90 -10.31 42.17
CA SER A 301 -34.72 -10.56 41.37
C SER A 301 -35.04 -10.53 39.88
N ARG A 302 -34.12 -9.93 39.11
CA ARG A 302 -34.17 -10.00 37.65
C ARG A 302 -33.61 -11.33 37.16
N MET A 303 -32.80 -12.01 37.98
CA MET A 303 -32.01 -13.17 37.57
C MET A 303 -32.66 -14.51 37.93
N ASN A 304 -33.34 -14.57 39.08
CA ASN A 304 -33.94 -15.81 39.57
C ASN A 304 -35.37 -15.53 40.01
N MET A 305 -36.32 -16.20 39.37
CA MET A 305 -37.73 -15.94 39.57
C MET A 305 -38.39 -17.20 40.08
N PRO A 306 -38.35 -17.42 41.43
CA PRO A 306 -39.13 -18.54 41.96
C PRO A 306 -40.62 -18.28 41.81
N PHE A 307 -41.38 -19.36 41.71
CA PHE A 307 -42.84 -19.31 41.74
C PHE A 307 -43.38 -20.68 42.10
N PHE A 308 -44.60 -20.68 42.63
CA PHE A 308 -45.16 -21.87 43.24
C PHE A 308 -46.60 -22.10 42.82
N ARG A 309 -47.07 -23.31 43.07
CA ARG A 309 -48.50 -23.61 43.08
C ARG A 309 -49.13 -22.62 44.08
N PRO A 310 -50.43 -22.31 43.93
CA PRO A 310 -51.07 -21.28 44.77
C PRO A 310 -50.81 -21.35 46.29
N ASP A 311 -50.70 -22.57 46.82
CA ASP A 311 -50.41 -22.82 48.25
C ASP A 311 -49.03 -23.44 48.48
N GLY A 312 -48.13 -23.29 47.51
CA GLY A 312 -46.86 -24.03 47.50
C GLY A 312 -45.77 -23.56 48.46
N TYR A 313 -45.91 -22.36 49.01
CA TYR A 313 -44.90 -21.84 49.95
C TYR A 313 -44.89 -22.63 51.25
N GLU A 314 -46.06 -22.82 51.85
CA GLU A 314 -46.21 -23.51 53.13
C GLU A 314 -46.76 -24.95 53.03
N ASN A 315 -47.36 -25.32 51.90
CA ASN A 315 -47.90 -26.68 51.68
C ASN A 315 -47.18 -27.41 50.56
N LYS A 316 -46.14 -28.17 50.90
CA LYS A 316 -45.30 -28.83 49.90
C LYS A 316 -45.97 -30.07 49.30
N ASP A 317 -45.80 -30.24 48.00
CA ASP A 317 -46.36 -31.38 47.26
C ASP A 317 -45.52 -31.56 46.00
N LEU A 318 -44.55 -32.48 46.08
CA LEU A 318 -43.58 -32.70 45.02
C LEU A 318 -44.19 -33.38 43.79
N ASP A 319 -45.24 -34.16 44.02
CA ASP A 319 -45.99 -34.81 42.93
C ASP A 319 -46.73 -33.79 42.08
N ALA A 320 -47.42 -32.84 42.73
CA ALA A 320 -48.11 -31.75 42.04
C ALA A 320 -47.13 -30.82 41.31
N ASP A 321 -46.01 -30.51 41.96
CA ASP A 321 -44.90 -29.78 41.31
C ASP A 321 -44.41 -30.54 40.07
N ALA A 322 -44.19 -31.85 40.22
CA ALA A 322 -43.68 -32.68 39.13
C ALA A 322 -44.50 -32.63 37.85
N LYS A 323 -45.81 -32.42 37.97
CA LYS A 323 -46.69 -32.33 36.80
C LYS A 323 -46.37 -31.13 35.89
N PHE A 324 -46.25 -29.93 36.48
CA PHE A 324 -45.87 -28.74 35.69
C PHE A 324 -44.41 -28.78 35.24
N VAL A 325 -43.51 -29.32 36.08
CA VAL A 325 -42.11 -29.45 35.72
C VAL A 325 -41.95 -30.33 34.48
N ASN A 326 -42.62 -31.48 34.50
CA ASN A 326 -42.60 -32.39 33.37
C ASN A 326 -43.31 -31.85 32.15
N PHE A 327 -44.37 -31.08 32.37
CA PHE A 327 -45.04 -30.31 31.32
C PHE A 327 -44.05 -29.38 30.61
N CYS A 328 -43.20 -28.72 31.39
CA CYS A 328 -42.12 -27.88 30.86
C CYS A 328 -41.00 -28.70 30.22
N THR A 329 -40.52 -29.74 30.91
CA THR A 329 -39.47 -30.62 30.39
C THR A 329 -39.84 -31.26 29.04
N GLN A 330 -41.11 -31.67 28.89
CA GLN A 330 -41.58 -32.26 27.64
C GLN A 330 -41.67 -31.24 26.48
N ARG A 331 -41.59 -29.93 26.81
CA ARG A 331 -41.39 -28.86 25.82
C ARG A 331 -39.94 -28.34 25.74
N LYS A 332 -38.97 -29.12 26.23
CA LYS A 332 -37.56 -28.72 26.28
C LYS A 332 -37.27 -27.41 27.08
N LEU A 333 -38.12 -27.11 28.06
CA LEU A 333 -37.88 -26.04 29.02
C LEU A 333 -37.30 -26.75 30.22
N LEU A 334 -35.98 -26.69 30.37
CA LEU A 334 -35.25 -27.55 31.30
C LEU A 334 -34.84 -26.85 32.60
N THR A 335 -34.91 -27.61 33.69
CA THR A 335 -34.49 -27.20 35.03
C THR A 335 -35.33 -26.03 35.57
N LEU A 336 -36.63 -26.16 35.37
CA LEU A 336 -37.60 -25.26 36.02
C LEU A 336 -37.97 -25.77 37.41
N LYS A 337 -37.45 -26.94 37.80
CA LYS A 337 -37.59 -27.45 39.16
C LYS A 337 -36.86 -26.54 40.13
N GLY A 338 -37.58 -26.05 41.14
CA GLY A 338 -36.99 -25.16 42.14
C GLY A 338 -35.99 -25.89 43.02
N HIS A 339 -35.18 -25.13 43.75
CA HIS A 339 -34.22 -25.70 44.70
C HIS A 339 -34.94 -26.64 45.68
N VAL A 340 -34.28 -27.75 46.01
CA VAL A 340 -34.84 -28.80 46.89
C VAL A 340 -35.35 -28.31 48.25
N SER A 341 -34.78 -27.23 48.77
CA SER A 341 -35.17 -26.66 50.07
C SER A 341 -36.58 -26.06 50.07
N VAL A 342 -37.04 -25.59 48.91
CA VAL A 342 -38.33 -24.92 48.79
C VAL A 342 -39.34 -25.65 47.89
N GLY A 343 -38.88 -26.54 47.01
CA GLY A 343 -39.74 -27.14 46.01
C GLY A 343 -40.27 -26.10 45.02
N GLY A 344 -41.37 -26.44 44.35
CA GLY A 344 -41.98 -25.55 43.37
C GLY A 344 -41.09 -25.29 42.19
N PHE A 345 -41.16 -24.07 41.65
CA PHE A 345 -40.55 -23.74 40.36
C PHE A 345 -39.66 -22.51 40.40
N ARG A 346 -38.67 -22.46 39.51
CA ARG A 346 -37.78 -21.29 39.41
C ARG A 346 -37.26 -21.12 37.99
N ALA A 347 -37.52 -19.95 37.40
CA ALA A 347 -36.88 -19.57 36.14
C ALA A 347 -35.63 -18.78 36.51
N SER A 348 -34.47 -19.32 36.15
CA SER A 348 -33.20 -18.59 36.25
C SER A 348 -32.86 -18.12 34.84
N CYS A 349 -32.69 -16.80 34.69
CA CYS A 349 -32.51 -16.15 33.38
C CYS A 349 -31.38 -15.13 33.47
N TYR A 350 -30.17 -15.59 33.22
CA TYR A 350 -29.00 -14.73 33.29
C TYR A 350 -28.83 -14.03 31.96
N ASN A 351 -27.72 -13.32 31.78
CA ASN A 351 -27.43 -12.57 30.56
C ASN A 351 -27.70 -13.36 29.28
N ALA A 352 -27.17 -14.57 29.23
CA ALA A 352 -27.20 -15.39 28.02
C ALA A 352 -28.54 -16.11 27.79
N CYS A 353 -29.52 -15.95 28.70
CA CYS A 353 -30.81 -16.60 28.55
C CYS A 353 -31.57 -15.93 27.41
N PRO A 354 -31.80 -16.64 26.28
CA PRO A 354 -32.39 -15.96 25.12
C PRO A 354 -33.83 -15.52 25.37
N MET A 355 -34.24 -14.42 24.74
CA MET A 355 -35.62 -13.94 24.85
C MET A 355 -36.61 -15.00 24.34
N GLU A 356 -36.18 -15.76 23.34
CA GLU A 356 -36.96 -16.88 22.83
C GLU A 356 -37.30 -17.91 23.93
N ALA A 357 -36.35 -18.19 24.82
CA ALA A 357 -36.58 -19.12 25.92
C ALA A 357 -37.66 -18.63 26.87
N VAL A 358 -37.58 -17.35 27.23
CA VAL A 358 -38.57 -16.71 28.07
C VAL A 358 -39.96 -16.74 27.39
N ASP A 359 -40.01 -16.43 26.09
CA ASP A 359 -41.27 -16.54 25.31
C ASP A 359 -41.87 -17.95 25.35
N ALA A 360 -41.04 -18.97 25.19
CA ALA A 360 -41.48 -20.37 25.32
C ALA A 360 -41.98 -20.73 26.74
N LEU A 361 -41.31 -20.19 27.76
CA LEU A 361 -41.75 -20.39 29.15
C LEU A 361 -43.11 -19.74 29.42
N VAL A 362 -43.27 -18.50 29.00
CA VAL A 362 -44.52 -17.75 29.16
C VAL A 362 -45.70 -18.46 28.48
N GLN A 363 -45.46 -19.00 27.28
CA GLN A 363 -46.47 -19.80 26.58
C GLN A 363 -46.85 -21.06 27.34
N ALA A 364 -45.85 -21.77 27.86
CA ALA A 364 -46.11 -22.97 28.66
C ALA A 364 -46.98 -22.64 29.88
N MET A 365 -46.64 -21.55 30.56
CA MET A 365 -47.37 -21.13 31.75
C MET A 365 -48.82 -20.75 31.43
N LYS A 366 -49.02 -20.10 30.27
CA LYS A 366 -50.35 -19.72 29.80
C LYS A 366 -51.19 -20.94 29.39
N GLU A 367 -50.54 -21.94 28.81
CA GLU A 367 -51.24 -23.14 28.31
C GLU A 367 -51.44 -24.25 29.34
N TRP A 368 -50.73 -24.18 30.47
CA TRP A 368 -50.89 -25.12 31.56
C TRP A 368 -52.38 -25.22 31.96
N PRO A 369 -52.99 -26.42 31.86
CA PRO A 369 -54.44 -26.53 32.17
C PRO A 369 -54.81 -26.19 33.63
N GLY A 370 -53.86 -26.33 34.55
CA GLY A 370 -54.03 -25.85 35.91
C GLY A 370 -53.74 -26.91 36.95
N PHE A 371 -53.60 -26.44 38.20
CA PHE A 371 -53.50 -27.31 39.37
C PHE A 371 -54.91 -27.45 39.93
N ARG B 5 -0.43 -27.76 14.03
CA ARG B 5 -0.13 -28.31 15.40
C ARG B 5 1.38 -28.33 15.63
N ALA B 6 1.84 -27.52 16.59
CA ALA B 6 3.26 -27.47 16.98
C ALA B 6 3.62 -28.63 17.90
N TYR B 7 4.92 -28.88 18.05
CA TYR B 7 5.42 -29.83 19.05
C TYR B 7 5.64 -29.05 20.34
N ASN B 8 4.82 -29.36 21.34
CA ASN B 8 4.74 -28.60 22.58
C ASN B 8 5.39 -29.37 23.73
N PHE B 9 6.44 -28.78 24.30
CA PHE B 9 7.14 -29.36 25.45
C PHE B 9 6.91 -28.56 26.72
N SER B 10 5.73 -27.95 26.85
CA SER B 10 5.41 -27.16 28.05
C SER B 10 5.37 -28.04 29.29
N ALA B 11 5.90 -27.51 30.39
CA ALA B 11 5.88 -28.21 31.68
C ALA B 11 4.49 -28.23 32.33
N GLY B 12 3.63 -27.28 31.99
CA GLY B 12 2.36 -27.10 32.71
C GLY B 12 1.81 -25.69 32.59
N PRO B 13 0.58 -25.52 32.05
CA PRO B 13 -0.21 -26.58 31.41
C PRO B 13 0.45 -27.13 30.15
N ALA B 14 0.11 -28.37 29.81
CA ALA B 14 0.89 -29.14 28.84
C ALA B 14 0.04 -29.68 27.70
N ALA B 15 0.71 -30.30 26.74
CA ALA B 15 0.06 -30.95 25.60
C ALA B 15 -0.97 -31.98 26.06
N VAL B 16 -1.96 -32.18 25.19
CA VAL B 16 -3.14 -32.98 25.47
C VAL B 16 -3.34 -33.80 24.20
N PRO B 17 -4.00 -34.99 24.30
CA PRO B 17 -4.21 -35.74 23.04
C PRO B 17 -5.15 -34.98 22.09
N LEU B 18 -4.77 -34.91 20.81
CA LEU B 18 -5.52 -34.18 19.79
C LEU B 18 -6.95 -34.68 19.66
N GLU B 19 -7.13 -36.01 19.75
CA GLU B 19 -8.45 -36.63 19.76
C GLU B 19 -9.39 -36.03 20.83
N CYS B 20 -8.86 -35.78 22.02
CA CYS B 20 -9.67 -35.21 23.12
C CYS B 20 -10.10 -33.77 22.80
N LEU B 21 -9.17 -32.98 22.28
CA LEU B 21 -9.51 -31.63 21.81
C LEU B 21 -10.60 -31.66 20.72
N GLU B 22 -10.52 -32.62 19.80
CA GLU B 22 -11.49 -32.73 18.70
C GLU B 22 -12.88 -33.16 19.18
N ARG B 23 -12.93 -34.09 20.14
CA ARG B 23 -14.20 -34.51 20.74
C ARG B 23 -14.85 -33.37 21.52
N ALA B 24 -14.04 -32.57 22.23
CA ALA B 24 -14.54 -31.43 22.99
C ALA B 24 -15.08 -30.35 22.07
N ALA B 25 -14.35 -30.06 21.00
CA ALA B 25 -14.80 -29.13 19.96
C ALA B 25 -16.16 -29.54 19.39
N ALA B 26 -16.28 -30.81 19.00
CA ALA B 26 -17.48 -31.34 18.35
C ALA B 26 -18.69 -31.51 19.29
N GLU B 27 -18.43 -31.65 20.59
CA GLU B 27 -19.48 -31.74 21.62
C GLU B 27 -19.86 -30.40 22.26
N MET B 28 -19.18 -29.32 21.88
CA MET B 28 -19.19 -28.08 22.66
C MET B 28 -20.58 -27.46 22.84
N THR B 29 -21.39 -27.46 21.78
CA THR B 29 -22.74 -26.85 21.82
C THR B 29 -23.83 -27.84 22.27
N ASN B 30 -23.52 -29.14 22.23
CA ASN B 30 -24.50 -30.16 22.51
C ASN B 30 -23.82 -31.46 22.98
N TRP B 31 -23.89 -31.72 24.28
CA TRP B 31 -23.17 -32.81 24.93
C TRP B 31 -24.15 -33.86 25.47
N ARG B 32 -23.83 -35.14 25.28
CA ARG B 32 -24.68 -36.27 25.71
C ARG B 32 -26.11 -36.17 25.13
N ASN B 33 -26.22 -35.59 23.94
CA ASN B 33 -27.52 -35.29 23.34
C ASN B 33 -28.48 -34.53 24.28
N SER B 34 -27.95 -33.56 25.04
CA SER B 34 -28.70 -32.87 26.10
C SER B 34 -29.32 -31.53 25.67
N GLY B 35 -29.04 -31.10 24.45
CA GLY B 35 -29.25 -29.72 24.03
C GLY B 35 -28.46 -28.64 24.76
N MET B 36 -27.36 -29.01 25.44
CA MET B 36 -26.55 -28.08 26.23
C MET B 36 -25.07 -28.45 26.15
N SER B 37 -24.19 -27.45 26.27
CA SER B 37 -22.77 -27.69 26.53
C SER B 37 -22.62 -28.36 27.90
N VAL B 38 -21.57 -29.15 28.07
CA VAL B 38 -21.17 -29.64 29.41
C VAL B 38 -20.92 -28.45 30.36
N ILE B 39 -20.51 -27.32 29.80
CA ILE B 39 -20.34 -26.04 30.52
C ILE B 39 -21.65 -25.50 31.14
N GLU B 40 -22.79 -25.83 30.54
CA GLU B 40 -24.09 -25.20 30.88
C GLU B 40 -25.03 -26.03 31.76
N VAL B 41 -24.60 -27.23 32.14
CA VAL B 41 -25.47 -28.23 32.74
C VAL B 41 -25.37 -28.15 34.27
N SER B 42 -26.52 -28.33 34.94
CA SER B 42 -26.56 -28.34 36.41
C SER B 42 -25.75 -29.52 36.93
N HIS B 43 -25.03 -29.29 38.01
CA HIS B 43 -24.23 -30.34 38.67
C HIS B 43 -25.11 -31.23 39.57
N ARG B 44 -26.32 -30.77 39.89
CA ARG B 44 -27.32 -31.59 40.61
C ARG B 44 -28.21 -32.40 39.66
N GLY B 45 -27.99 -32.28 38.34
CA GLY B 45 -28.78 -32.97 37.34
C GLY B 45 -28.27 -34.36 37.06
N LYS B 46 -29.06 -35.13 36.30
CA LYS B 46 -28.77 -36.53 36.03
C LYS B 46 -27.50 -36.68 35.21
N HIS B 47 -27.43 -35.92 34.11
CA HIS B 47 -26.32 -35.99 33.16
C HIS B 47 -24.96 -35.76 33.82
N TRP B 48 -24.84 -34.71 34.63
CA TRP B 48 -23.55 -34.44 35.30
C TRP B 48 -23.20 -35.52 36.34
N MET B 49 -24.16 -35.89 37.17
CA MET B 49 -23.91 -36.92 38.17
C MET B 49 -23.46 -38.26 37.57
N GLU B 50 -23.96 -38.60 36.37
CA GLU B 50 -23.44 -39.74 35.61
C GLU B 50 -21.98 -39.55 35.21
N GLU B 51 -21.68 -38.39 34.62
CA GLU B 51 -20.33 -38.08 34.13
C GLU B 51 -19.29 -38.16 35.26
N GLN B 52 -19.62 -37.63 36.44
CA GLN B 52 -18.69 -37.63 37.58
C GLN B 52 -18.48 -39.03 38.14
N LYS B 53 -19.56 -39.80 38.30
CA LYS B 53 -19.47 -41.23 38.68
C LYS B 53 -18.61 -42.04 37.70
N GLU B 54 -18.83 -41.81 36.41
CA GLU B 54 -18.08 -42.48 35.35
C GLU B 54 -16.59 -42.16 35.47
N ALA B 55 -16.28 -40.86 35.60
CA ALA B 55 -14.90 -40.39 35.71
C ALA B 55 -14.17 -41.00 36.90
N THR B 56 -14.86 -41.06 38.05
CA THR B 56 -14.31 -41.63 39.28
C THR B 56 -13.97 -43.11 39.12
N GLU B 57 -14.92 -43.86 38.56
CA GLU B 57 -14.77 -45.30 38.33
C GLU B 57 -13.71 -45.61 37.27
N ARG B 58 -13.69 -44.82 36.21
CA ARG B 58 -12.67 -44.98 35.16
C ARG B 58 -11.26 -44.84 35.77
N LEU B 59 -11.09 -43.82 36.61
CA LEU B 59 -9.84 -43.63 37.35
C LEU B 59 -9.56 -44.76 38.35
N ARG B 60 -10.59 -45.20 39.08
CA ARG B 60 -10.52 -46.38 39.96
C ARG B 60 -10.00 -47.62 39.22
N THR B 61 -10.51 -47.83 38.01
CA THR B 61 -10.13 -48.98 37.19
C THR B 61 -8.77 -48.80 36.51
N LEU B 62 -8.46 -47.60 36.01
CA LEU B 62 -7.13 -47.32 35.41
C LEU B 62 -5.96 -47.57 36.36
N LEU B 63 -6.12 -47.10 37.60
CA LEU B 63 -5.05 -47.17 38.61
C LEU B 63 -5.10 -48.44 39.46
N GLN B 64 -6.24 -49.14 39.44
CA GLN B 64 -6.54 -50.22 40.38
C GLN B 64 -6.45 -49.70 41.81
N VAL B 65 -7.22 -48.64 42.07
CA VAL B 65 -7.26 -48.01 43.38
C VAL B 65 -8.07 -48.93 44.30
N PRO B 66 -7.47 -49.42 45.40
CA PRO B 66 -8.19 -50.34 46.28
C PRO B 66 -9.46 -49.79 46.94
N GLU B 67 -10.30 -50.71 47.41
CA GLU B 67 -11.58 -50.42 48.09
C GLU B 67 -11.46 -49.52 49.34
N ASN B 68 -10.32 -49.57 50.03
CA ASN B 68 -10.08 -48.76 51.22
C ASN B 68 -9.47 -47.36 50.96
N PHE B 69 -9.55 -46.88 49.71
CA PHE B 69 -9.18 -45.51 49.36
C PHE B 69 -10.38 -44.79 48.75
N ASN B 70 -10.53 -43.51 49.08
CA ASN B 70 -11.48 -42.62 48.41
C ASN B 70 -10.79 -41.85 47.27
N ILE B 71 -11.55 -41.55 46.23
CA ILE B 71 -11.06 -40.79 45.08
C ILE B 71 -11.84 -39.48 45.01
N LEU B 72 -11.12 -38.35 44.94
CA LEU B 72 -11.71 -37.02 45.00
C LEU B 72 -11.25 -36.17 43.81
N PHE B 73 -12.18 -35.42 43.22
CA PHE B 73 -11.87 -34.33 42.31
C PHE B 73 -12.25 -33.06 43.04
N VAL B 74 -11.33 -32.10 43.12
CA VAL B 74 -11.55 -30.86 43.86
C VAL B 74 -11.00 -29.66 43.10
N ALA B 75 -11.63 -28.51 43.31
CA ALA B 75 -11.15 -27.26 42.75
C ALA B 75 -9.82 -26.89 43.43
N GLY B 76 -8.94 -26.27 42.66
CA GLY B 76 -7.64 -25.83 43.16
C GLY B 76 -6.49 -26.69 42.69
N GLY B 77 -5.34 -26.04 42.52
CA GLY B 77 -4.13 -26.69 42.06
C GLY B 77 -3.44 -27.43 43.17
N ALA B 78 -2.24 -27.94 42.86
CA ALA B 78 -1.42 -28.67 43.81
C ALA B 78 -1.09 -27.79 45.02
N SER B 79 -0.79 -26.51 44.77
CA SER B 79 -0.43 -25.56 45.82
C SER B 79 -1.50 -25.41 46.91
N LEU B 80 -2.78 -25.47 46.54
CA LEU B 80 -3.87 -25.47 47.52
C LEU B 80 -3.88 -26.76 48.36
N GLN B 81 -3.54 -27.89 47.75
CA GLN B 81 -3.47 -29.16 48.47
C GLN B 81 -2.29 -29.17 49.46
N PHE B 82 -1.20 -28.46 49.16
CA PHE B 82 -0.10 -28.31 50.13
C PHE B 82 -0.61 -27.78 51.46
N SER B 83 -1.58 -26.87 51.43
CA SER B 83 -2.20 -26.33 52.63
C SER B 83 -3.17 -27.33 53.26
N ALA B 84 -4.04 -27.90 52.43
CA ALA B 84 -5.07 -28.85 52.89
C ALA B 84 -4.52 -30.11 53.57
N ILE B 85 -3.37 -30.59 53.12
CA ILE B 85 -2.79 -31.85 53.62
C ILE B 85 -2.51 -31.84 55.13
N PRO B 86 -1.77 -30.84 55.64
CA PRO B 86 -1.58 -30.79 57.09
C PRO B 86 -2.85 -30.49 57.92
N PHE B 87 -3.74 -29.63 57.40
CA PHE B 87 -5.08 -29.43 58.00
C PHE B 87 -5.85 -30.73 58.18
N ASN B 88 -5.72 -31.63 57.21
CA ASN B 88 -6.49 -32.88 57.19
C ASN B 88 -5.80 -34.08 57.84
N PHE B 89 -4.47 -34.14 57.79
CA PHE B 89 -3.75 -35.37 58.15
C PHE B 89 -2.75 -35.30 59.31
N ILE B 90 -2.55 -34.12 59.91
CA ILE B 90 -1.74 -34.05 61.14
C ILE B 90 -2.46 -34.77 62.28
N GLY B 91 -3.79 -34.58 62.39
CA GLY B 91 -4.57 -35.19 63.47
C GLY B 91 -4.08 -34.74 64.84
N GLU B 92 -3.84 -35.72 65.72
CA GLU B 92 -3.29 -35.46 67.06
C GLU B 92 -1.77 -35.64 67.13
N HIS B 93 -1.13 -36.00 66.01
CA HIS B 93 0.32 -36.25 65.98
C HIS B 93 1.13 -34.97 66.21
N LYS B 94 2.31 -35.14 66.81
CA LYS B 94 3.15 -34.02 67.21
C LYS B 94 4.29 -33.71 66.24
N ALA B 95 4.32 -34.38 65.09
CA ALA B 95 5.35 -34.13 64.09
C ALA B 95 4.92 -34.53 62.67
N VAL B 96 5.49 -33.85 61.66
CA VAL B 96 5.37 -34.22 60.25
C VAL B 96 6.74 -34.21 59.60
N ASP B 97 6.95 -35.12 58.64
CA ASP B 97 8.21 -35.25 57.91
C ASP B 97 8.02 -34.92 56.43
N TYR B 98 8.87 -34.03 55.89
CA TYR B 98 8.91 -33.69 54.47
C TYR B 98 10.29 -33.98 53.90
N LEU B 99 10.37 -34.87 52.90
CA LEU B 99 11.61 -35.05 52.12
C LEU B 99 11.62 -34.07 50.96
N CYS B 100 12.49 -33.06 51.05
CA CYS B 100 12.57 -32.00 50.05
C CYS B 100 13.66 -32.31 49.01
N THR B 101 13.26 -32.99 47.93
CA THR B 101 14.17 -33.32 46.83
C THR B 101 14.30 -32.23 45.77
N GLY B 102 13.45 -31.21 45.84
CA GLY B 102 13.51 -30.08 44.92
C GLY B 102 12.49 -29.01 45.25
N THR B 103 12.20 -28.17 44.26
CA THR B 103 11.41 -26.96 44.46
C THR B 103 9.98 -27.24 44.95
N TRP B 104 9.32 -28.23 44.35
CA TRP B 104 7.91 -28.50 44.67
C TRP B 104 7.71 -29.11 46.05
N SER B 105 8.56 -30.07 46.43
CA SER B 105 8.54 -30.63 47.79
C SER B 105 8.98 -29.59 48.83
N LYS B 106 9.92 -28.72 48.45
CA LYS B 106 10.33 -27.62 49.33
C LYS B 106 9.20 -26.62 49.56
N LYS B 107 8.44 -26.27 48.52
CA LYS B 107 7.28 -25.37 48.66
C LYS B 107 6.20 -25.95 49.58
N ALA B 108 5.91 -27.24 49.43
CA ALA B 108 4.96 -27.94 50.31
C ALA B 108 5.43 -27.95 51.77
N PHE B 109 6.73 -28.17 51.98
CA PHE B 109 7.36 -28.05 53.30
C PHE B 109 7.22 -26.64 53.86
N ASP B 110 7.55 -25.64 53.04
CA ASP B 110 7.43 -24.24 53.44
C ASP B 110 5.99 -23.85 53.80
N GLU B 111 5.00 -24.40 53.10
CA GLU B 111 3.60 -24.05 53.42
C GLU B 111 3.17 -24.63 54.77
N CYS B 112 3.55 -25.87 55.04
CA CYS B 112 3.28 -26.50 56.34
C CYS B 112 4.00 -25.78 57.50
N LYS B 113 5.22 -25.32 57.25
CA LYS B 113 6.01 -24.56 58.24
C LYS B 113 5.33 -23.24 58.56
N ARG B 114 5.03 -22.49 57.50
CA ARG B 114 4.44 -21.15 57.59
C ARG B 114 3.08 -21.16 58.30
N LEU B 115 2.26 -22.18 58.04
CA LEU B 115 0.95 -22.32 58.70
C LEU B 115 1.11 -22.46 60.22
N ALA B 116 2.19 -23.12 60.65
CA ALA B 116 2.60 -23.16 62.07
C ALA B 116 1.51 -23.64 63.02
N PHE B 117 1.02 -24.86 62.78
CA PHE B 117 0.07 -25.49 63.69
C PHE B 117 0.76 -25.72 65.05
N PRO B 118 0.17 -25.21 66.17
CA PRO B 118 0.78 -25.33 67.51
C PRO B 118 1.15 -26.75 67.91
N GLY B 119 2.33 -26.91 68.51
CA GLY B 119 2.79 -28.20 69.01
C GLY B 119 3.29 -29.21 67.98
N VAL B 120 3.29 -28.84 66.69
CA VAL B 120 3.66 -29.78 65.63
C VAL B 120 5.03 -29.42 65.08
N THR B 121 5.97 -30.37 65.16
CA THR B 121 7.30 -30.21 64.59
C THR B 121 7.24 -30.44 63.08
N VAL B 122 7.66 -29.45 62.30
CA VAL B 122 7.69 -29.54 60.84
C VAL B 122 9.14 -29.80 60.42
N ASN B 123 9.42 -31.05 60.05
CA ASN B 123 10.79 -31.57 59.95
C ASN B 123 11.22 -31.88 58.53
N SER B 124 12.30 -31.24 58.07
CA SER B 124 12.87 -31.51 56.76
C SER B 124 13.83 -32.69 56.88
N VAL B 125 13.47 -33.79 56.24
CA VAL B 125 14.17 -35.08 56.38
C VAL B 125 15.63 -35.03 55.95
N ALA B 126 15.90 -34.39 54.81
CA ALA B 126 17.27 -34.24 54.28
C ALA B 126 17.71 -32.77 54.21
N GLY B 127 17.08 -31.90 55.00
CA GLY B 127 17.31 -30.45 54.91
C GLY B 127 16.83 -29.86 53.59
N ASN B 128 17.20 -28.61 53.33
CA ASN B 128 16.90 -27.97 52.06
C ASN B 128 17.81 -28.56 50.98
N PRO B 129 17.28 -28.77 49.76
CA PRO B 129 18.16 -29.27 48.71
C PRO B 129 19.12 -28.17 48.24
N PRO B 130 20.22 -28.55 47.57
CA PRO B 130 21.10 -27.54 46.99
C PRO B 130 20.46 -26.91 45.75
N ALA B 131 21.04 -25.82 45.25
CA ALA B 131 20.51 -25.10 44.09
C ALA B 131 20.30 -26.00 42.86
N ASN B 132 21.24 -26.92 42.64
CA ASN B 132 21.18 -27.84 41.51
C ASN B 132 21.47 -29.28 41.97
N PRO B 133 20.44 -29.98 42.52
CA PRO B 133 20.63 -31.35 43.02
C PRO B 133 20.89 -32.37 41.92
N VAL B 134 21.74 -33.34 42.24
CA VAL B 134 22.19 -34.40 41.33
C VAL B 134 21.47 -35.74 41.61
N GLU B 135 20.89 -35.88 42.79
CA GLU B 135 20.33 -37.15 43.27
C GLU B 135 19.40 -36.90 44.45
N VAL B 136 18.76 -37.95 44.94
CA VAL B 136 18.11 -37.92 46.25
C VAL B 136 19.13 -38.35 47.31
N PRO B 137 19.34 -37.51 48.36
CA PRO B 137 20.25 -37.86 49.47
C PRO B 137 20.04 -39.28 50.00
N ALA B 138 21.14 -39.92 50.38
CA ALA B 138 21.13 -41.33 50.80
C ALA B 138 20.15 -41.61 51.94
N ARG B 139 19.52 -42.78 51.89
CA ARG B 139 18.50 -43.21 52.85
C ARG B 139 18.99 -43.20 54.31
N ASP B 140 20.28 -43.45 54.51
CA ASP B 140 20.87 -43.50 55.85
C ASP B 140 21.10 -42.13 56.48
N THR B 141 21.01 -41.07 55.66
CA THR B 141 21.13 -39.69 56.14
C THR B 141 19.78 -39.06 56.55
N TRP B 142 18.67 -39.77 56.29
CA TRP B 142 17.32 -39.21 56.51
C TRP B 142 16.98 -39.10 57.99
N LYS B 143 16.61 -37.90 58.41
CA LYS B 143 16.16 -37.63 59.79
C LYS B 143 14.64 -37.76 59.90
N LEU B 144 14.17 -38.87 60.47
CA LEU B 144 12.73 -39.13 60.67
C LEU B 144 12.30 -38.84 62.10
N SER B 145 11.04 -38.46 62.25
CA SER B 145 10.48 -38.00 63.53
C SER B 145 9.73 -39.14 64.22
N GLU B 146 9.65 -39.05 65.54
CA GLU B 146 9.11 -40.14 66.37
C GLU B 146 7.63 -40.35 66.12
N ASP B 147 6.87 -39.26 66.22
CA ASP B 147 5.41 -39.32 66.16
C ASP B 147 4.94 -38.68 64.85
N ALA B 148 5.44 -39.20 63.74
CA ALA B 148 5.18 -38.63 62.42
C ALA B 148 3.76 -38.93 61.97
N ALA B 149 3.00 -37.87 61.66
CA ALA B 149 1.65 -38.03 61.06
C ALA B 149 1.74 -38.62 59.65
N TYR B 150 2.76 -38.23 58.90
CA TYR B 150 3.02 -38.74 57.56
C TYR B 150 4.45 -38.44 57.12
N PHE B 151 4.82 -39.05 55.99
CA PHE B 151 6.08 -38.78 55.30
C PHE B 151 5.73 -38.21 53.93
N TYR B 152 5.91 -36.89 53.76
CA TYR B 152 5.60 -36.22 52.50
C TYR B 152 6.80 -36.25 51.58
N TYR B 153 6.57 -36.52 50.29
CA TYR B 153 7.59 -36.32 49.26
C TYR B 153 6.95 -36.12 47.88
N CYS B 154 7.74 -35.63 46.94
CA CYS B 154 7.32 -35.42 45.56
C CYS B 154 7.94 -36.51 44.69
N ASP B 155 7.08 -37.32 44.07
CA ASP B 155 7.52 -38.48 43.28
C ASP B 155 8.31 -38.11 42.03
N ASN B 156 8.00 -36.95 41.46
CA ASN B 156 8.71 -36.42 40.30
C ASN B 156 8.85 -34.91 40.40
N GLU B 157 10.09 -34.44 40.64
CA GLU B 157 10.38 -33.01 40.66
C GLU B 157 10.57 -32.52 39.24
N THR B 158 9.71 -31.58 38.85
CA THR B 158 9.59 -31.10 37.47
C THR B 158 10.75 -30.22 37.04
N ILE B 159 11.17 -29.30 37.92
CA ILE B 159 12.21 -28.32 37.61
C ILE B 159 13.59 -29.00 37.63
N GLN B 160 13.80 -29.90 38.61
CA GLN B 160 15.08 -30.61 38.75
C GLN B 160 15.19 -31.84 37.84
N GLY B 161 14.07 -32.50 37.58
CA GLY B 161 14.04 -33.73 36.77
C GLY B 161 14.47 -34.96 37.56
N ILE B 162 14.05 -35.01 38.83
CA ILE B 162 14.39 -36.10 39.76
C ILE B 162 13.14 -36.94 40.04
N GLU B 163 13.22 -38.23 39.72
CA GLU B 163 12.10 -39.16 39.90
C GLU B 163 12.49 -40.43 40.65
N PHE B 164 11.63 -40.83 41.59
CA PHE B 164 11.79 -42.08 42.32
C PHE B 164 11.41 -43.25 41.43
N GLN B 165 12.25 -44.28 41.38
CA GLN B 165 11.88 -45.53 40.70
C GLN B 165 10.88 -46.35 41.51
N GLN B 166 10.95 -46.23 42.84
CA GLN B 166 10.02 -46.91 43.75
C GLN B 166 9.70 -46.03 44.95
N PHE B 167 8.64 -46.38 45.68
CA PHE B 167 8.25 -45.63 46.86
C PHE B 167 9.27 -45.85 48.00
N PRO B 168 9.64 -44.77 48.73
CA PRO B 168 10.47 -44.89 49.94
C PRO B 168 9.91 -45.86 50.98
N ASP B 169 10.81 -46.55 51.69
CA ASP B 169 10.46 -47.45 52.79
C ASP B 169 10.61 -46.69 54.11
N VAL B 170 9.47 -46.26 54.67
CA VAL B 170 9.43 -45.51 55.94
C VAL B 170 8.25 -45.98 56.79
N PRO B 171 8.33 -45.78 58.13
CA PRO B 171 7.24 -46.24 59.01
C PRO B 171 5.92 -45.45 58.88
N ALA B 172 5.99 -44.14 58.64
CA ALA B 172 4.78 -43.31 58.51
C ALA B 172 4.09 -43.51 57.16
N PRO B 173 2.76 -43.23 57.08
CA PRO B 173 2.11 -43.28 55.76
C PRO B 173 2.66 -42.21 54.81
N LEU B 174 2.84 -42.58 53.55
CA LEU B 174 3.32 -41.64 52.54
C LEU B 174 2.19 -40.68 52.14
N ILE B 175 2.55 -39.41 51.94
CA ILE B 175 1.72 -38.48 51.18
C ILE B 175 2.57 -38.03 49.99
N ILE B 176 2.06 -38.25 48.78
CA ILE B 176 2.88 -38.15 47.57
C ILE B 176 2.29 -37.15 46.56
N ASP B 177 3.08 -36.11 46.26
CA ASP B 177 2.80 -35.21 45.14
C ASP B 177 3.21 -35.89 43.82
N MET B 178 2.20 -36.29 43.06
CA MET B 178 2.38 -36.93 41.76
C MET B 178 1.90 -36.05 40.61
N SER B 179 1.83 -34.74 40.84
CA SER B 179 1.35 -33.78 39.86
C SER B 179 1.90 -34.02 38.46
N SER B 180 3.23 -34.16 38.36
CA SER B 180 3.90 -34.25 37.05
C SER B 180 4.16 -35.68 36.55
N ASN B 181 3.71 -36.71 37.27
CA ASN B 181 3.76 -38.09 36.74
C ASN B 181 2.52 -38.96 36.98
N PHE B 182 1.40 -38.33 37.38
CA PHE B 182 0.16 -39.05 37.65
C PHE B 182 -0.34 -39.71 36.36
N LEU B 183 -0.70 -40.99 36.46
CA LEU B 183 -1.12 -41.82 35.32
C LEU B 183 -0.04 -42.02 34.23
N SER B 184 1.23 -41.82 34.59
CA SER B 184 2.35 -42.08 33.68
C SER B 184 2.88 -43.51 33.80
N ARG B 185 2.46 -44.22 34.85
CA ARG B 185 2.84 -45.61 35.10
C ARG B 185 1.94 -46.16 36.20
N PRO B 186 1.92 -47.51 36.40
CA PRO B 186 1.11 -48.06 37.49
C PRO B 186 1.65 -47.71 38.88
N ILE B 187 0.78 -47.80 39.87
CA ILE B 187 1.16 -47.70 41.29
C ILE B 187 0.86 -49.07 41.91
N THR B 188 1.86 -49.66 42.56
CA THR B 188 1.77 -51.04 43.08
C THR B 188 1.69 -51.17 44.60
N GLN B 189 2.41 -50.30 45.33
CA GLN B 189 2.58 -50.45 46.78
C GLN B 189 1.59 -49.57 47.57
N TRP B 190 0.30 -49.89 47.45
CA TRP B 190 -0.78 -49.11 48.07
C TRP B 190 -0.80 -49.16 49.60
N GLU B 191 -0.30 -50.25 50.18
CA GLU B 191 -0.24 -50.37 51.64
C GLU B 191 0.59 -49.27 52.33
N LYS B 192 1.62 -48.78 51.65
CA LYS B 192 2.47 -47.70 52.19
C LYS B 192 1.83 -46.30 52.13
N VAL B 193 0.76 -46.14 51.34
CA VAL B 193 0.22 -44.81 50.98
C VAL B 193 -0.91 -44.34 51.89
N GLY B 194 -0.74 -43.15 52.46
CA GLY B 194 -1.83 -42.43 53.15
C GLY B 194 -2.61 -41.51 52.21
N CYS B 195 -1.90 -40.79 51.34
CA CYS B 195 -2.56 -39.93 50.35
C CYS B 195 -1.69 -39.70 49.13
N ILE B 196 -2.31 -39.70 47.95
CA ILE B 196 -1.66 -39.32 46.69
C ILE B 196 -2.49 -38.20 46.08
N PHE B 197 -1.82 -37.16 45.57
CA PHE B 197 -2.51 -36.10 44.82
C PHE B 197 -1.76 -35.61 43.57
N ALA B 198 -2.51 -34.91 42.73
CA ALA B 198 -1.97 -34.38 41.49
C ALA B 198 -2.90 -33.29 40.96
N CYS B 199 -2.32 -32.14 40.62
CA CYS B 199 -3.00 -31.16 39.80
C CYS B 199 -3.21 -31.77 38.41
N ALA B 200 -4.22 -31.28 37.70
CA ALA B 200 -4.64 -31.88 36.44
C ALA B 200 -3.81 -31.49 35.23
N GLN B 201 -3.20 -30.30 35.25
CA GLN B 201 -2.63 -29.68 34.04
C GLN B 201 -1.33 -30.26 33.46
N ASN B 203 -0.68 -34.11 33.24
CA ASN B 203 -1.00 -35.37 32.56
C ASN B 203 -2.48 -35.67 32.31
N PHE B 204 -3.41 -34.82 32.80
CA PHE B 204 -4.84 -35.03 32.55
C PHE B 204 -5.72 -33.76 32.46
N GLY B 205 -5.21 -32.74 31.76
CA GLY B 205 -6.04 -31.67 31.21
C GLY B 205 -5.91 -30.27 31.76
N LEU B 206 -6.93 -29.81 32.49
CA LEU B 206 -7.05 -28.37 32.81
C LEU B 206 -6.36 -28.00 34.11
N ALA B 207 -5.87 -26.77 34.17
CA ALA B 207 -5.39 -26.20 35.43
C ALA B 207 -6.59 -25.85 36.32
N GLY B 208 -6.33 -25.73 37.61
CA GLY B 208 -7.36 -25.34 38.58
C GLY B 208 -8.15 -26.50 39.16
N MET B 209 -7.74 -27.73 38.85
CA MET B 209 -8.37 -28.92 39.44
C MET B 209 -7.27 -29.90 39.82
N SER B 210 -7.48 -30.61 40.91
CA SER B 210 -6.58 -31.68 41.33
C SER B 210 -7.35 -32.95 41.68
N VAL B 211 -6.69 -34.09 41.48
CA VAL B 211 -7.17 -35.36 42.01
C VAL B 211 -6.48 -35.58 43.37
N VAL B 212 -7.26 -36.00 44.36
CA VAL B 212 -6.75 -36.41 45.66
C VAL B 212 -7.30 -37.81 45.96
N ILE B 213 -6.41 -38.73 46.29
CA ILE B 213 -6.77 -40.10 46.64
C ILE B 213 -6.25 -40.36 48.06
N ILE B 214 -7.16 -40.78 48.94
CA ILE B 214 -6.93 -40.80 50.38
C ILE B 214 -7.31 -42.17 50.95
N ARG B 215 -6.44 -42.74 51.78
CA ARG B 215 -6.76 -43.99 52.48
C ARG B 215 -7.76 -43.71 53.59
N LYS B 216 -8.81 -44.52 53.69
CA LYS B 216 -9.96 -44.21 54.55
C LYS B 216 -9.65 -43.98 56.03
N ASP B 217 -8.66 -44.70 56.57
CA ASP B 217 -8.25 -44.53 57.97
C ASP B 217 -7.61 -43.15 58.25
N MET B 218 -7.04 -42.53 57.22
CA MET B 218 -6.46 -41.19 57.33
C MET B 218 -7.52 -40.11 57.58
N LEU B 219 -8.72 -40.26 57.02
CA LEU B 219 -9.82 -39.29 57.25
C LEU B 219 -10.57 -39.46 58.58
N GLU B 220 -10.34 -40.56 59.30
CA GLU B 220 -10.80 -40.66 60.70
C GLU B 220 -10.07 -39.69 61.64
N ARG B 221 -8.94 -39.13 61.20
CA ARG B 221 -8.18 -38.17 62.01
C ARG B 221 -8.94 -36.83 62.14
N PRO B 222 -8.82 -36.15 63.29
CA PRO B 222 -9.53 -34.87 63.43
C PRO B 222 -8.90 -33.79 62.55
N VAL B 223 -9.73 -33.00 61.87
CA VAL B 223 -9.27 -31.83 61.12
C VAL B 223 -8.76 -30.77 62.10
N LYS B 224 -7.65 -30.10 61.75
CA LYS B 224 -7.13 -28.98 62.54
C LYS B 224 -8.10 -27.80 62.52
N PRO B 225 -8.04 -26.93 63.55
CA PRO B 225 -8.92 -25.74 63.53
C PRO B 225 -8.63 -24.75 62.39
N PHE B 226 -9.63 -23.92 62.06
CA PHE B 226 -9.58 -22.92 60.98
C PHE B 226 -9.42 -23.49 59.57
N CYS B 227 -9.76 -24.76 59.37
CA CYS B 227 -9.73 -25.33 58.04
C CYS B 227 -10.95 -24.82 57.25
N PRO B 228 -10.76 -24.19 56.07
CA PRO B 228 -11.89 -23.84 55.22
C PRO B 228 -12.74 -25.07 54.95
N ILE B 229 -14.07 -24.94 55.08
CA ILE B 229 -14.94 -26.13 55.04
C ILE B 229 -14.76 -26.98 53.77
N THR B 230 -14.60 -26.34 52.61
CA THR B 230 -14.42 -27.08 51.35
C THR B 230 -13.04 -27.76 51.19
N MET B 231 -12.05 -27.37 52.01
CA MET B 231 -10.75 -28.07 52.05
C MET B 231 -10.68 -29.20 53.09
N ASP B 232 -11.78 -29.42 53.81
CA ASP B 232 -11.92 -30.57 54.69
C ASP B 232 -12.33 -31.74 53.80
N TYR B 233 -11.40 -32.69 53.59
CA TYR B 233 -11.61 -33.81 52.67
C TYR B 233 -12.72 -34.78 53.10
N ARG B 234 -13.05 -34.82 54.39
CA ARG B 234 -14.17 -35.60 54.91
C ARG B 234 -15.50 -35.06 54.40
N ILE B 235 -15.63 -33.73 54.41
CA ILE B 235 -16.83 -33.06 53.90
C ILE B 235 -16.97 -33.28 52.39
N GLN B 236 -15.84 -33.26 51.67
CA GLN B 236 -15.84 -33.55 50.25
C GLN B 236 -16.35 -34.98 49.98
N VAL B 237 -15.76 -35.95 50.68
CA VAL B 237 -16.14 -37.36 50.53
C VAL B 237 -17.61 -37.57 50.85
N LYS B 238 -18.07 -36.98 51.96
CA LYS B 238 -19.47 -37.07 52.37
C LYS B 238 -20.46 -36.55 51.32
N ASN B 239 -20.09 -35.48 50.62
CA ASN B 239 -20.99 -34.84 49.63
C ASN B 239 -20.70 -35.19 48.16
N ASN B 240 -19.98 -36.29 47.92
CA ASN B 240 -19.69 -36.80 46.57
C ASN B 240 -18.84 -35.82 45.73
N CYS B 241 -17.96 -35.08 46.40
CA CYS B 241 -17.24 -33.94 45.81
C CYS B 241 -18.18 -32.92 45.13
N MET B 242 -19.36 -32.73 45.70
CA MET B 242 -20.35 -31.75 45.25
C MET B 242 -20.99 -31.09 46.48
N TYR B 243 -20.17 -30.73 47.47
CA TYR B 243 -20.62 -29.87 48.57
C TYR B 243 -21.06 -28.51 47.97
N ASN B 244 -20.23 -27.99 47.08
CA ASN B 244 -20.58 -26.86 46.22
C ASN B 244 -20.37 -27.30 44.76
N THR B 245 -20.44 -26.36 43.82
CA THR B 245 -20.27 -26.69 42.41
C THR B 245 -18.82 -27.09 42.12
N PRO B 246 -18.60 -28.32 41.61
CA PRO B 246 -17.26 -28.79 41.26
C PRO B 246 -16.81 -28.22 39.90
N PRO B 247 -15.50 -28.29 39.58
CA PRO B 247 -14.97 -27.82 38.30
C PRO B 247 -15.34 -28.76 37.14
N THR B 248 -16.58 -28.63 36.67
CA THR B 248 -17.19 -29.62 35.79
C THR B 248 -16.47 -29.83 34.46
N PHE B 249 -16.01 -28.76 33.81
CA PHE B 249 -15.28 -28.94 32.54
C PHE B 249 -14.00 -29.74 32.72
N ALA B 250 -13.25 -29.41 33.77
CA ALA B 250 -12.01 -30.10 34.09
C ALA B 250 -12.19 -31.60 34.32
N ILE B 251 -13.25 -32.00 35.01
CA ILE B 251 -13.53 -33.41 35.30
C ILE B 251 -13.99 -34.13 34.01
N TYR B 252 -14.85 -33.47 33.24
CA TYR B 252 -15.23 -33.91 31.90
C TYR B 252 -14.03 -34.17 30.98
N PHE B 253 -13.13 -33.21 30.92
CA PHE B 253 -12.00 -33.29 30.00
C PHE B 253 -10.96 -34.31 30.47
N ALA B 254 -10.77 -34.40 31.79
CA ALA B 254 -9.96 -35.43 32.41
C ALA B 254 -10.48 -36.83 32.11
N ASN B 255 -11.80 -36.99 32.14
CA ASN B 255 -12.46 -38.24 31.79
C ASN B 255 -12.19 -38.68 30.34
N HIS B 256 -12.22 -37.72 29.41
CA HIS B 256 -11.83 -38.00 28.01
C HIS B 256 -10.39 -38.47 27.90
N ILE B 257 -9.48 -37.86 28.67
CA ILE B 257 -8.09 -38.28 28.72
C ILE B 257 -7.94 -39.67 29.37
N PHE B 258 -8.75 -39.95 30.39
CA PHE B 258 -8.76 -41.30 31.00
C PHE B 258 -9.15 -42.37 29.96
N LYS B 259 -10.21 -42.09 29.20
CA LYS B 259 -10.61 -42.95 28.08
C LYS B 259 -9.47 -43.17 27.08
N TRP B 260 -8.77 -42.09 26.74
CA TRP B 260 -7.64 -42.15 25.80
C TRP B 260 -6.48 -43.03 26.31
N ILE B 261 -6.15 -42.91 27.60
CA ILE B 261 -5.11 -43.74 28.23
C ILE B 261 -5.51 -45.23 28.15
N GLU B 262 -6.77 -45.54 28.44
CA GLU B 262 -7.31 -46.91 28.29
C GLU B 262 -7.15 -47.48 26.88
N GLU B 263 -7.48 -46.67 25.87
CA GLU B 263 -7.32 -47.05 24.44
C GLU B 263 -5.88 -47.37 24.06
N LYS B 264 -4.92 -46.70 24.70
CA LYS B 264 -3.48 -46.95 24.47
C LYS B 264 -2.93 -48.16 25.25
N GLY B 265 -3.78 -48.87 26.00
CA GLY B 265 -3.39 -50.13 26.66
C GLY B 265 -2.97 -49.97 28.11
N GLY B 266 -3.68 -49.13 28.86
CA GLY B 266 -3.43 -48.95 30.29
C GLY B 266 -2.13 -48.25 30.64
N LEU B 267 -1.82 -48.26 31.92
CA LEU B 267 -0.68 -47.51 32.47
C LEU B 267 0.68 -48.15 32.22
N ALA B 268 0.72 -49.48 32.10
CA ALA B 268 1.96 -50.20 31.76
C ALA B 268 2.47 -49.77 30.38
N ALA B 269 1.54 -49.67 29.43
CA ALA B 269 1.83 -49.13 28.10
C ALA B 269 2.35 -47.69 28.15
N MET B 270 1.76 -46.85 29.00
CA MET B 270 2.23 -45.48 29.19
C MET B 270 3.66 -45.44 29.72
N ASP B 271 3.97 -46.31 30.69
CA ASP B 271 5.31 -46.39 31.27
C ASP B 271 6.38 -46.79 30.25
N ALA B 272 6.05 -47.74 29.38
CA ALA B 272 6.95 -48.18 28.31
C ALA B 272 7.24 -47.09 27.29
N LEU B 273 6.17 -46.45 26.79
CA LEU B 273 6.29 -45.36 25.81
C LEU B 273 7.05 -44.18 26.40
N ASN B 274 6.71 -43.82 27.64
CA ASN B 274 7.41 -42.74 28.33
C ASN B 274 8.90 -43.04 28.55
N LYS B 275 9.23 -44.31 28.86
CA LYS B 275 10.63 -44.76 28.96
C LYS B 275 11.36 -44.69 27.62
N GLU B 276 10.70 -45.17 26.56
CA GLU B 276 11.22 -45.09 25.19
C GLU B 276 11.47 -43.63 24.78
N LYS B 277 10.51 -42.75 25.09
CA LYS B 277 10.65 -41.31 24.84
C LYS B 277 11.84 -40.69 25.58
N ALA B 278 11.96 -41.00 26.88
CA ALA B 278 13.02 -40.45 27.72
C ALA B 278 14.41 -40.96 27.34
N LYS B 279 14.48 -42.23 26.94
CA LYS B 279 15.73 -42.84 26.46
C LYS B 279 16.35 -42.04 25.31
N LYS B 280 15.52 -41.63 24.35
CA LYS B 280 16.00 -40.90 23.17
C LYS B 280 16.43 -39.47 23.51
N VAL B 281 15.75 -38.82 24.45
CA VAL B 281 16.07 -37.45 24.87
C VAL B 281 17.36 -37.39 25.68
N TYR B 282 17.53 -38.31 26.63
CA TYR B 282 18.72 -38.34 27.49
C TYR B 282 19.99 -38.67 26.71
N GLU B 283 19.90 -39.63 25.78
CA GLU B 283 21.01 -39.94 24.87
C GLU B 283 21.45 -38.72 24.05
N ALA B 284 20.48 -37.94 23.58
CA ALA B 284 20.75 -36.73 22.78
C ALA B 284 21.37 -35.57 23.55
N ILE B 285 21.16 -35.52 24.87
CA ILE B 285 21.86 -34.56 25.74
C ILE B 285 23.28 -35.06 26.05
N ASP B 286 23.40 -36.35 26.38
CA ASP B 286 24.66 -36.94 26.83
C ASP B 286 25.73 -36.96 25.75
N SER B 287 25.39 -37.53 24.59
CA SER B 287 26.34 -37.69 23.49
C SER B 287 26.74 -36.36 22.82
N ASN B 288 25.84 -35.36 22.86
CA ASN B 288 26.11 -34.05 22.28
C ASN B 288 26.91 -33.17 23.25
N PRO B 289 28.01 -32.55 22.77
CA PRO B 289 28.84 -31.71 23.67
C PRO B 289 28.24 -30.37 24.07
N ASN B 290 27.26 -29.87 23.31
CA ASN B 290 26.62 -28.57 23.63
C ASN B 290 25.66 -28.59 24.83
N PHE B 291 25.16 -29.77 25.22
CA PHE B 291 24.14 -29.90 26.27
C PHE B 291 24.60 -30.80 27.42
N VAL B 292 24.14 -30.47 28.63
CA VAL B 292 24.49 -31.22 29.85
C VAL B 292 23.28 -31.39 30.81
N ASN B 293 23.06 -32.63 31.23
CA ASN B 293 22.15 -32.99 32.31
C ASN B 293 22.98 -33.74 33.38
N ARG B 294 23.08 -33.15 34.57
CA ARG B 294 23.90 -33.71 35.66
C ARG B 294 23.20 -34.80 36.50
N ILE B 295 21.90 -35.05 36.26
CA ILE B 295 21.14 -36.01 37.07
C ILE B 295 21.61 -37.43 36.78
N LYS B 296 21.71 -38.26 37.82
CA LYS B 296 22.26 -39.61 37.68
C LYS B 296 21.16 -40.61 37.29
N PRO B 297 21.54 -41.68 36.54
CA PRO B 297 20.58 -42.63 35.94
C PRO B 297 19.46 -43.16 36.86
N GLU B 298 19.80 -43.44 38.11
CA GLU B 298 18.85 -43.97 39.09
C GLU B 298 17.68 -43.00 39.36
N TRP B 299 17.96 -41.70 39.31
CA TRP B 299 16.97 -40.67 39.67
C TRP B 299 16.45 -39.86 38.49
N ARG B 300 16.70 -40.30 37.25
CA ARG B 300 16.32 -39.51 36.08
C ARG B 300 14.83 -39.63 35.77
N SER B 301 14.19 -38.48 35.61
CA SER B 301 12.75 -38.40 35.35
C SER B 301 12.42 -38.79 33.92
N ARG B 302 11.43 -39.65 33.75
CA ARG B 302 10.90 -40.00 32.44
C ARG B 302 10.02 -38.90 31.84
N MET B 303 9.52 -37.99 32.69
CA MET B 303 8.56 -36.95 32.31
C MET B 303 9.23 -35.62 31.95
N ASN B 304 10.17 -35.18 32.79
CA ASN B 304 10.82 -33.87 32.66
C ASN B 304 12.33 -34.02 32.53
N MET B 305 12.87 -33.55 31.40
CA MET B 305 14.26 -33.75 31.05
C MET B 305 14.92 -32.39 30.88
N PRO B 306 15.40 -31.80 32.01
CA PRO B 306 16.08 -30.52 31.91
C PRO B 306 17.52 -30.67 31.44
N PHE B 307 18.04 -29.62 30.81
CA PHE B 307 19.45 -29.57 30.40
C PHE B 307 19.87 -28.14 30.12
N PHE B 308 21.16 -27.90 30.27
CA PHE B 308 21.73 -26.56 30.19
C PHE B 308 22.96 -26.62 29.28
N ARG B 309 23.56 -25.46 29.04
CA ARG B 309 24.87 -25.38 28.36
C ARG B 309 25.95 -25.97 29.29
N PRO B 310 27.15 -26.31 28.75
CA PRO B 310 28.17 -27.05 29.54
C PRO B 310 28.48 -26.51 30.95
N ASP B 311 28.43 -25.19 31.11
CA ASP B 311 28.58 -24.52 32.41
C ASP B 311 27.32 -23.71 32.78
N GLY B 312 26.16 -24.20 32.35
CA GLY B 312 24.89 -23.48 32.51
C GLY B 312 24.27 -23.60 33.89
N TYR B 313 24.59 -24.69 34.60
CA TYR B 313 24.20 -24.85 36.00
C TYR B 313 24.71 -23.71 36.90
N GLU B 314 25.98 -23.33 36.71
CA GLU B 314 26.63 -22.31 37.55
C GLU B 314 26.60 -20.90 36.92
N ASN B 315 26.80 -20.81 35.60
CA ASN B 315 26.82 -19.52 34.89
C ASN B 315 25.53 -19.30 34.12
N LYS B 316 24.67 -18.42 34.65
CA LYS B 316 23.39 -18.10 34.03
C LYS B 316 23.56 -17.03 32.96
N ASP B 317 23.17 -17.37 31.72
CA ASP B 317 23.23 -16.46 30.58
C ASP B 317 21.88 -16.55 29.85
N LEU B 318 21.08 -15.49 29.99
CA LEU B 318 19.75 -15.42 29.38
C LEU B 318 19.83 -15.29 27.86
N ASP B 319 20.87 -14.60 27.36
CA ASP B 319 21.10 -14.42 25.92
C ASP B 319 21.56 -15.70 25.24
N ALA B 320 22.43 -16.47 25.90
CA ALA B 320 22.97 -17.71 25.35
C ALA B 320 21.89 -18.79 25.25
N ASP B 321 21.07 -18.90 26.28
CA ASP B 321 19.91 -19.81 26.27
C ASP B 321 18.87 -19.38 25.23
N ALA B 322 18.61 -18.07 25.16
CA ALA B 322 17.61 -17.50 24.24
C ALA B 322 17.76 -17.95 22.78
N LYS B 323 19.00 -18.08 22.30
CA LYS B 323 19.23 -18.43 20.90
C LYS B 323 18.79 -19.87 20.58
N PHE B 324 19.00 -20.80 21.52
CA PHE B 324 18.63 -22.20 21.30
C PHE B 324 17.12 -22.42 21.37
N VAL B 325 16.47 -21.74 22.33
CA VAL B 325 14.99 -21.80 22.41
C VAL B 325 14.31 -21.16 21.19
N ASN B 326 14.90 -20.09 20.65
CA ASN B 326 14.42 -19.48 19.40
C ASN B 326 14.63 -20.41 18.20
N PHE B 327 15.83 -21.01 18.12
CA PHE B 327 16.16 -22.06 17.15
C PHE B 327 15.14 -23.21 17.17
N CYS B 328 14.70 -23.60 18.37
CA CYS B 328 13.66 -24.61 18.54
C CYS B 328 12.25 -24.08 18.18
N THR B 329 11.92 -22.86 18.64
CA THR B 329 10.64 -22.20 18.33
C THR B 329 10.44 -22.05 16.82
N GLN B 330 11.48 -21.55 16.15
CA GLN B 330 11.52 -21.38 14.68
C GLN B 330 11.17 -22.66 13.91
N ARG B 331 11.54 -23.83 14.45
CA ARG B 331 11.15 -25.13 13.84
C ARG B 331 10.05 -25.87 14.62
N LYS B 332 9.11 -25.11 15.20
CA LYS B 332 7.89 -25.65 15.83
C LYS B 332 8.14 -26.63 17.00
N LEU B 333 9.23 -26.41 17.74
CA LEU B 333 9.51 -27.12 18.98
C LEU B 333 9.33 -26.08 20.09
N LEU B 334 8.13 -26.00 20.64
CA LEU B 334 7.75 -24.89 21.52
C LEU B 334 7.93 -25.20 23.00
N THR B 335 8.09 -24.13 23.79
CA THR B 335 8.12 -24.18 25.25
C THR B 335 9.24 -25.07 25.83
N LEU B 336 10.43 -24.99 25.22
CA LEU B 336 11.62 -25.70 25.69
C LEU B 336 12.46 -24.85 26.66
N LYS B 337 12.10 -23.58 26.82
CA LYS B 337 12.68 -22.73 27.87
C LYS B 337 12.48 -23.38 29.23
N GLY B 338 13.54 -23.45 30.03
CA GLY B 338 13.47 -24.02 31.39
C GLY B 338 12.78 -23.10 32.38
N HIS B 339 12.54 -23.61 33.59
CA HIS B 339 11.94 -22.82 34.68
C HIS B 339 12.89 -21.67 35.09
N VAL B 340 12.33 -20.49 35.35
CA VAL B 340 13.11 -19.25 35.59
C VAL B 340 14.19 -19.36 36.68
N SER B 341 13.87 -20.05 37.77
CA SER B 341 14.80 -20.27 38.89
C SER B 341 16.14 -20.87 38.46
N VAL B 342 16.09 -21.83 37.53
CA VAL B 342 17.30 -22.48 37.01
C VAL B 342 17.71 -21.98 35.61
N GLY B 343 16.76 -21.49 34.82
CA GLY B 343 17.02 -21.12 33.43
C GLY B 343 17.27 -22.34 32.57
N GLY B 344 18.03 -22.15 31.49
CA GLY B 344 18.40 -23.24 30.60
C GLY B 344 17.20 -23.82 29.85
N PHE B 345 17.22 -25.14 29.65
CA PHE B 345 16.28 -25.82 28.75
C PHE B 345 15.60 -26.99 29.44
N ARG B 346 14.39 -27.31 28.99
CA ARG B 346 13.63 -28.43 29.55
C ARG B 346 12.66 -29.02 28.54
N ALA B 347 12.86 -30.30 28.22
CA ALA B 347 11.91 -31.08 27.45
C ALA B 347 10.98 -31.80 28.43
N SER B 348 9.73 -31.36 28.50
CA SER B 348 8.68 -32.07 29.23
C SER B 348 7.89 -32.92 28.23
N CYS B 349 7.88 -34.23 28.46
CA CYS B 349 7.20 -35.20 27.59
C CYS B 349 6.28 -36.07 28.44
N TYR B 350 5.02 -35.66 28.52
CA TYR B 350 3.99 -36.37 29.29
C TYR B 350 3.38 -37.44 28.39
N ASN B 351 2.33 -38.12 28.87
CA ASN B 351 1.61 -39.13 28.08
C ASN B 351 1.25 -38.68 26.65
N ALA B 352 0.76 -37.46 26.53
CA ALA B 352 0.26 -36.93 25.24
C ALA B 352 1.34 -36.46 24.27
N CYS B 353 2.60 -36.38 24.73
CA CYS B 353 3.71 -36.05 23.86
C CYS B 353 4.02 -37.24 22.94
N PRO B 354 3.85 -37.08 21.61
CA PRO B 354 4.12 -38.20 20.71
C PRO B 354 5.62 -38.41 20.45
N MET B 355 5.98 -39.62 20.02
CA MET B 355 7.37 -39.94 19.64
C MET B 355 7.86 -39.08 18.47
N GLU B 356 6.94 -38.74 17.57
CA GLU B 356 7.20 -37.82 16.46
C GLU B 356 7.77 -36.48 16.95
N ALA B 357 7.23 -35.97 18.06
CA ALA B 357 7.75 -34.75 18.70
C ALA B 357 9.15 -34.96 19.28
N VAL B 358 9.36 -36.12 19.90
CA VAL B 358 10.67 -36.48 20.48
C VAL B 358 11.75 -36.61 19.41
N ASP B 359 11.46 -37.34 18.34
CA ASP B 359 12.39 -37.49 17.21
C ASP B 359 12.76 -36.13 16.60
N ALA B 360 11.76 -35.26 16.48
CA ALA B 360 11.97 -33.91 15.97
C ALA B 360 12.90 -33.07 16.84
N LEU B 361 12.78 -33.21 18.17
CA LEU B 361 13.66 -32.50 19.10
C LEU B 361 15.09 -33.05 19.04
N VAL B 362 15.21 -34.37 18.99
CA VAL B 362 16.49 -35.05 18.83
C VAL B 362 17.23 -34.55 17.57
N GLN B 363 16.52 -34.55 16.44
CA GLN B 363 17.06 -34.05 15.16
C GLN B 363 17.48 -32.58 15.22
N ALA B 364 16.73 -31.77 15.95
CA ALA B 364 17.05 -30.34 16.13
C ALA B 364 18.30 -30.13 16.98
N MET B 365 18.39 -30.86 18.10
CA MET B 365 19.57 -30.80 18.98
C MET B 365 20.83 -31.30 18.29
N LYS B 366 20.68 -32.40 17.54
CA LYS B 366 21.80 -32.99 16.79
C LYS B 366 22.31 -32.07 15.66
N GLU B 367 21.48 -31.11 15.23
CA GLU B 367 21.86 -30.09 14.24
C GLU B 367 22.22 -28.72 14.85
N TRP B 368 22.50 -28.66 16.15
CA TRP B 368 22.85 -27.39 16.82
C TRP B 368 24.30 -27.02 16.55
N ARG C 5 3.97 -32.40 -36.50
CA ARG C 5 4.34 -31.57 -35.30
C ARG C 5 3.11 -31.43 -34.39
N ALA C 6 3.25 -31.89 -33.15
CA ALA C 6 2.16 -31.80 -32.18
C ALA C 6 1.95 -30.36 -31.67
N TYR C 7 0.76 -30.12 -31.12
CA TYR C 7 0.51 -28.93 -30.32
C TYR C 7 0.92 -29.20 -28.88
N ASN C 8 2.13 -28.76 -28.54
CA ASN C 8 2.81 -29.14 -27.31
C ASN C 8 2.64 -28.09 -26.21
N PHE C 9 1.82 -28.42 -25.21
CA PHE C 9 1.63 -27.56 -24.04
C PHE C 9 2.37 -28.01 -22.78
N SER C 10 3.48 -28.75 -22.94
CA SER C 10 4.33 -29.13 -21.81
C SER C 10 4.87 -27.92 -21.07
N ALA C 11 4.80 -27.97 -19.74
CA ALA C 11 5.27 -26.89 -18.88
C ALA C 11 6.79 -26.79 -18.82
N GLY C 12 7.51 -27.88 -19.11
CA GLY C 12 8.98 -27.90 -18.98
C GLY C 12 9.55 -29.32 -18.95
N PRO C 13 10.42 -29.71 -19.88
CA PRO C 13 10.84 -28.92 -21.04
C PRO C 13 9.69 -28.62 -22.01
N ALA C 14 9.85 -27.54 -22.78
CA ALA C 14 8.74 -26.94 -23.52
C ALA C 14 9.03 -26.80 -25.00
N ALA C 15 8.04 -26.35 -25.76
CA ALA C 15 8.18 -26.14 -27.21
C ALA C 15 9.29 -25.13 -27.51
N VAL C 16 9.96 -25.33 -28.64
CA VAL C 16 10.94 -24.38 -29.14
C VAL C 16 10.58 -24.01 -30.59
N PRO C 17 11.08 -22.88 -31.10
CA PRO C 17 10.78 -22.50 -32.48
C PRO C 17 11.30 -23.56 -33.46
N LEU C 18 10.43 -24.01 -34.36
CA LEU C 18 10.77 -25.08 -35.29
C LEU C 18 11.98 -24.68 -36.14
N GLU C 19 12.04 -23.43 -36.58
CA GLU C 19 13.18 -22.93 -37.35
C GLU C 19 14.52 -23.01 -36.61
N CYS C 20 14.51 -22.92 -35.28
CA CYS C 20 15.70 -23.18 -34.46
C CYS C 20 16.08 -24.67 -34.51
N LEU C 21 15.11 -25.55 -34.37
CA LEU C 21 15.34 -27.00 -34.52
C LEU C 21 15.91 -27.31 -35.92
N GLU C 22 15.34 -26.68 -36.94
CA GLU C 22 15.78 -26.87 -38.33
C GLU C 22 17.20 -26.38 -38.59
N ARG C 23 17.54 -25.21 -38.08
CA ARG C 23 18.89 -24.67 -38.20
C ARG C 23 19.92 -25.55 -37.52
N ALA C 24 19.56 -26.10 -36.35
CA ALA C 24 20.45 -27.00 -35.60
C ALA C 24 20.68 -28.34 -36.29
N ALA C 25 19.63 -28.90 -36.88
CA ALA C 25 19.76 -30.12 -37.66
C ALA C 25 20.65 -29.89 -38.87
N ALA C 26 20.43 -28.78 -39.57
CA ALA C 26 21.12 -28.45 -40.81
C ALA C 26 22.65 -28.31 -40.65
N GLU C 27 23.09 -27.78 -39.52
CA GLU C 27 24.52 -27.63 -39.25
C GLU C 27 25.07 -28.64 -38.23
N MET C 28 24.34 -29.74 -38.01
CA MET C 28 24.68 -30.70 -36.95
C MET C 28 26.04 -31.39 -37.13
N THR C 29 26.42 -31.68 -38.37
CA THR C 29 27.67 -32.38 -38.70
C THR C 29 28.84 -31.46 -39.07
N ASN C 30 28.55 -30.20 -39.33
CA ASN C 30 29.59 -29.22 -39.68
C ASN C 30 29.11 -27.81 -39.35
N TRP C 31 29.57 -27.29 -38.21
CA TRP C 31 29.13 -26.01 -37.68
C TRP C 31 30.09 -24.89 -38.11
N ARG C 32 29.54 -23.86 -38.77
CA ARG C 32 30.29 -22.68 -39.21
C ARG C 32 31.46 -22.99 -40.15
N ASN C 33 31.33 -24.06 -40.94
CA ASN C 33 32.37 -24.50 -41.86
C ASN C 33 33.68 -24.88 -41.12
N SER C 34 33.54 -25.36 -39.88
CA SER C 34 34.70 -25.66 -39.03
C SER C 34 35.24 -27.07 -39.29
N GLY C 35 34.41 -27.92 -39.88
CA GLY C 35 34.73 -29.33 -40.08
C GLY C 35 34.19 -30.24 -38.99
N MET C 36 33.46 -29.69 -38.02
CA MET C 36 32.96 -30.48 -36.90
C MET C 36 31.67 -29.90 -36.33
N SER C 37 30.95 -30.74 -35.59
CA SER C 37 29.76 -30.34 -34.88
C SER C 37 30.12 -29.34 -33.80
N VAL C 38 29.20 -28.44 -33.49
CA VAL C 38 29.33 -27.60 -32.30
C VAL C 38 29.51 -28.46 -31.04
N ILE C 39 28.86 -29.64 -31.02
CA ILE C 39 29.04 -30.65 -29.96
C ILE C 39 30.49 -31.11 -29.79
N GLU C 40 31.27 -31.16 -30.88
CA GLU C 40 32.65 -31.70 -30.86
C GLU C 40 33.78 -30.66 -30.66
N VAL C 41 33.42 -29.40 -30.49
CA VAL C 41 34.38 -28.29 -30.48
C VAL C 41 34.98 -28.13 -29.09
N SER C 42 36.27 -27.79 -29.03
CA SER C 42 36.92 -27.49 -27.75
C SER C 42 36.43 -26.16 -27.20
N HIS C 43 36.05 -26.16 -25.93
CA HIS C 43 35.66 -24.93 -25.22
C HIS C 43 36.80 -23.90 -25.08
N ARG C 44 38.05 -24.35 -25.19
CA ARG C 44 39.21 -23.45 -25.20
C ARG C 44 39.62 -22.93 -26.59
N GLY C 45 39.02 -23.46 -27.65
CA GLY C 45 39.29 -23.01 -29.01
C GLY C 45 38.63 -21.69 -29.34
N LYS C 46 39.08 -21.05 -30.42
CA LYS C 46 38.59 -19.73 -30.83
C LYS C 46 37.12 -19.79 -31.28
N HIS C 47 36.72 -20.87 -31.95
CA HIS C 47 35.35 -21.01 -32.44
C HIS C 47 34.32 -20.94 -31.32
N TRP C 48 34.55 -21.71 -30.25
CA TRP C 48 33.60 -21.75 -29.14
C TRP C 48 33.62 -20.45 -28.30
N MET C 49 34.81 -19.91 -28.03
CA MET C 49 34.93 -18.67 -27.25
C MET C 49 34.20 -17.48 -27.87
N GLU C 50 34.14 -17.43 -29.21
CA GLU C 50 33.35 -16.42 -29.93
C GLU C 50 31.84 -16.63 -29.77
N GLU C 51 31.42 -17.89 -29.84
CA GLU C 51 30.01 -18.27 -29.70
C GLU C 51 29.46 -17.90 -28.32
N GLN C 52 30.20 -18.28 -27.29
CA GLN C 52 29.80 -17.97 -25.92
C GLN C 52 29.83 -16.47 -25.61
N LYS C 53 30.85 -15.77 -26.12
CA LYS C 53 30.92 -14.32 -25.98
C LYS C 53 29.72 -13.65 -26.66
N GLU C 54 29.49 -14.05 -27.91
CA GLU C 54 28.35 -13.58 -28.69
C GLU C 54 27.04 -13.82 -27.93
N ALA C 55 26.84 -15.05 -27.48
CA ALA C 55 25.60 -15.45 -26.79
C ALA C 55 25.32 -14.58 -25.56
N THR C 56 26.37 -14.31 -24.79
CA THR C 56 26.30 -13.38 -23.66
C THR C 56 25.95 -11.96 -24.11
N GLU C 57 26.61 -11.48 -25.15
CA GLU C 57 26.36 -10.14 -25.71
C GLU C 57 24.93 -10.00 -26.27
N ARG C 58 24.45 -11.04 -26.93
CA ARG C 58 23.12 -11.01 -27.52
C ARG C 58 22.07 -10.96 -26.41
N LEU C 59 22.24 -11.79 -25.39
CA LEU C 59 21.34 -11.75 -24.24
C LEU C 59 21.34 -10.38 -23.56
N ARG C 60 22.53 -9.78 -23.41
CA ARG C 60 22.66 -8.45 -22.84
C ARG C 60 21.85 -7.44 -23.66
N THR C 61 21.96 -7.52 -25.00
CA THR C 61 21.22 -6.64 -25.91
C THR C 61 19.71 -6.84 -25.78
N LEU C 62 19.26 -8.09 -25.88
CA LEU C 62 17.83 -8.43 -25.71
C LEU C 62 17.22 -7.82 -24.47
N LEU C 63 17.87 -8.02 -23.33
CA LEU C 63 17.34 -7.54 -22.03
C LEU C 63 17.74 -6.10 -21.68
N GLN C 64 18.71 -5.54 -22.39
CA GLN C 64 19.36 -4.28 -21.96
C GLN C 64 19.81 -4.40 -20.51
N VAL C 65 20.52 -5.48 -20.21
CA VAL C 65 21.06 -5.70 -18.87
C VAL C 65 22.12 -4.61 -18.65
N PRO C 66 21.98 -3.79 -17.59
CA PRO C 66 23.00 -2.74 -17.40
C PRO C 66 24.38 -3.31 -17.07
N GLU C 67 25.42 -2.48 -17.25
CA GLU C 67 26.81 -2.94 -17.15
C GLU C 67 27.28 -3.21 -15.72
N ASN C 68 26.49 -2.85 -14.71
CA ASN C 68 26.78 -3.28 -13.34
C ASN C 68 26.28 -4.69 -13.00
N PHE C 69 25.83 -5.47 -14.00
CA PHE C 69 25.42 -6.87 -13.80
C PHE C 69 26.29 -7.79 -14.64
N ASN C 70 26.72 -8.89 -14.02
CA ASN C 70 27.32 -10.02 -14.74
C ASN C 70 26.23 -10.95 -15.28
N ILE C 71 26.53 -11.63 -16.40
CA ILE C 71 25.63 -12.59 -17.01
C ILE C 71 26.35 -13.94 -17.00
N LEU C 72 25.74 -14.94 -16.36
CA LEU C 72 26.35 -16.28 -16.29
C LEU C 72 25.49 -17.31 -17.00
N PHE C 73 26.13 -18.15 -17.82
CA PHE C 73 25.57 -19.41 -18.26
C PHE C 73 26.21 -20.47 -17.39
N VAL C 74 25.40 -21.25 -16.67
CA VAL C 74 25.93 -22.32 -15.79
C VAL C 74 25.24 -23.65 -16.04
N ALA C 75 25.97 -24.74 -15.76
CA ALA C 75 25.38 -26.08 -15.77
C ALA C 75 24.47 -26.23 -14.54
N GLY C 76 23.41 -27.00 -14.70
CA GLY C 76 22.42 -27.23 -13.64
C GLY C 76 21.15 -26.41 -13.78
N GLY C 77 20.03 -27.00 -13.37
CA GLY C 77 18.73 -26.35 -13.47
C GLY C 77 18.47 -25.34 -12.38
N ALA C 78 17.23 -24.85 -12.33
CA ALA C 78 16.83 -23.85 -11.35
C ALA C 78 17.02 -24.34 -9.93
N SER C 79 16.76 -25.64 -9.72
CA SER C 79 16.89 -26.25 -8.39
C SER C 79 18.30 -26.16 -7.82
N LEU C 80 19.33 -26.30 -8.65
CA LEU C 80 20.72 -26.15 -8.15
C LEU C 80 20.99 -24.72 -7.69
N GLN C 81 20.43 -23.76 -8.43
CA GLN C 81 20.56 -22.35 -8.05
C GLN C 81 19.81 -22.03 -6.74
N PHE C 82 18.72 -22.75 -6.44
CA PHE C 82 18.06 -22.59 -5.14
C PHE C 82 19.07 -22.79 -4.01
N SER C 83 19.97 -23.76 -4.17
CA SER C 83 21.04 -23.98 -3.20
C SER C 83 22.10 -22.88 -3.26
N ALA C 84 22.53 -22.53 -4.48
CA ALA C 84 23.60 -21.53 -4.66
C ALA C 84 23.25 -20.13 -4.13
N ILE C 85 21.97 -19.74 -4.23
CA ILE C 85 21.54 -18.39 -3.85
C ILE C 85 21.98 -18.02 -2.41
N PRO C 86 21.58 -18.81 -1.39
CA PRO C 86 22.02 -18.48 -0.05
C PRO C 86 23.54 -18.60 0.15
N PHE C 87 24.18 -19.63 -0.41
CA PHE C 87 25.65 -19.73 -0.36
C PHE C 87 26.33 -18.43 -0.79
N ASN C 88 25.82 -17.85 -1.88
CA ASN C 88 26.44 -16.69 -2.51
C ASN C 88 26.07 -15.33 -1.93
N PHE C 89 24.84 -15.20 -1.42
CA PHE C 89 24.26 -13.88 -1.14
C PHE C 89 23.80 -13.58 0.29
N ILE C 90 23.88 -14.54 1.21
CA ILE C 90 23.62 -14.23 2.62
C ILE C 90 24.67 -13.24 3.14
N GLY C 91 25.94 -13.48 2.79
CA GLY C 91 27.03 -12.63 3.30
C GLY C 91 27.11 -12.75 4.81
N GLU C 92 27.14 -11.60 5.49
CA GLU C 92 27.15 -11.50 6.96
C GLU C 92 25.77 -11.16 7.53
N HIS C 93 24.75 -11.08 6.68
CA HIS C 93 23.39 -10.76 7.14
C HIS C 93 22.80 -11.89 8.01
N LYS C 94 21.88 -11.53 8.89
CA LYS C 94 21.32 -12.47 9.87
C LYS C 94 19.93 -13.03 9.49
N ALA C 95 19.36 -12.52 8.39
CA ALA C 95 18.03 -12.96 7.95
C ALA C 95 17.98 -13.06 6.43
N VAL C 96 17.13 -13.96 5.93
CA VAL C 96 16.72 -13.94 4.53
C VAL C 96 15.19 -13.98 4.46
N ASP C 97 14.62 -13.32 3.46
CA ASP C 97 13.16 -13.30 3.26
C ASP C 97 12.78 -14.02 1.97
N TYR C 98 11.83 -14.95 2.09
CA TYR C 98 11.24 -15.66 0.94
C TYR C 98 9.75 -15.37 0.88
N LEU C 99 9.28 -14.87 -0.26
CA LEU C 99 7.84 -14.73 -0.50
C LEU C 99 7.39 -15.98 -1.25
N CYS C 100 6.57 -16.79 -0.60
CA CYS C 100 6.12 -18.06 -1.19
C CYS C 100 4.72 -17.88 -1.77
N THR C 101 4.63 -17.75 -3.09
CA THR C 101 3.33 -17.59 -3.78
C THR C 101 2.86 -18.87 -4.48
N GLY C 102 3.66 -19.94 -4.43
CA GLY C 102 3.33 -21.19 -5.12
C GLY C 102 4.40 -22.23 -4.91
N THR C 103 4.42 -23.25 -5.78
CA THR C 103 5.32 -24.41 -5.61
C THR C 103 6.82 -24.10 -5.63
N TRP C 104 7.26 -23.30 -6.60
CA TRP C 104 8.69 -23.10 -6.83
C TRP C 104 9.37 -22.21 -5.80
N SER C 105 8.76 -21.07 -5.49
CA SER C 105 9.27 -20.20 -4.43
C SER C 105 9.28 -20.91 -3.08
N LYS C 106 8.26 -21.75 -2.82
CA LYS C 106 8.24 -22.55 -1.59
C LYS C 106 9.36 -23.57 -1.58
N LYS C 107 9.56 -24.27 -2.69
CA LYS C 107 10.72 -25.17 -2.82
C LYS C 107 12.08 -24.46 -2.58
N ALA C 108 12.22 -23.23 -3.09
CA ALA C 108 13.44 -22.44 -2.85
C ALA C 108 13.58 -22.05 -1.38
N PHE C 109 12.45 -21.66 -0.79
CA PHE C 109 12.38 -21.41 0.66
C PHE C 109 12.81 -22.63 1.47
N ASP C 110 12.29 -23.80 1.11
CA ASP C 110 12.59 -25.04 1.84
C ASP C 110 14.04 -25.47 1.73
N GLU C 111 14.66 -25.30 0.57
CA GLU C 111 16.08 -25.62 0.43
C GLU C 111 16.96 -24.72 1.32
N CYS C 112 16.66 -23.42 1.37
CA CYS C 112 17.41 -22.49 2.22
C CYS C 112 17.25 -22.84 3.72
N LYS C 113 16.03 -23.19 4.14
CA LYS C 113 15.77 -23.64 5.50
C LYS C 113 16.51 -24.95 5.80
N ARG C 114 16.43 -25.89 4.86
CA ARG C 114 17.15 -27.16 4.94
C ARG C 114 18.67 -26.97 5.11
N LEU C 115 19.28 -26.08 4.34
CA LEU C 115 20.73 -25.89 4.41
C LEU C 115 21.17 -25.43 5.80
N ALA C 116 20.34 -24.61 6.45
CA ALA C 116 20.45 -24.26 7.86
C ALA C 116 21.77 -23.56 8.18
N PHE C 117 22.03 -22.44 7.51
CA PHE C 117 23.24 -21.67 7.77
C PHE C 117 23.15 -21.07 9.17
N PRO C 118 24.12 -21.40 10.06
CA PRO C 118 24.13 -20.92 11.45
C PRO C 118 23.87 -19.43 11.57
N GLY C 119 22.98 -19.06 12.49
CA GLY C 119 22.70 -17.66 12.80
C GLY C 119 21.88 -16.90 11.77
N VAL C 120 21.25 -17.60 10.82
CA VAL C 120 20.46 -16.95 9.79
C VAL C 120 18.99 -17.32 9.96
N THR C 121 18.14 -16.31 10.10
CA THR C 121 16.70 -16.50 10.14
C THR C 121 16.18 -16.65 8.70
N VAL C 122 15.59 -17.80 8.40
CA VAL C 122 14.94 -18.03 7.11
C VAL C 122 13.46 -17.74 7.31
N ASN C 123 13.02 -16.56 6.86
CA ASN C 123 11.66 -16.08 7.09
C ASN C 123 10.79 -16.21 5.84
N SER C 124 9.61 -16.82 6.00
CA SER C 124 8.58 -16.81 4.97
C SER C 124 7.71 -15.58 5.18
N VAL C 125 7.65 -14.73 4.16
CA VAL C 125 7.09 -13.37 4.23
C VAL C 125 5.58 -13.31 4.47
N ALA C 126 4.84 -14.24 3.89
CA ALA C 126 3.38 -14.26 4.02
C ALA C 126 2.82 -15.65 4.32
N GLY C 127 3.61 -16.48 5.00
CA GLY C 127 3.24 -17.87 5.28
C GLY C 127 3.28 -18.77 4.05
N ASN C 128 2.97 -20.04 4.25
CA ASN C 128 2.84 -20.98 3.12
C ASN C 128 1.59 -20.64 2.33
N PRO C 129 1.63 -20.80 0.99
CA PRO C 129 0.46 -20.50 0.18
C PRO C 129 -0.61 -21.58 0.36
N PRO C 130 -1.89 -21.24 0.12
CA PRO C 130 -2.95 -22.26 0.24
C PRO C 130 -2.86 -23.33 -0.87
N ALA C 131 -3.81 -24.26 -0.87
CA ALA C 131 -3.82 -25.34 -1.86
C ALA C 131 -4.10 -24.86 -3.30
N ASN C 132 -5.10 -24.00 -3.46
CA ASN C 132 -5.53 -23.52 -4.78
C ASN C 132 -5.62 -21.98 -4.78
N PRO C 133 -4.46 -21.30 -4.60
CA PRO C 133 -4.45 -19.85 -4.39
C PRO C 133 -5.03 -19.04 -5.54
N VAL C 134 -5.56 -17.86 -5.21
CA VAL C 134 -6.27 -16.99 -6.13
C VAL C 134 -5.53 -15.65 -6.38
N GLU C 135 -4.47 -15.40 -5.62
CA GLU C 135 -3.75 -14.14 -5.66
C GLU C 135 -2.44 -14.28 -4.89
N VAL C 136 -1.67 -13.21 -4.87
CA VAL C 136 -0.58 -13.04 -3.90
C VAL C 136 -1.16 -12.26 -2.71
N PRO C 137 -0.91 -12.72 -1.46
CA PRO C 137 -1.43 -11.94 -0.32
C PRO C 137 -0.92 -10.49 -0.31
N ALA C 138 -1.79 -9.57 0.10
CA ALA C 138 -1.56 -8.12 -0.04
C ALA C 138 -0.21 -7.67 0.54
N ARG C 139 0.40 -6.69 -0.13
CA ARG C 139 1.69 -6.14 0.29
C ARG C 139 1.75 -5.78 1.78
N ASP C 140 0.62 -5.31 2.33
CA ASP C 140 0.56 -4.78 3.69
C ASP C 140 0.49 -5.87 4.78
N THR C 141 0.26 -7.13 4.41
CA THR C 141 0.34 -8.27 5.34
C THR C 141 1.74 -8.90 5.42
N TRP C 142 2.65 -8.48 4.55
CA TRP C 142 3.98 -9.08 4.47
C TRP C 142 4.81 -8.72 5.70
N LYS C 143 5.46 -9.72 6.29
CA LYS C 143 6.39 -9.51 7.40
C LYS C 143 7.83 -9.68 6.93
N LEU C 144 8.53 -8.56 6.84
CA LEU C 144 9.93 -8.51 6.41
C LEU C 144 10.84 -8.56 7.64
N SER C 145 12.06 -9.07 7.43
CA SER C 145 13.07 -9.19 8.48
C SER C 145 13.93 -7.93 8.50
N GLU C 146 14.48 -7.62 9.67
CA GLU C 146 15.24 -6.39 9.89
C GLU C 146 16.53 -6.33 9.04
N ASP C 147 17.34 -7.38 9.12
CA ASP C 147 18.66 -7.41 8.51
C ASP C 147 18.70 -8.36 7.31
N ALA C 148 17.71 -8.26 6.44
CA ALA C 148 17.55 -9.20 5.32
C ALA C 148 18.66 -9.04 4.28
N ALA C 149 19.30 -10.17 3.95
CA ALA C 149 20.31 -10.21 2.88
C ALA C 149 19.66 -10.03 1.50
N TYR C 150 18.43 -10.53 1.35
CA TYR C 150 17.67 -10.39 0.11
C TYR C 150 16.20 -10.73 0.31
N PHE C 151 15.41 -10.42 -0.70
CA PHE C 151 14.00 -10.77 -0.79
C PHE C 151 13.83 -11.71 -1.98
N TYR C 152 13.54 -12.98 -1.72
CA TYR C 152 13.38 -13.98 -2.78
C TYR C 152 11.91 -14.17 -3.15
N TYR C 153 11.64 -14.16 -4.46
CA TYR C 153 10.33 -14.53 -4.99
C TYR C 153 10.42 -15.09 -6.41
N CYS C 154 9.33 -15.73 -6.82
CA CYS C 154 9.19 -16.33 -8.12
C CYS C 154 8.28 -15.43 -8.92
N ASP C 155 8.77 -14.92 -10.04
CA ASP C 155 7.99 -13.97 -10.84
C ASP C 155 6.75 -14.63 -11.46
N ASN C 156 6.86 -15.90 -11.80
CA ASN C 156 5.77 -16.63 -12.43
C ASN C 156 5.73 -18.06 -11.90
N GLU C 157 4.73 -18.35 -11.09
CA GLU C 157 4.58 -19.71 -10.57
C GLU C 157 3.86 -20.54 -11.63
N THR C 158 4.64 -21.42 -12.25
CA THR C 158 4.23 -22.27 -13.34
C THR C 158 2.98 -23.13 -13.07
N ILE C 159 2.86 -23.66 -11.85
CA ILE C 159 1.77 -24.60 -11.53
C ILE C 159 0.48 -23.86 -11.13
N GLN C 160 0.64 -22.75 -10.40
CA GLN C 160 -0.50 -21.98 -9.90
C GLN C 160 -1.00 -20.97 -10.92
N GLY C 161 -0.20 -20.67 -11.95
CA GLY C 161 -0.56 -19.63 -12.91
C GLY C 161 -0.64 -18.24 -12.29
N ILE C 162 0.27 -17.94 -11.37
CA ILE C 162 0.33 -16.64 -10.67
C ILE C 162 1.59 -15.88 -11.04
N GLU C 163 1.43 -14.72 -11.67
CA GLU C 163 2.55 -13.93 -12.18
C GLU C 163 2.45 -12.49 -11.68
N PHE C 164 3.61 -11.91 -11.34
CA PHE C 164 3.69 -10.51 -10.93
C PHE C 164 3.70 -9.64 -12.18
N GLN C 165 2.92 -8.56 -12.16
CA GLN C 165 2.94 -7.59 -13.25
C GLN C 165 4.15 -6.64 -13.18
N GLN C 166 4.55 -6.27 -11.97
CA GLN C 166 5.76 -5.48 -11.75
C GLN C 166 6.50 -6.06 -10.56
N PHE C 167 7.79 -5.75 -10.46
CA PHE C 167 8.59 -6.17 -9.31
C PHE C 167 8.00 -5.60 -8.01
N PRO C 168 8.02 -6.39 -6.91
CA PRO C 168 7.65 -5.84 -5.61
C PRO C 168 8.58 -4.69 -5.17
N ASP C 169 8.07 -3.85 -4.26
CA ASP C 169 8.83 -2.76 -3.63
C ASP C 169 9.15 -3.18 -2.20
N VAL C 170 10.41 -3.51 -1.96
CA VAL C 170 10.89 -3.91 -0.65
C VAL C 170 12.27 -3.32 -0.41
N PRO C 171 12.70 -3.23 0.87
CA PRO C 171 14.05 -2.72 1.16
C PRO C 171 15.19 -3.54 0.53
N ALA C 172 15.25 -4.84 0.83
CA ALA C 172 16.38 -5.67 0.41
C ALA C 172 16.38 -5.91 -1.10
N PRO C 173 17.56 -6.22 -1.69
CA PRO C 173 17.59 -6.50 -3.13
C PRO C 173 16.79 -7.75 -3.51
N LEU C 174 16.14 -7.71 -4.68
CA LEU C 174 15.32 -8.85 -5.15
C LEU C 174 16.20 -9.97 -5.69
N ILE C 175 15.85 -11.20 -5.37
CA ILE C 175 16.38 -12.38 -6.06
C ILE C 175 15.18 -13.10 -6.66
N ILE C 176 15.18 -13.25 -7.99
CA ILE C 176 13.97 -13.56 -8.73
C ILE C 176 14.13 -14.82 -9.58
N ASP C 177 13.29 -15.80 -9.30
CA ASP C 177 13.17 -16.98 -10.15
C ASP C 177 12.24 -16.64 -11.31
N MET C 178 12.84 -16.47 -12.48
CA MET C 178 12.11 -16.20 -13.71
C MET C 178 12.16 -17.38 -14.66
N SER C 179 12.27 -18.59 -14.14
CA SER C 179 12.45 -19.78 -14.97
C SER C 179 11.37 -19.92 -16.06
N SER C 180 10.11 -19.66 -15.69
CA SER C 180 8.97 -19.85 -16.58
C SER C 180 8.49 -18.58 -17.29
N ASN C 181 9.16 -17.43 -17.09
CA ASN C 181 8.83 -16.24 -17.90
C ASN C 181 10.02 -15.41 -18.41
N PHE C 182 11.23 -15.97 -18.34
CA PHE C 182 12.46 -15.31 -18.78
C PHE C 182 12.39 -15.09 -20.29
N LEU C 183 12.70 -13.87 -20.72
CA LEU C 183 12.62 -13.42 -22.12
C LEU C 183 11.21 -13.47 -22.74
N SER C 184 10.19 -13.42 -21.89
CA SER C 184 8.80 -13.34 -22.34
C SER C 184 8.32 -11.90 -22.36
N ARG C 185 9.11 -10.98 -21.82
CA ARG C 185 8.78 -9.57 -21.74
C ARG C 185 9.99 -8.77 -21.29
N PRO C 186 9.97 -7.43 -21.47
CA PRO C 186 11.10 -6.63 -21.00
C PRO C 186 11.20 -6.58 -19.46
N ILE C 187 12.41 -6.39 -18.96
CA ILE C 187 12.65 -6.17 -17.56
C ILE C 187 13.12 -4.73 -17.35
N THR C 188 12.49 -4.03 -16.40
CA THR C 188 12.90 -2.69 -15.96
C THR C 188 13.17 -2.71 -14.44
N GLN C 189 13.57 -1.56 -13.91
CA GLN C 189 13.84 -1.39 -12.48
C GLN C 189 14.96 -2.30 -12.00
N TRP C 190 16.04 -2.32 -12.78
CA TRP C 190 17.25 -3.05 -12.41
C TRP C 190 17.83 -2.62 -11.06
N GLU C 191 17.59 -1.37 -10.65
CA GLU C 191 18.00 -0.89 -9.32
C GLU C 191 17.43 -1.68 -8.13
N LYS C 192 16.34 -2.41 -8.35
CA LYS C 192 15.72 -3.26 -7.31
C LYS C 192 16.34 -4.65 -7.22
N VAL C 193 17.11 -5.04 -8.23
CA VAL C 193 17.50 -6.44 -8.45
C VAL C 193 18.91 -6.79 -7.95
N GLY C 194 19.02 -7.81 -7.09
CA GLY C 194 20.31 -8.39 -6.72
C GLY C 194 20.70 -9.51 -7.67
N CYS C 195 19.72 -10.33 -8.03
CA CYS C 195 19.96 -11.46 -8.91
C CYS C 195 18.68 -11.96 -9.56
N ILE C 196 18.76 -12.21 -10.86
CA ILE C 196 17.73 -12.91 -11.61
C ILE C 196 18.32 -14.22 -12.12
N PHE C 197 17.52 -15.29 -12.10
CA PHE C 197 17.91 -16.53 -12.77
C PHE C 197 16.72 -17.25 -13.42
N ALA C 198 17.08 -18.17 -14.32
CA ALA C 198 16.10 -18.95 -15.07
C ALA C 198 16.78 -20.17 -15.64
N CYS C 199 16.19 -21.35 -15.41
CA CYS C 199 16.57 -22.55 -16.14
C CYS C 199 16.14 -22.37 -17.58
N ALA C 200 16.83 -23.04 -18.50
CA ALA C 200 16.60 -22.82 -19.93
C ALA C 200 15.34 -23.50 -20.50
N GLN C 201 14.85 -24.57 -19.88
CA GLN C 201 13.87 -25.48 -20.54
C GLN C 201 12.41 -25.02 -20.66
N ASN C 203 11.76 -21.35 -21.78
CA ASN C 203 11.75 -20.32 -22.80
C ASN C 203 13.04 -20.14 -23.59
N PHE C 204 14.09 -20.92 -23.31
CA PHE C 204 15.31 -20.84 -24.13
C PHE C 204 16.13 -22.12 -24.28
N GLY C 205 15.41 -23.25 -24.36
CA GLY C 205 15.94 -24.47 -24.97
C GLY C 205 16.13 -25.65 -24.04
N LEU C 206 17.39 -26.01 -23.81
CA LEU C 206 17.73 -27.30 -23.22
C LEU C 206 17.66 -27.33 -21.70
N ALA C 207 17.13 -28.42 -21.17
CA ALA C 207 17.24 -28.73 -19.74
C ALA C 207 18.69 -28.99 -19.37
N GLY C 208 19.06 -28.60 -18.14
CA GLY C 208 20.41 -28.81 -17.59
C GLY C 208 21.34 -27.61 -17.57
N MET C 209 20.87 -26.47 -18.05
CA MET C 209 21.64 -25.22 -18.06
C MET C 209 20.74 -24.08 -17.58
N SER C 210 21.31 -23.17 -16.79
CA SER C 210 20.59 -21.98 -16.32
C SER C 210 21.37 -20.71 -16.64
N VAL C 211 20.62 -19.61 -16.78
CA VAL C 211 21.19 -18.27 -16.82
C VAL C 211 21.06 -17.67 -15.42
N VAL C 212 22.13 -17.03 -14.95
CA VAL C 212 22.13 -16.29 -13.69
C VAL C 212 22.66 -14.88 -14.00
N ILE C 213 21.87 -13.86 -13.69
CA ILE C 213 22.26 -12.45 -13.86
C ILE C 213 22.40 -11.84 -12.48
N ILE C 214 23.56 -11.24 -12.22
CA ILE C 214 23.96 -10.87 -10.84
C ILE C 214 24.51 -9.44 -10.82
N ARG C 215 23.95 -8.60 -9.95
CA ARG C 215 24.47 -7.25 -9.75
C ARG C 215 25.84 -7.35 -9.06
N LYS C 216 26.85 -6.67 -9.61
CA LYS C 216 28.25 -6.86 -9.19
C LYS C 216 28.53 -6.66 -7.70
N ASP C 217 27.88 -5.69 -7.06
CA ASP C 217 28.11 -5.44 -5.63
C ASP C 217 27.57 -6.56 -4.72
N MET C 218 26.68 -7.41 -5.26
CA MET C 218 26.20 -8.58 -4.54
C MET C 218 27.33 -9.61 -4.37
N LEU C 219 28.17 -9.80 -5.39
CA LEU C 219 29.32 -10.73 -5.27
C LEU C 219 30.49 -10.24 -4.39
N GLU C 220 30.50 -8.96 -4.02
CA GLU C 220 31.46 -8.46 -3.02
C GLU C 220 31.19 -9.05 -1.64
N ARG C 221 29.98 -9.58 -1.42
CA ARG C 221 29.64 -10.30 -0.19
C ARG C 221 30.44 -11.60 -0.06
N PRO C 222 30.80 -12.00 1.17
CA PRO C 222 31.58 -13.23 1.35
C PRO C 222 30.71 -14.46 1.13
N VAL C 223 31.25 -15.46 0.44
CA VAL C 223 30.57 -16.75 0.24
C VAL C 223 30.52 -17.51 1.57
N LYS C 224 29.43 -18.24 1.81
CA LYS C 224 29.33 -19.06 3.04
C LYS C 224 30.25 -20.27 2.94
N PRO C 225 30.66 -20.85 4.09
CA PRO C 225 31.52 -22.03 4.01
C PRO C 225 30.85 -23.23 3.34
N PHE C 226 31.67 -24.10 2.75
CA PHE C 226 31.22 -25.35 2.10
C PHE C 226 30.53 -25.17 0.74
N CYS C 227 30.61 -23.98 0.14
CA CYS C 227 30.12 -23.79 -1.23
C CYS C 227 30.97 -24.60 -2.21
N PRO C 228 30.33 -25.48 -3.01
CA PRO C 228 31.08 -26.13 -4.09
C PRO C 228 31.67 -25.07 -5.01
N ILE C 229 32.95 -25.23 -5.38
CA ILE C 229 33.67 -24.15 -6.04
C ILE C 229 33.00 -23.65 -7.34
N THR C 230 32.39 -24.55 -8.11
CA THR C 230 31.68 -24.17 -9.34
C THR C 230 30.36 -23.43 -9.07
N MET C 231 29.82 -23.58 -7.86
CA MET C 231 28.62 -22.85 -7.43
C MET C 231 28.92 -21.48 -6.85
N ASP C 232 30.20 -21.16 -6.60
CA ASP C 232 30.59 -19.81 -6.22
C ASP C 232 30.54 -18.97 -7.49
N TYR C 233 29.61 -18.02 -7.55
CA TYR C 233 29.42 -17.23 -8.77
C TYR C 233 30.61 -16.31 -9.09
N ARG C 234 31.35 -15.90 -8.06
CA ARG C 234 32.60 -15.12 -8.25
C ARG C 234 33.60 -15.90 -9.09
N ILE C 235 33.71 -17.21 -8.83
CA ILE C 235 34.58 -18.09 -9.61
C ILE C 235 34.11 -18.16 -11.07
N GLN C 236 32.80 -18.27 -11.27
CA GLN C 236 32.23 -18.29 -12.63
C GLN C 236 32.55 -16.99 -13.37
N VAL C 237 32.29 -15.85 -12.74
CA VAL C 237 32.55 -14.53 -13.33
C VAL C 237 34.04 -14.38 -13.67
N LYS C 238 34.89 -14.70 -12.69
CA LYS C 238 36.35 -14.61 -12.83
C LYS C 238 36.91 -15.40 -14.02
N ASN C 239 36.30 -16.54 -14.33
CA ASN C 239 36.75 -17.41 -15.42
C ASN C 239 35.81 -17.43 -16.64
N ASN C 240 35.02 -16.37 -16.83
CA ASN C 240 34.14 -16.22 -18.01
C ASN C 240 33.18 -17.41 -18.24
N CYS C 241 32.70 -17.98 -17.13
CA CYS C 241 31.90 -19.22 -17.10
C CYS C 241 32.58 -20.42 -17.78
N MET C 242 33.91 -20.42 -17.76
CA MET C 242 34.70 -21.51 -18.31
C MET C 242 35.81 -21.87 -17.31
N TYR C 243 35.45 -21.92 -16.03
CA TYR C 243 36.32 -22.48 -15.00
C TYR C 243 36.53 -23.94 -15.35
N ASN C 244 35.44 -24.63 -15.64
CA ASN C 244 35.45 -25.96 -16.25
C ASN C 244 34.68 -25.91 -17.59
N THR C 245 34.41 -27.05 -18.20
CA THR C 245 33.71 -27.11 -19.48
C THR C 245 32.24 -26.67 -19.31
N PRO C 246 31.82 -25.58 -19.99
CA PRO C 246 30.42 -25.15 -19.95
C PRO C 246 29.50 -26.07 -20.77
N PRO C 247 28.17 -25.98 -20.59
CA PRO C 247 27.24 -26.79 -21.40
C PRO C 247 27.05 -26.16 -22.77
N THR C 248 27.96 -26.51 -23.68
CA THR C 248 28.15 -25.75 -24.91
C THR C 248 26.95 -25.85 -25.85
N PHE C 249 26.42 -27.06 -26.02
CA PHE C 249 25.29 -27.24 -26.94
C PHE C 249 24.08 -26.43 -26.47
N ALA C 250 23.80 -26.49 -25.16
CA ALA C 250 22.76 -25.67 -24.55
C ALA C 250 22.95 -24.16 -24.76
N ILE C 251 24.19 -23.67 -24.64
CA ILE C 251 24.49 -22.26 -24.86
C ILE C 251 24.34 -21.89 -26.34
N TYR C 252 24.90 -22.73 -27.20
CA TYR C 252 24.73 -22.62 -28.65
C TYR C 252 23.26 -22.57 -29.05
N PHE C 253 22.44 -23.45 -28.47
CA PHE C 253 21.04 -23.52 -28.82
C PHE C 253 20.25 -22.37 -28.23
N ALA C 254 20.60 -21.96 -27.01
CA ALA C 254 20.01 -20.78 -26.41
C ALA C 254 20.24 -19.56 -27.29
N ASN C 255 21.46 -19.45 -27.82
CA ASN C 255 21.84 -18.36 -28.71
C ASN C 255 20.98 -18.34 -29.98
N HIS C 256 20.70 -19.50 -30.56
CA HIS C 256 19.77 -19.59 -31.69
C HIS C 256 18.38 -19.05 -31.33
N ILE C 257 17.89 -19.34 -30.13
CA ILE C 257 16.61 -18.81 -29.68
C ILE C 257 16.68 -17.29 -29.47
N PHE C 258 17.79 -16.80 -28.97
CA PHE C 258 17.96 -15.35 -28.81
C PHE C 258 17.84 -14.64 -30.15
N LYS C 259 18.46 -15.21 -31.19
CA LYS C 259 18.39 -14.67 -32.55
C LYS C 259 16.96 -14.67 -33.04
N TRP C 260 16.29 -15.81 -32.86
CA TRP C 260 14.88 -15.92 -33.21
C TRP C 260 14.01 -14.86 -32.51
N ILE C 261 14.29 -14.59 -31.24
CA ILE C 261 13.55 -13.56 -30.49
C ILE C 261 13.75 -12.16 -31.11
N GLU C 262 15.01 -11.83 -31.41
CA GLU C 262 15.34 -10.56 -32.09
C GLU C 262 14.65 -10.47 -33.44
N GLU C 263 14.67 -11.58 -34.19
CA GLU C 263 13.98 -11.65 -35.47
C GLU C 263 12.49 -11.29 -35.40
N LYS C 264 11.81 -11.70 -34.33
CA LYS C 264 10.38 -11.40 -34.16
C LYS C 264 10.11 -10.03 -33.54
N GLY C 265 11.14 -9.20 -33.30
CA GLY C 265 10.96 -7.86 -32.76
C GLY C 265 11.39 -7.60 -31.32
N GLY C 266 11.98 -8.61 -30.67
CA GLY C 266 12.51 -8.44 -29.31
C GLY C 266 11.50 -8.70 -28.22
N LEU C 267 11.81 -8.22 -27.01
CA LEU C 267 11.07 -8.62 -25.81
C LEU C 267 9.73 -7.91 -25.62
N ALA C 268 9.63 -6.69 -26.10
CA ALA C 268 8.35 -5.98 -26.13
C ALA C 268 7.38 -6.68 -27.10
N ALA C 269 7.89 -7.20 -28.22
CA ALA C 269 7.09 -8.00 -29.15
C ALA C 269 6.68 -9.33 -28.53
N MET C 270 7.59 -9.99 -27.80
CA MET C 270 7.25 -11.23 -27.11
C MET C 270 6.10 -11.01 -26.15
N ASP C 271 6.16 -9.92 -25.38
CA ASP C 271 5.13 -9.58 -24.41
C ASP C 271 3.76 -9.37 -25.06
N ALA C 272 3.71 -8.59 -26.14
CA ALA C 272 2.46 -8.36 -26.90
C ALA C 272 1.86 -9.66 -27.45
N LEU C 273 2.73 -10.53 -27.96
CA LEU C 273 2.30 -11.81 -28.53
C LEU C 273 1.83 -12.80 -27.47
N ASN C 274 2.52 -12.84 -26.33
CA ASN C 274 2.13 -13.71 -25.22
C ASN C 274 0.82 -13.24 -24.55
N LYS C 275 0.65 -11.93 -24.43
CA LYS C 275 -0.63 -11.35 -23.99
C LYS C 275 -1.79 -11.64 -24.94
N GLU C 276 -1.55 -11.62 -26.25
CA GLU C 276 -2.58 -12.00 -27.23
C GLU C 276 -3.03 -13.44 -27.01
N LYS C 277 -2.06 -14.36 -26.93
CA LYS C 277 -2.33 -15.79 -26.71
C LYS C 277 -3.05 -16.06 -25.37
N ALA C 278 -2.56 -15.46 -24.29
CA ALA C 278 -3.16 -15.61 -22.97
C ALA C 278 -4.59 -15.10 -22.95
N LYS C 279 -4.82 -13.94 -23.56
CA LYS C 279 -6.17 -13.34 -23.66
C LYS C 279 -7.19 -14.29 -24.28
N LYS C 280 -6.83 -14.93 -25.39
CA LYS C 280 -7.68 -15.96 -26.01
C LYS C 280 -7.93 -17.15 -25.08
N VAL C 281 -6.87 -17.65 -24.44
CA VAL C 281 -7.01 -18.81 -23.56
C VAL C 281 -7.93 -18.46 -22.38
N TYR C 282 -7.73 -17.30 -21.73
CA TYR C 282 -8.56 -16.91 -20.58
C TYR C 282 -9.99 -16.59 -20.97
N GLU C 283 -10.18 -15.97 -22.14
CA GLU C 283 -11.52 -15.71 -22.68
C GLU C 283 -12.28 -17.01 -22.99
N ALA C 284 -11.58 -18.04 -23.48
CA ALA C 284 -12.21 -19.35 -23.70
C ALA C 284 -12.53 -20.07 -22.39
N ILE C 285 -11.75 -19.79 -21.33
CA ILE C 285 -12.06 -20.31 -20.00
C ILE C 285 -13.27 -19.56 -19.42
N ASP C 286 -13.19 -18.22 -19.39
CA ASP C 286 -14.20 -17.39 -18.72
C ASP C 286 -15.55 -17.43 -19.43
N SER C 287 -15.57 -17.30 -20.75
CA SER C 287 -16.81 -17.29 -21.54
C SER C 287 -17.59 -18.62 -21.55
N ASN C 288 -16.89 -19.73 -21.31
CA ASN C 288 -17.43 -21.08 -21.42
C ASN C 288 -17.94 -21.61 -20.06
N PRO C 289 -19.24 -21.98 -19.96
CA PRO C 289 -19.76 -22.49 -18.67
C PRO C 289 -19.16 -23.80 -18.17
N ASN C 290 -18.48 -24.58 -19.02
CA ASN C 290 -17.85 -25.83 -18.60
C ASN C 290 -16.47 -25.68 -17.94
N PHE C 291 -15.91 -24.47 -17.92
CA PHE C 291 -14.57 -24.23 -17.38
C PHE C 291 -14.54 -23.00 -16.49
N VAL C 292 -13.61 -23.02 -15.52
CA VAL C 292 -13.39 -21.88 -14.61
C VAL C 292 -11.93 -21.71 -14.21
N ASN C 293 -11.53 -20.44 -14.12
CA ASN C 293 -10.30 -20.02 -13.44
C ASN C 293 -10.68 -18.78 -12.66
N ARG C 294 -10.49 -18.76 -11.35
CA ARG C 294 -10.76 -17.51 -10.60
C ARG C 294 -9.52 -16.89 -9.94
N ILE C 295 -8.36 -17.07 -10.57
CA ILE C 295 -7.17 -16.27 -10.25
C ILE C 295 -7.48 -14.86 -10.70
N LYS C 296 -7.31 -13.90 -9.80
CA LYS C 296 -7.70 -12.51 -10.06
C LYS C 296 -6.92 -11.99 -11.26
N PRO C 297 -7.56 -11.19 -12.14
CA PRO C 297 -6.97 -10.77 -13.42
C PRO C 297 -5.60 -10.10 -13.33
N GLU C 298 -5.37 -9.37 -12.24
CA GLU C 298 -4.08 -8.74 -11.98
C GLU C 298 -2.96 -9.74 -11.65
N TRP C 299 -3.29 -10.98 -11.27
CA TRP C 299 -2.29 -12.03 -10.97
C TRP C 299 -2.16 -13.15 -12.01
N ARG C 300 -3.03 -13.16 -13.02
CA ARG C 300 -3.05 -14.25 -14.00
C ARG C 300 -1.79 -14.27 -14.87
N SER C 301 -1.13 -15.42 -14.89
CA SER C 301 0.06 -15.63 -15.71
C SER C 301 -0.26 -15.57 -17.19
N ARG C 302 0.64 -14.92 -17.95
CA ARG C 302 0.56 -14.97 -19.40
C ARG C 302 1.11 -16.29 -19.94
N MET C 303 1.82 -17.06 -19.10
CA MET C 303 2.59 -18.22 -19.55
C MET C 303 1.89 -19.56 -19.27
N ASN C 304 1.25 -19.67 -18.11
CA ASN C 304 0.65 -20.92 -17.63
C ASN C 304 -0.72 -20.61 -17.10
N MET C 305 -1.73 -21.27 -17.69
CA MET C 305 -3.14 -20.94 -17.52
C MET C 305 -3.85 -22.19 -16.98
N PRO C 306 -3.96 -22.33 -15.65
CA PRO C 306 -4.77 -23.39 -15.05
C PRO C 306 -6.25 -23.17 -15.29
N PHE C 307 -6.98 -24.26 -15.44
CA PHE C 307 -8.45 -24.21 -15.40
C PHE C 307 -9.05 -25.54 -14.96
N PHE C 308 -10.31 -25.49 -14.56
CA PHE C 308 -10.99 -26.63 -13.93
C PHE C 308 -12.44 -26.75 -14.40
N ARG C 309 -13.08 -27.84 -13.97
CA ARG C 309 -14.52 -28.06 -14.21
C ARG C 309 -15.34 -27.08 -13.36
N PRO C 310 -16.63 -26.87 -13.69
CA PRO C 310 -17.38 -25.80 -13.02
C PRO C 310 -17.40 -25.85 -11.48
N ASP C 311 -17.40 -27.06 -10.92
CA ASP C 311 -17.31 -27.27 -9.47
C ASP C 311 -15.92 -27.77 -9.03
N GLY C 312 -14.92 -27.60 -9.88
CA GLY C 312 -13.58 -28.18 -9.65
C GLY C 312 -12.76 -27.52 -8.57
N TYR C 313 -13.16 -26.30 -8.17
CA TYR C 313 -12.60 -25.64 -7.00
C TYR C 313 -12.99 -26.38 -5.70
N GLU C 314 -14.21 -26.92 -5.66
CA GLU C 314 -14.74 -27.60 -4.46
C GLU C 314 -14.93 -29.13 -4.58
N ASN C 315 -14.26 -29.79 -5.55
CA ASN C 315 -14.37 -31.26 -5.71
C ASN C 315 -13.34 -31.87 -6.69
N LYS C 316 -12.36 -32.61 -6.17
CA LYS C 316 -11.34 -33.26 -7.01
C LYS C 316 -11.84 -34.60 -7.60
N ASP C 317 -11.96 -34.64 -8.93
CA ASP C 317 -12.44 -35.83 -9.66
C ASP C 317 -11.56 -36.02 -10.90
N LEU C 318 -10.60 -36.94 -10.79
CA LEU C 318 -9.62 -37.19 -11.85
C LEU C 318 -10.24 -37.86 -13.08
N ASP C 319 -11.18 -38.78 -12.85
CA ASP C 319 -11.83 -39.53 -13.93
C ASP C 319 -12.63 -38.60 -14.85
N ALA C 320 -13.36 -37.68 -14.24
CA ALA C 320 -14.17 -36.69 -14.98
C ALA C 320 -13.28 -35.70 -15.71
N ASP C 321 -12.22 -35.25 -15.05
CA ASP C 321 -11.19 -34.42 -15.67
C ASP C 321 -10.61 -35.12 -16.88
N ALA C 322 -10.21 -36.38 -16.69
CA ALA C 322 -9.51 -37.15 -17.71
C ALA C 322 -10.27 -37.28 -19.06
N LYS C 323 -11.58 -37.17 -19.05
CA LYS C 323 -12.35 -37.21 -20.31
C LYS C 323 -12.02 -36.03 -21.22
N PHE C 324 -11.92 -34.82 -20.65
CA PHE C 324 -11.46 -33.67 -21.43
C PHE C 324 -9.99 -33.74 -21.82
N VAL C 325 -9.16 -34.33 -20.95
CA VAL C 325 -7.75 -34.53 -21.26
C VAL C 325 -7.62 -35.45 -22.47
N ASN C 326 -8.34 -36.58 -22.43
CA ASN C 326 -8.40 -37.54 -23.54
C ASN C 326 -8.90 -36.90 -24.83
N PHE C 327 -9.98 -36.14 -24.72
CA PHE C 327 -10.57 -35.37 -25.83
C PHE C 327 -9.52 -34.45 -26.49
N CYS C 328 -8.71 -33.80 -25.66
CA CYS C 328 -7.60 -32.99 -26.15
C CYS C 328 -6.47 -33.80 -26.76
N THR C 329 -6.06 -34.89 -26.10
CA THR C 329 -4.97 -35.75 -26.58
C THR C 329 -5.27 -36.39 -27.94
N GLN C 330 -6.53 -36.79 -28.15
CA GLN C 330 -6.92 -37.34 -29.47
C GLN C 330 -6.92 -36.29 -30.60
N ARG C 331 -6.94 -35.00 -30.25
CA ARG C 331 -6.71 -33.91 -31.21
C ARG C 331 -5.25 -33.41 -31.25
N LYS C 332 -4.30 -34.19 -30.72
CA LYS C 332 -2.88 -33.81 -30.62
C LYS C 332 -2.61 -32.49 -29.87
N LEU C 333 -3.45 -32.20 -28.88
CA LEU C 333 -3.22 -31.09 -27.96
C LEU C 333 -2.65 -31.78 -26.71
N LEU C 334 -1.32 -31.78 -26.61
CA LEU C 334 -0.61 -32.63 -25.64
C LEU C 334 -0.27 -31.91 -24.34
N THR C 335 -0.39 -32.66 -23.23
CA THR C 335 0.07 -32.24 -21.90
C THR C 335 -0.73 -31.06 -21.34
N LEU C 336 -2.04 -31.25 -21.30
CA LEU C 336 -2.97 -30.26 -20.76
C LEU C 336 -3.50 -30.64 -19.38
N LYS C 337 -3.12 -31.81 -18.84
CA LYS C 337 -3.59 -32.22 -17.52
C LYS C 337 -2.86 -31.42 -16.43
N GLY C 338 -3.62 -31.01 -15.42
CA GLY C 338 -3.09 -30.17 -14.34
C GLY C 338 -2.27 -30.95 -13.34
N HIS C 339 -1.01 -30.55 -13.16
CA HIS C 339 -0.17 -31.01 -12.05
C HIS C 339 -0.50 -30.15 -10.81
N VAL C 340 0.20 -30.29 -9.69
CA VAL C 340 1.13 -31.38 -9.37
C VAL C 340 0.89 -31.79 -7.90
N SER C 341 -0.19 -32.52 -7.59
CA SER C 341 -1.25 -32.93 -8.51
C SER C 341 -2.60 -32.34 -8.07
N VAL C 342 -2.70 -31.01 -8.17
CA VAL C 342 -3.98 -30.32 -8.17
C VAL C 342 -4.81 -30.80 -9.35
N GLY C 343 -6.14 -30.68 -9.23
CA GLY C 343 -7.06 -31.15 -10.27
C GLY C 343 -7.11 -30.29 -11.53
N GLY C 344 -8.11 -30.55 -12.36
CA GLY C 344 -8.33 -29.81 -13.61
C GLY C 344 -7.20 -29.90 -14.63
N PHE C 345 -6.94 -28.76 -15.28
CA PHE C 345 -6.14 -28.68 -16.51
C PHE C 345 -5.19 -27.48 -16.48
N ARG C 346 -4.22 -27.45 -17.38
CA ARG C 346 -3.32 -26.30 -17.51
C ARG C 346 -2.72 -26.21 -18.92
N ALA C 347 -2.85 -25.05 -19.55
CA ALA C 347 -2.19 -24.75 -20.83
C ALA C 347 -0.94 -23.90 -20.58
N SER C 348 0.21 -24.41 -21.00
CA SER C 348 1.47 -23.69 -20.91
C SER C 348 1.85 -23.25 -22.31
N CYS C 349 1.93 -21.92 -22.50
CA CYS C 349 2.10 -21.26 -23.79
C CYS C 349 3.25 -20.25 -23.68
N TYR C 350 4.47 -20.72 -23.92
CA TYR C 350 5.65 -19.88 -23.82
C TYR C 350 5.86 -19.14 -25.15
N ASN C 351 7.02 -18.49 -25.34
CA ASN C 351 7.30 -17.71 -26.55
C ASN C 351 7.02 -18.49 -27.82
N ALA C 352 7.51 -19.71 -27.87
CA ALA C 352 7.49 -20.52 -29.09
C ALA C 352 6.18 -21.26 -29.34
N CYS C 353 5.19 -21.11 -28.45
CA CYS C 353 3.91 -21.77 -28.59
C CYS C 353 3.13 -21.08 -29.74
N PRO C 354 2.90 -21.80 -30.86
CA PRO C 354 2.28 -21.13 -32.03
C PRO C 354 0.86 -20.67 -31.76
N MET C 355 0.46 -19.60 -32.45
CA MET C 355 -0.91 -19.11 -32.36
C MET C 355 -1.93 -20.18 -32.75
N GLU C 356 -1.61 -20.97 -33.78
CA GLU C 356 -2.55 -22.01 -34.22
C GLU C 356 -2.74 -23.12 -33.19
N ALA C 357 -1.74 -23.38 -32.34
CA ALA C 357 -1.91 -24.33 -31.23
C ALA C 357 -2.94 -23.79 -30.25
N VAL C 358 -2.82 -22.49 -29.95
CA VAL C 358 -3.80 -21.81 -29.10
C VAL C 358 -5.21 -21.83 -29.71
N ASP C 359 -5.32 -21.53 -31.01
CA ASP C 359 -6.61 -21.57 -31.73
C ASP C 359 -7.22 -22.97 -31.68
N ALA C 360 -6.38 -23.99 -31.81
CA ALA C 360 -6.80 -25.38 -31.72
C ALA C 360 -7.27 -25.78 -30.32
N LEU C 361 -6.60 -25.28 -29.30
CA LEU C 361 -7.04 -25.49 -27.91
C LEU C 361 -8.40 -24.85 -27.67
N VAL C 362 -8.53 -23.58 -28.06
CA VAL C 362 -9.78 -22.81 -27.96
C VAL C 362 -10.93 -23.54 -28.65
N GLN C 363 -10.66 -24.09 -29.83
CA GLN C 363 -11.66 -24.89 -30.56
C GLN C 363 -12.07 -26.18 -29.84
N ALA C 364 -11.10 -26.87 -29.22
CA ALA C 364 -11.40 -28.07 -28.44
C ALA C 364 -12.26 -27.73 -27.22
N MET C 365 -11.96 -26.60 -26.58
CA MET C 365 -12.72 -26.17 -25.41
C MET C 365 -14.14 -25.76 -25.78
N LYS C 366 -14.28 -25.10 -26.92
CA LYS C 366 -15.60 -24.70 -27.45
C LYS C 366 -16.44 -25.93 -27.89
N GLU C 367 -15.81 -26.89 -28.55
CA GLU C 367 -16.51 -28.10 -29.04
C GLU C 367 -16.84 -29.14 -27.96
N TRP C 368 -16.09 -29.14 -26.85
CA TRP C 368 -16.34 -30.05 -25.72
C TRP C 368 -17.82 -30.04 -25.29
N PRO C 369 -18.50 -31.21 -25.32
CA PRO C 369 -19.94 -31.25 -24.92
C PRO C 369 -20.27 -30.83 -23.47
N GLY C 370 -19.36 -31.09 -22.54
CA GLY C 370 -19.52 -30.70 -21.13
C GLY C 370 -19.25 -31.85 -20.19
N PHE C 371 -19.23 -31.55 -18.89
CA PHE C 371 -18.86 -32.52 -17.86
C PHE C 371 -20.09 -33.16 -17.19
N ARG D 5 34.34 -32.76 -43.36
CA ARG D 5 34.64 -33.30 -41.99
C ARG D 5 36.16 -33.31 -41.70
N ALA D 6 36.60 -32.48 -40.77
CA ALA D 6 38.01 -32.44 -40.36
C ALA D 6 38.37 -33.62 -39.46
N TYR D 7 39.67 -33.78 -39.20
CA TYR D 7 40.15 -34.73 -38.20
C TYR D 7 40.37 -33.96 -36.91
N ASN D 8 39.55 -34.29 -35.90
CA ASN D 8 39.44 -33.52 -34.68
C ASN D 8 40.06 -34.28 -33.52
N PHE D 9 41.16 -33.75 -32.98
CA PHE D 9 41.88 -34.34 -31.87
C PHE D 9 41.66 -33.53 -30.60
N SER D 10 40.44 -33.04 -30.40
CA SER D 10 40.10 -32.25 -29.21
C SER D 10 40.08 -33.14 -27.98
N ALA D 11 40.64 -32.62 -26.88
CA ALA D 11 40.64 -33.30 -25.59
C ALA D 11 39.27 -33.34 -24.92
N GLY D 12 38.40 -32.37 -25.23
CA GLY D 12 37.12 -32.23 -24.53
C GLY D 12 36.54 -30.83 -24.66
N PRO D 13 35.31 -30.67 -25.17
CA PRO D 13 34.52 -31.74 -25.78
C PRO D 13 35.18 -32.27 -27.05
N ALA D 14 34.88 -33.52 -27.38
CA ALA D 14 35.64 -34.29 -28.35
C ALA D 14 34.76 -34.81 -29.47
N ALA D 15 35.42 -35.37 -30.49
CA ALA D 15 34.74 -36.01 -31.62
C ALA D 15 33.74 -37.08 -31.17
N VAL D 16 32.67 -37.24 -31.94
CA VAL D 16 31.65 -38.25 -31.68
C VAL D 16 31.40 -38.99 -33.00
N PRO D 17 30.73 -40.16 -32.95
CA PRO D 17 30.50 -40.88 -34.23
C PRO D 17 29.62 -40.07 -35.18
N LEU D 18 30.00 -40.05 -36.45
CA LEU D 18 29.26 -39.31 -37.48
C LEU D 18 27.79 -39.72 -37.54
N GLU D 19 27.51 -41.03 -37.43
CA GLU D 19 26.13 -41.51 -37.56
C GLU D 19 25.23 -41.09 -36.41
N CYS D 20 25.81 -40.84 -35.22
CA CYS D 20 25.03 -40.30 -34.10
C CYS D 20 24.60 -38.86 -34.38
N LEU D 21 25.50 -38.06 -34.93
CA LEU D 21 25.16 -36.70 -35.37
C LEU D 21 24.07 -36.71 -36.45
N GLU D 22 24.19 -37.65 -37.40
CA GLU D 22 23.22 -37.78 -38.48
C GLU D 22 21.85 -38.23 -38.00
N ARG D 23 21.82 -39.20 -37.08
CA ARG D 23 20.57 -39.64 -36.45
C ARG D 23 19.92 -38.54 -35.62
N ALA D 24 20.74 -37.72 -34.95
CA ALA D 24 20.24 -36.57 -34.19
C ALA D 24 19.68 -35.51 -35.13
N ALA D 25 20.42 -35.22 -36.19
CA ALA D 25 19.96 -34.30 -37.23
C ALA D 25 18.59 -34.71 -37.77
N ALA D 26 18.46 -35.97 -38.18
CA ALA D 26 17.23 -36.49 -38.77
C ALA D 26 16.03 -36.61 -37.82
N GLU D 27 16.28 -36.75 -36.52
CA GLU D 27 15.23 -36.86 -35.49
C GLU D 27 14.87 -35.54 -34.82
N MET D 28 15.56 -34.46 -35.18
CA MET D 28 15.53 -33.21 -34.43
C MET D 28 14.14 -32.59 -34.27
N THR D 29 13.31 -32.67 -35.32
CA THR D 29 11.97 -32.07 -35.30
C THR D 29 10.85 -33.04 -34.85
N ASN D 30 11.09 -34.35 -34.95
CA ASN D 30 10.11 -35.35 -34.54
C ASN D 30 10.81 -36.63 -34.02
N TRP D 31 10.79 -36.80 -32.71
CA TRP D 31 11.51 -37.87 -32.02
C TRP D 31 10.52 -38.93 -31.54
N ARG D 32 10.86 -40.21 -31.71
CA ARG D 32 9.97 -41.34 -31.36
C ARG D 32 8.57 -41.25 -32.00
N ASN D 33 8.49 -40.62 -33.18
CA ASN D 33 7.23 -40.30 -33.81
C ASN D 33 6.22 -39.56 -32.89
N SER D 34 6.75 -38.74 -31.98
CA SER D 34 5.92 -38.02 -31.00
C SER D 34 5.37 -36.71 -31.56
N GLY D 35 5.94 -36.24 -32.67
CA GLY D 35 5.67 -34.90 -33.17
C GLY D 35 6.35 -33.80 -32.34
N MET D 36 7.35 -34.19 -31.55
CA MET D 36 8.14 -33.24 -30.74
C MET D 36 9.61 -33.62 -30.87
N SER D 37 10.46 -32.62 -30.67
CA SER D 37 11.88 -32.85 -30.47
C SER D 37 12.06 -33.53 -29.14
N VAL D 38 13.15 -34.28 -28.99
CA VAL D 38 13.58 -34.74 -27.67
C VAL D 38 13.81 -33.56 -26.71
N ILE D 39 14.22 -32.41 -27.26
CA ILE D 39 14.41 -31.14 -26.52
C ILE D 39 13.09 -30.58 -25.92
N GLU D 40 11.95 -30.96 -26.50
CA GLU D 40 10.63 -30.37 -26.19
C GLU D 40 9.69 -31.21 -25.29
N VAL D 41 10.11 -32.44 -24.95
CA VAL D 41 9.23 -33.36 -24.23
C VAL D 41 9.35 -33.24 -22.72
N SER D 42 8.23 -33.44 -22.03
CA SER D 42 8.23 -33.47 -20.58
C SER D 42 9.08 -34.65 -20.08
N HIS D 43 9.85 -34.39 -19.03
CA HIS D 43 10.62 -35.43 -18.35
C HIS D 43 9.76 -36.33 -17.47
N ARG D 44 8.54 -35.87 -17.13
CA ARG D 44 7.52 -36.70 -16.48
C ARG D 44 6.69 -37.54 -17.45
N GLY D 45 6.90 -37.37 -18.76
CA GLY D 45 6.12 -38.06 -19.77
C GLY D 45 6.56 -39.48 -20.02
N LYS D 46 5.81 -40.18 -20.86
CA LYS D 46 6.07 -41.61 -21.14
C LYS D 46 7.33 -41.79 -21.99
N HIS D 47 7.44 -41.00 -23.06
CA HIS D 47 8.55 -41.12 -24.01
C HIS D 47 9.92 -40.90 -23.35
N TRP D 48 10.04 -39.87 -22.51
CA TRP D 48 11.32 -39.59 -21.85
C TRP D 48 11.69 -40.68 -20.84
N MET D 49 10.73 -41.05 -20.00
CA MET D 49 10.95 -42.08 -18.98
C MET D 49 11.37 -43.42 -19.58
N GLU D 50 10.92 -43.72 -20.80
CA GLU D 50 11.43 -44.89 -21.55
C GLU D 50 12.90 -44.70 -21.96
N GLU D 51 13.23 -43.53 -22.52
CA GLU D 51 14.58 -43.23 -23.00
C GLU D 51 15.62 -43.30 -21.88
N GLN D 52 15.32 -42.70 -20.74
CA GLN D 52 16.27 -42.65 -19.62
C GLN D 52 16.47 -44.04 -19.01
N LYS D 53 15.39 -44.80 -18.91
CA LYS D 53 15.46 -46.17 -18.41
C LYS D 53 16.27 -47.07 -19.35
N GLU D 54 16.06 -46.91 -20.66
CA GLU D 54 16.82 -47.62 -21.69
C GLU D 54 18.31 -47.26 -21.67
N ALA D 55 18.61 -45.97 -21.52
CA ALA D 55 20.00 -45.50 -21.45
C ALA D 55 20.74 -46.13 -20.28
N THR D 56 20.07 -46.20 -19.13
CA THR D 56 20.59 -46.80 -17.90
C THR D 56 20.87 -48.31 -18.06
N GLU D 57 19.93 -49.02 -18.67
CA GLU D 57 20.06 -50.46 -18.94
C GLU D 57 21.14 -50.75 -19.99
N ARG D 58 21.11 -49.99 -21.09
CA ARG D 58 22.15 -50.09 -22.13
C ARG D 58 23.55 -49.92 -21.55
N LEU D 59 23.71 -48.94 -20.66
CA LEU D 59 24.99 -48.70 -19.99
C LEU D 59 25.34 -49.81 -19.01
N ARG D 60 24.35 -50.23 -18.22
CA ARG D 60 24.46 -51.37 -17.29
C ARG D 60 25.00 -52.62 -18.00
N THR D 61 24.35 -52.98 -19.11
CA THR D 61 24.71 -54.17 -19.89
C THR D 61 26.04 -54.02 -20.65
N LEU D 62 26.34 -52.80 -21.10
CA LEU D 62 27.58 -52.52 -21.82
C LEU D 62 28.83 -52.66 -20.94
N LEU D 63 28.75 -52.14 -19.72
CA LEU D 63 29.83 -52.21 -18.73
C LEU D 63 29.78 -53.44 -17.82
N GLN D 64 28.65 -54.14 -17.81
CA GLN D 64 28.36 -55.18 -16.81
C GLN D 64 28.53 -54.63 -15.39
N VAL D 65 27.75 -53.61 -15.10
CA VAL D 65 27.69 -53.02 -13.77
C VAL D 65 26.88 -53.97 -12.88
N PRO D 66 27.46 -54.44 -11.76
CA PRO D 66 26.72 -55.38 -10.89
C PRO D 66 25.46 -54.81 -10.22
N GLU D 67 24.58 -55.70 -9.77
CA GLU D 67 23.29 -55.35 -9.15
C GLU D 67 23.41 -54.49 -7.88
N ASN D 68 24.50 -54.65 -7.13
CA ASN D 68 24.77 -53.83 -5.93
C ASN D 68 25.36 -52.43 -6.21
N PHE D 69 25.34 -51.99 -7.48
CA PHE D 69 25.73 -50.63 -7.88
C PHE D 69 24.53 -49.90 -8.51
N ASN D 70 24.31 -48.65 -8.10
CA ASN D 70 23.36 -47.75 -8.75
C ASN D 70 24.03 -47.00 -9.91
N ILE D 71 23.24 -46.67 -10.93
CA ILE D 71 23.71 -45.85 -12.06
C ILE D 71 22.92 -44.54 -12.09
N LEU D 72 23.64 -43.44 -12.14
CA LEU D 72 23.04 -42.10 -12.10
C LEU D 72 23.50 -41.28 -13.31
N PHE D 73 22.56 -40.60 -13.96
CA PHE D 73 22.85 -39.53 -14.92
C PHE D 73 22.53 -38.23 -14.22
N VAL D 74 23.47 -37.29 -14.25
CA VAL D 74 23.45 -36.13 -13.38
C VAL D 74 23.94 -34.88 -14.11
N ALA D 75 23.28 -33.75 -13.87
CA ALA D 75 23.74 -32.46 -14.39
C ALA D 75 25.07 -32.07 -13.74
N GLY D 76 25.91 -31.37 -14.50
CA GLY D 76 27.21 -30.93 -14.04
C GLY D 76 28.34 -31.81 -14.53
N GLY D 77 29.49 -31.19 -14.75
CA GLY D 77 30.68 -31.89 -15.20
C GLY D 77 31.38 -32.58 -14.05
N ALA D 78 32.60 -33.05 -14.34
CA ALA D 78 33.41 -33.74 -13.35
C ALA D 78 33.71 -32.85 -12.14
N SER D 79 33.99 -31.57 -12.40
CA SER D 79 34.37 -30.63 -11.34
C SER D 79 33.30 -30.42 -10.27
N LEU D 80 32.02 -30.53 -10.65
CA LEU D 80 30.92 -30.49 -9.68
C LEU D 80 30.88 -31.77 -8.85
N GLN D 81 31.21 -32.89 -9.47
CA GLN D 81 31.33 -34.17 -8.75
C GLN D 81 32.53 -34.19 -7.77
N PHE D 82 33.61 -33.48 -8.09
CA PHE D 82 34.74 -33.29 -7.14
C PHE D 82 34.26 -32.78 -5.77
N SER D 83 33.29 -31.88 -5.78
CA SER D 83 32.67 -31.36 -4.57
C SER D 83 31.68 -32.33 -3.93
N ALA D 84 30.81 -32.94 -4.76
CA ALA D 84 29.78 -33.88 -4.31
C ALA D 84 30.33 -35.14 -3.60
N ILE D 85 31.47 -35.64 -4.08
CA ILE D 85 32.06 -36.88 -3.56
C ILE D 85 32.33 -36.88 -2.05
N PRO D 86 33.08 -35.89 -1.53
CA PRO D 86 33.29 -35.86 -0.08
C PRO D 86 32.03 -35.55 0.73
N PHE D 87 31.13 -34.71 0.18
CA PHE D 87 29.81 -34.51 0.78
C PHE D 87 29.07 -35.82 1.02
N ASN D 88 29.18 -36.72 0.05
CA ASN D 88 28.43 -37.98 0.06
C ASN D 88 29.13 -39.16 0.72
N PHE D 89 30.45 -39.24 0.60
CA PHE D 89 31.20 -40.46 0.93
C PHE D 89 32.23 -40.37 2.06
N ILE D 90 32.41 -39.20 2.66
CA ILE D 90 33.20 -39.13 3.90
C ILE D 90 32.48 -39.89 5.04
N GLY D 91 31.17 -39.68 5.16
CA GLY D 91 30.39 -40.30 6.24
C GLY D 91 30.86 -39.83 7.60
N GLU D 92 31.08 -40.78 8.51
CA GLU D 92 31.63 -40.50 9.84
C GLU D 92 33.15 -40.65 9.88
N HIS D 93 33.78 -41.06 8.78
CA HIS D 93 35.23 -41.29 8.74
C HIS D 93 36.01 -40.00 8.94
N LYS D 94 37.18 -40.13 9.56
CA LYS D 94 38.02 -39.00 9.95
C LYS D 94 39.14 -38.70 8.96
N ALA D 95 39.21 -39.42 7.85
CA ALA D 95 40.25 -39.18 6.85
C ALA D 95 39.85 -39.61 5.44
N VAL D 96 40.46 -38.98 4.45
CA VAL D 96 40.32 -39.33 3.04
C VAL D 96 41.69 -39.31 2.37
N ASP D 97 41.86 -40.17 1.38
CA ASP D 97 43.12 -40.31 0.64
C ASP D 97 42.97 -39.97 -0.84
N TYR D 98 43.81 -39.08 -1.35
CA TYR D 98 43.83 -38.68 -2.76
C TYR D 98 45.20 -38.95 -3.36
N LEU D 99 45.26 -39.82 -4.36
CA LEU D 99 46.47 -40.03 -5.14
C LEU D 99 46.51 -39.04 -6.29
N CYS D 100 47.38 -38.02 -6.17
CA CYS D 100 47.52 -36.97 -7.17
C CYS D 100 48.60 -37.29 -8.21
N THR D 101 48.20 -37.94 -9.31
CA THR D 101 49.11 -38.28 -10.43
C THR D 101 49.20 -37.20 -11.52
N GLY D 102 48.36 -36.17 -11.43
CA GLY D 102 48.35 -35.11 -12.42
C GLY D 102 47.37 -34.01 -12.07
N THR D 103 47.01 -33.22 -13.09
CA THR D 103 46.22 -32.02 -12.88
C THR D 103 44.81 -32.30 -12.35
N TRP D 104 44.14 -33.29 -12.91
CA TRP D 104 42.73 -33.55 -12.55
C TRP D 104 42.52 -34.18 -11.18
N SER D 105 43.40 -35.10 -10.77
CA SER D 105 43.34 -35.67 -9.41
C SER D 105 43.74 -34.61 -8.37
N LYS D 106 44.71 -33.77 -8.73
CA LYS D 106 45.12 -32.64 -7.89
C LYS D 106 43.99 -31.62 -7.66
N LYS D 107 43.20 -31.32 -8.70
CA LYS D 107 42.05 -30.41 -8.55
C LYS D 107 41.00 -31.00 -7.60
N ALA D 108 40.72 -32.28 -7.74
CA ALA D 108 39.78 -32.99 -6.86
C ALA D 108 40.27 -32.98 -5.39
N PHE D 109 41.59 -33.16 -5.21
CA PHE D 109 42.23 -33.01 -3.90
C PHE D 109 42.13 -31.57 -3.38
N ASP D 110 42.42 -30.59 -4.23
CA ASP D 110 42.29 -29.17 -3.86
C ASP D 110 40.87 -28.80 -3.43
N GLU D 111 39.87 -29.35 -4.11
CA GLU D 111 38.47 -29.03 -3.79
C GLU D 111 38.06 -29.62 -2.44
N CYS D 112 38.42 -30.88 -2.18
CA CYS D 112 38.14 -31.52 -0.90
C CYS D 112 38.85 -30.80 0.27
N LYS D 113 40.06 -30.30 0.02
CA LYS D 113 40.81 -29.55 1.02
C LYS D 113 40.12 -28.23 1.32
N ARG D 114 39.83 -27.45 0.28
CA ARG D 114 39.26 -26.11 0.48
C ARG D 114 37.84 -26.14 1.09
N LEU D 115 37.10 -27.24 0.88
CA LEU D 115 35.80 -27.42 1.54
C LEU D 115 35.96 -27.56 3.06
N ALA D 116 37.04 -28.22 3.49
CA ALA D 116 37.48 -28.22 4.90
C ALA D 116 36.40 -28.73 5.86
N PHE D 117 35.91 -29.94 5.60
CA PHE D 117 34.95 -30.57 6.51
C PHE D 117 35.62 -30.77 7.88
N PRO D 118 34.99 -30.28 8.97
CA PRO D 118 35.59 -30.38 10.31
C PRO D 118 36.05 -31.78 10.69
N GLY D 119 37.24 -31.90 11.26
CA GLY D 119 37.77 -33.16 11.75
C GLY D 119 38.17 -34.22 10.72
N VAL D 120 38.18 -33.86 9.43
CA VAL D 120 38.59 -34.77 8.37
C VAL D 120 39.92 -34.27 7.82
N THR D 121 40.97 -35.09 7.94
CA THR D 121 42.24 -34.78 7.30
C THR D 121 42.17 -35.29 5.86
N VAL D 122 42.52 -34.42 4.91
CA VAL D 122 42.53 -34.78 3.49
C VAL D 122 44.01 -34.91 3.11
N ASN D 123 44.37 -36.13 2.70
CA ASN D 123 45.75 -36.57 2.65
C ASN D 123 46.17 -36.87 1.22
N SER D 124 47.24 -36.22 0.75
CA SER D 124 47.81 -36.47 -0.55
C SER D 124 48.78 -37.64 -0.45
N VAL D 125 48.37 -38.78 -1.00
CA VAL D 125 49.04 -40.07 -0.82
C VAL D 125 50.51 -40.03 -1.24
N ALA D 126 50.76 -39.46 -2.42
CA ALA D 126 52.11 -39.31 -2.97
C ALA D 126 52.54 -37.84 -3.07
N GLY D 127 51.95 -36.96 -2.25
CA GLY D 127 52.16 -35.51 -2.37
C GLY D 127 51.65 -34.91 -3.67
N ASN D 128 52.00 -33.66 -3.91
CA ASN D 128 51.72 -33.00 -5.19
C ASN D 128 52.60 -33.60 -6.28
N PRO D 129 52.05 -33.78 -7.50
CA PRO D 129 52.89 -34.26 -8.58
C PRO D 129 53.82 -33.15 -9.07
N PRO D 130 54.95 -33.51 -9.70
CA PRO D 130 55.83 -32.50 -10.28
C PRO D 130 55.21 -31.85 -11.52
N ALA D 131 55.87 -30.84 -12.06
CA ALA D 131 55.36 -30.12 -13.25
C ALA D 131 55.09 -31.05 -14.43
N ASN D 132 56.07 -31.91 -14.74
CA ASN D 132 55.98 -32.85 -15.85
C ASN D 132 56.29 -34.27 -15.37
N PRO D 133 55.28 -34.96 -14.80
CA PRO D 133 55.50 -36.32 -14.30
C PRO D 133 55.70 -37.34 -15.42
N VAL D 134 56.57 -38.33 -15.16
CA VAL D 134 56.90 -39.40 -16.12
C VAL D 134 56.31 -40.77 -15.73
N GLU D 135 55.67 -40.84 -14.56
CA GLU D 135 55.21 -42.11 -14.00
C GLU D 135 54.24 -41.88 -12.85
N VAL D 136 53.64 -42.96 -12.36
CA VAL D 136 52.92 -42.96 -11.09
C VAL D 136 53.91 -43.35 -9.98
N PRO D 137 54.09 -42.50 -8.95
CA PRO D 137 54.95 -42.84 -7.82
C PRO D 137 54.76 -44.27 -7.29
N ALA D 138 55.86 -44.92 -6.95
CA ALA D 138 55.87 -46.34 -6.57
C ALA D 138 54.95 -46.64 -5.38
N ARG D 139 54.34 -47.82 -5.42
CA ARG D 139 53.36 -48.24 -4.42
C ARG D 139 53.86 -48.19 -2.97
N ASP D 140 55.16 -48.45 -2.78
CA ASP D 140 55.76 -48.46 -1.44
C ASP D 140 55.93 -47.07 -0.82
N THR D 141 55.93 -46.03 -1.64
CA THR D 141 56.04 -44.64 -1.18
C THR D 141 54.70 -44.01 -0.75
N TRP D 142 53.59 -44.72 -1.00
CA TRP D 142 52.23 -44.20 -0.75
C TRP D 142 51.91 -44.11 0.75
N LYS D 143 51.57 -42.90 1.21
CA LYS D 143 51.15 -42.65 2.60
C LYS D 143 49.62 -42.73 2.72
N LEU D 144 49.13 -43.84 3.27
CA LEU D 144 47.69 -44.10 3.43
C LEU D 144 47.23 -43.84 4.87
N SER D 145 46.00 -43.33 5.00
CA SER D 145 45.45 -42.90 6.29
C SER D 145 44.70 -44.03 6.98
N GLU D 146 44.56 -43.90 8.30
CA GLU D 146 44.01 -44.96 9.14
C GLU D 146 42.53 -45.21 8.87
N ASP D 147 41.74 -44.15 9.00
CA ASP D 147 40.27 -44.25 8.90
C ASP D 147 39.82 -43.72 7.54
N ALA D 148 40.31 -44.33 6.48
CA ALA D 148 40.09 -43.83 5.12
C ALA D 148 38.65 -44.07 4.64
N ALA D 149 37.92 -42.98 4.42
CA ALA D 149 36.60 -43.04 3.79
C ALA D 149 36.68 -43.66 2.38
N TYR D 150 37.71 -43.26 1.65
CA TYR D 150 37.96 -43.78 0.31
C TYR D 150 39.39 -43.51 -0.13
N PHE D 151 39.76 -44.12 -1.26
CA PHE D 151 41.00 -43.83 -1.95
C PHE D 151 40.65 -43.25 -3.32
N TYR D 152 40.80 -41.93 -3.46
CA TYR D 152 40.48 -41.25 -4.70
C TYR D 152 41.70 -41.23 -5.63
N TYR D 153 41.48 -41.55 -6.91
CA TYR D 153 42.48 -41.33 -7.95
C TYR D 153 41.82 -41.14 -9.33
N CYS D 154 42.61 -40.70 -10.29
CA CYS D 154 42.16 -40.50 -11.67
C CYS D 154 42.77 -41.58 -12.58
N ASP D 155 41.91 -42.40 -13.17
CA ASP D 155 42.36 -43.56 -13.98
C ASP D 155 43.15 -43.15 -15.22
N ASN D 156 42.86 -41.97 -15.75
CA ASN D 156 43.54 -41.44 -16.94
C ASN D 156 43.69 -39.92 -16.85
N GLU D 157 44.92 -39.46 -16.62
CA GLU D 157 45.22 -38.02 -16.57
C GLU D 157 45.42 -37.49 -17.99
N THR D 158 44.54 -36.56 -18.36
CA THR D 158 44.39 -36.10 -19.75
C THR D 158 45.51 -35.16 -20.22
N ILE D 159 45.96 -34.27 -19.34
CA ILE D 159 46.99 -33.30 -19.66
C ILE D 159 48.38 -33.94 -19.62
N GLN D 160 48.60 -34.84 -18.66
CA GLN D 160 49.88 -35.55 -18.52
C GLN D 160 50.02 -36.76 -19.45
N GLY D 161 48.92 -37.47 -19.67
CA GLY D 161 48.90 -38.67 -20.52
C GLY D 161 49.28 -39.93 -19.75
N ILE D 162 48.90 -39.97 -18.48
CA ILE D 162 49.26 -41.05 -17.56
C ILE D 162 48.00 -41.85 -17.25
N GLU D 163 48.03 -43.15 -17.56
CA GLU D 163 46.90 -44.06 -17.35
C GLU D 163 47.32 -45.30 -16.58
N PHE D 164 46.40 -45.83 -15.78
CA PHE D 164 46.60 -47.08 -15.04
C PHE D 164 46.23 -48.27 -15.91
N GLN D 165 47.07 -49.30 -15.93
CA GLN D 165 46.73 -50.57 -16.60
C GLN D 165 45.74 -51.40 -15.80
N GLN D 166 45.76 -51.24 -14.48
CA GLN D 166 44.76 -51.84 -13.59
C GLN D 166 44.59 -51.02 -12.32
N PHE D 167 43.55 -51.33 -11.57
CA PHE D 167 43.19 -50.58 -10.38
C PHE D 167 44.23 -50.80 -9.27
N PRO D 168 44.57 -49.73 -8.50
CA PRO D 168 45.43 -49.89 -7.32
C PRO D 168 44.84 -50.82 -6.26
N ASP D 169 45.73 -51.51 -5.53
CA ASP D 169 45.35 -52.40 -4.44
C ASP D 169 45.53 -51.65 -3.12
N VAL D 170 44.41 -51.29 -2.51
CA VAL D 170 44.38 -50.49 -1.26
C VAL D 170 43.19 -50.94 -0.41
N PRO D 171 43.29 -50.80 0.93
CA PRO D 171 42.16 -51.23 1.78
C PRO D 171 40.87 -50.43 1.59
N ALA D 172 40.97 -49.12 1.37
CA ALA D 172 39.80 -48.26 1.23
C ALA D 172 39.07 -48.46 -0.10
N PRO D 173 37.74 -48.24 -0.13
CA PRO D 173 37.04 -48.30 -1.41
C PRO D 173 37.54 -47.23 -2.37
N LEU D 174 37.77 -47.61 -3.62
CA LEU D 174 38.25 -46.67 -4.63
C LEU D 174 37.13 -45.72 -5.07
N ILE D 175 37.49 -44.44 -5.26
CA ILE D 175 36.67 -43.50 -6.02
C ILE D 175 37.53 -43.05 -7.21
N ILE D 176 36.99 -43.22 -8.42
CA ILE D 176 37.80 -43.12 -9.64
C ILE D 176 37.22 -42.12 -10.63
N ASP D 177 37.98 -41.07 -10.96
CA ASP D 177 37.67 -40.20 -12.09
C ASP D 177 38.05 -40.90 -13.39
N MET D 178 37.05 -41.35 -14.13
CA MET D 178 37.22 -41.97 -15.44
C MET D 178 36.75 -41.09 -16.60
N SER D 179 36.75 -39.77 -16.39
CA SER D 179 36.22 -38.83 -17.40
C SER D 179 36.80 -39.07 -18.80
N SER D 180 38.13 -39.15 -18.90
CA SER D 180 38.80 -39.28 -20.20
C SER D 180 38.96 -40.72 -20.72
N ASN D 181 38.51 -41.73 -19.98
CA ASN D 181 38.54 -43.11 -20.50
C ASN D 181 37.29 -43.96 -20.28
N PHE D 182 36.17 -43.35 -19.88
CA PHE D 182 34.94 -44.10 -19.61
C PHE D 182 34.45 -44.76 -20.90
N LEU D 183 34.16 -46.06 -20.82
CA LEU D 183 33.74 -46.90 -21.96
C LEU D 183 34.81 -47.08 -23.05
N SER D 184 36.09 -46.87 -22.70
CA SER D 184 37.20 -47.14 -23.60
C SER D 184 37.77 -48.56 -23.42
N ARG D 185 37.35 -49.23 -22.35
CA ARG D 185 37.74 -50.63 -22.07
C ARG D 185 36.80 -51.17 -20.99
N PRO D 186 36.78 -52.51 -20.78
CA PRO D 186 35.96 -53.04 -19.69
C PRO D 186 36.51 -52.71 -18.30
N ILE D 187 35.69 -52.96 -17.28
CA ILE D 187 36.07 -52.81 -15.88
C ILE D 187 35.78 -54.15 -15.21
N THR D 188 36.81 -54.79 -14.65
CA THR D 188 36.69 -56.14 -14.10
C THR D 188 36.61 -56.20 -12.57
N GLN D 189 37.35 -55.33 -11.87
CA GLN D 189 37.53 -55.44 -10.41
C GLN D 189 36.53 -54.57 -9.64
N TRP D 190 35.25 -54.93 -9.75
CA TRP D 190 34.16 -54.15 -9.15
C TRP D 190 34.12 -54.19 -7.62
N GLU D 191 34.63 -55.28 -7.03
CA GLU D 191 34.69 -55.42 -5.56
C GLU D 191 35.49 -54.30 -4.86
N LYS D 192 36.52 -53.78 -5.52
CA LYS D 192 37.35 -52.69 -4.98
C LYS D 192 36.74 -51.28 -5.10
N VAL D 193 35.66 -51.14 -5.88
CA VAL D 193 35.11 -49.83 -6.27
C VAL D 193 34.02 -49.34 -5.31
N GLY D 194 34.23 -48.15 -4.76
CA GLY D 194 33.18 -47.42 -4.04
C GLY D 194 32.38 -46.53 -4.98
N CYS D 195 33.08 -45.79 -5.85
CA CYS D 195 32.43 -44.94 -6.84
C CYS D 195 33.28 -44.74 -8.08
N ILE D 196 32.64 -44.78 -9.25
CA ILE D 196 33.26 -44.37 -10.51
C ILE D 196 32.41 -43.21 -11.05
N PHE D 197 33.06 -42.25 -11.71
CA PHE D 197 32.32 -41.19 -12.41
C PHE D 197 33.05 -40.63 -13.63
N ALA D 198 32.29 -40.07 -14.54
CA ALA D 198 32.82 -39.48 -15.76
C ALA D 198 31.89 -38.41 -16.28
N CYS D 199 32.44 -37.25 -16.61
CA CYS D 199 31.74 -36.25 -17.42
C CYS D 199 31.57 -36.82 -18.83
N ALA D 200 30.52 -36.38 -19.51
CA ALA D 200 30.12 -36.98 -20.81
C ALA D 200 30.98 -36.58 -22.02
N GLN D 201 31.59 -35.39 -21.98
CA GLN D 201 32.15 -34.75 -23.19
C GLN D 201 33.46 -35.31 -23.77
N ASN D 203 34.08 -39.17 -24.03
CA ASN D 203 33.78 -40.44 -24.70
C ASN D 203 32.29 -40.77 -24.91
N PHE D 204 31.37 -39.94 -24.40
CA PHE D 204 29.92 -40.16 -24.65
C PHE D 204 29.06 -38.88 -24.78
N GLY D 205 29.59 -37.89 -25.51
CA GLY D 205 28.78 -36.79 -26.06
C GLY D 205 28.93 -35.37 -25.49
N LEU D 206 27.93 -34.94 -24.72
CA LEU D 206 27.75 -33.53 -24.39
C LEU D 206 28.35 -33.07 -23.06
N ALA D 207 28.89 -31.86 -23.06
CA ALA D 207 29.35 -31.21 -21.84
C ALA D 207 28.18 -30.87 -20.93
N GLY D 208 28.45 -30.83 -19.62
CA GLY D 208 27.46 -30.44 -18.62
C GLY D 208 26.69 -31.59 -17.98
N MET D 209 27.09 -32.82 -18.27
CA MET D 209 26.47 -34.00 -17.69
C MET D 209 27.55 -35.00 -17.32
N SER D 210 27.33 -35.68 -16.20
CA SER D 210 28.21 -36.75 -15.74
C SER D 210 27.41 -38.01 -15.48
N VAL D 211 28.08 -39.15 -15.64
CA VAL D 211 27.62 -40.43 -15.12
C VAL D 211 28.32 -40.66 -13.79
N VAL D 212 27.56 -41.11 -12.79
CA VAL D 212 28.11 -41.46 -11.48
C VAL D 212 27.57 -42.83 -11.11
N ILE D 213 28.48 -43.78 -10.86
CA ILE D 213 28.14 -45.15 -10.49
C ILE D 213 28.63 -45.40 -9.07
N ILE D 214 27.74 -45.89 -8.21
CA ILE D 214 27.94 -45.90 -6.75
C ILE D 214 27.57 -47.25 -6.18
N ARG D 215 28.45 -47.83 -5.36
CA ARG D 215 28.14 -49.09 -4.67
C ARG D 215 27.13 -48.80 -3.56
N LYS D 216 26.11 -49.65 -3.43
CA LYS D 216 24.95 -49.36 -2.57
C LYS D 216 25.28 -49.09 -1.10
N ASP D 217 26.27 -49.80 -0.57
CA ASP D 217 26.73 -49.58 0.81
C ASP D 217 27.34 -48.19 1.03
N MET D 218 27.91 -47.59 -0.01
CA MET D 218 28.47 -46.23 0.06
C MET D 218 27.40 -45.15 0.28
N LEU D 219 26.17 -45.41 -0.17
CA LEU D 219 25.04 -44.48 0.05
C LEU D 219 24.36 -44.61 1.42
N GLU D 220 24.61 -45.70 2.15
CA GLU D 220 24.15 -45.81 3.55
C GLU D 220 24.85 -44.81 4.48
N ARG D 221 26.02 -44.31 4.08
CA ARG D 221 26.77 -43.32 4.87
C ARG D 221 26.02 -41.98 4.97
N PRO D 222 26.15 -41.26 6.11
CA PRO D 222 25.42 -40.00 6.27
C PRO D 222 26.03 -38.85 5.46
N VAL D 223 25.17 -38.03 4.87
CA VAL D 223 25.61 -36.88 4.08
C VAL D 223 26.15 -35.83 5.04
N LYS D 224 27.24 -35.18 4.67
CA LYS D 224 27.78 -34.06 5.47
C LYS D 224 26.80 -32.87 5.46
N PRO D 225 26.90 -31.96 6.45
CA PRO D 225 26.04 -30.77 6.45
C PRO D 225 26.27 -29.84 5.26
N PHE D 226 25.24 -29.09 4.89
CA PHE D 226 25.27 -28.08 3.80
C PHE D 226 25.43 -28.65 2.39
N CYS D 227 25.12 -29.92 2.18
CA CYS D 227 25.12 -30.47 0.82
C CYS D 227 23.91 -29.95 0.07
N PRO D 228 24.11 -29.35 -1.14
CA PRO D 228 22.96 -28.99 -1.99
C PRO D 228 22.09 -30.20 -2.29
N ILE D 229 20.78 -30.07 -2.13
CA ILE D 229 19.91 -31.27 -2.16
C ILE D 229 20.05 -32.11 -3.45
N THR D 230 20.19 -31.46 -4.60
CA THR D 230 20.42 -32.17 -5.87
C THR D 230 21.81 -32.82 -5.99
N MET D 231 22.77 -32.40 -5.16
CA MET D 231 24.08 -33.08 -5.08
C MET D 231 24.13 -34.26 -4.09
N ASP D 232 23.02 -34.51 -3.39
CA ASP D 232 22.88 -35.69 -2.55
C ASP D 232 22.51 -36.87 -3.45
N TYR D 233 23.46 -37.78 -3.64
CA TYR D 233 23.27 -38.91 -4.54
C TYR D 233 22.16 -39.89 -4.11
N ARG D 234 21.86 -39.94 -2.80
CA ARG D 234 20.72 -40.72 -2.28
C ARG D 234 19.40 -40.14 -2.78
N ILE D 235 19.30 -38.82 -2.78
CA ILE D 235 18.10 -38.13 -3.28
C ILE D 235 17.93 -38.38 -4.78
N GLN D 236 19.04 -38.44 -5.52
CA GLN D 236 19.00 -38.73 -6.95
C GLN D 236 18.50 -40.15 -7.22
N VAL D 237 19.11 -41.14 -6.56
CA VAL D 237 18.70 -42.53 -6.68
C VAL D 237 17.22 -42.70 -6.30
N LYS D 238 16.81 -42.09 -5.19
CA LYS D 238 15.41 -42.18 -4.72
C LYS D 238 14.40 -41.64 -5.74
N ASN D 239 14.78 -40.58 -6.45
CA ASN D 239 13.90 -39.94 -7.45
C ASN D 239 14.21 -40.31 -8.91
N ASN D 240 14.97 -41.39 -9.11
CA ASN D 240 15.25 -41.94 -10.47
C ASN D 240 16.06 -40.96 -11.35
N CYS D 241 16.93 -40.16 -10.72
CA CYS D 241 17.64 -39.04 -11.34
C CYS D 241 16.72 -38.00 -12.00
N MET D 242 15.56 -37.80 -11.39
CA MET D 242 14.57 -36.81 -11.81
C MET D 242 13.90 -36.19 -10.59
N TYR D 243 14.71 -35.89 -9.57
CA TYR D 243 14.25 -35.04 -8.47
C TYR D 243 13.80 -33.70 -9.07
N ASN D 244 14.63 -33.17 -9.96
CA ASN D 244 14.30 -32.04 -10.83
C ASN D 244 14.50 -32.47 -12.28
N THR D 245 14.39 -31.54 -13.22
CA THR D 245 14.53 -31.83 -14.66
C THR D 245 15.96 -32.25 -15.01
N PRO D 246 16.13 -33.47 -15.59
CA PRO D 246 17.46 -33.95 -15.93
C PRO D 246 17.92 -33.39 -17.28
N PRO D 247 19.24 -33.43 -17.54
CA PRO D 247 19.79 -32.94 -18.82
C PRO D 247 19.44 -33.88 -19.99
N THR D 248 18.19 -33.78 -20.47
CA THR D 248 17.61 -34.77 -21.37
C THR D 248 18.32 -34.97 -22.72
N PHE D 249 18.75 -33.91 -23.38
CA PHE D 249 19.49 -34.07 -24.64
C PHE D 249 20.81 -34.79 -24.43
N ALA D 250 21.49 -34.45 -23.34
CA ALA D 250 22.76 -35.10 -22.98
C ALA D 250 22.60 -36.62 -22.84
N ILE D 251 21.56 -37.03 -22.11
CA ILE D 251 21.29 -38.45 -21.84
C ILE D 251 20.85 -39.18 -23.11
N TYR D 252 19.94 -38.56 -23.87
CA TYR D 252 19.52 -39.03 -25.20
C TYR D 252 20.69 -39.22 -26.18
N PHE D 253 21.61 -38.26 -26.23
CA PHE D 253 22.73 -38.36 -27.14
C PHE D 253 23.75 -39.39 -26.67
N ALA D 254 23.96 -39.45 -25.35
CA ALA D 254 24.78 -40.50 -24.75
C ALA D 254 24.25 -41.88 -25.13
N ASN D 255 22.92 -42.01 -25.12
CA ASN D 255 22.28 -43.27 -25.44
C ASN D 255 22.56 -43.71 -26.88
N HIS D 256 22.54 -42.76 -27.82
CA HIS D 256 22.95 -43.02 -29.22
C HIS D 256 24.40 -43.53 -29.32
N ILE D 257 25.28 -42.98 -28.50
CA ILE D 257 26.69 -43.38 -28.47
C ILE D 257 26.86 -44.77 -27.87
N PHE D 258 26.11 -45.08 -26.80
CA PHE D 258 26.12 -46.43 -26.20
C PHE D 258 25.71 -47.50 -27.22
N LYS D 259 24.67 -47.22 -28.01
CA LYS D 259 24.26 -48.14 -29.09
C LYS D 259 25.37 -48.31 -30.11
N TRP D 260 25.99 -47.21 -30.50
CA TRP D 260 27.12 -47.25 -31.44
C TRP D 260 28.29 -48.10 -30.93
N ILE D 261 28.61 -48.00 -29.63
CA ILE D 261 29.69 -48.81 -29.05
C ILE D 261 29.33 -50.30 -29.11
N GLU D 262 28.08 -50.64 -28.82
CA GLU D 262 27.57 -52.02 -28.98
C GLU D 262 27.65 -52.52 -30.42
N GLU D 263 27.37 -51.64 -31.38
CA GLU D 263 27.51 -51.98 -32.82
C GLU D 263 28.96 -52.24 -33.23
N LYS D 264 29.90 -51.55 -32.60
CA LYS D 264 31.34 -51.78 -32.85
C LYS D 264 31.93 -52.99 -32.11
N GLY D 265 31.12 -53.74 -31.36
CA GLY D 265 31.55 -54.98 -30.72
C GLY D 265 31.65 -54.93 -29.21
N GLY D 266 31.69 -53.72 -28.64
CA GLY D 266 31.74 -53.53 -27.19
C GLY D 266 33.08 -53.01 -26.69
N LEU D 267 33.26 -53.10 -25.38
CA LEU D 267 34.38 -52.43 -24.70
C LEU D 267 35.73 -53.09 -24.96
N ALA D 268 35.74 -54.42 -25.11
CA ALA D 268 36.95 -55.15 -25.54
C ALA D 268 37.41 -54.71 -26.93
N ALA D 269 36.45 -54.57 -27.85
CA ALA D 269 36.74 -54.04 -29.20
C ALA D 269 37.22 -52.59 -29.16
N MET D 270 36.58 -51.75 -28.33
CA MET D 270 37.03 -50.37 -28.11
C MET D 270 38.48 -50.35 -27.62
N ASP D 271 38.77 -51.17 -26.61
CA ASP D 271 40.12 -51.28 -26.04
C ASP D 271 41.18 -51.67 -27.08
N ALA D 272 40.85 -52.64 -27.93
CA ALA D 272 41.75 -53.12 -28.99
C ALA D 272 42.05 -52.06 -30.05
N LEU D 273 40.99 -51.38 -30.52
CA LEU D 273 41.14 -50.29 -31.50
C LEU D 273 41.88 -49.10 -30.91
N ASN D 274 41.59 -48.77 -29.66
CA ASN D 274 42.28 -47.68 -28.97
C ASN D 274 43.76 -47.98 -28.74
N LYS D 275 44.09 -49.23 -28.40
CA LYS D 275 45.48 -49.68 -28.28
C LYS D 275 46.21 -49.58 -29.63
N GLU D 276 45.59 -50.11 -30.68
CA GLU D 276 46.13 -50.02 -32.04
C GLU D 276 46.33 -48.57 -32.48
N LYS D 277 45.33 -47.73 -32.20
CA LYS D 277 45.41 -46.30 -32.51
C LYS D 277 46.55 -45.59 -31.76
N ALA D 278 46.69 -45.89 -30.46
CA ALA D 278 47.73 -45.29 -29.62
C ALA D 278 49.15 -45.74 -30.00
N LYS D 279 49.30 -47.04 -30.24
CA LYS D 279 50.59 -47.64 -30.66
C LYS D 279 51.23 -46.89 -31.83
N LYS D 280 50.42 -46.54 -32.83
CA LYS D 280 50.92 -45.87 -34.03
C LYS D 280 51.33 -44.41 -33.77
N VAL D 281 50.61 -43.73 -32.88
CA VAL D 281 50.90 -42.34 -32.53
C VAL D 281 52.22 -42.24 -31.73
N TYR D 282 52.38 -43.14 -30.76
CA TYR D 282 53.59 -43.16 -29.91
C TYR D 282 54.86 -43.44 -30.73
N GLU D 283 54.76 -44.31 -31.73
CA GLU D 283 55.87 -44.60 -32.63
C GLU D 283 56.23 -43.39 -33.51
N ALA D 284 55.22 -42.62 -33.92
CA ALA D 284 55.46 -41.38 -34.66
C ALA D 284 56.20 -40.33 -33.81
N ILE D 285 55.82 -40.24 -32.54
CA ILE D 285 56.51 -39.38 -31.57
C ILE D 285 57.94 -39.86 -31.29
N ASP D 286 58.07 -41.13 -30.93
CA ASP D 286 59.38 -41.70 -30.53
C ASP D 286 60.42 -41.71 -31.66
N SER D 287 60.02 -42.16 -32.85
CA SER D 287 60.92 -42.25 -34.01
C SER D 287 61.38 -40.90 -34.52
N ASN D 288 60.46 -39.94 -34.61
CA ASN D 288 60.79 -38.59 -35.07
C ASN D 288 61.63 -37.87 -34.03
N PRO D 289 62.78 -37.29 -34.44
CA PRO D 289 63.63 -36.53 -33.52
C PRO D 289 63.05 -35.15 -33.16
N ASN D 290 62.06 -34.68 -33.91
CA ASN D 290 61.40 -33.40 -33.63
C ASN D 290 60.43 -33.46 -32.44
N PHE D 291 59.98 -34.67 -32.07
CA PHE D 291 58.94 -34.87 -31.04
C PHE D 291 59.40 -35.77 -29.88
N VAL D 292 58.90 -35.46 -28.68
CA VAL D 292 59.28 -36.16 -27.45
C VAL D 292 58.05 -36.39 -26.54
N ASN D 293 57.87 -37.63 -26.11
CA ASN D 293 56.95 -37.99 -25.02
C ASN D 293 57.75 -38.77 -23.98
N ARG D 294 57.85 -38.22 -22.77
CA ARG D 294 58.71 -38.78 -21.71
C ARG D 294 57.97 -39.70 -20.71
N ILE D 295 56.74 -40.10 -21.03
CA ILE D 295 55.96 -40.98 -20.16
C ILE D 295 56.45 -42.42 -20.38
N LYS D 296 56.69 -43.15 -19.28
CA LYS D 296 57.12 -44.55 -19.35
C LYS D 296 56.00 -45.43 -19.91
N PRO D 297 56.34 -46.48 -20.70
CA PRO D 297 55.33 -47.25 -21.44
C PRO D 297 54.30 -48.01 -20.59
N GLU D 298 54.65 -48.33 -19.34
CA GLU D 298 53.70 -48.95 -18.40
C GLU D 298 52.54 -48.00 -18.05
N TRP D 299 52.81 -46.70 -18.04
CA TRP D 299 51.82 -45.69 -17.65
C TRP D 299 51.30 -44.87 -18.83
N ARG D 300 51.62 -45.25 -20.06
CA ARG D 300 51.22 -44.46 -21.23
C ARG D 300 49.72 -44.61 -21.53
N SER D 301 49.03 -43.47 -21.65
CA SER D 301 47.60 -43.44 -21.90
C SER D 301 47.30 -43.83 -23.35
N ARG D 302 46.25 -44.64 -23.52
CA ARG D 302 45.75 -44.99 -24.86
C ARG D 302 44.91 -43.84 -25.44
N MET D 303 44.33 -43.01 -24.58
CA MET D 303 43.37 -41.98 -24.98
C MET D 303 44.04 -40.66 -25.33
N ASN D 304 44.98 -40.21 -24.50
CA ASN D 304 45.61 -38.90 -24.62
C ASN D 304 47.12 -39.01 -24.75
N MET D 305 47.66 -38.49 -25.85
CA MET D 305 49.07 -38.67 -26.22
C MET D 305 49.72 -37.30 -26.36
N PRO D 306 50.20 -36.72 -25.25
CA PRO D 306 50.93 -35.45 -25.35
C PRO D 306 52.33 -35.66 -25.92
N PHE D 307 52.84 -34.62 -26.58
CA PHE D 307 54.23 -34.60 -27.05
C PHE D 307 54.69 -33.17 -27.31
N PHE D 308 56.00 -32.96 -27.18
CA PHE D 308 56.60 -31.62 -27.16
C PHE D 308 57.80 -31.54 -28.08
N ARG D 309 58.29 -30.32 -28.29
CA ARG D 309 59.61 -30.10 -28.87
C ARG D 309 60.68 -30.62 -27.89
N PRO D 310 61.89 -30.97 -28.38
CA PRO D 310 62.91 -31.62 -27.52
C PRO D 310 63.18 -30.92 -26.18
N ASP D 311 63.55 -29.64 -26.21
CA ASP D 311 63.66 -28.81 -25.00
C ASP D 311 62.35 -28.02 -24.80
N GLY D 312 61.22 -28.73 -24.83
CA GLY D 312 59.88 -28.12 -24.82
C GLY D 312 59.13 -28.27 -23.51
N TYR D 313 59.33 -29.41 -22.83
CA TYR D 313 58.80 -29.62 -21.48
C TYR D 313 59.45 -28.67 -20.47
N GLU D 314 60.75 -28.42 -20.64
CA GLU D 314 61.50 -27.47 -19.80
C GLU D 314 61.37 -26.03 -20.31
N ASN D 315 61.66 -25.81 -21.59
CA ASN D 315 61.69 -24.45 -22.20
C ASN D 315 60.48 -24.18 -23.10
N LYS D 316 59.56 -23.35 -22.60
CA LYS D 316 58.33 -23.02 -23.35
C LYS D 316 58.62 -21.99 -24.44
N ASP D 317 57.90 -22.10 -25.56
CA ASP D 317 57.96 -21.14 -26.66
C ASP D 317 56.61 -21.11 -27.38
N LEU D 318 55.85 -20.04 -27.15
CA LEU D 318 54.51 -19.89 -27.74
C LEU D 318 54.55 -19.84 -29.28
N ASP D 319 55.62 -19.26 -29.82
CA ASP D 319 55.83 -19.17 -31.28
C ASP D 319 56.22 -20.52 -31.89
N ALA D 320 57.16 -21.21 -31.25
CA ALA D 320 57.67 -22.50 -31.73
C ALA D 320 56.57 -23.55 -31.89
N ASP D 321 55.73 -23.69 -30.88
CA ASP D 321 54.61 -24.64 -30.91
C ASP D 321 53.53 -24.25 -31.92
N ALA D 322 53.24 -22.95 -32.01
CA ALA D 322 52.25 -22.41 -32.96
C ALA D 322 52.52 -22.78 -34.42
N LYS D 323 53.80 -22.92 -34.79
CA LYS D 323 54.19 -23.27 -36.16
C LYS D 323 53.68 -24.65 -36.57
N PHE D 324 54.00 -25.66 -35.77
CA PHE D 324 53.58 -27.04 -36.06
C PHE D 324 52.06 -27.23 -35.96
N VAL D 325 51.44 -26.54 -35.00
CA VAL D 325 49.99 -26.62 -34.81
C VAL D 325 49.27 -26.08 -36.06
N ASN D 326 49.73 -24.93 -36.55
CA ASN D 326 49.17 -24.33 -37.76
C ASN D 326 49.35 -25.23 -38.97
N PHE D 327 50.55 -25.82 -39.09
CA PHE D 327 50.86 -26.84 -40.10
C PHE D 327 49.83 -27.97 -40.11
N CYS D 328 49.44 -28.42 -38.93
CA CYS D 328 48.40 -29.43 -38.77
C CYS D 328 46.99 -28.94 -39.12
N THR D 329 46.62 -27.72 -38.70
CA THR D 329 45.26 -27.19 -38.97
C THR D 329 45.01 -26.94 -40.46
N GLN D 330 46.03 -26.42 -41.15
CA GLN D 330 46.02 -26.30 -42.62
C GLN D 330 45.85 -27.66 -43.34
N ARG D 331 46.31 -28.74 -42.71
CA ARG D 331 46.09 -30.11 -43.20
C ARG D 331 44.81 -30.79 -42.63
N LYS D 332 43.87 -30.00 -42.09
CA LYS D 332 42.64 -30.50 -41.46
C LYS D 332 42.86 -31.49 -40.30
N LEU D 333 43.93 -31.28 -39.54
CA LEU D 333 44.19 -32.00 -38.29
C LEU D 333 44.02 -30.98 -37.17
N LEU D 334 42.79 -30.87 -36.63
CA LEU D 334 42.43 -29.76 -35.74
C LEU D 334 42.60 -30.08 -34.25
N THR D 335 42.86 -29.04 -33.47
CA THR D 335 42.89 -29.08 -32.00
C THR D 335 44.02 -29.99 -31.47
N LEU D 336 45.23 -29.76 -31.97
CA LEU D 336 46.40 -30.55 -31.58
C LEU D 336 47.31 -29.85 -30.59
N LYS D 337 47.21 -28.52 -30.44
CA LYS D 337 47.95 -27.83 -29.39
C LYS D 337 47.50 -28.34 -28.03
N GLY D 338 48.45 -28.46 -27.11
CA GLY D 338 48.20 -29.07 -25.80
C GLY D 338 47.47 -28.14 -24.85
N HIS D 339 47.35 -28.60 -23.60
CA HIS D 339 46.74 -27.80 -22.54
C HIS D 339 47.68 -26.63 -22.20
N VAL D 340 47.10 -25.46 -21.91
CA VAL D 340 47.86 -24.22 -21.73
C VAL D 340 48.89 -24.29 -20.57
N SER D 341 48.59 -25.10 -19.54
CA SER D 341 49.51 -25.31 -18.41
C SER D 341 50.90 -25.81 -18.84
N VAL D 342 50.91 -26.73 -19.81
CA VAL D 342 52.17 -27.29 -20.36
C VAL D 342 52.51 -26.85 -21.80
N GLY D 343 51.52 -26.35 -22.53
CA GLY D 343 51.70 -26.01 -23.94
C GLY D 343 51.99 -27.25 -24.78
N GLY D 344 52.80 -27.08 -25.82
CA GLY D 344 53.22 -28.20 -26.65
C GLY D 344 52.08 -28.75 -27.49
N PHE D 345 52.07 -30.07 -27.68
CA PHE D 345 51.13 -30.74 -28.57
C PHE D 345 50.47 -31.92 -27.86
N ARG D 346 49.25 -32.26 -28.26
CA ARG D 346 48.50 -33.38 -27.65
C ARG D 346 47.51 -33.99 -28.65
N ALA D 347 47.63 -35.29 -28.87
CA ALA D 347 46.69 -36.06 -29.67
C ALA D 347 45.75 -36.81 -28.75
N SER D 348 44.49 -36.39 -28.73
CA SER D 348 43.44 -37.09 -28.00
C SER D 348 42.66 -37.96 -28.98
N CYS D 349 42.61 -39.27 -28.69
CA CYS D 349 41.96 -40.26 -29.55
C CYS D 349 41.03 -41.14 -28.73
N TYR D 350 39.76 -40.75 -28.64
CA TYR D 350 38.75 -41.50 -27.90
C TYR D 350 38.09 -42.53 -28.81
N ASN D 351 37.04 -43.21 -28.34
CA ASN D 351 36.34 -44.23 -29.13
C ASN D 351 35.99 -43.77 -30.55
N ALA D 352 35.49 -42.54 -30.67
CA ALA D 352 34.97 -42.02 -31.92
C ALA D 352 36.05 -41.57 -32.92
N CYS D 353 37.30 -41.42 -32.47
CA CYS D 353 38.40 -41.05 -33.33
C CYS D 353 38.72 -42.20 -34.29
N PRO D 354 38.54 -41.98 -35.61
CA PRO D 354 38.79 -43.08 -36.57
C PRO D 354 40.27 -43.34 -36.80
N MET D 355 40.61 -44.55 -37.24
CA MET D 355 41.98 -44.89 -37.62
C MET D 355 42.45 -44.02 -38.78
N GLU D 356 41.53 -43.67 -39.66
CA GLU D 356 41.78 -42.74 -40.77
C GLU D 356 42.39 -41.40 -40.29
N ALA D 357 41.94 -40.92 -39.14
CA ALA D 357 42.50 -39.71 -38.52
C ALA D 357 43.93 -39.94 -38.02
N VAL D 358 44.15 -41.05 -37.33
CA VAL D 358 45.48 -41.40 -36.79
C VAL D 358 46.55 -41.50 -37.89
N ASP D 359 46.16 -42.08 -39.03
CA ASP D 359 47.05 -42.20 -40.20
C ASP D 359 47.41 -40.85 -40.81
N ALA D 360 46.45 -39.93 -40.87
CA ALA D 360 46.68 -38.58 -41.38
C ALA D 360 47.61 -37.76 -40.47
N LEU D 361 47.56 -38.03 -39.16
CA LEU D 361 48.44 -37.37 -38.19
C LEU D 361 49.88 -37.85 -38.33
N VAL D 362 50.06 -39.17 -38.43
CA VAL D 362 51.37 -39.80 -38.61
C VAL D 362 52.07 -39.24 -39.87
N GLN D 363 51.36 -39.26 -40.99
CA GLN D 363 51.90 -38.75 -42.26
C GLN D 363 52.33 -37.28 -42.17
N ALA D 364 51.54 -36.47 -41.47
CA ALA D 364 51.88 -35.06 -41.23
C ALA D 364 53.12 -34.90 -40.36
N MET D 365 53.24 -35.75 -39.33
CA MET D 365 54.40 -35.72 -38.43
C MET D 365 55.69 -36.09 -39.15
N LYS D 366 55.61 -37.07 -40.06
CA LYS D 366 56.74 -37.42 -40.92
C LYS D 366 57.11 -36.26 -41.85
N GLU D 367 56.11 -35.74 -42.56
CA GLU D 367 56.31 -34.62 -43.50
C GLU D 367 56.34 -33.28 -42.76
N ARG E 5 -27.80 3.01 25.15
CA ARG E 5 -26.75 3.93 24.61
C ARG E 5 -26.01 3.27 23.44
N ALA E 6 -25.95 3.95 22.30
CA ALA E 6 -25.19 3.47 21.15
C ALA E 6 -23.68 3.72 21.30
N TYR E 7 -22.89 2.96 20.54
CA TYR E 7 -21.48 3.26 20.33
C TYR E 7 -21.38 4.21 19.15
N ASN E 8 -21.04 5.46 19.46
CA ASN E 8 -21.23 6.59 18.56
C ASN E 8 -19.89 7.06 18.02
N PHE E 9 -19.66 6.81 16.74
CA PHE E 9 -18.43 7.23 16.08
C PHE E 9 -18.64 8.39 15.12
N SER E 10 -19.67 9.19 15.39
CA SER E 10 -19.92 10.43 14.64
C SER E 10 -18.68 11.33 14.71
N ALA E 11 -18.27 11.87 13.57
CA ALA E 11 -17.16 12.83 13.50
C ALA E 11 -17.49 14.22 14.05
N GLY E 12 -18.77 14.55 14.22
CA GLY E 12 -19.16 15.89 14.65
C GLY E 12 -20.51 16.33 14.09
N PRO E 13 -21.50 16.67 14.92
CA PRO E 13 -21.42 16.56 16.37
C PRO E 13 -21.15 15.13 16.87
N ALA E 14 -20.66 15.04 18.10
CA ALA E 14 -20.01 13.84 18.58
C ALA E 14 -20.47 13.46 19.99
N ALA E 15 -20.01 12.30 20.45
CA ALA E 15 -20.29 11.80 21.79
C ALA E 15 -19.79 12.77 22.86
N VAL E 16 -20.56 12.86 23.95
CA VAL E 16 -20.16 13.63 25.12
C VAL E 16 -20.20 12.71 26.34
N PRO E 17 -19.55 13.11 27.44
CA PRO E 17 -19.57 12.22 28.59
C PRO E 17 -21.00 12.08 29.13
N LEU E 18 -21.41 10.84 29.36
CA LEU E 18 -22.74 10.53 29.87
C LEU E 18 -23.04 11.31 31.15
N GLU E 19 -22.05 11.39 32.03
CA GLU E 19 -22.12 12.19 33.27
C GLU E 19 -22.51 13.64 33.06
N CYS E 20 -22.00 14.26 31.98
CA CYS E 20 -22.34 15.64 31.63
C CYS E 20 -23.81 15.75 31.17
N LEU E 21 -24.27 14.79 30.38
CA LEU E 21 -25.69 14.73 29.97
C LEU E 21 -26.60 14.59 31.20
N GLU E 22 -26.25 13.69 32.12
CA GLU E 22 -27.04 13.45 33.34
C GLU E 22 -27.09 14.66 34.26
N ARG E 23 -25.95 15.31 34.45
CA ARG E 23 -25.90 16.55 35.24
C ARG E 23 -26.77 17.64 34.65
N ALA E 24 -26.77 17.77 33.32
CA ALA E 24 -27.56 18.80 32.63
C ALA E 24 -29.07 18.53 32.71
N ALA E 25 -29.47 17.28 32.48
CA ALA E 25 -30.85 16.88 32.70
C ALA E 25 -31.28 17.17 34.14
N ALA E 26 -30.46 16.73 35.10
CA ALA E 26 -30.76 16.86 36.54
C ALA E 26 -31.01 18.29 37.03
N GLU E 27 -30.42 19.28 36.37
CA GLU E 27 -30.65 20.67 36.76
C GLU E 27 -31.37 21.47 35.67
N MET E 28 -32.07 20.80 34.78
CA MET E 28 -32.68 21.46 33.62
C MET E 28 -33.73 22.49 34.02
N THR E 29 -34.54 22.19 35.04
CA THR E 29 -35.62 23.08 35.49
C THR E 29 -35.22 24.07 36.59
N ASN E 30 -34.06 23.85 37.22
CA ASN E 30 -33.62 24.65 38.37
C ASN E 30 -32.09 24.62 38.55
N TRP E 31 -31.43 25.58 37.91
CA TRP E 31 -29.97 25.67 37.90
C TRP E 31 -29.46 26.47 39.11
N ARG E 32 -28.56 25.85 39.89
CA ARG E 32 -27.93 26.49 41.06
C ARG E 32 -28.94 27.03 42.09
N ASN E 33 -30.07 26.33 42.24
CA ASN E 33 -31.15 26.73 43.15
C ASN E 33 -31.66 28.16 42.89
N SER E 34 -31.64 28.58 41.63
CA SER E 34 -32.08 29.93 41.25
C SER E 34 -33.59 29.97 40.95
N GLY E 35 -34.20 28.81 40.73
CA GLY E 35 -35.60 28.70 40.31
C GLY E 35 -35.82 28.79 38.81
N MET E 36 -34.72 28.87 38.03
CA MET E 36 -34.76 28.93 36.57
C MET E 36 -33.78 27.92 35.98
N SER E 37 -34.05 27.51 34.75
CA SER E 37 -33.04 26.87 33.91
C SER E 37 -31.91 27.85 33.60
N VAL E 38 -30.72 27.32 33.36
CA VAL E 38 -29.62 28.11 32.78
C VAL E 38 -30.02 28.68 31.39
N ILE E 39 -30.94 28.01 30.71
CA ILE E 39 -31.53 28.53 29.47
C ILE E 39 -32.33 29.84 29.66
N GLU E 40 -32.88 30.08 30.85
CA GLU E 40 -33.81 31.19 31.10
C GLU E 40 -33.22 32.42 31.82
N VAL E 41 -31.96 32.35 32.24
CA VAL E 41 -31.33 33.42 33.00
C VAL E 41 -30.78 34.53 32.09
N SER E 42 -30.80 35.76 32.62
CA SER E 42 -30.22 36.90 31.93
C SER E 42 -28.70 36.75 31.87
N HIS E 43 -28.15 36.97 30.68
CA HIS E 43 -26.70 37.08 30.48
C HIS E 43 -26.06 38.27 31.24
N ARG E 44 -26.85 39.31 31.55
CA ARG E 44 -26.40 40.42 32.40
C ARG E 44 -26.53 40.14 33.90
N GLY E 45 -27.19 39.04 34.27
CA GLY E 45 -27.40 38.68 35.66
C GLY E 45 -26.13 38.19 36.32
N LYS E 46 -26.14 38.22 37.65
CA LYS E 46 -24.99 37.84 38.46
C LYS E 46 -24.62 36.37 38.22
N HIS E 47 -25.63 35.51 38.16
CA HIS E 47 -25.42 34.08 37.99
C HIS E 47 -24.74 33.75 36.66
N TRP E 48 -25.24 34.30 35.54
CA TRP E 48 -24.62 33.99 34.25
C TRP E 48 -23.18 34.53 34.14
N MET E 49 -23.00 35.79 34.54
CA MET E 49 -21.68 36.42 34.56
C MET E 49 -20.65 35.66 35.41
N GLU E 50 -21.08 35.04 36.50
CA GLU E 50 -20.21 34.13 37.28
C GLU E 50 -19.85 32.87 36.51
N GLU E 51 -20.86 32.27 35.87
CA GLU E 51 -20.70 31.04 35.10
C GLU E 51 -19.72 31.21 33.93
N GLN E 52 -19.93 32.27 33.16
CA GLN E 52 -19.10 32.57 31.99
C GLN E 52 -17.64 32.86 32.34
N LYS E 53 -17.39 33.58 33.43
CA LYS E 53 -16.02 33.90 33.89
C LYS E 53 -15.31 32.63 34.35
N GLU E 54 -16.03 31.83 35.14
CA GLU E 54 -15.55 30.53 35.59
C GLU E 54 -15.19 29.62 34.42
N ALA E 55 -16.07 29.53 33.42
CA ALA E 55 -15.81 28.69 32.25
C ALA E 55 -14.53 29.10 31.54
N THR E 56 -14.32 30.41 31.42
CA THR E 56 -13.10 30.98 30.84
C THR E 56 -11.87 30.66 31.69
N GLU E 57 -12.00 30.82 33.02
CA GLU E 57 -10.92 30.54 33.97
C GLU E 57 -10.56 29.05 34.00
N ARG E 58 -11.58 28.20 33.91
CA ARG E 58 -11.39 26.76 33.94
C ARG E 58 -10.70 26.33 32.67
N LEU E 59 -11.11 26.92 31.54
CA LEU E 59 -10.44 26.66 30.27
C LEU E 59 -8.98 27.11 30.30
N ARG E 60 -8.72 28.33 30.79
CA ARG E 60 -7.35 28.84 30.95
C ARG E 60 -6.51 27.88 31.79
N THR E 61 -7.08 27.42 32.91
CA THR E 61 -6.40 26.49 33.82
C THR E 61 -6.06 25.18 33.14
N LEU E 62 -7.02 24.61 32.40
CA LEU E 62 -6.81 23.34 31.70
C LEU E 62 -5.64 23.41 30.73
N LEU E 63 -5.64 24.43 29.88
CA LEU E 63 -4.59 24.56 28.85
C LEU E 63 -3.32 25.29 29.30
N GLN E 64 -3.32 25.87 30.50
CA GLN E 64 -2.29 26.83 30.92
C GLN E 64 -2.04 27.85 29.81
N VAL E 65 -3.12 28.51 29.38
CA VAL E 65 -3.04 29.54 28.36
C VAL E 65 -2.38 30.76 29.04
N PRO E 66 -1.22 31.21 28.52
CA PRO E 66 -0.56 32.35 29.18
C PRO E 66 -1.43 33.62 29.18
N GLU E 67 -1.06 34.56 30.05
CA GLU E 67 -1.83 35.78 30.28
C GLU E 67 -1.73 36.79 29.14
N ASN E 68 -0.79 36.60 28.23
CA ASN E 68 -0.74 37.41 27.00
C ASN E 68 -1.67 36.90 25.87
N PHE E 69 -2.66 36.07 26.23
CA PHE E 69 -3.69 35.59 25.30
C PHE E 69 -5.06 35.87 25.89
N ASN E 70 -5.98 36.32 25.04
CA ASN E 70 -7.40 36.38 25.38
C ASN E 70 -8.08 35.06 24.99
N ILE E 71 -9.12 34.69 25.74
CA ILE E 71 -9.90 33.49 25.49
C ILE E 71 -11.31 33.96 25.18
N LEU E 72 -11.84 33.57 24.01
CA LEU E 72 -13.19 33.97 23.59
C LEU E 72 -14.14 32.80 23.43
N PHE E 73 -15.37 32.99 23.88
CA PHE E 73 -16.51 32.13 23.58
C PHE E 73 -17.38 32.92 22.62
N VAL E 74 -17.75 32.30 21.51
CA VAL E 74 -18.29 33.04 20.37
C VAL E 74 -19.35 32.19 19.66
N ALA E 75 -20.45 32.80 19.26
CA ALA E 75 -21.46 32.10 18.43
C ALA E 75 -20.92 31.89 17.02
N GLY E 76 -21.37 30.82 16.37
CA GLY E 76 -20.87 30.43 15.05
C GLY E 76 -19.81 29.33 15.15
N GLY E 77 -19.90 28.35 14.24
CA GLY E 77 -18.94 27.26 14.17
C GLY E 77 -17.61 27.66 13.55
N ALA E 78 -16.77 26.65 13.27
CA ALA E 78 -15.41 26.87 12.76
C ALA E 78 -15.40 27.64 11.46
N SER E 79 -16.33 27.30 10.59
CA SER E 79 -16.43 27.90 9.26
C SER E 79 -16.61 29.41 9.28
N LEU E 80 -17.37 29.95 10.23
CA LEU E 80 -17.49 31.40 10.38
C LEU E 80 -16.17 32.06 10.81
N GLN E 81 -15.37 31.34 11.59
CA GLN E 81 -14.02 31.83 11.95
C GLN E 81 -13.06 31.81 10.75
N PHE E 82 -13.29 30.94 9.76
CA PHE E 82 -12.51 30.98 8.51
C PHE E 82 -12.61 32.34 7.83
N SER E 83 -13.77 32.99 7.96
CA SER E 83 -13.97 34.34 7.45
C SER E 83 -13.34 35.36 8.40
N ALA E 84 -13.62 35.25 9.69
CA ALA E 84 -13.12 36.19 10.70
C ALA E 84 -11.58 36.31 10.72
N ILE E 85 -10.88 35.20 10.52
CA ILE E 85 -9.44 35.17 10.67
C ILE E 85 -8.68 36.22 9.80
N PRO E 86 -8.88 36.21 8.46
CA PRO E 86 -8.27 37.27 7.63
C PRO E 86 -8.77 38.70 7.92
N PHE E 87 -10.08 38.88 8.14
CA PHE E 87 -10.62 40.19 8.58
C PHE E 87 -9.81 40.76 9.75
N ASN E 88 -9.55 39.91 10.73
CA ASN E 88 -8.92 40.32 11.97
C ASN E 88 -7.40 40.39 11.93
N PHE E 89 -6.76 39.50 11.18
CA PHE E 89 -5.33 39.27 11.34
C PHE E 89 -4.41 39.59 10.15
N ILE E 90 -4.96 39.91 8.97
CA ILE E 90 -4.12 40.35 7.85
C ILE E 90 -3.38 41.64 8.22
N GLY E 91 -4.11 42.59 8.80
CA GLY E 91 -3.57 43.90 9.15
C GLY E 91 -3.09 44.62 7.90
N GLU E 92 -1.83 45.04 7.91
CA GLU E 92 -1.21 45.73 6.78
C GLU E 92 -0.35 44.81 5.91
N HIS E 93 -0.37 43.51 6.20
CA HIS E 93 0.48 42.56 5.51
C HIS E 93 -0.03 42.26 4.09
N LYS E 94 0.90 41.98 3.19
CA LYS E 94 0.62 41.77 1.77
C LYS E 94 0.36 40.30 1.41
N ALA E 95 0.62 39.38 2.34
CA ALA E 95 0.51 37.96 2.06
C ALA E 95 -0.04 37.18 3.26
N VAL E 96 -0.72 36.07 2.96
CA VAL E 96 -1.09 35.08 3.97
C VAL E 96 -0.77 33.71 3.42
N ASP E 97 -0.25 32.84 4.29
CA ASP E 97 0.10 31.47 3.94
C ASP E 97 -0.88 30.48 4.57
N TYR E 98 -1.35 29.53 3.75
CA TYR E 98 -2.22 28.44 4.20
C TYR E 98 -1.55 27.12 3.85
N LEU E 99 -1.37 26.25 4.86
CA LEU E 99 -0.88 24.90 4.60
C LEU E 99 -2.09 23.99 4.47
N CYS E 100 -2.37 23.54 3.25
CA CYS E 100 -3.54 22.72 2.98
C CYS E 100 -3.18 21.25 3.04
N THR E 101 -3.53 20.59 4.15
CA THR E 101 -3.21 19.17 4.38
C THR E 101 -4.44 18.24 4.27
N GLY E 102 -5.62 18.81 4.03
CA GLY E 102 -6.87 18.06 3.93
C GLY E 102 -8.05 18.99 3.71
N THR E 103 -9.27 18.51 3.94
CA THR E 103 -10.50 19.25 3.59
C THR E 103 -10.69 20.60 4.28
N TRP E 104 -10.51 20.63 5.60
CA TRP E 104 -10.85 21.83 6.38
C TRP E 104 -9.81 22.96 6.19
N SER E 105 -8.54 22.62 6.08
CA SER E 105 -7.49 23.60 5.82
C SER E 105 -7.68 24.15 4.41
N LYS E 106 -8.02 23.27 3.46
CA LYS E 106 -8.38 23.71 2.11
C LYS E 106 -9.63 24.62 2.11
N LYS E 107 -10.63 24.32 2.92
CA LYS E 107 -11.81 25.20 3.03
C LYS E 107 -11.47 26.62 3.55
N ALA E 108 -10.65 26.71 4.59
CA ALA E 108 -10.22 28.01 5.13
C ALA E 108 -9.43 28.82 4.09
N PHE E 109 -8.51 28.16 3.39
CA PHE E 109 -7.84 28.75 2.21
C PHE E 109 -8.85 29.25 1.19
N ASP E 110 -9.84 28.43 0.86
CA ASP E 110 -10.83 28.81 -0.15
C ASP E 110 -11.63 30.04 0.27
N GLU E 111 -12.00 30.14 1.55
CA GLU E 111 -12.74 31.32 2.03
C GLU E 111 -11.89 32.58 2.02
N CYS E 112 -10.62 32.47 2.42
CA CYS E 112 -9.71 33.63 2.37
C CYS E 112 -9.51 34.10 0.93
N LYS E 113 -9.36 33.15 0.01
CA LYS E 113 -9.19 33.47 -1.41
C LYS E 113 -10.46 34.12 -1.98
N ARG E 114 -11.61 33.57 -1.59
CA ARG E 114 -12.92 34.10 -1.97
C ARG E 114 -13.19 35.52 -1.45
N LEU E 115 -12.81 35.80 -0.21
CA LEU E 115 -12.99 37.15 0.33
C LEU E 115 -12.19 38.19 -0.46
N ALA E 116 -11.05 37.78 -1.01
CA ALA E 116 -10.33 38.56 -2.01
C ALA E 116 -9.97 39.97 -1.50
N PHE E 117 -9.35 40.05 -0.34
CA PHE E 117 -8.97 41.36 0.21
C PHE E 117 -7.96 42.05 -0.74
N PRO E 118 -8.24 43.31 -1.16
CA PRO E 118 -7.37 43.99 -2.15
C PRO E 118 -5.90 44.03 -1.75
N GLY E 119 -5.02 43.69 -2.69
CA GLY E 119 -3.56 43.75 -2.48
C GLY E 119 -2.96 42.63 -1.66
N VAL E 120 -3.74 41.60 -1.32
CA VAL E 120 -3.30 40.51 -0.45
C VAL E 120 -3.11 39.22 -1.23
N THR E 121 -1.88 38.70 -1.23
CA THR E 121 -1.59 37.40 -1.84
C THR E 121 -2.02 36.26 -0.91
N VAL E 122 -2.97 35.45 -1.36
CA VAL E 122 -3.39 34.26 -0.63
C VAL E 122 -2.63 33.06 -1.20
N ASN E 123 -1.66 32.54 -0.44
CA ASN E 123 -0.72 31.55 -0.93
C ASN E 123 -0.94 30.19 -0.28
N SER E 124 -1.08 29.15 -1.10
CA SER E 124 -1.14 27.77 -0.63
C SER E 124 0.30 27.28 -0.53
N VAL E 125 0.69 26.86 0.67
CA VAL E 125 2.09 26.60 0.99
C VAL E 125 2.67 25.38 0.27
N ALA E 126 1.87 24.31 0.20
CA ALA E 126 2.28 23.07 -0.42
C ALA E 126 1.31 22.61 -1.50
N GLY E 127 0.55 23.55 -2.07
CA GLY E 127 -0.45 23.21 -3.09
C GLY E 127 -1.66 22.49 -2.51
N ASN E 128 -2.54 22.04 -3.40
CA ASN E 128 -3.73 21.30 -2.99
C ASN E 128 -3.32 19.89 -2.57
N PRO E 129 -3.92 19.38 -1.49
CA PRO E 129 -3.58 18.02 -1.06
C PRO E 129 -4.12 16.99 -2.05
N PRO E 130 -3.50 15.79 -2.12
CA PRO E 130 -4.02 14.77 -3.02
C PRO E 130 -5.35 14.19 -2.52
N ALA E 131 -6.00 13.39 -3.36
CA ALA E 131 -7.32 12.81 -3.06
C ALA E 131 -7.28 11.94 -1.79
N ASN E 132 -6.27 11.08 -1.69
CA ASN E 132 -6.04 10.24 -0.52
C ASN E 132 -4.61 10.43 0.00
N PRO E 133 -4.37 11.53 0.74
CA PRO E 133 -3.01 11.78 1.26
C PRO E 133 -2.62 10.81 2.37
N VAL E 134 -1.33 10.49 2.45
CA VAL E 134 -0.80 9.57 3.46
C VAL E 134 0.18 10.29 4.40
N GLU E 135 0.17 11.62 4.32
CA GLU E 135 1.34 12.41 4.65
C GLU E 135 1.05 13.91 4.54
N VAL E 136 1.78 14.73 5.30
CA VAL E 136 1.90 16.17 5.03
C VAL E 136 3.16 16.33 4.18
N PRO E 137 3.14 17.15 3.12
CA PRO E 137 4.38 17.29 2.32
C PRO E 137 5.57 17.81 3.14
N ALA E 138 6.77 17.30 2.86
CA ALA E 138 7.99 17.60 3.64
C ALA E 138 8.18 19.11 3.86
N ARG E 139 8.68 19.46 5.04
CA ARG E 139 8.88 20.87 5.44
C ARG E 139 9.69 21.67 4.42
N ASP E 140 10.73 21.03 3.86
CA ASP E 140 11.63 21.67 2.91
C ASP E 140 11.03 21.98 1.53
N THR E 141 9.86 21.39 1.19
CA THR E 141 9.15 21.72 -0.05
C THR E 141 8.18 22.91 0.08
N TRP E 142 7.96 23.40 1.29
CA TRP E 142 6.96 24.44 1.54
C TRP E 142 7.41 25.78 0.97
N LYS E 143 6.49 26.49 0.33
CA LYS E 143 6.76 27.84 -0.16
C LYS E 143 6.06 28.82 0.75
N LEU E 144 6.85 29.65 1.43
CA LEU E 144 6.34 30.70 2.33
C LEU E 144 6.46 32.07 1.67
N SER E 145 5.54 32.97 2.01
CA SER E 145 5.50 34.32 1.47
C SER E 145 6.34 35.26 2.33
N GLU E 146 6.90 36.29 1.71
CA GLU E 146 7.80 37.20 2.44
C GLU E 146 7.11 37.99 3.55
N ASP E 147 6.02 38.67 3.23
CA ASP E 147 5.36 39.57 4.20
C ASP E 147 4.14 38.88 4.85
N ALA E 148 4.29 37.61 5.24
CA ALA E 148 3.14 36.81 5.69
C ALA E 148 2.54 37.32 7.01
N ALA E 149 1.25 37.63 6.98
CA ALA E 149 0.49 38.00 8.19
C ALA E 149 0.43 36.83 9.17
N TYR E 150 0.23 35.62 8.63
CA TYR E 150 0.18 34.42 9.43
C TYR E 150 0.43 33.16 8.59
N PHE E 151 0.68 32.06 9.29
CA PHE E 151 0.73 30.73 8.71
C PHE E 151 -0.47 29.97 9.25
N TYR E 152 -1.46 29.74 8.38
CA TYR E 152 -2.67 28.99 8.74
C TYR E 152 -2.50 27.50 8.47
N TYR E 153 -2.89 26.66 9.44
CA TYR E 153 -3.02 25.23 9.21
C TYR E 153 -4.06 24.57 10.15
N CYS E 154 -4.39 23.34 9.82
CA CYS E 154 -5.35 22.54 10.59
C CYS E 154 -4.56 21.44 11.29
N ASP E 155 -4.60 21.45 12.62
CA ASP E 155 -3.78 20.52 13.42
C ASP E 155 -4.21 19.05 13.30
N ASN E 156 -5.48 18.83 13.02
CA ASN E 156 -6.02 17.50 12.85
C ASN E 156 -7.12 17.51 11.80
N GLU E 157 -6.83 16.96 10.64
CA GLU E 157 -7.79 16.90 9.55
C GLU E 157 -8.70 15.69 9.76
N THR E 158 -9.92 16.01 10.15
CA THR E 158 -10.94 15.05 10.56
C THR E 158 -11.25 13.96 9.52
N ILE E 159 -11.24 14.30 8.24
CA ILE E 159 -11.66 13.37 7.18
C ILE E 159 -10.48 12.53 6.68
N GLN E 160 -9.30 13.15 6.54
CA GLN E 160 -8.11 12.44 6.09
C GLN E 160 -7.43 11.70 7.22
N GLY E 161 -7.77 11.99 8.47
CA GLY E 161 -7.08 11.37 9.61
C GLY E 161 -5.60 11.74 9.69
N ILE E 162 -5.26 12.99 9.37
CA ILE E 162 -3.87 13.47 9.44
C ILE E 162 -3.68 14.51 10.53
N GLU E 163 -2.80 14.23 11.48
CA GLU E 163 -2.62 15.07 12.66
C GLU E 163 -1.14 15.39 12.83
N PHE E 164 -0.84 16.62 13.23
CA PHE E 164 0.53 17.03 13.56
C PHE E 164 0.91 16.59 14.96
N GLN E 165 2.12 16.02 15.11
CA GLN E 165 2.66 15.70 16.43
C GLN E 165 3.18 16.91 17.21
N GLN E 166 3.64 17.93 16.47
CA GLN E 166 4.18 19.16 17.04
C GLN E 166 3.83 20.35 16.12
N PHE E 167 3.81 21.57 16.66
CA PHE E 167 3.54 22.74 15.84
C PHE E 167 4.62 22.91 14.75
N PRO E 168 4.22 23.37 13.55
CA PRO E 168 5.21 23.74 12.54
C PRO E 168 6.17 24.84 13.01
N ASP E 169 7.38 24.83 12.45
CA ASP E 169 8.40 25.83 12.71
C ASP E 169 8.49 26.75 11.50
N VAL E 170 7.84 27.91 11.58
CA VAL E 170 7.81 28.88 10.49
C VAL E 170 8.03 30.27 11.07
N PRO E 171 8.36 31.27 10.22
CA PRO E 171 8.50 32.66 10.72
C PRO E 171 7.20 33.27 11.27
N ALA E 172 6.14 33.26 10.47
CA ALA E 172 4.93 33.99 10.80
C ALA E 172 4.14 33.34 11.94
N PRO E 173 3.29 34.12 12.63
CA PRO E 173 2.51 33.53 13.73
C PRO E 173 1.52 32.45 13.26
N LEU E 174 1.42 31.35 14.00
CA LEU E 174 0.50 30.27 13.65
C LEU E 174 -0.95 30.65 13.92
N ILE E 175 -1.83 30.39 12.95
CA ILE E 175 -3.27 30.33 13.20
C ILE E 175 -3.72 28.86 13.00
N ILE E 176 -4.39 28.30 14.01
CA ILE E 176 -4.54 26.85 14.09
C ILE E 176 -5.99 26.43 14.33
N ASP E 177 -6.52 25.70 13.34
CA ASP E 177 -7.82 25.02 13.45
C ASP E 177 -7.62 23.72 14.23
N MET E 178 -8.02 23.75 15.49
CA MET E 178 -8.00 22.61 16.39
C MET E 178 -9.42 22.10 16.67
N SER E 179 -10.34 22.28 15.72
CA SER E 179 -11.74 21.91 15.96
C SER E 179 -11.93 20.45 16.40
N SER E 180 -11.17 19.54 15.81
CA SER E 180 -11.34 18.09 16.07
C SER E 180 -10.29 17.48 16.99
N ASN E 181 -9.41 18.28 17.58
CA ASN E 181 -8.54 17.78 18.65
C ASN E 181 -8.31 18.74 19.83
N PHE E 182 -9.16 19.77 19.98
CA PHE E 182 -9.02 20.78 21.04
C PHE E 182 -9.33 20.09 22.37
N LEU E 183 -8.48 20.29 23.36
CA LEU E 183 -8.59 19.67 24.69
C LEU E 183 -8.38 18.15 24.69
N SER E 184 -7.69 17.65 23.68
CA SER E 184 -7.37 16.22 23.57
C SER E 184 -5.96 15.94 24.05
N ARG E 185 -5.19 17.00 24.31
CA ARG E 185 -3.80 16.89 24.75
C ARG E 185 -3.30 18.27 25.19
N PRO E 186 -2.16 18.34 25.89
CA PRO E 186 -1.57 19.66 26.19
C PRO E 186 -1.14 20.45 24.94
N ILE E 187 -1.01 21.77 25.11
CA ILE E 187 -0.43 22.68 24.13
C ILE E 187 0.70 23.37 24.87
N THR E 188 1.91 23.40 24.30
CA THR E 188 3.10 23.93 25.00
C THR E 188 3.78 25.15 24.37
N GLN E 189 4.06 25.13 23.07
CA GLN E 189 4.89 26.17 22.44
C GLN E 189 4.10 27.44 22.04
N TRP E 190 3.53 28.09 23.03
CA TRP E 190 2.67 29.27 22.83
C TRP E 190 3.37 30.46 22.14
N GLU E 191 4.70 30.57 22.26
CA GLU E 191 5.45 31.62 21.55
C GLU E 191 5.30 31.58 20.03
N LYS E 192 4.91 30.43 19.50
CA LYS E 192 4.65 30.26 18.08
C LYS E 192 3.25 30.74 17.64
N VAL E 193 2.30 30.84 18.57
CA VAL E 193 0.87 30.93 18.24
C VAL E 193 0.31 32.36 18.17
N GLY E 194 -0.26 32.71 17.02
CA GLY E 194 -1.05 33.94 16.89
C GLY E 194 -2.48 33.72 17.33
N CYS E 195 -3.08 32.62 16.88
CA CYS E 195 -4.45 32.29 17.21
C CYS E 195 -4.73 30.79 17.10
N ILE E 196 -5.42 30.27 18.11
CA ILE E 196 -5.98 28.92 18.09
C ILE E 196 -7.51 29.07 18.12
N PHE E 197 -8.20 28.27 17.32
CA PHE E 197 -9.67 28.18 17.42
C PHE E 197 -10.20 26.76 17.20
N ALA E 198 -11.42 26.54 17.68
CA ALA E 198 -12.07 25.23 17.62
C ALA E 198 -13.58 25.43 17.77
N CYS E 199 -14.37 24.85 16.87
CA CYS E 199 -15.80 24.68 17.10
C CYS E 199 -15.98 23.66 18.24
N ALA E 200 -17.09 23.78 18.96
CA ALA E 200 -17.32 23.00 20.17
C ALA E 200 -17.77 21.55 19.95
N GLN E 201 -18.39 21.24 18.82
CA GLN E 201 -19.13 19.97 18.64
C GLN E 201 -18.34 18.67 18.42
N ASN E 203 -15.24 18.00 20.60
CA ASN E 203 -14.66 17.66 21.90
C ASN E 203 -15.20 18.43 23.08
N PHE E 204 -16.02 19.47 22.89
CA PHE E 204 -16.61 20.18 24.03
C PHE E 204 -18.06 20.66 23.87
N GLY E 205 -18.87 19.83 23.20
CA GLY E 205 -20.34 19.90 23.32
C GLY E 205 -21.13 20.38 22.11
N LEU E 206 -21.73 21.55 22.23
CA LEU E 206 -22.78 21.99 21.29
C LEU E 206 -22.30 22.67 20.02
N ALA E 207 -22.86 22.28 18.89
CA ALA E 207 -22.66 23.01 17.62
C ALA E 207 -23.23 24.44 17.68
N GLY E 208 -22.61 25.35 16.94
CA GLY E 208 -23.04 26.76 16.89
C GLY E 208 -22.26 27.71 17.78
N MET E 209 -21.20 27.20 18.43
CA MET E 209 -20.32 27.98 19.28
C MET E 209 -18.88 27.55 19.02
N SER E 210 -17.94 28.48 19.16
CA SER E 210 -16.52 28.18 19.04
C SER E 210 -15.72 28.85 20.16
N VAL E 211 -14.51 28.34 20.38
CA VAL E 211 -13.51 28.98 21.22
C VAL E 211 -12.48 29.59 20.28
N VAL E 212 -12.06 30.82 20.59
CA VAL E 212 -11.00 31.50 19.85
C VAL E 212 -10.04 32.05 20.91
N ILE E 213 -8.79 31.59 20.86
CA ILE E 213 -7.73 32.03 21.77
C ILE E 213 -6.75 32.86 20.94
N ILE E 214 -6.48 34.08 21.40
CA ILE E 214 -5.84 35.11 20.57
C ILE E 214 -4.75 35.79 21.36
N ARG E 215 -3.53 35.82 20.81
CA ARG E 215 -2.42 36.53 21.45
C ARG E 215 -2.70 38.03 21.32
N LYS E 216 -2.54 38.76 22.43
CA LYS E 216 -2.94 40.16 22.52
C LYS E 216 -2.30 41.09 21.48
N ASP E 217 -1.01 40.90 21.18
CA ASP E 217 -0.35 41.72 20.15
C ASP E 217 -0.94 41.53 18.74
N MET E 218 -1.56 40.38 18.47
CA MET E 218 -2.26 40.16 17.19
C MET E 218 -3.47 41.08 17.01
N LEU E 219 -4.16 41.41 18.10
CA LEU E 219 -5.27 42.36 18.05
C LEU E 219 -4.87 43.83 17.91
N GLU E 220 -3.60 44.16 18.15
CA GLU E 220 -3.07 45.50 17.84
C GLU E 220 -3.12 45.78 16.33
N ARG E 221 -3.12 44.73 15.52
CA ARG E 221 -3.32 44.86 14.08
C ARG E 221 -4.71 45.47 13.78
N PRO E 222 -4.79 46.32 12.72
CA PRO E 222 -6.09 46.88 12.34
C PRO E 222 -6.99 45.84 11.66
N VAL E 223 -8.29 45.93 11.93
CA VAL E 223 -9.29 45.12 11.21
C VAL E 223 -9.45 45.59 9.75
N LYS E 224 -9.85 44.69 8.85
CA LYS E 224 -10.16 45.05 7.46
C LYS E 224 -11.53 45.74 7.36
N PRO E 225 -11.71 46.63 6.34
CA PRO E 225 -12.87 47.52 6.14
C PRO E 225 -14.32 47.04 6.34
N PHE E 226 -14.68 45.82 5.95
CA PHE E 226 -16.10 45.44 5.97
C PHE E 226 -16.44 44.31 6.98
N CYS E 227 -15.71 44.28 8.09
CA CYS E 227 -15.92 43.25 9.12
C CYS E 227 -17.24 43.50 9.88
N PRO E 228 -18.18 42.55 9.84
CA PRO E 228 -19.35 42.62 10.75
C PRO E 228 -18.90 42.80 12.20
N ILE E 229 -19.51 43.74 12.91
CA ILE E 229 -18.97 44.20 14.20
C ILE E 229 -18.78 43.08 15.23
N THR E 230 -19.68 42.09 15.27
CA THR E 230 -19.51 40.95 16.20
C THR E 230 -18.39 39.99 15.76
N MET E 231 -17.96 40.07 14.50
CA MET E 231 -16.80 39.31 14.02
C MET E 231 -15.45 39.97 14.29
N ASP E 232 -15.46 41.23 14.75
CA ASP E 232 -14.22 41.88 15.18
C ASP E 232 -13.88 41.32 16.56
N TYR E 233 -12.76 40.62 16.66
CA TYR E 233 -12.36 40.01 17.93
C TYR E 233 -11.98 41.04 19.01
N ARG E 234 -11.59 42.25 18.61
CA ARG E 234 -11.36 43.36 19.57
C ARG E 234 -12.64 43.75 20.32
N ILE E 235 -13.76 43.81 19.60
CA ILE E 235 -15.06 44.11 20.21
C ILE E 235 -15.49 43.03 21.20
N GLN E 236 -15.26 41.76 20.83
CA GLN E 236 -15.54 40.63 21.72
C GLN E 236 -14.78 40.74 23.04
N VAL E 237 -13.46 40.98 22.95
CA VAL E 237 -12.60 41.12 24.13
C VAL E 237 -13.03 42.33 24.95
N LYS E 238 -13.18 43.48 24.28
CA LYS E 238 -13.63 44.74 24.90
C LYS E 238 -14.89 44.59 25.76
N ASN E 239 -15.83 43.77 25.29
CA ASN E 239 -17.12 43.55 25.96
C ASN E 239 -17.24 42.19 26.67
N ASN E 240 -16.10 41.52 26.90
CA ASN E 240 -16.04 40.22 27.58
C ASN E 240 -16.95 39.12 26.96
N CYS E 241 -16.96 39.08 25.63
CA CYS E 241 -17.81 38.18 24.85
C CYS E 241 -19.30 38.31 25.14
N MET E 242 -19.73 39.51 25.53
CA MET E 242 -21.14 39.81 25.77
C MET E 242 -21.44 41.19 25.21
N TYR E 243 -20.93 41.46 24.01
CA TYR E 243 -21.33 42.64 23.24
C TYR E 243 -22.83 42.52 22.98
N ASN E 244 -23.22 41.33 22.54
CA ASN E 244 -24.61 40.90 22.49
C ASN E 244 -24.75 39.61 23.31
N THR E 245 -25.92 38.98 23.28
CA THR E 245 -26.16 37.76 24.05
C THR E 245 -25.30 36.59 23.57
N PRO E 246 -24.42 36.05 24.44
CA PRO E 246 -23.61 34.89 24.06
C PRO E 246 -24.46 33.60 23.99
N PRO E 247 -23.91 32.50 23.43
CA PRO E 247 -24.62 31.22 23.44
C PRO E 247 -24.48 30.56 24.81
N THR E 248 -25.39 30.92 25.72
CA THR E 248 -25.23 30.62 27.15
C THR E 248 -25.24 29.13 27.47
N PHE E 249 -26.13 28.37 26.86
CA PHE E 249 -26.20 26.93 27.14
C PHE E 249 -24.95 26.19 26.70
N ALA E 250 -24.49 26.50 25.47
CA ALA E 250 -23.25 25.91 24.95
C ALA E 250 -22.05 26.16 25.85
N ILE E 251 -21.93 27.39 26.38
CA ILE E 251 -20.84 27.74 27.27
C ILE E 251 -20.97 27.00 28.61
N TYR E 252 -22.20 26.94 29.12
CA TYR E 252 -22.52 26.20 30.33
C TYR E 252 -22.15 24.73 30.17
N PHE E 253 -22.56 24.13 29.04
CA PHE E 253 -22.29 22.72 28.80
C PHE E 253 -20.80 22.44 28.55
N ALA E 254 -20.10 23.38 27.90
CA ALA E 254 -18.66 23.23 27.73
C ALA E 254 -17.98 23.19 29.09
N ASN E 255 -18.40 24.07 30.01
CA ASN E 255 -17.87 24.15 31.36
C ASN E 255 -18.03 22.82 32.11
N HIS E 256 -19.20 22.19 31.97
CA HIS E 256 -19.41 20.83 32.47
C HIS E 256 -18.43 19.84 31.86
N ILE E 257 -18.20 19.93 30.56
CA ILE E 257 -17.19 19.09 29.91
C ILE E 257 -15.78 19.43 30.45
N PHE E 258 -15.50 20.70 30.70
CA PHE E 258 -14.19 21.10 31.25
C PHE E 258 -13.96 20.51 32.64
N LYS E 259 -15.00 20.53 33.46
CA LYS E 259 -15.00 19.89 34.77
C LYS E 259 -14.71 18.39 34.66
N TRP E 260 -15.44 17.73 33.77
CA TRP E 260 -15.22 16.31 33.51
C TRP E 260 -13.76 15.97 33.13
N ILE E 261 -13.15 16.80 32.29
CA ILE E 261 -11.76 16.60 31.90
C ILE E 261 -10.80 16.73 33.10
N GLU E 262 -11.02 17.75 33.95
CA GLU E 262 -10.23 17.93 35.18
C GLU E 262 -10.43 16.75 36.12
N GLU E 263 -11.66 16.29 36.24
CA GLU E 263 -11.98 15.10 37.02
C GLU E 263 -11.20 13.88 36.54
N LYS E 264 -11.10 13.72 35.22
CA LYS E 264 -10.35 12.62 34.63
C LYS E 264 -8.82 12.82 34.61
N GLY E 265 -8.33 13.93 35.17
CA GLY E 265 -6.89 14.14 35.36
C GLY E 265 -6.22 15.10 34.38
N GLY E 266 -7.00 15.93 33.69
CA GLY E 266 -6.43 16.97 32.83
C GLY E 266 -5.95 16.47 31.49
N LEU E 267 -5.30 17.35 30.75
CA LEU E 267 -5.01 17.10 29.32
C LEU E 267 -3.92 16.07 29.07
N ALA E 268 -2.95 15.96 29.99
CA ALA E 268 -1.97 14.88 29.91
C ALA E 268 -2.64 13.50 29.99
N ALA E 269 -3.67 13.38 30.82
CA ALA E 269 -4.45 12.15 30.91
C ALA E 269 -5.31 11.90 29.67
N MET E 270 -5.91 12.95 29.10
CA MET E 270 -6.67 12.83 27.84
C MET E 270 -5.77 12.28 26.72
N ASP E 271 -4.58 12.87 26.59
CA ASP E 271 -3.62 12.47 25.56
C ASP E 271 -3.26 10.97 25.67
N ALA E 272 -2.94 10.52 26.88
CA ALA E 272 -2.65 9.12 27.16
C ALA E 272 -3.84 8.20 26.83
N LEU E 273 -5.03 8.58 27.27
CA LEU E 273 -6.23 7.76 27.03
C LEU E 273 -6.62 7.72 25.58
N ASN E 274 -6.51 8.86 24.89
CA ASN E 274 -6.74 8.92 23.44
C ASN E 274 -5.69 8.12 22.64
N LYS E 275 -4.43 8.25 23.02
CA LYS E 275 -3.36 7.40 22.45
C LYS E 275 -3.60 5.90 22.65
N GLU E 276 -4.11 5.51 23.83
CA GLU E 276 -4.39 4.10 24.11
C GLU E 276 -5.57 3.59 23.27
N LYS E 277 -6.59 4.42 23.06
CA LYS E 277 -7.72 4.08 22.19
C LYS E 277 -7.30 4.03 20.72
N ALA E 278 -6.50 5.01 20.29
CA ALA E 278 -5.97 5.07 18.91
C ALA E 278 -5.13 3.84 18.57
N LYS E 279 -4.23 3.46 19.48
CA LYS E 279 -3.36 2.29 19.28
C LYS E 279 -4.16 1.00 19.04
N LYS E 280 -5.25 0.80 19.80
CA LYS E 280 -6.11 -0.36 19.62
C LYS E 280 -6.78 -0.38 18.27
N VAL E 281 -7.30 0.77 17.83
CA VAL E 281 -7.96 0.90 16.54
C VAL E 281 -6.97 0.61 15.41
N TYR E 282 -5.80 1.26 15.41
CA TYR E 282 -4.80 1.03 14.35
C TYR E 282 -4.22 -0.40 14.37
N GLU E 283 -4.07 -0.99 15.55
CA GLU E 283 -3.65 -2.39 15.67
C GLU E 283 -4.67 -3.33 15.01
N ALA E 284 -5.96 -3.06 15.18
CA ALA E 284 -7.03 -3.83 14.53
C ALA E 284 -7.07 -3.62 13.01
N ILE E 285 -6.73 -2.42 12.55
CA ILE E 285 -6.61 -2.15 11.13
C ILE E 285 -5.39 -2.89 10.58
N ASP E 286 -4.21 -2.59 11.13
CA ASP E 286 -2.93 -3.07 10.59
C ASP E 286 -2.78 -4.59 10.64
N SER E 287 -3.12 -5.20 11.79
CA SER E 287 -2.99 -6.66 11.96
C SER E 287 -4.01 -7.46 11.15
N ASN E 288 -5.15 -6.85 10.78
CA ASN E 288 -6.22 -7.55 10.06
C ASN E 288 -6.02 -7.47 8.54
N PRO E 289 -6.00 -8.63 7.83
CA PRO E 289 -5.87 -8.59 6.37
C PRO E 289 -7.04 -7.99 5.59
N ASN E 290 -8.20 -7.86 6.23
CA ASN E 290 -9.38 -7.24 5.59
C ASN E 290 -9.39 -5.72 5.54
N PHE E 291 -8.45 -5.07 6.22
CA PHE E 291 -8.44 -3.62 6.31
C PHE E 291 -7.05 -3.07 6.16
N VAL E 292 -7.00 -1.79 5.76
CA VAL E 292 -5.74 -1.04 5.71
C VAL E 292 -5.97 0.46 5.92
N ASN E 293 -4.96 1.08 6.50
CA ASN E 293 -4.78 2.52 6.50
C ASN E 293 -3.29 2.72 6.18
N ARG E 294 -3.00 3.53 5.15
CA ARG E 294 -1.61 3.76 4.71
C ARG E 294 -1.02 5.11 5.18
N ILE E 295 -1.73 5.83 6.07
CA ILE E 295 -1.19 7.09 6.60
C ILE E 295 0.00 6.77 7.49
N LYS E 296 1.11 7.46 7.24
CA LYS E 296 2.38 7.16 7.91
C LYS E 296 2.18 7.33 9.42
N PRO E 297 2.82 6.48 10.23
CA PRO E 297 2.57 6.52 11.67
C PRO E 297 2.79 7.89 12.34
N GLU E 298 3.74 8.69 11.84
CA GLU E 298 4.00 10.03 12.37
C GLU E 298 2.89 11.06 12.11
N TRP E 299 2.00 10.78 11.15
CA TRP E 299 0.85 11.64 10.81
C TRP E 299 -0.53 11.07 11.24
N ARG E 300 -0.57 9.82 11.69
CA ARG E 300 -1.84 9.19 12.07
C ARG E 300 -2.55 9.94 13.21
N SER E 301 -3.75 10.43 12.91
CA SER E 301 -4.56 11.08 13.93
C SER E 301 -4.90 10.11 15.06
N ARG E 302 -4.84 10.63 16.29
CA ARG E 302 -5.37 9.91 17.46
C ARG E 302 -6.89 10.00 17.56
N MET E 303 -7.50 10.94 16.81
CA MET E 303 -8.92 11.28 16.94
C MET E 303 -9.79 10.61 15.87
N ASN E 304 -9.32 10.62 14.63
CA ASN E 304 -10.09 10.18 13.46
C ASN E 304 -9.26 9.19 12.68
N MET E 305 -9.78 7.97 12.53
CA MET E 305 -9.03 6.85 12.01
C MET E 305 -9.76 6.31 10.79
N PRO E 306 -9.41 6.83 9.59
CA PRO E 306 -9.89 6.21 8.35
C PRO E 306 -9.28 4.84 8.10
N PHE E 307 -10.03 3.98 7.44
CA PHE E 307 -9.52 2.69 6.97
C PHE E 307 -10.38 2.13 5.85
N PHE E 308 -9.80 1.26 5.04
CA PHE E 308 -10.38 0.82 3.77
C PHE E 308 -10.25 -0.70 3.56
N ARG E 309 -10.96 -1.23 2.57
CA ARG E 309 -10.80 -2.63 2.13
C ARG E 309 -9.38 -2.85 1.59
N PRO E 310 -8.91 -4.11 1.48
CA PRO E 310 -7.50 -4.34 1.12
C PRO E 310 -7.05 -3.71 -0.21
N ASP E 311 -7.97 -3.57 -1.16
CA ASP E 311 -7.72 -2.88 -2.42
C ASP E 311 -8.35 -1.49 -2.47
N GLY E 312 -8.85 -1.00 -1.34
CA GLY E 312 -9.70 0.20 -1.30
C GLY E 312 -9.00 1.50 -1.63
N TYR E 313 -7.66 1.49 -1.54
CA TYR E 313 -6.84 2.58 -2.05
C TYR E 313 -6.85 2.56 -3.58
N GLU E 314 -6.58 1.39 -4.16
CA GLU E 314 -6.46 1.21 -5.61
C GLU E 314 -7.79 1.09 -6.40
N ASN E 315 -8.91 0.87 -5.72
CA ASN E 315 -10.23 0.73 -6.38
C ASN E 315 -11.39 0.99 -5.42
N LYS E 316 -12.25 1.97 -5.77
CA LYS E 316 -13.43 2.34 -4.95
C LYS E 316 -14.65 1.47 -5.25
N ASP E 317 -15.42 1.14 -4.21
CA ASP E 317 -16.61 0.27 -4.34
C ASP E 317 -17.51 0.45 -3.11
N LEU E 318 -18.53 1.30 -3.26
CA LEU E 318 -19.45 1.63 -2.16
C LEU E 318 -20.33 0.45 -1.71
N ASP E 319 -20.63 -0.45 -2.63
CA ASP E 319 -21.51 -1.60 -2.34
C ASP E 319 -20.82 -2.58 -1.38
N ALA E 320 -19.57 -2.91 -1.71
CA ALA E 320 -18.73 -3.74 -0.85
C ALA E 320 -18.52 -3.11 0.52
N ASP E 321 -18.29 -1.80 0.54
CA ASP E 321 -18.11 -1.04 1.79
C ASP E 321 -19.37 -1.09 2.64
N ALA E 322 -20.53 -0.92 2.00
CA ALA E 322 -21.81 -0.90 2.71
C ALA E 322 -22.07 -2.14 3.56
N LYS E 323 -21.59 -3.30 3.12
CA LYS E 323 -21.78 -4.55 3.86
C LYS E 323 -21.11 -4.51 5.23
N PHE E 324 -19.92 -3.93 5.31
CA PHE E 324 -19.26 -3.76 6.62
C PHE E 324 -19.91 -2.66 7.45
N VAL E 325 -20.32 -1.57 6.80
CA VAL E 325 -21.05 -0.50 7.48
C VAL E 325 -22.33 -1.08 8.11
N ASN E 326 -23.03 -1.92 7.34
CA ASN E 326 -24.24 -2.62 7.81
C ASN E 326 -23.95 -3.56 8.95
N PHE E 327 -22.87 -4.33 8.80
CA PHE E 327 -22.38 -5.24 9.85
C PHE E 327 -22.16 -4.51 11.17
N CYS E 328 -21.55 -3.33 11.09
CA CYS E 328 -21.34 -2.46 12.25
C CYS E 328 -22.64 -1.89 12.81
N THR E 329 -23.49 -1.33 11.93
CA THR E 329 -24.79 -0.75 12.36
C THR E 329 -25.68 -1.78 13.07
N GLN E 330 -25.67 -3.02 12.56
CA GLN E 330 -26.30 -4.18 13.22
C GLN E 330 -25.91 -4.35 14.68
N ARG E 331 -24.67 -4.03 15.02
CA ARG E 331 -24.17 -4.11 16.40
C ARG E 331 -24.20 -2.77 17.14
N LYS E 332 -25.00 -1.80 16.66
CA LYS E 332 -25.03 -0.44 17.18
C LYS E 332 -23.66 0.28 17.23
N LEU E 333 -22.81 -0.04 16.26
CA LEU E 333 -21.56 0.68 16.06
C LEU E 333 -21.89 1.66 14.95
N LEU E 334 -22.16 2.91 15.33
CA LEU E 334 -22.80 3.87 14.42
C LEU E 334 -21.84 4.90 13.82
N THR E 335 -22.08 5.19 12.54
CA THR E 335 -21.39 6.23 11.78
C THR E 335 -19.91 5.91 11.54
N LEU E 336 -19.67 4.69 11.08
CA LEU E 336 -18.35 4.25 10.62
C LEU E 336 -18.19 4.40 9.11
N LYS E 337 -19.22 4.89 8.43
CA LYS E 337 -19.16 5.13 7.00
C LYS E 337 -18.20 6.30 6.78
N GLY E 338 -17.13 6.06 6.01
CA GLY E 338 -16.13 7.08 5.75
C GLY E 338 -16.76 8.21 4.95
N HIS E 339 -16.43 9.45 5.32
CA HIS E 339 -17.09 10.65 4.80
C HIS E 339 -17.28 10.61 3.29
N VAL E 340 -18.41 11.16 2.83
CA VAL E 340 -18.86 11.10 1.43
C VAL E 340 -17.74 11.32 0.41
N SER E 341 -16.88 12.31 0.70
CA SER E 341 -15.69 12.63 -0.10
C SER E 341 -14.77 11.43 -0.39
N VAL E 342 -14.44 10.68 0.65
CA VAL E 342 -13.51 9.55 0.57
C VAL E 342 -14.21 8.19 0.40
N GLY E 343 -15.32 8.00 1.12
CA GLY E 343 -15.91 6.66 1.29
C GLY E 343 -15.02 5.81 2.19
N GLY E 344 -15.06 4.49 2.01
CA GLY E 344 -14.34 3.56 2.89
C GLY E 344 -14.92 3.60 4.29
N PHE E 345 -14.07 3.55 5.32
CA PHE E 345 -14.51 3.59 6.72
C PHE E 345 -13.79 4.66 7.54
N ARG E 346 -14.36 5.07 8.66
CA ARG E 346 -13.70 5.98 9.62
C ARG E 346 -14.28 5.90 11.01
N ALA E 347 -13.46 5.54 12.00
CA ALA E 347 -13.81 5.66 13.41
C ALA E 347 -13.35 7.03 13.92
N SER E 348 -14.28 7.82 14.48
CA SER E 348 -13.96 9.04 15.20
C SER E 348 -14.10 8.77 16.70
N CYS E 349 -12.98 8.90 17.41
CA CYS E 349 -12.87 8.61 18.84
C CYS E 349 -12.27 9.83 19.55
N TYR E 350 -13.12 10.70 20.02
CA TYR E 350 -12.71 11.90 20.76
C TYR E 350 -12.60 11.59 22.25
N ASN E 351 -12.35 12.61 23.09
CA ASN E 351 -12.18 12.41 24.53
C ASN E 351 -13.24 11.53 25.17
N ALA E 352 -14.50 11.75 24.79
CA ALA E 352 -15.65 11.12 25.45
C ALA E 352 -16.02 9.75 24.88
N CYS E 353 -15.30 9.28 23.86
CA CYS E 353 -15.51 7.94 23.31
C CYS E 353 -15.05 6.89 24.33
N PRO E 354 -16.00 6.06 24.86
CA PRO E 354 -15.59 5.09 25.87
C PRO E 354 -14.71 3.97 25.32
N MET E 355 -13.78 3.49 26.14
CA MET E 355 -12.96 2.33 25.76
C MET E 355 -13.84 1.16 25.29
N GLU E 356 -14.95 0.96 26.00
CA GLU E 356 -15.95 -0.05 25.64
C GLU E 356 -16.39 0.00 24.18
N ALA E 357 -16.69 1.19 23.64
CA ALA E 357 -17.05 1.34 22.23
C ALA E 357 -15.90 0.93 21.28
N VAL E 358 -14.67 1.26 21.67
CA VAL E 358 -13.50 0.86 20.89
C VAL E 358 -13.32 -0.67 20.91
N ASP E 359 -13.42 -1.29 22.08
CA ASP E 359 -13.41 -2.75 22.19
C ASP E 359 -14.44 -3.44 21.31
N ALA E 360 -15.66 -2.90 21.29
CA ALA E 360 -16.74 -3.42 20.45
C ALA E 360 -16.43 -3.31 18.97
N LEU E 361 -15.87 -2.17 18.55
CA LEU E 361 -15.47 -1.98 17.15
C LEU E 361 -14.38 -2.97 16.74
N VAL E 362 -13.36 -3.11 17.59
CA VAL E 362 -12.28 -4.08 17.40
C VAL E 362 -12.80 -5.52 17.30
N GLN E 363 -13.80 -5.87 18.12
CA GLN E 363 -14.47 -7.17 17.98
C GLN E 363 -15.20 -7.35 16.66
N ALA E 364 -15.95 -6.32 16.24
CA ALA E 364 -16.62 -6.35 14.94
C ALA E 364 -15.63 -6.54 13.79
N MET E 365 -14.49 -5.84 13.86
CA MET E 365 -13.45 -5.94 12.83
C MET E 365 -12.79 -7.33 12.77
N LYS E 366 -12.58 -7.92 13.94
CA LYS E 366 -12.06 -9.29 14.06
C LYS E 366 -13.05 -10.35 13.55
N GLU E 367 -14.32 -10.20 13.93
CA GLU E 367 -15.37 -11.14 13.56
C GLU E 367 -15.83 -11.02 12.09
N TRP E 368 -15.54 -9.89 11.45
CA TRP E 368 -15.90 -9.71 10.04
C TRP E 368 -15.21 -10.77 9.18
N PRO E 369 -15.98 -11.49 8.34
CA PRO E 369 -15.36 -12.50 7.46
C PRO E 369 -15.04 -12.01 6.05
N GLY E 370 -15.73 -10.96 5.60
CA GLY E 370 -15.94 -10.68 4.17
C GLY E 370 -14.94 -9.86 3.36
N PHE E 371 -15.48 -9.11 2.40
CA PHE E 371 -14.77 -8.47 1.26
C PHE E 371 -14.27 -9.44 0.18
N ARG F 5 -39.90 26.91 41.34
CA ARG F 5 -39.83 27.77 40.12
C ARG F 5 -40.10 29.24 40.45
N ALA F 6 -39.16 30.12 40.07
CA ALA F 6 -39.29 31.56 40.30
C ALA F 6 -40.20 32.21 39.25
N TYR F 7 -40.59 33.45 39.52
CA TYR F 7 -41.34 34.26 38.55
C TYR F 7 -40.33 35.12 37.79
N ASN F 8 -39.95 34.65 36.60
CA ASN F 8 -38.84 35.19 35.84
C ASN F 8 -39.30 36.20 34.79
N PHE F 9 -38.89 37.46 34.96
CA PHE F 9 -39.20 38.55 34.01
C PHE F 9 -37.96 39.04 33.25
N SER F 10 -37.03 38.12 32.96
CA SER F 10 -35.85 38.42 32.17
C SER F 10 -36.25 38.73 30.74
N ALA F 11 -35.64 39.77 30.18
CA ALA F 11 -35.91 40.18 28.81
C ALA F 11 -35.19 39.31 27.77
N GLY F 12 -34.16 38.57 28.17
CA GLY F 12 -33.36 37.79 27.22
C GLY F 12 -32.00 37.36 27.74
N PRO F 13 -31.68 36.06 27.80
CA PRO F 13 -32.62 34.96 27.53
C PRO F 13 -33.78 34.92 28.53
N ALA F 14 -34.88 34.29 28.14
CA ALA F 14 -36.17 34.46 28.79
C ALA F 14 -36.75 33.15 29.31
N ALA F 15 -37.89 33.25 29.99
CA ALA F 15 -38.62 32.07 30.44
C ALA F 15 -39.04 31.22 29.27
N VAL F 16 -39.09 29.91 29.48
CA VAL F 16 -39.53 28.95 28.46
C VAL F 16 -40.59 28.05 29.11
N PRO F 17 -41.40 27.34 28.29
CA PRO F 17 -42.40 26.47 28.90
C PRO F 17 -41.76 25.37 29.74
N LEU F 18 -42.26 25.17 30.96
CA LEU F 18 -41.74 24.12 31.85
C LEU F 18 -41.81 22.74 31.21
N GLU F 19 -42.88 22.47 30.45
CA GLU F 19 -43.04 21.21 29.71
C GLU F 19 -41.91 20.92 28.74
N CYS F 20 -41.39 21.96 28.08
CA CYS F 20 -40.26 21.83 27.17
C CYS F 20 -38.96 21.47 27.90
N LEU F 21 -38.73 22.12 29.04
CA LEU F 21 -37.60 21.80 29.92
C LEU F 21 -37.65 20.34 30.41
N GLU F 22 -38.83 19.92 30.86
CA GLU F 22 -39.05 18.54 31.34
C GLU F 22 -38.86 17.51 30.24
N ARG F 23 -39.43 17.77 29.07
CA ARG F 23 -39.29 16.89 27.91
C ARG F 23 -37.83 16.78 27.45
N ALA F 24 -37.13 17.91 27.43
CA ALA F 24 -35.70 17.96 27.09
C ALA F 24 -34.82 17.19 28.09
N ALA F 25 -35.07 17.41 29.38
CA ALA F 25 -34.38 16.67 30.44
C ALA F 25 -34.61 15.16 30.30
N ALA F 26 -35.88 14.79 30.14
CA ALA F 26 -36.29 13.38 30.00
C ALA F 26 -35.56 12.60 28.90
N GLU F 27 -35.33 13.24 27.75
CA GLU F 27 -34.70 12.59 26.59
C GLU F 27 -33.22 12.96 26.36
N MET F 28 -32.59 13.54 27.39
CA MET F 28 -31.25 14.11 27.28
C MET F 28 -30.17 13.07 26.96
N THR F 29 -30.30 11.88 27.54
CA THR F 29 -29.37 10.76 27.33
C THR F 29 -29.68 9.88 26.10
N ASN F 30 -30.89 10.01 25.55
CA ASN F 30 -31.37 9.11 24.51
C ASN F 30 -32.58 9.73 23.76
N TRP F 31 -32.28 10.34 22.61
CA TRP F 31 -33.25 11.12 21.85
C TRP F 31 -33.83 10.27 20.72
N ARG F 32 -35.16 10.28 20.59
CA ARG F 32 -35.90 9.46 19.59
C ARG F 32 -35.47 7.98 19.52
N ASN F 33 -35.16 7.40 20.68
CA ASN F 33 -34.72 6.00 20.75
C ASN F 33 -33.46 5.67 19.88
N SER F 34 -32.59 6.67 19.71
CA SER F 34 -31.35 6.52 18.95
C SER F 34 -30.19 5.97 19.80
N GLY F 35 -30.34 6.03 21.12
CA GLY F 35 -29.24 5.74 22.04
C GLY F 35 -28.21 6.86 22.12
N MET F 36 -28.62 8.08 21.74
CA MET F 36 -27.75 9.26 21.75
C MET F 36 -28.55 10.49 22.12
N SER F 37 -27.89 11.45 22.74
CA SER F 37 -28.45 12.78 22.92
C SER F 37 -28.62 13.42 21.57
N VAL F 38 -29.57 14.34 21.46
CA VAL F 38 -29.65 15.24 20.31
C VAL F 38 -28.33 16.04 20.12
N ILE F 39 -27.64 16.32 21.22
CA ILE F 39 -26.32 16.97 21.21
C ILE F 39 -25.25 16.14 20.46
N GLU F 40 -25.41 14.82 20.44
CA GLU F 40 -24.38 13.89 19.92
C GLU F 40 -24.61 13.32 18.52
N VAL F 41 -25.70 13.70 17.84
CA VAL F 41 -25.97 13.14 16.50
C VAL F 41 -25.34 13.96 15.38
N SER F 42 -24.96 13.27 14.31
CA SER F 42 -24.46 13.93 13.12
C SER F 42 -25.58 14.75 12.48
N HIS F 43 -25.22 15.96 12.06
CA HIS F 43 -26.11 16.82 11.27
C HIS F 43 -26.39 16.29 9.87
N ARG F 44 -25.54 15.40 9.36
CA ARG F 44 -25.76 14.70 8.08
C ARG F 44 -26.60 13.42 8.22
N GLY F 45 -26.78 12.92 9.44
CA GLY F 45 -27.57 11.72 9.69
C GLY F 45 -29.05 11.89 9.43
N LYS F 46 -29.75 10.77 9.31
CA LYS F 46 -31.18 10.75 8.98
C LYS F 46 -32.05 11.42 10.04
N HIS F 47 -31.74 11.14 11.31
CA HIS F 47 -32.54 11.64 12.44
C HIS F 47 -32.53 13.17 12.56
N TRP F 48 -31.35 13.77 12.44
CA TRP F 48 -31.28 15.24 12.52
C TRP F 48 -31.98 15.89 11.32
N MET F 49 -31.71 15.39 10.13
CA MET F 49 -32.36 15.92 8.92
C MET F 49 -33.88 15.87 8.97
N GLU F 50 -34.45 14.88 9.64
CA GLU F 50 -35.89 14.86 9.92
C GLU F 50 -36.31 15.97 10.87
N GLU F 51 -35.57 16.14 11.98
CA GLU F 51 -35.88 17.18 12.97
C GLU F 51 -35.88 18.59 12.40
N GLN F 52 -34.86 18.91 11.59
CA GLN F 52 -34.74 20.26 11.02
C GLN F 52 -35.82 20.53 9.98
N LYS F 53 -36.13 19.52 9.18
CA LYS F 53 -37.25 19.58 8.23
C LYS F 53 -38.57 19.78 8.96
N GLU F 54 -38.77 19.05 10.05
CA GLU F 54 -39.99 19.16 10.86
C GLU F 54 -40.14 20.52 11.54
N ALA F 55 -39.03 21.05 12.07
CA ALA F 55 -39.02 22.40 12.67
C ALA F 55 -39.43 23.46 11.65
N THR F 56 -38.84 23.39 10.46
CA THR F 56 -39.13 24.32 9.37
C THR F 56 -40.59 24.24 8.94
N GLU F 57 -41.10 23.03 8.78
CA GLU F 57 -42.51 22.79 8.44
C GLU F 57 -43.48 23.21 9.54
N ARG F 58 -43.12 22.97 10.81
CA ARG F 58 -43.97 23.38 11.92
C ARG F 58 -44.02 24.92 12.04
N LEU F 59 -42.89 25.58 11.81
CA LEU F 59 -42.82 27.04 11.85
C LEU F 59 -43.62 27.65 10.70
N ARG F 60 -43.39 27.12 9.50
CA ARG F 60 -44.20 27.39 8.29
C ARG F 60 -45.70 27.41 8.58
N THR F 61 -46.20 26.35 9.23
CA THR F 61 -47.63 26.17 9.52
C THR F 61 -48.15 27.08 10.63
N LEU F 62 -47.37 27.25 11.69
CA LEU F 62 -47.68 28.22 12.75
C LEU F 62 -47.94 29.62 12.19
N LEU F 63 -47.01 30.07 11.35
CA LEU F 63 -47.01 31.43 10.80
C LEU F 63 -47.78 31.59 9.49
N GLN F 64 -48.09 30.48 8.82
CA GLN F 64 -48.64 30.50 7.45
C GLN F 64 -47.74 31.30 6.52
N VAL F 65 -46.45 30.96 6.53
CA VAL F 65 -45.45 31.65 5.73
C VAL F 65 -45.71 31.23 4.29
N PRO F 66 -46.04 32.18 3.39
CA PRO F 66 -46.33 31.80 2.00
C PRO F 66 -45.16 31.12 1.27
N GLU F 67 -45.45 30.49 0.15
CA GLU F 67 -44.49 29.60 -0.53
C GLU F 67 -43.39 30.36 -1.31
N ASN F 68 -43.58 31.67 -1.52
CA ASN F 68 -42.52 32.54 -2.05
C ASN F 68 -41.60 33.15 -0.96
N PHE F 69 -41.59 32.55 0.23
CA PHE F 69 -40.66 32.91 1.30
C PHE F 69 -39.85 31.68 1.72
N ASN F 70 -38.56 31.87 1.93
CA ASN F 70 -37.70 30.83 2.50
C ASN F 70 -37.61 30.99 4.00
N ILE F 71 -37.45 29.88 4.71
CA ILE F 71 -37.28 29.87 6.16
C ILE F 71 -35.87 29.35 6.46
N LEU F 72 -35.11 30.12 7.25
CA LEU F 72 -33.75 29.76 7.62
C LEU F 72 -33.60 29.70 9.13
N PHE F 73 -32.85 28.72 9.62
CA PHE F 73 -32.28 28.73 10.97
C PHE F 73 -30.79 28.94 10.76
N VAL F 74 -30.20 29.88 11.49
CA VAL F 74 -28.78 30.20 11.35
C VAL F 74 -28.13 30.43 12.71
N ALA F 75 -26.83 30.16 12.79
CA ALA F 75 -26.04 30.51 13.97
C ALA F 75 -25.85 32.04 14.06
N GLY F 76 -25.67 32.50 15.29
CA GLY F 76 -25.56 33.93 15.58
C GLY F 76 -26.89 34.55 16.03
N GLY F 77 -26.78 35.57 16.86
CA GLY F 77 -27.92 36.33 17.31
C GLY F 77 -28.36 37.37 16.31
N ALA F 78 -29.32 38.18 16.74
CA ALA F 78 -29.91 39.24 15.93
C ALA F 78 -28.85 40.23 15.44
N SER F 79 -27.89 40.56 16.31
CA SER F 79 -26.81 41.49 15.97
C SER F 79 -25.98 41.07 14.77
N LEU F 80 -25.78 39.77 14.62
CA LEU F 80 -25.08 39.25 13.45
C LEU F 80 -25.88 39.50 12.18
N GLN F 81 -27.20 39.36 12.29
CA GLN F 81 -28.10 39.59 11.15
C GLN F 81 -28.13 41.09 10.78
N PHE F 82 -27.97 41.99 11.75
CA PHE F 82 -27.78 43.44 11.46
C PHE F 82 -26.69 43.69 10.43
N SER F 83 -25.63 42.90 10.47
CA SER F 83 -24.56 42.98 9.48
C SER F 83 -24.95 42.27 8.18
N ALA F 84 -25.45 41.04 8.28
CA ALA F 84 -25.84 40.23 7.10
C ALA F 84 -26.85 40.93 6.20
N ILE F 85 -27.82 41.60 6.80
CA ILE F 85 -28.93 42.21 6.05
C ILE F 85 -28.46 43.14 4.92
N PRO F 86 -27.68 44.19 5.23
CA PRO F 86 -27.19 45.03 4.14
C PRO F 86 -26.30 44.31 3.12
N PHE F 87 -25.44 43.40 3.61
CA PHE F 87 -24.64 42.53 2.72
C PHE F 87 -25.49 41.83 1.68
N ASN F 88 -26.65 41.34 2.13
CA ASN F 88 -27.52 40.51 1.30
C ASN F 88 -28.53 41.28 0.46
N PHE F 89 -29.07 42.37 1.01
CA PHE F 89 -30.28 42.99 0.46
C PHE F 89 -30.15 44.42 -0.09
N ILE F 90 -29.00 45.06 0.05
CA ILE F 90 -28.76 46.33 -0.67
C ILE F 90 -28.87 46.09 -2.18
N GLY F 91 -28.24 45.02 -2.67
CA GLY F 91 -28.22 44.71 -4.10
C GLY F 91 -27.48 45.79 -4.85
N GLU F 92 -28.12 46.35 -5.88
CA GLU F 92 -27.58 47.48 -6.64
C GLU F 92 -28.23 48.81 -6.27
N HIS F 93 -29.13 48.79 -5.28
CA HIS F 93 -29.80 50.01 -4.82
C HIS F 93 -28.82 50.98 -4.17
N LYS F 94 -29.10 52.27 -4.33
CA LYS F 94 -28.22 53.35 -3.89
C LYS F 94 -28.62 53.94 -2.52
N ALA F 95 -29.63 53.38 -1.87
CA ALA F 95 -30.09 53.87 -0.58
C ALA F 95 -30.78 52.78 0.25
N VAL F 96 -30.71 52.91 1.58
CA VAL F 96 -31.46 52.07 2.51
C VAL F 96 -32.08 52.97 3.58
N ASP F 97 -33.27 52.60 4.05
CA ASP F 97 -34.00 53.37 5.05
C ASP F 97 -34.13 52.60 6.37
N TYR F 98 -33.81 53.28 7.47
CA TYR F 98 -33.92 52.75 8.83
C TYR F 98 -34.78 53.67 9.68
N LEU F 99 -35.90 53.13 10.20
CA LEU F 99 -36.69 53.82 11.22
C LEU F 99 -36.17 53.40 12.60
N CYS F 100 -35.60 54.37 13.31
CA CYS F 100 -35.01 54.15 14.63
C CYS F 100 -35.97 54.59 15.73
N THR F 101 -36.69 53.64 16.31
CA THR F 101 -37.66 53.91 17.39
C THR F 101 -37.17 53.54 18.78
N GLY F 102 -36.00 52.92 18.87
CA GLY F 102 -35.40 52.57 20.15
C GLY F 102 -34.00 52.02 19.98
N THR F 103 -33.53 51.29 20.99
CA THR F 103 -32.14 50.83 21.05
C THR F 103 -31.76 49.88 19.92
N TRP F 104 -32.61 48.91 19.63
CA TRP F 104 -32.26 47.85 18.68
C TRP F 104 -32.29 48.28 17.22
N SER F 105 -33.28 49.06 16.82
CA SER F 105 -33.35 49.60 15.45
C SER F 105 -32.26 50.63 15.22
N LYS F 106 -31.92 51.39 16.26
CA LYS F 106 -30.76 52.30 16.22
C LYS F 106 -29.44 51.54 16.04
N LYS F 107 -29.26 50.45 16.80
CA LYS F 107 -28.09 49.57 16.63
C LYS F 107 -27.96 49.00 15.22
N ALA F 108 -29.08 48.54 14.66
CA ALA F 108 -29.09 48.02 13.29
C ALA F 108 -28.72 49.10 12.24
N PHE F 109 -29.25 50.31 12.42
CA PHE F 109 -28.87 51.47 11.61
C PHE F 109 -27.38 51.79 11.77
N ASP F 110 -26.89 51.79 13.02
CA ASP F 110 -25.47 52.08 13.30
C ASP F 110 -24.52 51.10 12.60
N GLU F 111 -24.87 49.81 12.61
CA GLU F 111 -24.05 48.79 11.96
C GLU F 111 -23.99 48.99 10.44
N CYS F 112 -25.15 49.23 9.81
CA CYS F 112 -25.19 49.50 8.37
C CYS F 112 -24.41 50.75 7.99
N LYS F 113 -24.51 51.78 8.82
CA LYS F 113 -23.72 53.01 8.64
C LYS F 113 -22.22 52.75 8.82
N ARG F 114 -21.88 51.95 9.84
CA ARG F 114 -20.50 51.58 10.14
C ARG F 114 -19.85 50.74 9.02
N LEU F 115 -20.60 49.80 8.44
CA LEU F 115 -20.09 48.99 7.33
C LEU F 115 -19.75 49.88 6.11
N ALA F 116 -20.58 50.90 5.86
CA ALA F 116 -20.29 51.96 4.88
C ALA F 116 -20.03 51.43 3.48
N PHE F 117 -20.99 50.68 2.96
CA PHE F 117 -20.90 50.15 1.59
C PHE F 117 -20.85 51.33 0.60
N PRO F 118 -19.80 51.39 -0.26
CA PRO F 118 -19.59 52.53 -1.16
C PRO F 118 -20.78 52.89 -2.04
N GLY F 119 -21.08 54.18 -2.16
CA GLY F 119 -22.19 54.65 -2.97
C GLY F 119 -23.59 54.42 -2.41
N VAL F 120 -23.70 53.98 -1.16
CA VAL F 120 -25.00 53.72 -0.54
C VAL F 120 -25.27 54.79 0.52
N THR F 121 -26.38 55.50 0.37
CA THR F 121 -26.83 56.43 1.39
C THR F 121 -27.54 55.60 2.45
N VAL F 122 -27.05 55.64 3.68
CA VAL F 122 -27.71 55.00 4.82
C VAL F 122 -28.55 56.05 5.54
N ASN F 123 -29.85 56.06 5.23
CA ASN F 123 -30.75 57.12 5.66
C ASN F 123 -31.52 56.76 6.92
N SER F 124 -31.45 57.63 7.93
CA SER F 124 -32.32 57.53 9.10
C SER F 124 -33.64 58.21 8.74
N VAL F 125 -34.73 57.46 8.87
CA VAL F 125 -36.06 57.88 8.43
C VAL F 125 -36.59 59.06 9.25
N ALA F 126 -36.48 58.97 10.57
CA ALA F 126 -36.94 59.99 11.48
C ALA F 126 -35.88 60.49 12.45
N GLY F 127 -34.60 60.17 12.19
CA GLY F 127 -33.51 60.49 13.11
C GLY F 127 -33.44 59.57 14.33
N ASN F 128 -32.64 59.98 15.31
CA ASN F 128 -32.46 59.19 16.54
C ASN F 128 -33.59 59.47 17.53
N PRO F 129 -34.03 58.45 18.28
CA PRO F 129 -35.07 58.68 19.29
C PRO F 129 -34.48 59.35 20.54
N PRO F 130 -35.34 60.00 21.35
CA PRO F 130 -34.89 60.61 22.59
C PRO F 130 -34.50 59.57 23.64
N ALA F 131 -34.02 60.05 24.79
CA ALA F 131 -33.59 59.16 25.87
C ALA F 131 -34.73 58.28 26.39
N ASN F 132 -35.92 58.86 26.59
CA ASN F 132 -37.07 58.13 27.10
C ASN F 132 -38.32 58.38 26.23
N PRO F 133 -38.36 57.75 25.04
CA PRO F 133 -39.43 58.02 24.08
C PRO F 133 -40.79 57.49 24.53
N VAL F 134 -41.85 58.22 24.16
CA VAL F 134 -43.22 57.84 24.52
C VAL F 134 -44.09 57.41 23.31
N GLU F 135 -43.49 57.36 22.12
CA GLU F 135 -44.18 57.04 20.87
C GLU F 135 -43.18 56.91 19.74
N VAL F 136 -43.65 56.51 18.55
CA VAL F 136 -42.84 56.62 17.33
C VAL F 136 -43.19 57.95 16.64
N PRO F 137 -42.20 58.61 16.00
CA PRO F 137 -42.49 59.88 15.31
C PRO F 137 -43.56 59.72 14.22
N ALA F 138 -44.41 60.74 14.08
CA ALA F 138 -45.57 60.72 13.19
C ALA F 138 -45.19 60.36 11.75
N ARG F 139 -46.06 59.58 11.11
CA ARG F 139 -45.81 59.04 9.77
C ARG F 139 -45.44 60.12 8.74
N ASP F 140 -46.06 61.30 8.82
CA ASP F 140 -45.78 62.39 7.87
C ASP F 140 -44.42 63.08 8.05
N THR F 141 -43.73 62.80 9.15
CA THR F 141 -42.35 63.28 9.36
C THR F 141 -41.26 62.37 8.77
N TRP F 142 -41.64 61.17 8.30
CA TRP F 142 -40.69 60.17 7.79
C TRP F 142 -40.13 60.59 6.42
N LYS F 143 -38.81 60.72 6.32
CA LYS F 143 -38.13 60.95 5.04
C LYS F 143 -37.66 59.61 4.46
N LEU F 144 -38.23 59.24 3.31
CA LEU F 144 -37.92 57.99 2.63
C LEU F 144 -37.05 58.25 1.39
N SER F 145 -36.27 57.25 1.02
CA SER F 145 -35.34 57.33 -0.10
C SER F 145 -36.00 56.82 -1.36
N GLU F 146 -35.68 57.45 -2.49
CA GLU F 146 -36.28 57.11 -3.78
C GLU F 146 -35.95 55.68 -4.21
N ASP F 147 -34.66 55.36 -4.18
CA ASP F 147 -34.15 54.07 -4.66
C ASP F 147 -33.90 53.12 -3.46
N ALA F 148 -34.87 53.02 -2.56
CA ALA F 148 -34.67 52.30 -1.30
C ALA F 148 -34.62 50.78 -1.53
N ALA F 149 -33.52 50.17 -1.11
CA ALA F 149 -33.40 48.70 -1.10
C ALA F 149 -34.45 48.05 -0.20
N TYR F 150 -34.70 48.68 0.95
CA TYR F 150 -35.67 48.20 1.92
C TYR F 150 -36.01 49.28 2.95
N PHE F 151 -37.06 49.04 3.73
CA PHE F 151 -37.39 49.84 4.91
C PHE F 151 -37.18 48.97 6.16
N TYR F 152 -36.16 49.31 6.96
CA TYR F 152 -35.85 48.56 8.17
C TYR F 152 -36.49 49.19 9.41
N TYR F 153 -37.20 48.38 10.19
CA TYR F 153 -37.65 48.81 11.52
C TYR F 153 -37.70 47.63 12.49
N CYS F 154 -37.88 47.95 13.77
CA CYS F 154 -37.99 46.96 14.84
C CYS F 154 -39.41 46.97 15.36
N ASP F 155 -40.11 45.85 15.21
CA ASP F 155 -41.54 45.74 15.50
C ASP F 155 -41.88 45.89 16.98
N ASN F 156 -40.92 45.58 17.85
CA ASN F 156 -41.09 45.68 19.30
C ASN F 156 -39.76 46.00 19.96
N GLU F 157 -39.60 47.25 20.41
CA GLU F 157 -38.38 47.68 21.08
C GLU F 157 -38.44 47.23 22.53
N THR F 158 -37.56 46.28 22.84
CA THR F 158 -37.58 45.53 24.09
C THR F 158 -37.33 46.40 25.33
N ILE F 159 -36.45 47.40 25.18
CA ILE F 159 -36.08 48.28 26.29
C ILE F 159 -37.11 49.40 26.51
N GLN F 160 -37.58 49.98 25.40
CA GLN F 160 -38.52 51.13 25.44
C GLN F 160 -39.98 50.74 25.67
N GLY F 161 -40.35 49.51 25.33
CA GLY F 161 -41.74 49.06 25.40
C GLY F 161 -42.64 49.66 24.32
N ILE F 162 -42.07 49.81 23.12
CA ILE F 162 -42.77 50.41 21.97
C ILE F 162 -42.99 49.36 20.88
N GLU F 163 -44.25 49.03 20.61
CA GLU F 163 -44.63 48.05 19.60
C GLU F 163 -45.57 48.65 18.54
N PHE F 164 -45.37 48.24 17.29
CA PHE F 164 -46.27 48.61 16.19
C PHE F 164 -47.48 47.69 16.21
N GLN F 165 -48.68 48.27 16.07
CA GLN F 165 -49.93 47.49 16.02
C GLN F 165 -50.10 46.75 14.69
N GLN F 166 -49.62 47.37 13.61
CA GLN F 166 -49.60 46.73 12.31
C GLN F 166 -48.41 47.27 11.52
N PHE F 167 -48.11 46.64 10.40
CA PHE F 167 -46.95 47.01 9.59
C PHE F 167 -47.14 48.42 9.02
N PRO F 168 -46.07 49.25 9.00
CA PRO F 168 -46.20 50.55 8.37
C PRO F 168 -46.42 50.45 6.85
N ASP F 169 -47.08 51.45 6.28
CA ASP F 169 -47.37 51.51 4.85
C ASP F 169 -46.28 52.35 4.18
N VAL F 170 -45.50 51.70 3.33
CA VAL F 170 -44.29 52.28 2.75
C VAL F 170 -44.01 51.59 1.41
N PRO F 171 -43.33 52.27 0.45
CA PRO F 171 -43.11 51.63 -0.86
C PRO F 171 -42.17 50.42 -0.86
N ALA F 172 -41.02 50.56 -0.21
CA ALA F 172 -39.98 49.52 -0.22
C ALA F 172 -40.40 48.27 0.59
N PRO F 173 -39.76 47.12 0.30
CA PRO F 173 -40.05 45.93 1.10
C PRO F 173 -39.55 46.10 2.54
N LEU F 174 -40.34 45.67 3.51
CA LEU F 174 -39.97 45.80 4.92
C LEU F 174 -38.92 44.76 5.32
N ILE F 175 -37.98 45.18 6.15
CA ILE F 175 -37.11 44.26 6.88
C ILE F 175 -37.34 44.51 8.37
N ILE F 176 -37.79 43.48 9.08
CA ILE F 176 -38.39 43.65 10.40
C ILE F 176 -37.67 42.80 11.45
N ASP F 177 -37.03 43.48 12.41
CA ASP F 177 -36.52 42.83 13.61
C ASP F 177 -37.73 42.48 14.50
N MET F 178 -38.01 41.20 14.63
CA MET F 178 -39.07 40.69 15.51
C MET F 178 -38.54 39.88 16.68
N SER F 179 -37.25 40.02 17.00
CA SER F 179 -36.61 39.27 18.08
C SER F 179 -37.48 39.15 19.35
N SER F 180 -38.04 40.25 19.82
CA SER F 180 -38.83 40.25 21.08
C SER F 180 -40.36 40.06 20.94
N ASN F 181 -40.87 39.77 19.73
CA ASN F 181 -42.30 39.42 19.57
C ASN F 181 -42.64 38.37 18.49
N PHE F 182 -41.63 37.61 18.06
CA PHE F 182 -41.81 36.62 17.00
C PHE F 182 -42.59 35.44 17.58
N LEU F 183 -43.65 35.03 16.87
CA LEU F 183 -44.62 34.01 17.34
C LEU F 183 -45.53 34.45 18.50
N SER F 184 -45.58 35.74 18.80
CA SER F 184 -46.48 36.27 19.83
C SER F 184 -47.83 36.69 19.24
N ARG F 185 -47.96 36.68 17.91
CA ARG F 185 -49.21 36.98 17.22
C ARG F 185 -49.11 36.53 15.77
N PRO F 186 -50.24 36.55 15.02
CA PRO F 186 -50.15 36.25 13.59
C PRO F 186 -49.44 37.34 12.79
N ILE F 187 -48.95 36.97 11.62
CA ILE F 187 -48.44 37.92 10.63
C ILE F 187 -49.39 37.84 9.44
N THR F 188 -50.06 38.95 9.14
CA THR F 188 -51.15 39.00 8.15
C THR F 188 -50.81 39.71 6.83
N GLN F 189 -49.72 40.47 6.78
CA GLN F 189 -49.43 41.35 5.63
C GLN F 189 -48.11 40.98 4.95
N TRP F 190 -48.00 39.71 4.54
CA TRP F 190 -46.79 39.17 3.91
C TRP F 190 -46.36 39.89 2.62
N GLU F 191 -47.31 40.49 1.91
CA GLU F 191 -47.05 41.28 0.69
C GLU F 191 -46.05 42.43 0.92
N LYS F 192 -46.05 42.99 2.12
CA LYS F 192 -45.15 44.11 2.47
C LYS F 192 -43.72 43.66 2.85
N VAL F 193 -43.50 42.37 3.04
CA VAL F 193 -42.30 41.85 3.71
C VAL F 193 -41.20 41.45 2.74
N GLY F 194 -40.04 42.10 2.87
CA GLY F 194 -38.80 41.63 2.28
C GLY F 194 -38.16 40.54 3.15
N CYS F 195 -38.02 40.82 4.45
CA CYS F 195 -37.39 39.89 5.38
C CYS F 195 -37.83 40.11 6.83
N ILE F 196 -38.14 39.03 7.52
CA ILE F 196 -38.34 39.05 8.99
C ILE F 196 -37.23 38.23 9.61
N PHE F 197 -36.75 38.66 10.76
CA PHE F 197 -35.85 37.85 11.55
C PHE F 197 -36.02 38.06 13.03
N ALA F 198 -35.57 37.06 13.79
CA ALA F 198 -35.65 37.11 15.23
C ALA F 198 -34.58 36.20 15.81
N CYS F 199 -33.89 36.67 16.84
CA CYS F 199 -33.07 35.78 17.65
C CYS F 199 -34.01 34.95 18.51
N ALA F 200 -33.55 33.78 18.94
CA ALA F 200 -34.42 32.80 19.58
C ALA F 200 -34.76 33.02 21.06
N GLN F 201 -34.10 33.96 21.76
CA GLN F 201 -33.91 33.79 23.23
C GLN F 201 -34.70 34.41 24.42
N ASN F 203 -38.33 34.53 22.46
CA ASN F 203 -39.61 33.82 22.43
C ASN F 203 -39.55 32.36 21.94
N PHE F 204 -38.35 31.84 21.62
CA PHE F 204 -38.22 30.43 21.25
C PHE F 204 -36.87 29.76 21.63
N GLY F 205 -36.44 29.98 22.87
CA GLY F 205 -35.42 29.14 23.53
C GLY F 205 -34.01 29.70 23.66
N LEU F 206 -33.08 29.17 22.88
CA LEU F 206 -31.64 29.37 23.11
C LEU F 206 -31.02 30.59 22.41
N ALA F 207 -30.12 31.28 23.12
CA ALA F 207 -29.29 32.32 22.51
C ALA F 207 -28.32 31.75 21.46
N GLY F 208 -27.88 32.60 20.54
CA GLY F 208 -26.90 32.23 19.53
C GLY F 208 -27.49 31.54 18.29
N MET F 209 -28.80 31.67 18.10
CA MET F 209 -29.48 31.20 16.90
C MET F 209 -30.59 32.20 16.55
N SER F 210 -30.76 32.43 15.24
CA SER F 210 -31.80 33.31 14.72
C SER F 210 -32.60 32.58 13.64
N VAL F 211 -33.86 32.99 13.49
CA VAL F 211 -34.68 32.62 12.35
C VAL F 211 -34.67 33.81 11.40
N VAL F 212 -34.45 33.54 10.12
CA VAL F 212 -34.53 34.56 9.06
C VAL F 212 -35.49 34.03 8.00
N ILE F 213 -36.56 34.78 7.76
CA ILE F 213 -37.58 34.44 6.78
C ILE F 213 -37.52 35.48 5.66
N ILE F 214 -37.29 35.02 4.43
CA ILE F 214 -36.88 35.88 3.31
C ILE F 214 -37.74 35.64 2.06
N ARG F 215 -38.20 36.73 1.43
CA ARG F 215 -38.95 36.65 0.18
C ARG F 215 -37.98 36.35 -0.98
N LYS F 216 -38.34 35.41 -1.85
CA LYS F 216 -37.40 34.84 -2.84
C LYS F 216 -36.76 35.84 -3.80
N ASP F 217 -37.52 36.85 -4.20
CA ASP F 217 -37.01 37.94 -5.02
C ASP F 217 -35.88 38.76 -4.34
N MET F 218 -35.89 38.81 -3.01
CA MET F 218 -34.82 39.51 -2.28
C MET F 218 -33.49 38.75 -2.37
N LEU F 219 -33.56 37.41 -2.36
CA LEU F 219 -32.38 36.56 -2.56
C LEU F 219 -31.82 36.58 -3.99
N GLU F 220 -32.63 37.00 -4.95
CA GLU F 220 -32.16 37.24 -6.33
C GLU F 220 -31.20 38.43 -6.46
N ARG F 221 -31.21 39.35 -5.49
CA ARG F 221 -30.32 40.52 -5.51
C ARG F 221 -28.87 40.08 -5.27
N PRO F 222 -27.90 40.80 -5.86
CA PRO F 222 -26.50 40.38 -5.70
C PRO F 222 -25.96 40.71 -4.31
N VAL F 223 -25.13 39.82 -3.76
CA VAL F 223 -24.47 40.06 -2.47
C VAL F 223 -23.33 41.06 -2.63
N LYS F 224 -23.15 41.93 -1.63
CA LYS F 224 -22.01 42.87 -1.60
C LYS F 224 -20.67 42.14 -1.44
N PRO F 225 -19.56 42.76 -1.90
CA PRO F 225 -18.22 42.19 -1.71
C PRO F 225 -17.86 41.98 -0.24
N PHE F 226 -17.03 40.98 0.04
CA PHE F 226 -16.53 40.67 1.40
C PHE F 226 -17.58 40.10 2.38
N CYS F 227 -18.68 39.56 1.88
CA CYS F 227 -19.63 38.84 2.75
C CYS F 227 -19.03 37.49 3.16
N PRO F 228 -18.95 37.21 4.48
CA PRO F 228 -18.58 35.86 4.94
C PRO F 228 -19.51 34.81 4.35
N ILE F 229 -18.96 33.73 3.82
CA ILE F 229 -19.78 32.82 3.00
C ILE F 229 -20.98 32.25 3.76
N THR F 230 -20.81 31.94 5.05
CA THR F 230 -21.94 31.49 5.86
C THR F 230 -22.99 32.57 6.11
N MET F 231 -22.64 33.85 5.96
CA MET F 231 -23.62 34.94 6.04
C MET F 231 -24.34 35.28 4.73
N ASP F 232 -24.05 34.56 3.66
CA ASP F 232 -24.79 34.69 2.41
C ASP F 232 -26.02 33.83 2.54
N TYR F 233 -27.19 34.46 2.60
CA TYR F 233 -28.45 33.73 2.80
C TYR F 233 -28.80 32.80 1.64
N ARG F 234 -28.42 33.20 0.42
CA ARG F 234 -28.58 32.34 -0.76
C ARG F 234 -27.83 31.01 -0.58
N ILE F 235 -26.62 31.08 -0.04
CA ILE F 235 -25.80 29.90 0.26
C ILE F 235 -26.49 29.03 1.31
N GLN F 236 -27.03 29.67 2.34
CA GLN F 236 -27.80 28.96 3.36
C GLN F 236 -28.99 28.19 2.75
N VAL F 237 -29.77 28.86 1.90
CA VAL F 237 -30.96 28.22 1.29
C VAL F 237 -30.54 27.07 0.38
N LYS F 238 -29.57 27.30 -0.53
CA LYS F 238 -29.02 26.25 -1.42
C LYS F 238 -28.53 24.99 -0.69
N ASN F 239 -27.98 25.16 0.51
CA ASN F 239 -27.49 24.05 1.32
C ASN F 239 -28.43 23.62 2.44
N ASN F 240 -29.66 24.16 2.44
CA ASN F 240 -30.69 23.86 3.44
C ASN F 240 -30.25 24.14 4.89
N CYS F 241 -29.61 25.28 5.11
CA CYS F 241 -29.10 25.68 6.43
C CYS F 241 -28.20 24.64 7.10
N MET F 242 -27.49 23.88 6.27
CA MET F 242 -26.50 22.91 6.71
C MET F 242 -25.31 22.98 5.75
N TYR F 243 -24.94 24.19 5.34
CA TYR F 243 -23.69 24.43 4.63
C TYR F 243 -22.55 23.93 5.53
N ASN F 244 -22.55 24.43 6.77
CA ASN F 244 -21.72 23.89 7.85
C ASN F 244 -22.67 23.31 8.91
N THR F 245 -22.16 22.99 10.09
CA THR F 245 -22.98 22.40 11.15
C THR F 245 -23.96 23.43 11.77
N PRO F 246 -25.28 23.17 11.70
CA PRO F 246 -26.23 24.08 12.33
C PRO F 246 -26.25 23.98 13.87
N PRO F 247 -26.85 24.98 14.54
CA PRO F 247 -27.00 24.94 16.00
C PRO F 247 -28.11 23.96 16.39
N THR F 248 -27.75 22.69 16.42
CA THR F 248 -28.72 21.60 16.47
C THR F 248 -29.56 21.63 17.73
N PHE F 249 -28.96 21.86 18.89
CA PHE F 249 -29.73 21.91 20.13
C PHE F 249 -30.72 23.07 20.19
N ALA F 250 -30.29 24.26 19.72
CA ALA F 250 -31.17 25.43 19.62
C ALA F 250 -32.38 25.15 18.73
N ILE F 251 -32.14 24.57 17.56
CA ILE F 251 -33.22 24.23 16.61
C ILE F 251 -34.17 23.16 17.22
N TYR F 252 -33.57 22.15 17.85
CA TYR F 252 -34.31 21.11 18.56
C TYR F 252 -35.20 21.66 19.67
N PHE F 253 -34.64 22.58 20.47
CA PHE F 253 -35.40 23.18 21.55
C PHE F 253 -36.45 24.16 21.04
N ALA F 254 -36.12 24.90 19.99
CA ALA F 254 -37.08 25.75 19.30
C ALA F 254 -38.30 24.94 18.81
N ASN F 255 -38.03 23.73 18.31
CA ASN F 255 -39.08 22.85 17.79
C ASN F 255 -40.06 22.38 18.90
N HIS F 256 -39.53 22.07 20.09
CA HIS F 256 -40.35 21.79 21.27
C HIS F 256 -41.28 22.96 21.64
N ILE F 257 -40.74 24.18 21.55
CA ILE F 257 -41.53 25.38 21.86
C ILE F 257 -42.62 25.60 20.80
N PHE F 258 -42.30 25.37 19.53
CA PHE F 258 -43.31 25.43 18.46
C PHE F 258 -44.47 24.44 18.70
N LYS F 259 -44.15 23.25 19.19
CA LYS F 259 -45.18 22.25 19.56
C LYS F 259 -46.04 22.72 20.72
N TRP F 260 -45.42 23.39 21.69
CA TRP F 260 -46.14 23.98 22.81
C TRP F 260 -47.10 25.08 22.37
N ILE F 261 -46.70 25.88 21.38
CA ILE F 261 -47.54 26.96 20.85
C ILE F 261 -48.78 26.37 20.15
N GLU F 262 -48.57 25.34 19.33
CA GLU F 262 -49.66 24.61 18.66
C GLU F 262 -50.66 24.00 19.64
N GLU F 263 -50.15 23.43 20.73
CA GLU F 263 -50.98 22.88 21.81
C GLU F 263 -51.85 23.95 22.49
N LYS F 264 -51.26 25.13 22.73
CA LYS F 264 -51.99 26.25 23.34
C LYS F 264 -52.99 26.97 22.40
N GLY F 265 -52.99 26.61 21.11
CA GLY F 265 -54.02 27.07 20.17
C GLY F 265 -53.54 27.88 18.97
N GLY F 266 -52.24 28.06 18.82
CA GLY F 266 -51.67 28.81 17.71
C GLY F 266 -51.41 30.27 18.05
N LEU F 267 -51.02 31.03 17.02
CA LEU F 267 -50.59 32.43 17.19
C LEU F 267 -51.73 33.39 17.56
N ALA F 268 -52.95 33.09 17.13
CA ALA F 268 -54.14 33.87 17.51
C ALA F 268 -54.40 33.76 19.01
N ALA F 269 -54.31 32.55 19.54
CA ALA F 269 -54.43 32.31 20.99
C ALA F 269 -53.34 33.05 21.78
N MET F 270 -52.10 32.97 21.29
CA MET F 270 -50.96 33.66 21.92
C MET F 270 -51.19 35.17 22.01
N ASP F 271 -51.64 35.79 20.93
CA ASP F 271 -51.93 37.24 20.91
C ASP F 271 -52.91 37.60 22.02
N ALA F 272 -54.02 36.87 22.08
CA ALA F 272 -55.05 37.07 23.12
C ALA F 272 -54.54 36.92 24.54
N LEU F 273 -53.75 35.86 24.78
CA LEU F 273 -53.17 35.63 26.11
C LEU F 273 -52.08 36.66 26.47
N ASN F 274 -51.36 37.15 25.46
CA ASN F 274 -50.38 38.23 25.67
C ASN F 274 -51.06 39.58 25.91
N LYS F 275 -52.10 39.88 25.13
CA LYS F 275 -52.92 41.08 25.35
C LYS F 275 -53.53 41.08 26.75
N GLU F 276 -54.12 39.95 27.14
CA GLU F 276 -54.73 39.77 28.47
C GLU F 276 -53.73 39.99 29.61
N LYS F 277 -52.54 39.41 29.47
CA LYS F 277 -51.47 39.57 30.47
C LYS F 277 -51.00 41.03 30.55
N ALA F 278 -50.77 41.63 29.38
CA ALA F 278 -50.33 43.03 29.28
C ALA F 278 -51.37 44.03 29.83
N LYS F 279 -52.64 43.76 29.57
CA LYS F 279 -53.75 44.58 30.09
C LYS F 279 -53.73 44.70 31.62
N LYS F 280 -53.49 43.57 32.30
CA LYS F 280 -53.46 43.54 33.77
C LYS F 280 -52.24 44.27 34.36
N VAL F 281 -51.09 44.18 33.69
CA VAL F 281 -49.87 44.87 34.13
C VAL F 281 -49.98 46.39 33.94
N TYR F 282 -50.49 46.83 32.79
CA TYR F 282 -50.69 48.25 32.52
C TYR F 282 -51.78 48.87 33.39
N GLU F 283 -52.86 48.11 33.60
CA GLU F 283 -53.91 48.48 34.56
C GLU F 283 -53.32 48.69 35.96
N ALA F 284 -52.40 47.82 36.36
CA ALA F 284 -51.70 47.93 37.65
C ALA F 284 -50.75 49.13 37.70
N ILE F 285 -50.07 49.41 36.60
CA ILE F 285 -49.17 50.58 36.49
C ILE F 285 -49.95 51.90 36.61
N ASP F 286 -51.04 52.02 35.87
CA ASP F 286 -51.81 53.28 35.78
C ASP F 286 -52.65 53.53 37.02
N SER F 287 -53.49 52.56 37.38
CA SER F 287 -54.43 52.71 38.51
C SER F 287 -53.72 52.97 39.85
N ASN F 288 -52.60 52.30 40.08
CA ASN F 288 -51.77 52.58 41.25
C ASN F 288 -51.04 53.91 41.07
N PRO F 289 -51.24 54.87 42.00
CA PRO F 289 -50.47 56.13 41.90
C PRO F 289 -48.99 56.04 42.34
N ASN F 290 -48.53 54.85 42.69
CA ASN F 290 -47.13 54.62 43.03
C ASN F 290 -46.24 54.49 41.78
N PHE F 291 -46.84 54.13 40.65
CA PHE F 291 -46.13 53.94 39.38
C PHE F 291 -46.78 54.69 38.22
N VAL F 292 -46.01 54.87 37.15
CA VAL F 292 -46.53 55.44 35.89
C VAL F 292 -45.77 54.92 34.66
N ASN F 293 -46.52 54.73 33.58
CA ASN F 293 -45.99 54.49 32.24
C ASN F 293 -46.68 55.49 31.32
N ARG F 294 -45.90 56.31 30.62
CA ARG F 294 -46.46 57.34 29.74
C ARG F 294 -46.25 57.05 28.24
N ILE F 295 -45.95 55.79 27.90
CA ILE F 295 -45.94 55.33 26.51
C ILE F 295 -47.40 55.38 26.06
N LYS F 296 -47.66 56.00 24.90
CA LYS F 296 -49.03 56.20 24.44
C LYS F 296 -49.66 54.84 24.10
N PRO F 297 -50.98 54.66 24.40
CA PRO F 297 -51.63 53.34 24.32
C PRO F 297 -51.55 52.61 22.97
N GLU F 298 -51.48 53.37 21.87
CA GLU F 298 -51.29 52.78 20.53
C GLU F 298 -49.86 52.21 20.29
N TRP F 299 -48.88 52.63 21.09
CA TRP F 299 -47.51 52.11 21.00
C TRP F 299 -47.12 51.17 22.14
N ARG F 300 -47.98 51.01 23.14
CA ARG F 300 -47.67 50.18 24.32
C ARG F 300 -47.45 48.72 23.94
N SER F 301 -46.25 48.21 24.22
CA SER F 301 -45.88 46.82 23.92
C SER F 301 -46.63 45.84 24.81
N ARG F 302 -47.09 44.73 24.22
CA ARG F 302 -47.72 43.64 24.96
C ARG F 302 -46.68 42.73 25.63
N MET F 303 -45.41 42.90 25.27
CA MET F 303 -44.33 41.99 25.68
C MET F 303 -43.43 42.57 26.76
N ASN F 304 -43.02 43.82 26.57
CA ASN F 304 -42.15 44.53 27.53
C ASN F 304 -42.88 45.75 28.06
N MET F 305 -43.16 45.75 29.37
CA MET F 305 -43.85 46.84 30.05
C MET F 305 -42.87 47.60 30.95
N PRO F 306 -42.34 48.74 30.47
CA PRO F 306 -41.62 49.62 31.40
C PRO F 306 -42.58 50.38 32.31
N PHE F 307 -42.10 50.77 33.48
CA PHE F 307 -42.82 51.67 34.38
C PHE F 307 -41.86 52.34 35.35
N PHE F 308 -42.27 53.48 35.90
CA PHE F 308 -41.40 54.37 36.66
C PHE F 308 -42.08 54.86 37.93
N ARG F 309 -41.31 55.54 38.80
CA ARG F 309 -41.85 56.24 39.97
C ARG F 309 -42.74 57.43 39.56
N PRO F 310 -43.49 58.00 40.53
CA PRO F 310 -44.49 59.07 40.43
C PRO F 310 -44.18 60.16 39.41
N CYS F 328 -38.67 43.27 46.03
CA CYS F 328 -38.50 42.95 44.61
C CYS F 328 -38.12 41.47 44.42
N THR F 329 -36.83 41.17 44.56
CA THR F 329 -36.32 39.80 44.44
C THR F 329 -36.70 38.92 45.65
N GLN F 330 -36.93 39.54 46.80
CA GLN F 330 -37.36 38.81 48.02
C GLN F 330 -38.69 38.04 47.86
N ARG F 331 -39.57 38.54 47.00
CA ARG F 331 -40.85 37.84 46.70
C ARG F 331 -40.80 36.93 45.45
N LYS F 332 -39.59 36.48 45.06
CA LYS F 332 -39.39 35.58 43.92
C LYS F 332 -39.86 36.15 42.55
N LEU F 333 -39.83 37.47 42.42
CA LEU F 333 -40.11 38.18 41.16
C LEU F 333 -38.78 38.79 40.74
N LEU F 334 -38.21 38.30 39.63
CA LEU F 334 -36.80 38.53 39.29
C LEU F 334 -36.58 39.33 38.02
N THR F 335 -35.54 40.17 38.02
CA THR F 335 -35.08 40.90 36.84
C THR F 335 -36.14 41.92 36.38
N LEU F 336 -36.40 42.89 37.25
CA LEU F 336 -37.41 43.91 36.98
C LEU F 336 -36.84 45.29 36.64
N LYS F 337 -35.63 45.60 37.09
CA LYS F 337 -34.91 46.72 36.49
C LYS F 337 -34.36 46.22 35.15
N GLY F 338 -34.50 46.96 34.04
CA GLY F 338 -34.98 48.36 33.98
C GLY F 338 -33.76 49.22 33.73
N HIS F 339 -33.77 49.98 32.62
CA HIS F 339 -32.55 50.59 32.10
C HIS F 339 -32.06 51.79 32.92
N VAL F 340 -30.73 51.87 33.07
CA VAL F 340 -30.05 52.92 33.86
C VAL F 340 -30.20 54.32 33.24
N PHE F 345 -38.27 50.61 36.03
CA PHE F 345 -38.68 49.20 36.08
C PHE F 345 -39.14 48.69 34.71
N ARG F 346 -39.08 47.37 34.51
CA ARG F 346 -39.48 46.73 33.25
C ARG F 346 -39.91 45.28 33.46
N ALA F 347 -41.14 44.96 33.09
CA ALA F 347 -41.68 43.60 33.18
C ALA F 347 -41.77 43.02 31.79
N SER F 348 -40.92 42.03 31.51
CA SER F 348 -40.95 41.33 30.23
C SER F 348 -41.82 40.08 30.35
N CYS F 349 -42.86 40.00 29.52
CA CYS F 349 -43.79 38.89 29.53
C CYS F 349 -44.00 38.37 28.12
N TYR F 350 -43.16 37.40 27.74
CA TYR F 350 -43.26 36.72 26.44
C TYR F 350 -44.25 35.56 26.55
N ASN F 351 -44.40 34.77 25.48
CA ASN F 351 -45.35 33.65 25.44
C ASN F 351 -45.36 32.76 26.69
N ALA F 352 -44.17 32.43 27.20
CA ALA F 352 -44.01 31.43 28.27
C ALA F 352 -44.20 31.96 29.68
N CYS F 353 -44.43 33.27 29.82
CA CYS F 353 -44.72 33.87 31.12
C CYS F 353 -46.10 33.40 31.57
N PRO F 354 -46.16 32.63 32.68
CA PRO F 354 -47.46 32.14 33.12
C PRO F 354 -48.31 33.24 33.76
N MET F 355 -49.63 33.01 33.80
CA MET F 355 -50.56 33.93 34.44
C MET F 355 -50.22 34.12 35.92
N GLU F 356 -49.75 33.04 36.57
CA GLU F 356 -49.28 33.08 37.96
C GLU F 356 -48.19 34.14 38.24
N ALA F 357 -47.30 34.36 37.28
CA ALA F 357 -46.25 35.38 37.40
C ALA F 357 -46.83 36.79 37.39
N VAL F 358 -47.69 37.06 36.42
CA VAL F 358 -48.33 38.37 36.28
C VAL F 358 -49.18 38.69 37.51
N ASP F 359 -49.93 37.70 38.01
CA ASP F 359 -50.76 37.88 39.22
C ASP F 359 -49.92 38.16 40.47
N ALA F 360 -48.77 37.50 40.60
CA ALA F 360 -47.85 37.76 41.71
C ALA F 360 -47.17 39.12 41.62
N LEU F 361 -46.94 39.60 40.39
CA LEU F 361 -46.35 40.93 40.17
C LEU F 361 -47.30 42.06 40.56
N VAL F 362 -48.55 41.98 40.10
CA VAL F 362 -49.55 43.01 40.40
C VAL F 362 -49.88 43.10 41.89
N GLN F 363 -49.93 41.96 42.57
CA GLN F 363 -50.15 41.92 44.02
C GLN F 363 -49.00 42.60 44.75
N ALA F 364 -47.77 42.31 44.35
CA ALA F 364 -46.58 42.96 44.90
C ALA F 364 -46.56 44.47 44.64
N MET F 365 -46.97 44.86 43.43
CA MET F 365 -47.13 46.28 43.05
C MET F 365 -48.20 46.97 43.92
N LYS F 366 -49.29 46.26 44.20
CA LYS F 366 -50.35 46.76 45.08
C LYS F 366 -49.89 46.87 46.55
N GLU F 367 -49.10 45.90 47.00
CA GLU F 367 -48.60 45.87 48.39
C GLU F 367 -47.41 46.81 48.68
N TRP F 368 -46.84 47.44 47.66
CA TRP F 368 -45.77 48.42 47.86
C TRP F 368 -46.34 49.76 48.34
N ARG G 5 6.91 -1.79 -31.88
CA ARG G 5 8.15 -1.04 -32.27
C ARG G 5 8.85 -1.72 -33.46
N ALA G 6 8.90 -1.05 -34.60
CA ALA G 6 9.64 -1.55 -35.76
C ALA G 6 11.14 -1.33 -35.59
N TYR G 7 11.94 -2.09 -36.33
CA TYR G 7 13.36 -1.79 -36.53
C TYR G 7 13.43 -0.84 -37.72
N ASN G 8 13.73 0.42 -37.43
CA ASN G 8 13.51 1.52 -38.37
C ASN G 8 14.84 2.05 -38.92
N PHE G 9 15.14 1.73 -40.18
CA PHE G 9 16.38 2.15 -40.79
C PHE G 9 16.22 3.34 -41.72
N SER G 10 15.18 4.14 -41.51
CA SER G 10 14.96 5.34 -42.32
C SER G 10 16.17 6.27 -42.27
N ALA G 11 16.55 6.79 -43.44
CA ALA G 11 17.65 7.74 -43.56
C ALA G 11 17.32 9.16 -43.09
N GLY G 12 16.04 9.50 -42.91
CA GLY G 12 15.64 10.85 -42.51
C GLY G 12 14.25 11.25 -43.00
N PRO G 13 13.31 11.63 -42.13
CA PRO G 13 13.43 11.56 -40.67
C PRO G 13 13.67 10.14 -40.13
N ALA G 14 14.24 10.08 -38.94
CA ALA G 14 14.90 8.87 -38.43
C ALA G 14 14.43 8.50 -37.03
N ALA G 15 14.90 7.35 -36.58
CA ALA G 15 14.61 6.83 -35.25
C ALA G 15 15.10 7.80 -34.19
N VAL G 16 14.30 7.93 -33.14
CA VAL G 16 14.68 8.72 -31.97
C VAL G 16 14.62 7.79 -30.76
N PRO G 17 15.25 8.18 -29.64
CA PRO G 17 15.22 7.28 -28.48
C PRO G 17 13.82 7.13 -27.93
N LEU G 18 13.44 5.89 -27.63
CA LEU G 18 12.12 5.57 -27.10
C LEU G 18 11.81 6.37 -25.84
N GLU G 19 12.78 6.43 -24.93
CA GLU G 19 12.69 7.24 -23.71
C GLU G 19 12.35 8.73 -23.96
N CYS G 20 12.85 9.30 -25.06
CA CYS G 20 12.52 10.68 -25.42
C CYS G 20 11.07 10.82 -25.89
N LEU G 21 10.59 9.87 -26.68
CA LEU G 21 9.18 9.85 -27.10
C LEU G 21 8.25 9.70 -25.88
N GLU G 22 8.60 8.81 -24.96
CA GLU G 22 7.79 8.58 -23.75
C GLU G 22 7.74 9.81 -22.86
N ARG G 23 8.89 10.45 -22.66
CA ARG G 23 8.96 11.71 -21.88
C ARG G 23 8.08 12.80 -22.49
N ALA G 24 8.10 12.91 -23.82
CA ALA G 24 7.28 13.89 -24.53
C ALA G 24 5.78 13.66 -24.35
N ALA G 25 5.34 12.43 -24.58
CA ALA G 25 3.94 12.04 -24.38
C ALA G 25 3.48 12.25 -22.93
N ALA G 26 4.33 11.89 -21.96
CA ALA G 26 4.01 12.02 -20.54
C ALA G 26 3.74 13.46 -20.06
N GLU G 27 4.35 14.45 -20.71
CA GLU G 27 4.12 15.85 -20.33
C GLU G 27 3.43 16.66 -21.43
N MET G 28 2.73 15.97 -22.34
CA MET G 28 2.16 16.60 -23.53
C MET G 28 1.11 17.64 -23.17
N THR G 29 0.29 17.35 -22.16
CA THR G 29 -0.80 18.25 -21.75
C THR G 29 -0.41 19.22 -20.63
N ASN G 30 0.72 18.98 -19.98
CA ASN G 30 1.13 19.76 -18.83
C ASN G 30 2.64 19.74 -18.64
N TRP G 31 3.31 20.72 -19.25
CA TRP G 31 4.77 20.81 -19.28
C TRP G 31 5.31 21.65 -18.12
N ARG G 32 6.20 21.03 -17.33
CA ARG G 32 6.81 21.68 -16.16
C ARG G 32 5.77 22.24 -15.17
N ASN G 33 4.65 21.53 -15.02
CA ASN G 33 3.57 21.90 -14.09
C ASN G 33 3.01 23.32 -14.30
N SER G 34 3.03 23.79 -15.55
CA SER G 34 2.56 25.14 -15.89
C SER G 34 1.09 25.15 -16.32
N GLY G 35 0.50 23.97 -16.50
CA GLY G 35 -0.89 23.85 -16.96
C GLY G 35 -1.09 23.94 -18.47
N MET G 36 0.01 24.08 -19.23
CA MET G 36 -0.02 24.13 -20.68
C MET G 36 0.99 23.15 -21.25
N SER G 37 0.74 22.68 -22.46
CA SER G 37 1.75 21.98 -23.27
C SER G 37 2.90 22.94 -23.58
N VAL G 38 4.07 22.38 -23.86
CA VAL G 38 5.18 23.14 -24.44
C VAL G 38 4.75 23.78 -25.78
N ILE G 39 3.85 23.12 -26.50
CA ILE G 39 3.25 23.62 -27.74
C ILE G 39 2.42 24.93 -27.57
N GLU G 40 1.94 25.21 -26.36
CA GLU G 40 1.00 26.31 -26.12
C GLU G 40 1.59 27.55 -25.41
N VAL G 41 2.86 27.47 -25.00
CA VAL G 41 3.50 28.57 -24.28
C VAL G 41 4.04 29.66 -25.21
N SER G 42 4.03 30.90 -24.72
CA SER G 42 4.65 32.02 -25.42
C SER G 42 6.17 31.85 -25.46
N HIS G 43 6.74 32.06 -26.63
CA HIS G 43 8.20 32.14 -26.78
C HIS G 43 8.83 33.30 -25.99
N ARG G 44 8.07 34.37 -25.76
CA ARG G 44 8.54 35.50 -24.93
C ARG G 44 8.38 35.24 -23.41
N GLY G 45 7.65 34.19 -23.03
CA GLY G 45 7.43 33.86 -21.62
C GLY G 45 8.67 33.31 -20.96
N LYS G 46 8.61 33.27 -19.62
CA LYS G 46 9.76 32.93 -18.79
C LYS G 46 10.16 31.47 -18.98
N HIS G 47 9.18 30.58 -19.06
CA HIS G 47 9.46 29.16 -19.24
C HIS G 47 10.15 28.86 -20.55
N TRP G 48 9.63 29.37 -21.67
CA TRP G 48 10.23 29.05 -22.96
C TRP G 48 11.66 29.59 -23.07
N MET G 49 11.86 30.82 -22.63
CA MET G 49 13.17 31.46 -22.64
C MET G 49 14.21 30.68 -21.83
N GLU G 50 13.81 30.11 -20.69
CA GLU G 50 14.68 29.20 -19.94
C GLU G 50 14.98 27.90 -20.72
N GLU G 51 13.95 27.31 -21.34
CA GLU G 51 14.12 26.06 -22.10
C GLU G 51 15.10 26.24 -23.25
N GLN G 52 14.93 27.32 -24.00
CA GLN G 52 15.79 27.59 -25.16
C GLN G 52 17.23 27.91 -24.77
N LYS G 53 17.43 28.65 -23.68
CA LYS G 53 18.79 28.94 -23.19
C LYS G 53 19.47 27.63 -22.76
N GLU G 54 18.76 26.82 -21.97
CA GLU G 54 19.25 25.52 -21.53
C GLU G 54 19.63 24.59 -22.68
N ALA G 55 18.79 24.53 -23.72
CA ALA G 55 19.06 23.71 -24.90
C ALA G 55 20.33 24.17 -25.63
N THR G 56 20.51 25.49 -25.71
CA THR G 56 21.70 26.07 -26.33
C THR G 56 22.94 25.73 -25.50
N GLU G 57 22.81 25.87 -24.18
CA GLU G 57 23.89 25.57 -23.24
C GLU G 57 24.24 24.08 -23.21
N ARG G 58 23.22 23.23 -23.27
CA ARG G 58 23.42 21.77 -23.23
C ARG G 58 24.15 21.31 -24.49
N LEU G 59 23.77 21.88 -25.63
CA LEU G 59 24.48 21.63 -26.89
C LEU G 59 25.93 22.09 -26.84
N ARG G 60 26.16 23.28 -26.27
CA ARG G 60 27.53 23.78 -26.11
C ARG G 60 28.37 22.84 -25.26
N THR G 61 27.80 22.39 -24.14
CA THR G 61 28.46 21.43 -23.25
C THR G 61 28.80 20.11 -23.96
N LEU G 62 27.84 19.56 -24.71
CA LEU G 62 28.03 18.28 -25.40
C LEU G 62 29.19 18.34 -26.38
N LEU G 63 29.19 19.38 -27.21
CA LEU G 63 30.25 19.55 -28.22
C LEU G 63 31.52 20.25 -27.73
N GLN G 64 31.46 20.85 -26.54
CA GLN G 64 32.47 21.82 -26.07
C GLN G 64 32.72 22.86 -27.17
N VAL G 65 31.65 23.52 -27.59
CA VAL G 65 31.75 24.56 -28.61
C VAL G 65 32.43 25.76 -27.94
N PRO G 66 33.60 26.20 -28.46
CA PRO G 66 34.28 27.35 -27.85
C PRO G 66 33.45 28.63 -27.86
N GLU G 67 33.80 29.57 -27.00
CA GLU G 67 33.03 30.81 -26.81
C GLU G 67 33.13 31.81 -27.96
N ASN G 68 34.08 31.64 -28.88
CA ASN G 68 34.09 32.45 -30.11
C ASN G 68 33.12 31.95 -31.20
N PHE G 69 32.22 31.02 -30.85
CA PHE G 69 31.17 30.55 -31.75
C PHE G 69 29.79 30.86 -31.19
N ASN G 70 28.89 31.33 -32.04
CA ASN G 70 27.47 31.39 -31.72
C ASN G 70 26.80 30.07 -32.07
N ILE G 71 25.77 29.72 -31.31
CA ILE G 71 24.97 28.53 -31.56
C ILE G 71 23.56 29.02 -31.90
N LEU G 72 23.03 28.60 -33.05
CA LEU G 72 21.66 28.98 -33.48
C LEU G 72 20.74 27.79 -33.69
N PHE G 73 19.48 27.95 -33.27
CA PHE G 73 18.39 27.05 -33.62
C PHE G 73 17.53 27.86 -34.58
N VAL G 74 17.20 27.29 -35.73
CA VAL G 74 16.61 28.04 -36.83
C VAL G 74 15.58 27.20 -37.57
N ALA G 75 14.48 27.82 -37.99
CA ALA G 75 13.46 27.12 -38.77
C ALA G 75 14.02 26.85 -40.16
N GLY G 76 13.64 25.73 -40.74
CA GLY G 76 14.10 25.35 -42.09
C GLY G 76 15.17 24.27 -42.04
N GLY G 77 15.09 23.36 -43.00
CA GLY G 77 16.04 22.26 -43.11
C GLY G 77 17.38 22.66 -43.65
N ALA G 78 18.20 21.65 -43.95
CA ALA G 78 19.55 21.86 -44.44
C ALA G 78 19.56 22.61 -45.76
N SER G 79 18.60 22.29 -46.63
CA SER G 79 18.49 22.87 -47.95
C SER G 79 18.34 24.39 -47.92
N LEU G 80 17.56 24.91 -46.98
CA LEU G 80 17.46 26.36 -46.80
C LEU G 80 18.80 26.99 -46.37
N GLN G 81 19.61 26.25 -45.60
CA GLN G 81 20.94 26.74 -45.21
C GLN G 81 21.93 26.73 -46.40
N PHE G 82 21.73 25.83 -47.38
CA PHE G 82 22.52 25.86 -48.64
C PHE G 82 22.45 27.22 -49.32
N SER G 83 21.28 27.85 -49.22
CA SER G 83 21.05 29.20 -49.74
C SER G 83 21.66 30.23 -48.81
N ALA G 84 21.37 30.10 -47.51
CA ALA G 84 21.84 31.06 -46.52
C ALA G 84 23.35 31.21 -46.46
N ILE G 85 24.08 30.13 -46.72
CA ILE G 85 25.54 30.15 -46.55
C ILE G 85 26.26 31.20 -47.42
N PRO G 86 26.05 31.18 -48.76
CA PRO G 86 26.69 32.22 -49.58
C PRO G 86 26.18 33.64 -49.30
N PHE G 87 24.87 33.82 -49.12
CA PHE G 87 24.32 35.11 -48.69
C PHE G 87 25.12 35.68 -47.51
N ASN G 88 25.36 34.84 -46.51
CA ASN G 88 26.00 35.27 -45.28
C ASN G 88 27.52 35.34 -45.29
N PHE G 89 28.19 34.45 -46.04
CA PHE G 89 29.63 34.24 -45.84
C PHE G 89 30.56 34.50 -47.02
N ILE G 90 30.03 34.85 -48.19
CA ILE G 90 30.90 35.28 -49.30
C ILE G 90 31.63 36.57 -48.90
N GLY G 91 30.87 37.53 -48.37
CA GLY G 91 31.41 38.82 -47.99
C GLY G 91 31.84 39.60 -49.23
N GLU G 92 33.12 39.97 -49.27
CA GLU G 92 33.69 40.69 -50.40
C GLU G 92 34.61 39.82 -51.23
N HIS G 93 34.64 38.51 -50.93
CA HIS G 93 35.53 37.59 -51.62
C HIS G 93 35.07 37.31 -53.05
N LYS G 94 36.01 37.01 -53.93
CA LYS G 94 35.73 36.78 -55.36
C LYS G 94 35.44 35.33 -55.71
N ALA G 95 35.58 34.42 -54.75
CA ALA G 95 35.47 32.98 -55.03
C ALA G 95 34.91 32.20 -53.84
N VAL G 96 34.31 31.04 -54.12
CA VAL G 96 33.93 30.06 -53.08
C VAL G 96 34.24 28.66 -53.59
N ASP G 97 34.76 27.82 -52.70
CA ASP G 97 35.14 26.44 -53.02
C ASP G 97 34.17 25.44 -52.40
N TYR G 98 33.75 24.48 -53.24
CA TYR G 98 32.85 23.38 -52.87
C TYR G 98 33.48 22.06 -53.24
N LEU G 99 33.72 21.21 -52.24
CA LEU G 99 34.17 19.86 -52.49
C LEU G 99 32.93 18.97 -52.59
N CYS G 100 32.61 18.53 -53.80
CA CYS G 100 31.45 17.68 -54.05
C CYS G 100 31.83 16.21 -53.99
N THR G 101 31.57 15.57 -52.85
CA THR G 101 31.88 14.14 -52.64
C THR G 101 30.67 13.20 -52.86
N GLY G 102 29.49 13.77 -53.06
CA GLY G 102 28.26 13.00 -53.28
C GLY G 102 27.08 13.92 -53.53
N THR G 103 25.88 13.44 -53.23
CA THR G 103 24.65 14.13 -53.58
C THR G 103 24.39 15.46 -52.85
N TRP G 104 24.59 15.50 -51.52
CA TRP G 104 24.21 16.71 -50.77
C TRP G 104 25.20 17.87 -50.94
N SER G 105 26.50 17.57 -50.95
CA SER G 105 27.52 18.59 -51.25
C SER G 105 27.35 19.11 -52.67
N LYS G 106 27.02 18.22 -53.62
CA LYS G 106 26.68 18.65 -54.97
C LYS G 106 25.43 19.54 -55.01
N LYS G 107 24.40 19.22 -54.21
CA LYS G 107 23.20 20.07 -54.14
C LYS G 107 23.51 21.48 -53.61
N ALA G 108 24.40 21.58 -52.64
CA ALA G 108 24.76 22.88 -52.06
C ALA G 108 25.54 23.75 -53.06
N PHE G 109 26.47 23.13 -53.78
CA PHE G 109 27.18 23.76 -54.90
C PHE G 109 26.19 24.23 -55.97
N ASP G 110 25.20 23.40 -56.31
CA ASP G 110 24.18 23.77 -57.31
C ASP G 110 23.39 25.00 -56.87
N GLU G 111 23.06 25.09 -55.59
CA GLU G 111 22.30 26.24 -55.10
C GLU G 111 23.15 27.51 -55.12
N CYS G 112 24.42 27.42 -54.70
CA CYS G 112 25.32 28.58 -54.78
C CYS G 112 25.51 29.05 -56.24
N LYS G 113 25.73 28.07 -57.13
CA LYS G 113 25.84 28.35 -58.55
C LYS G 113 24.56 29.00 -59.08
N ARG G 114 23.42 28.44 -58.71
CA ARG G 114 22.11 28.95 -59.15
C ARG G 114 21.86 30.39 -58.67
N LEU G 115 22.17 30.68 -57.40
CA LEU G 115 21.97 32.04 -56.87
C LEU G 115 22.74 33.10 -57.70
N ALA G 116 23.91 32.72 -58.19
CA ALA G 116 24.67 33.52 -59.16
C ALA G 116 24.98 34.93 -58.66
N PHE G 117 25.66 35.00 -57.51
CA PHE G 117 26.11 36.28 -56.96
C PHE G 117 27.15 36.91 -57.90
N PRO G 118 26.85 38.11 -58.46
CA PRO G 118 27.72 38.63 -59.52
C PRO G 118 29.15 38.81 -59.07
N GLY G 119 30.10 38.46 -59.93
CA GLY G 119 31.52 38.59 -59.64
C GLY G 119 32.10 37.54 -58.71
N VAL G 120 31.38 36.45 -58.48
CA VAL G 120 31.83 35.38 -57.56
C VAL G 120 32.01 34.08 -58.33
N THR G 121 33.22 33.54 -58.29
CA THR G 121 33.53 32.26 -58.93
C THR G 121 33.13 31.11 -58.01
N VAL G 122 32.11 30.33 -58.41
CA VAL G 122 31.69 29.14 -57.66
C VAL G 122 32.43 27.93 -58.22
N ASN G 123 33.42 27.45 -57.48
CA ASN G 123 34.37 26.47 -57.98
C ASN G 123 34.15 25.10 -57.36
N SER G 124 33.94 24.08 -58.21
CA SER G 124 33.95 22.69 -57.76
C SER G 124 35.40 22.22 -57.62
N VAL G 125 35.80 21.93 -56.39
CA VAL G 125 37.21 21.63 -56.05
C VAL G 125 37.77 20.39 -56.77
N ALA G 126 36.95 19.35 -56.89
CA ALA G 126 37.36 18.10 -57.50
C ALA G 126 36.38 17.63 -58.58
N GLY G 127 35.65 18.58 -59.19
CA GLY G 127 34.66 18.26 -60.21
C GLY G 127 33.40 17.62 -59.65
N ASN G 128 32.51 17.21 -60.55
CA ASN G 128 31.30 16.49 -60.17
C ASN G 128 31.73 15.10 -59.74
N PRO G 129 31.16 14.59 -58.64
CA PRO G 129 31.51 13.23 -58.28
C PRO G 129 30.96 12.25 -59.33
N PRO G 130 31.61 11.09 -59.50
CA PRO G 130 31.07 10.10 -60.42
C PRO G 130 29.74 9.54 -59.91
N ALA G 131 29.11 8.68 -60.71
CA ALA G 131 27.83 8.08 -60.34
C ALA G 131 27.93 7.31 -59.03
N ASN G 132 29.02 6.56 -58.88
CA ASN G 132 29.26 5.76 -57.69
C ASN G 132 30.66 5.99 -57.15
N PRO G 133 30.89 7.09 -56.42
CA PRO G 133 32.23 7.31 -55.86
C PRO G 133 32.58 6.27 -54.81
N VAL G 134 33.84 5.84 -54.80
CA VAL G 134 34.34 4.86 -53.83
C VAL G 134 35.20 5.52 -52.74
N GLU G 135 35.43 6.82 -52.87
CA GLU G 135 36.33 7.57 -52.01
C GLU G 135 36.05 9.05 -52.18
N VAL G 136 36.64 9.85 -51.30
CA VAL G 136 36.79 11.29 -51.52
C VAL G 136 38.02 11.44 -52.43
N PRO G 137 37.96 12.31 -53.45
CA PRO G 137 39.15 12.49 -54.29
C PRO G 137 40.39 12.93 -53.50
N ALA G 138 41.57 12.50 -53.97
CA ALA G 138 42.81 12.72 -53.23
C ALA G 138 43.07 14.21 -53.02
N ARG G 139 43.57 14.56 -51.83
CA ARG G 139 43.84 15.95 -51.45
C ARG G 139 44.66 16.74 -52.48
N ASP G 140 45.71 16.12 -53.00
CA ASP G 140 46.63 16.79 -53.92
C ASP G 140 46.06 17.04 -55.34
N THR G 141 44.88 16.49 -55.66
CA THR G 141 44.17 16.82 -56.90
C THR G 141 43.22 18.02 -56.78
N TRP G 142 42.97 18.49 -55.56
CA TRP G 142 41.99 19.55 -55.32
C TRP G 142 42.50 20.87 -55.89
N LYS G 143 41.62 21.59 -56.58
CA LYS G 143 41.95 22.91 -57.11
C LYS G 143 41.19 23.94 -56.29
N LEU G 144 41.92 24.66 -55.45
CA LEU G 144 41.37 25.69 -54.58
C LEU G 144 41.51 27.05 -55.25
N SER G 145 40.60 27.98 -54.92
CA SER G 145 40.58 29.33 -55.47
C SER G 145 41.39 30.26 -54.57
N GLU G 146 41.99 31.30 -55.15
CA GLU G 146 42.93 32.14 -54.41
C GLU G 146 42.28 33.07 -53.38
N ASP G 147 41.12 33.63 -53.72
CA ASP G 147 40.39 34.50 -52.79
C ASP G 147 39.11 33.81 -52.28
N ALA G 148 39.21 32.51 -51.96
CA ALA G 148 38.06 31.74 -51.51
C ALA G 148 37.52 32.22 -50.15
N ALA G 149 36.22 32.54 -50.12
CA ALA G 149 35.53 32.94 -48.89
C ALA G 149 35.49 31.80 -47.87
N TYR G 150 35.27 30.58 -48.38
CA TYR G 150 35.21 29.40 -47.54
C TYR G 150 35.43 28.15 -48.37
N PHE G 151 35.65 27.04 -47.68
CA PHE G 151 35.71 25.72 -48.28
C PHE G 151 34.50 24.92 -47.76
N TYR G 152 33.52 24.72 -48.64
CA TYR G 152 32.31 23.97 -48.28
C TYR G 152 32.49 22.48 -48.55
N TYR G 153 32.00 21.66 -47.63
CA TYR G 153 31.91 20.20 -47.86
C TYR G 153 30.88 19.55 -46.96
N CYS G 154 30.53 18.31 -47.29
CA CYS G 154 29.59 17.50 -46.51
C CYS G 154 30.35 16.40 -45.78
N ASP G 155 30.31 16.45 -44.45
CA ASP G 155 31.08 15.51 -43.62
C ASP G 155 30.64 14.05 -43.77
N ASN G 156 29.36 13.82 -44.03
CA ASN G 156 28.82 12.47 -44.19
C ASN G 156 27.77 12.46 -45.27
N GLU G 157 28.06 11.79 -46.36
CA GLU G 157 27.18 11.74 -47.51
C GLU G 157 26.27 10.52 -47.38
N THR G 158 25.01 10.83 -47.11
CA THR G 158 23.99 9.89 -46.68
C THR G 158 23.69 8.81 -47.73
N ILE G 159 23.62 9.21 -49.00
CA ILE G 159 23.27 8.32 -50.11
C ILE G 159 24.46 7.45 -50.54
N GLN G 160 25.66 8.04 -50.57
CA GLN G 160 26.87 7.31 -50.99
C GLN G 160 27.55 6.52 -49.85
N GLY G 161 27.32 6.91 -48.61
CA GLY G 161 28.00 6.30 -47.45
C GLY G 161 29.48 6.65 -47.35
N ILE G 162 29.83 7.89 -47.68
CA ILE G 162 31.20 8.38 -47.61
C ILE G 162 31.31 9.42 -46.49
N GLU G 163 32.14 9.14 -45.49
CA GLU G 163 32.34 9.99 -44.32
C GLU G 163 33.81 10.31 -44.12
N PHE G 164 34.08 11.54 -43.72
CA PHE G 164 35.43 11.99 -43.38
C PHE G 164 35.82 11.55 -41.98
N GLN G 165 37.07 11.10 -41.82
CA GLN G 165 37.61 10.75 -40.49
C GLN G 165 38.08 11.99 -39.73
N GLN G 166 38.69 12.94 -40.44
CA GLN G 166 39.16 14.21 -39.88
C GLN G 166 38.81 15.37 -40.81
N PHE G 167 38.77 16.60 -40.28
CA PHE G 167 38.49 17.78 -41.11
C PHE G 167 39.58 17.93 -42.21
N PRO G 168 39.18 18.37 -43.42
CA PRO G 168 40.18 18.70 -44.45
C PRO G 168 41.18 19.78 -44.02
N ASP G 169 42.37 19.73 -44.61
CA ASP G 169 43.43 20.70 -44.36
C ASP G 169 43.51 21.65 -45.57
N VAL G 170 42.84 22.79 -45.44
CA VAL G 170 42.76 23.78 -46.51
C VAL G 170 42.92 25.17 -45.88
N PRO G 171 43.30 26.18 -46.69
CA PRO G 171 43.45 27.55 -46.11
C PRO G 171 42.14 28.19 -45.65
N ALA G 172 41.12 28.17 -46.51
CA ALA G 172 39.88 28.90 -46.22
C ALA G 172 39.09 28.28 -45.05
N PRO G 173 38.22 29.09 -44.38
CA PRO G 173 37.45 28.52 -43.28
C PRO G 173 36.44 27.48 -43.77
N LEU G 174 36.30 26.39 -43.03
CA LEU G 174 35.40 25.30 -43.41
C LEU G 174 33.96 25.68 -43.14
N ILE G 175 33.09 25.38 -44.11
CA ILE G 175 31.66 25.33 -43.85
C ILE G 175 31.22 23.88 -44.09
N ILE G 176 30.62 23.28 -43.06
CA ILE G 176 30.45 21.82 -43.01
C ILE G 176 28.99 21.40 -42.82
N ASP G 177 28.45 20.69 -43.81
CA ASP G 177 27.12 20.05 -43.68
C ASP G 177 27.28 18.75 -42.93
N MET G 178 26.89 18.78 -41.65
CA MET G 178 26.93 17.63 -40.77
C MET G 178 25.51 17.13 -40.49
N SER G 179 24.62 17.25 -41.48
CA SER G 179 23.22 16.90 -41.23
C SER G 179 23.05 15.47 -40.78
N SER G 180 23.77 14.53 -41.37
CA SER G 180 23.57 13.11 -41.05
C SER G 180 24.61 12.50 -40.09
N ASN G 181 25.51 13.31 -39.54
CA ASN G 181 26.39 12.82 -38.46
C ASN G 181 26.59 13.78 -37.27
N PHE G 182 25.76 14.81 -37.17
CA PHE G 182 25.87 15.80 -36.07
C PHE G 182 25.57 15.07 -34.78
N LEU G 183 26.42 15.28 -33.78
CA LEU G 183 26.34 14.66 -32.44
C LEU G 183 26.52 13.13 -32.43
N SER G 184 27.22 12.62 -33.44
CA SER G 184 27.53 11.19 -33.54
C SER G 184 28.97 10.89 -33.09
N ARG G 185 29.74 11.95 -32.82
CA ARG G 185 31.13 11.86 -32.34
C ARG G 185 31.58 13.26 -31.90
N PRO G 186 32.75 13.35 -31.21
CA PRO G 186 33.29 14.69 -30.90
C PRO G 186 33.73 15.48 -32.15
N ILE G 187 33.86 16.79 -31.97
CA ILE G 187 34.40 17.73 -32.98
C ILE G 187 35.55 18.42 -32.27
N THR G 188 36.76 18.36 -32.83
CA THR G 188 37.96 18.85 -32.13
C THR G 188 38.62 20.11 -32.70
N GLN G 189 38.78 20.19 -34.01
CA GLN G 189 39.64 21.24 -34.60
C GLN G 189 38.86 22.52 -34.95
N TRP G 190 38.33 23.19 -33.93
CA TRP G 190 37.47 24.37 -34.11
C TRP G 190 38.15 25.56 -34.82
N GLU G 191 39.47 25.68 -34.70
CA GLU G 191 40.22 26.71 -35.42
C GLU G 191 40.08 26.64 -36.96
N LYS G 192 39.76 25.46 -37.49
CA LYS G 192 39.50 25.26 -38.92
C LYS G 192 38.10 25.70 -39.40
N VAL G 193 37.15 25.87 -38.47
CA VAL G 193 35.73 25.94 -38.79
C VAL G 193 35.22 27.39 -38.89
N GLY G 194 34.68 27.73 -40.06
CA GLY G 194 33.88 28.94 -40.25
C GLY G 194 32.45 28.73 -39.78
N CYS G 195 31.81 27.66 -40.26
CA CYS G 195 30.43 27.34 -39.90
C CYS G 195 30.16 25.84 -39.96
N ILE G 196 29.36 25.35 -39.01
CA ILE G 196 28.84 23.98 -39.04
C ILE G 196 27.32 24.10 -39.01
N PHE G 197 26.64 23.26 -39.79
CA PHE G 197 25.19 23.22 -39.70
C PHE G 197 24.66 21.81 -39.93
N ALA G 198 23.47 21.56 -39.37
CA ALA G 198 22.82 20.25 -39.42
C ALA G 198 21.32 20.42 -39.26
N CYS G 199 20.55 19.86 -40.20
CA CYS G 199 19.12 19.70 -39.99
C CYS G 199 18.91 18.67 -38.87
N ALA G 200 17.79 18.77 -38.17
CA ALA G 200 17.55 17.96 -36.95
C ALA G 200 17.11 16.52 -37.19
N GLN G 201 16.56 16.22 -38.36
CA GLN G 201 15.77 14.97 -38.53
C GLN G 201 16.56 13.68 -38.73
N ASN G 203 19.67 13.09 -36.51
CA ASN G 203 20.24 12.73 -35.21
C ASN G 203 19.75 13.51 -33.99
N PHE G 204 18.83 14.46 -34.16
CA PHE G 204 18.24 15.17 -33.03
C PHE G 204 16.81 15.67 -33.21
N GLY G 205 15.99 14.88 -33.92
CA GLY G 205 14.53 14.97 -33.80
C GLY G 205 13.71 15.42 -35.00
N LEU G 206 13.11 16.60 -34.90
CA LEU G 206 12.04 16.99 -35.83
C LEU G 206 12.56 17.65 -37.10
N ALA G 207 11.96 17.34 -38.23
CA ALA G 207 12.28 18.03 -39.49
C ALA G 207 11.70 19.45 -39.49
N GLY G 208 12.30 20.32 -40.29
CA GLY G 208 11.92 21.73 -40.34
C GLY G 208 12.69 22.63 -39.37
N MET G 209 13.73 22.09 -38.74
CA MET G 209 14.62 22.86 -37.87
C MET G 209 16.06 22.47 -38.15
N SER G 210 16.98 23.41 -37.95
CA SER G 210 18.41 23.20 -38.14
C SER G 210 19.20 23.91 -37.05
N VAL G 211 20.36 23.36 -36.70
CA VAL G 211 21.35 24.04 -35.89
C VAL G 211 22.40 24.65 -36.84
N VAL G 212 22.78 25.89 -36.56
CA VAL G 212 23.88 26.56 -37.26
C VAL G 212 24.84 27.09 -36.19
N ILE G 213 26.09 26.63 -36.26
CA ILE G 213 27.17 27.03 -35.36
C ILE G 213 28.16 27.87 -36.15
N ILE G 214 28.38 29.12 -35.74
CA ILE G 214 29.09 30.13 -36.54
C ILE G 214 30.19 30.80 -35.76
N ARG G 215 31.40 30.83 -36.30
CA ARG G 215 32.52 31.54 -35.67
C ARG G 215 32.21 33.02 -35.80
N LYS G 216 32.34 33.75 -34.68
CA LYS G 216 31.91 35.14 -34.58
C LYS G 216 32.50 36.08 -35.63
N ASP G 217 33.80 35.94 -35.94
CA ASP G 217 34.42 36.79 -36.98
C ASP G 217 33.87 36.58 -38.41
N MET G 218 33.32 35.40 -38.70
CA MET G 218 32.64 35.16 -40.00
C MET G 218 31.42 36.08 -40.17
N LEU G 219 30.73 36.38 -39.07
CA LEU G 219 29.59 37.29 -39.10
C LEU G 219 29.97 38.78 -39.21
N GLU G 220 31.24 39.11 -39.01
CA GLU G 220 31.74 40.46 -39.34
C GLU G 220 31.68 40.76 -40.85
N ARG G 221 31.63 39.72 -41.67
CA ARG G 221 31.54 39.88 -43.12
C ARG G 221 30.17 40.46 -43.48
N PRO G 222 30.10 41.29 -44.55
CA PRO G 222 28.83 41.89 -44.94
C PRO G 222 27.91 40.87 -45.61
N VAL G 223 26.63 40.89 -45.25
CA VAL G 223 25.61 40.07 -45.94
C VAL G 223 25.45 40.49 -47.41
N LYS G 224 25.18 39.54 -48.30
CA LYS G 224 24.91 39.84 -49.71
C LYS G 224 23.51 40.45 -49.88
N PRO G 225 23.33 41.37 -50.84
CA PRO G 225 22.01 41.97 -51.04
C PRO G 225 20.91 40.95 -51.37
N PHE G 226 19.67 41.33 -51.09
CA PHE G 226 18.49 40.48 -51.29
C PHE G 226 18.40 39.27 -50.34
N CYS G 227 19.14 39.28 -49.25
CA CYS G 227 19.00 38.24 -48.23
C CYS G 227 17.68 38.48 -47.49
N PRO G 228 16.80 37.44 -47.41
CA PRO G 228 15.64 37.55 -46.51
C PRO G 228 16.12 37.79 -45.09
N ILE G 229 15.48 38.71 -44.38
CA ILE G 229 15.96 39.17 -43.07
C ILE G 229 16.13 38.05 -42.02
N THR G 230 15.23 37.06 -41.99
CA THR G 230 15.39 35.93 -41.05
C THR G 230 16.51 34.94 -41.43
N MET G 231 16.99 35.01 -42.68
CA MET G 231 18.17 34.24 -43.11
C MET G 231 19.52 34.94 -42.92
N ASP G 232 19.50 36.18 -42.46
CA ASP G 232 20.71 36.86 -42.02
C ASP G 232 21.05 36.34 -40.63
N TYR G 233 22.12 35.54 -40.55
CA TYR G 233 22.53 34.95 -39.27
C TYR G 233 22.89 36.00 -38.20
N ARG G 234 23.31 37.20 -38.61
CA ARG G 234 23.51 38.34 -37.68
C ARG G 234 22.23 38.70 -36.93
N ILE G 235 21.12 38.79 -37.66
CA ILE G 235 19.82 39.14 -37.07
C ILE G 235 19.38 38.05 -36.07
N GLN G 236 19.61 36.78 -36.42
CA GLN G 236 19.32 35.65 -35.51
C GLN G 236 20.08 35.80 -34.19
N VAL G 237 21.39 35.98 -34.30
CA VAL G 237 22.27 36.13 -33.14
C VAL G 237 21.81 37.33 -32.31
N LYS G 238 21.59 38.46 -32.97
CA LYS G 238 21.15 39.70 -32.31
C LYS G 238 19.86 39.55 -31.50
N ASN G 239 18.93 38.72 -31.97
CA ASN G 239 17.65 38.50 -31.27
C ASN G 239 17.56 37.15 -30.51
N ASN G 240 18.71 36.53 -30.23
CA ASN G 240 18.81 35.24 -29.54
C ASN G 240 17.93 34.14 -30.17
N CYS G 241 17.95 34.09 -31.50
CA CYS G 241 17.10 33.19 -32.32
C CYS G 241 15.59 33.32 -32.07
N MET G 242 15.15 34.52 -31.66
CA MET G 242 13.75 34.81 -31.45
C MET G 242 13.43 36.19 -32.04
N TYR G 243 13.95 36.45 -33.23
CA TYR G 243 13.53 37.63 -34.00
C TYR G 243 12.04 37.49 -34.28
N ASN G 244 11.66 36.29 -34.69
CA ASN G 244 10.26 35.88 -34.75
C ASN G 244 10.12 34.59 -33.95
N THR G 245 8.98 33.91 -34.06
CA THR G 245 8.75 32.72 -33.25
C THR G 245 9.63 31.56 -33.70
N PRO G 246 10.47 31.02 -32.78
CA PRO G 246 11.32 29.89 -33.16
C PRO G 246 10.48 28.61 -33.23
N PRO G 247 11.04 27.52 -33.79
CA PRO G 247 10.31 26.24 -33.79
C PRO G 247 10.40 25.59 -32.42
N THR G 248 9.53 26.01 -31.50
CA THR G 248 9.65 25.67 -30.07
C THR G 248 9.62 24.17 -29.77
N PHE G 249 8.73 23.40 -30.40
CA PHE G 249 8.65 21.96 -30.09
C PHE G 249 9.89 21.20 -30.56
N ALA G 250 10.38 21.51 -31.75
CA ALA G 250 11.62 20.93 -32.25
C ALA G 250 12.82 21.21 -31.34
N ILE G 251 12.93 22.44 -30.82
CA ILE G 251 14.02 22.80 -29.91
C ILE G 251 13.89 22.06 -28.57
N TYR G 252 12.68 22.04 -28.04
CA TYR G 252 12.36 21.26 -26.83
C TYR G 252 12.72 19.78 -26.99
N PHE G 253 12.35 19.21 -28.12
CA PHE G 253 12.58 17.80 -28.36
C PHE G 253 14.05 17.49 -28.60
N ALA G 254 14.77 18.42 -29.21
CA ALA G 254 16.22 18.30 -29.37
C ALA G 254 16.89 18.27 -28.01
N ASN G 255 16.44 19.13 -27.11
CA ASN G 255 16.96 19.18 -25.74
C ASN G 255 16.76 17.85 -25.00
N HIS G 256 15.58 17.25 -25.17
CA HIS G 256 15.36 15.88 -24.68
C HIS G 256 16.37 14.89 -25.26
N ILE G 257 16.60 14.97 -26.56
CA ILE G 257 17.62 14.13 -27.19
C ILE G 257 19.03 14.48 -26.68
N PHE G 258 19.35 15.77 -26.51
CA PHE G 258 20.64 16.17 -25.93
C PHE G 258 20.84 15.59 -24.52
N LYS G 259 19.78 15.59 -23.71
CA LYS G 259 19.82 14.96 -22.39
C LYS G 259 20.16 13.47 -22.48
N TRP G 260 19.46 12.79 -23.38
CA TRP G 260 19.66 11.36 -23.60
C TRP G 260 21.09 11.02 -23.96
N ILE G 261 21.71 11.84 -24.81
CA ILE G 261 23.10 11.62 -25.21
C ILE G 261 24.05 11.80 -24.04
N GLU G 262 23.84 12.83 -23.23
CA GLU G 262 24.63 13.01 -21.98
C GLU G 262 24.41 11.85 -21.01
N GLU G 263 23.17 11.38 -20.92
CA GLU G 263 22.82 10.20 -20.11
C GLU G 263 23.60 8.98 -20.57
N LYS G 264 23.77 8.82 -21.88
CA LYS G 264 24.48 7.65 -22.45
C LYS G 264 25.99 7.82 -22.57
N GLY G 265 26.55 8.91 -22.02
CA GLY G 265 28.00 9.06 -21.85
C GLY G 265 28.69 10.08 -22.75
N GLY G 266 27.93 10.89 -23.49
CA GLY G 266 28.51 11.93 -24.32
C GLY G 266 28.97 11.45 -25.67
N LEU G 267 29.58 12.34 -26.44
CA LEU G 267 29.84 12.12 -27.87
C LEU G 267 30.89 11.06 -28.16
N ALA G 268 31.89 10.97 -27.27
CA ALA G 268 32.89 9.90 -27.33
C ALA G 268 32.22 8.53 -27.17
N ALA G 269 31.22 8.45 -26.28
CA ALA G 269 30.42 7.23 -26.15
C ALA G 269 29.56 6.95 -27.40
N MET G 270 28.94 7.98 -28.00
CA MET G 270 28.21 7.81 -29.26
C MET G 270 29.11 7.27 -30.38
N ASP G 271 30.30 7.84 -30.51
CA ASP G 271 31.26 7.43 -31.54
C ASP G 271 31.59 5.91 -31.47
N ALA G 272 31.91 5.43 -30.27
CA ALA G 272 32.24 4.03 -30.04
C ALA G 272 31.05 3.12 -30.34
N LEU G 273 29.86 3.49 -29.85
CA LEU G 273 28.64 2.70 -30.09
C LEU G 273 28.23 2.67 -31.58
N ASN G 274 28.32 3.82 -32.23
CA ASN G 274 28.08 3.92 -33.66
C ASN G 274 29.09 3.10 -34.48
N LYS G 275 30.36 3.16 -34.10
CA LYS G 275 31.40 2.30 -34.70
C LYS G 275 31.18 0.81 -34.47
N GLU G 276 30.71 0.44 -33.27
CA GLU G 276 30.40 -0.96 -32.97
C GLU G 276 29.28 -1.48 -33.88
N LYS G 277 28.22 -0.69 -34.03
CA LYS G 277 27.11 -1.04 -34.93
C LYS G 277 27.54 -1.10 -36.40
N ALA G 278 28.25 -0.06 -36.86
CA ALA G 278 28.73 0.01 -38.26
C ALA G 278 29.57 -1.18 -38.68
N LYS G 279 30.50 -1.57 -37.80
CA LYS G 279 31.39 -2.70 -38.00
C LYS G 279 30.61 -4.01 -38.19
N LYS G 280 29.55 -4.21 -37.41
CA LYS G 280 28.69 -5.40 -37.58
C LYS G 280 28.00 -5.42 -38.94
N VAL G 281 27.52 -4.26 -39.37
CA VAL G 281 26.83 -4.16 -40.66
C VAL G 281 27.82 -4.41 -41.80
N TYR G 282 28.99 -3.77 -41.76
CA TYR G 282 30.01 -3.97 -42.80
C TYR G 282 30.57 -5.39 -42.85
N GLU G 283 30.65 -6.07 -41.69
CA GLU G 283 31.07 -7.47 -41.66
C GLU G 283 29.99 -8.36 -42.29
N ALA G 284 28.71 -8.04 -42.06
CA ALA G 284 27.61 -8.75 -42.73
C ALA G 284 27.64 -8.56 -44.24
N ILE G 285 27.91 -7.33 -44.69
CA ILE G 285 28.05 -7.04 -46.12
C ILE G 285 29.26 -7.80 -46.70
N ASP G 286 30.44 -7.55 -46.14
CA ASP G 286 31.73 -8.01 -46.69
C ASP G 286 31.90 -9.54 -46.71
N SER G 287 31.43 -10.22 -45.66
CA SER G 287 31.56 -11.68 -45.53
C SER G 287 30.55 -12.48 -46.36
N ASN G 288 29.51 -11.82 -46.88
CA ASN G 288 28.44 -12.46 -47.62
C ASN G 288 28.60 -12.25 -49.12
N PRO G 289 28.68 -13.34 -49.93
CA PRO G 289 28.70 -13.23 -51.40
C PRO G 289 27.52 -12.51 -52.05
N ASN G 290 26.38 -12.45 -51.37
CA ASN G 290 25.18 -11.79 -51.89
C ASN G 290 25.20 -10.27 -51.85
N PHE G 291 26.10 -9.68 -51.07
CA PHE G 291 26.12 -8.23 -50.85
C PHE G 291 27.51 -7.62 -51.03
N VAL G 292 27.53 -6.39 -51.56
CA VAL G 292 28.78 -5.67 -51.78
C VAL G 292 28.61 -4.20 -51.39
N ASN G 293 29.69 -3.62 -50.84
CA ASN G 293 29.83 -2.17 -50.67
C ASN G 293 31.23 -1.80 -51.14
N ARG G 294 31.31 -0.75 -51.95
CA ARG G 294 32.55 -0.35 -52.66
C ARG G 294 33.38 0.72 -51.97
N ILE G 295 32.84 1.36 -50.95
CA ILE G 295 33.53 2.47 -50.30
C ILE G 295 34.77 1.92 -49.60
N LYS G 296 35.91 2.56 -49.85
CA LYS G 296 37.14 2.17 -49.19
C LYS G 296 36.96 2.35 -47.68
N PRO G 297 37.58 1.46 -46.87
CA PRO G 297 37.35 1.50 -45.43
C PRO G 297 37.73 2.82 -44.75
N GLU G 298 38.70 3.55 -45.31
CA GLU G 298 39.02 4.92 -44.87
C GLU G 298 37.85 5.90 -44.90
N TRP G 299 36.93 5.71 -45.85
CA TRP G 299 35.83 6.64 -46.11
C TRP G 299 34.43 6.10 -45.76
N ARG G 300 34.36 4.89 -45.21
CA ARG G 300 33.06 4.24 -44.94
C ARG G 300 32.34 4.95 -43.79
N SER G 301 31.12 5.38 -44.08
CA SER G 301 30.28 6.04 -43.09
C SER G 301 29.88 5.08 -41.96
N ARG G 302 29.91 5.58 -40.73
CA ARG G 302 29.35 4.88 -39.58
C ARG G 302 27.82 5.01 -39.51
N MET G 303 27.26 5.99 -40.22
CA MET G 303 25.85 6.39 -40.11
C MET G 303 24.96 5.80 -41.21
N ASN G 304 25.48 5.73 -42.44
CA ASN G 304 24.72 5.26 -43.59
C ASN G 304 25.56 4.25 -44.31
N MET G 305 24.99 3.06 -44.51
CA MET G 305 25.74 1.93 -45.01
C MET G 305 25.03 1.39 -46.23
N PRO G 306 25.32 1.97 -47.41
CA PRO G 306 24.76 1.40 -48.63
C PRO G 306 25.37 0.03 -48.92
N PHE G 307 24.60 -0.80 -49.60
CA PHE G 307 25.08 -2.07 -50.10
C PHE G 307 24.13 -2.58 -51.15
N PHE G 308 24.66 -3.41 -52.02
CA PHE G 308 24.00 -3.75 -53.27
C PHE G 308 24.06 -5.23 -53.55
N ARG G 309 23.19 -5.68 -54.46
CA ARG G 309 23.36 -6.99 -55.09
C ARG G 309 24.74 -6.99 -55.73
N PRO G 310 25.37 -8.17 -55.88
CA PRO G 310 26.76 -8.24 -56.38
C PRO G 310 27.11 -7.30 -57.56
N ASP G 311 26.18 -7.15 -58.51
CA ASP G 311 26.35 -6.32 -59.70
C ASP G 311 25.42 -5.12 -59.71
N GLY G 312 25.02 -4.66 -58.53
CA GLY G 312 23.96 -3.66 -58.38
C GLY G 312 24.36 -2.20 -58.52
N TYR G 313 25.66 -1.91 -58.45
CA TYR G 313 26.15 -0.53 -58.69
C TYR G 313 25.89 -0.11 -60.15
N GLU G 314 26.32 -0.96 -61.09
CA GLU G 314 26.22 -0.69 -62.53
C GLU G 314 24.95 -1.24 -63.20
N ASN G 315 24.46 -2.40 -62.75
CA ASN G 315 23.30 -3.07 -63.35
C ASN G 315 22.08 -2.97 -62.42
N LYS G 316 21.21 -1.98 -62.67
CA LYS G 316 20.06 -1.74 -61.81
C LYS G 316 18.98 -2.78 -62.09
N ASP G 317 18.27 -3.18 -61.04
CA ASP G 317 17.16 -4.12 -61.15
C ASP G 317 16.26 -3.92 -59.95
N LEU G 318 15.18 -3.16 -60.14
CA LEU G 318 14.23 -2.84 -59.07
C LEU G 318 13.52 -4.06 -58.52
N ASP G 319 13.33 -5.08 -59.36
CA ASP G 319 12.60 -6.29 -59.01
C ASP G 319 13.42 -7.21 -58.12
N ALA G 320 14.67 -7.44 -58.49
CA ALA G 320 15.61 -8.19 -57.66
C ALA G 320 15.86 -7.47 -56.34
N ASP G 321 16.02 -6.15 -56.39
CA ASP G 321 16.09 -5.31 -55.18
C ASP G 321 14.85 -5.50 -54.28
N ALA G 322 13.66 -5.37 -54.87
CA ALA G 322 12.40 -5.52 -54.14
C ALA G 322 12.29 -6.82 -53.34
N LYS G 323 12.87 -7.90 -53.85
CA LYS G 323 12.84 -9.21 -53.19
C LYS G 323 13.54 -9.23 -51.83
N PHE G 324 14.71 -8.59 -51.72
CA PHE G 324 15.40 -8.50 -50.43
C PHE G 324 14.75 -7.47 -49.52
N VAL G 325 14.33 -6.34 -50.10
CA VAL G 325 13.65 -5.29 -49.32
C VAL G 325 12.38 -5.85 -48.66
N ASN G 326 11.64 -6.66 -49.41
CA ASN G 326 10.45 -7.31 -48.88
C ASN G 326 10.79 -8.40 -47.88
N PHE G 327 11.87 -9.14 -48.13
CA PHE G 327 12.41 -10.10 -47.15
C PHE G 327 12.69 -9.41 -45.81
N CYS G 328 13.23 -8.20 -45.88
CA CYS G 328 13.45 -7.38 -44.67
C CYS G 328 12.15 -6.83 -44.07
N THR G 329 11.28 -6.26 -44.89
CA THR G 329 10.00 -5.67 -44.42
C THR G 329 9.11 -6.72 -43.70
N GLN G 330 9.11 -7.95 -44.23
CA GLN G 330 8.45 -9.12 -43.60
C GLN G 330 8.88 -9.33 -42.17
N ARG G 331 10.15 -9.06 -41.90
CA ARG G 331 10.74 -9.16 -40.56
C ARG G 331 10.71 -7.83 -39.78
N LYS G 332 9.82 -6.90 -40.15
CA LYS G 332 9.76 -5.53 -39.64
C LYS G 332 11.14 -4.78 -39.55
N LEU G 333 11.98 -5.05 -40.54
CA LEU G 333 13.20 -4.28 -40.77
C LEU G 333 12.79 -3.31 -41.87
N LEU G 334 12.53 -2.06 -41.50
CA LEU G 334 11.90 -1.09 -42.40
C LEU G 334 12.86 -0.06 -43.02
N THR G 335 12.57 0.27 -44.28
CA THR G 335 13.26 1.29 -45.07
C THR G 335 14.73 0.91 -45.32
N LEU G 336 14.93 -0.33 -45.72
CA LEU G 336 16.24 -0.76 -46.17
C LEU G 336 16.42 -0.49 -47.66
N LYS G 337 15.34 -0.08 -48.34
CA LYS G 337 15.39 0.34 -49.73
C LYS G 337 16.33 1.54 -49.89
N GLY G 338 17.31 1.40 -50.78
CA GLY G 338 18.27 2.47 -51.01
C GLY G 338 17.60 3.68 -51.63
N HIS G 339 18.30 4.81 -51.59
CA HIS G 339 17.80 6.03 -52.21
C HIS G 339 17.57 5.77 -53.71
N VAL G 340 16.46 6.32 -54.22
CA VAL G 340 15.98 6.10 -55.58
C VAL G 340 17.00 6.38 -56.69
N SER G 341 17.92 7.31 -56.44
CA SER G 341 19.00 7.63 -57.38
C SER G 341 19.99 6.49 -57.67
N VAL G 342 20.18 5.59 -56.70
CA VAL G 342 21.13 4.47 -56.83
C VAL G 342 20.49 3.07 -56.75
N GLY G 343 19.27 2.97 -56.21
CA GLY G 343 18.63 1.67 -55.97
C GLY G 343 19.37 0.90 -54.88
N GLY G 344 19.30 -0.42 -54.97
CA GLY G 344 19.90 -1.31 -53.96
C GLY G 344 19.39 -1.05 -52.56
N PHE G 345 20.29 -1.19 -51.57
CA PHE G 345 19.91 -1.18 -50.14
C PHE G 345 20.74 -0.19 -49.32
N ARG G 346 20.21 0.22 -48.18
CA ARG G 346 20.95 1.08 -47.24
C ARG G 346 20.43 0.98 -45.81
N ALA G 347 21.30 0.55 -44.90
CA ALA G 347 21.04 0.64 -43.48
C ALA G 347 21.55 2.01 -43.03
N SER G 348 20.63 2.84 -42.56
CA SER G 348 20.97 4.09 -41.89
C SER G 348 20.82 3.85 -40.39
N CYS G 349 21.95 3.96 -39.67
CA CYS G 349 22.03 3.70 -38.24
C CYS G 349 22.65 4.92 -37.53
N TYR G 350 21.80 5.81 -37.06
CA TYR G 350 22.22 6.98 -36.30
C TYR G 350 22.26 6.62 -34.80
N ASN G 351 22.45 7.62 -33.93
CA ASN G 351 22.65 7.39 -32.49
C ASN G 351 21.57 6.52 -31.85
N ALA G 352 20.31 6.83 -32.18
CA ALA G 352 19.17 6.15 -31.57
C ALA G 352 18.91 4.75 -32.12
N CYS G 353 19.56 4.37 -33.23
CA CYS G 353 19.41 3.01 -33.78
C CYS G 353 19.86 1.95 -32.76
N PRO G 354 18.92 1.11 -32.27
CA PRO G 354 19.30 0.17 -31.22
C PRO G 354 20.15 -1.00 -31.75
N MET G 355 21.06 -1.51 -30.92
CA MET G 355 21.91 -2.65 -31.31
C MET G 355 21.04 -3.85 -31.72
N GLU G 356 19.92 -4.03 -31.02
CA GLU G 356 18.95 -5.06 -31.36
C GLU G 356 18.49 -4.98 -32.81
N ALA G 357 18.22 -3.77 -33.31
CA ALA G 357 17.88 -3.57 -34.73
C ALA G 357 18.99 -4.07 -35.68
N VAL G 358 20.24 -3.75 -35.34
CA VAL G 358 21.38 -4.15 -36.13
C VAL G 358 21.56 -5.69 -36.11
N ASP G 359 21.38 -6.31 -34.94
CA ASP G 359 21.39 -7.76 -34.80
C ASP G 359 20.31 -8.44 -35.65
N ALA G 360 19.11 -7.89 -35.65
CA ALA G 360 18.05 -8.39 -36.52
C ALA G 360 18.40 -8.29 -38.02
N LEU G 361 18.95 -7.15 -38.43
CA LEU G 361 19.40 -6.96 -39.82
C LEU G 361 20.49 -7.97 -40.23
N VAL G 362 21.50 -8.12 -39.35
CA VAL G 362 22.60 -9.05 -39.57
C VAL G 362 22.08 -10.47 -39.78
N GLN G 363 21.12 -10.88 -38.94
CA GLN G 363 20.44 -12.18 -39.11
C GLN G 363 19.70 -12.35 -40.45
N ALA G 364 18.92 -11.34 -40.85
CA ALA G 364 18.24 -11.38 -42.15
C ALA G 364 19.23 -11.50 -43.30
N MET G 365 20.34 -10.78 -43.22
CA MET G 365 21.37 -10.82 -44.24
C MET G 365 22.02 -12.21 -44.30
N LYS G 366 22.27 -12.84 -43.14
CA LYS G 366 22.85 -14.19 -43.11
C LYS G 366 21.88 -15.25 -43.64
N GLU G 367 20.60 -15.11 -43.36
CA GLU G 367 19.58 -16.08 -43.75
C GLU G 367 18.98 -15.87 -45.16
N TRP G 368 19.25 -14.72 -45.77
CA TRP G 368 18.86 -14.47 -47.15
C TRP G 368 19.41 -15.58 -48.07
N PRO G 369 18.53 -16.31 -48.78
CA PRO G 369 19.02 -17.39 -49.63
C PRO G 369 19.46 -16.92 -51.03
N GLY G 370 18.93 -15.78 -51.45
CA GLY G 370 18.71 -15.47 -52.86
C GLY G 370 19.79 -14.73 -53.60
N PHE G 371 19.37 -13.91 -54.58
CA PHE G 371 20.21 -13.47 -55.70
C PHE G 371 20.89 -14.66 -56.36
N ARG H 5 -5.18 21.96 -16.01
CA ARG H 5 -5.12 22.79 -17.23
C ARG H 5 -5.44 24.25 -16.93
N ALA H 6 -4.52 25.14 -17.29
CA ALA H 6 -4.69 26.58 -17.07
C ALA H 6 -5.58 27.19 -18.14
N TYR H 7 -6.00 28.42 -17.89
CA TYR H 7 -6.71 29.23 -18.87
C TYR H 7 -5.62 30.07 -19.55
N ASN H 8 -5.35 29.74 -20.81
CA ASN H 8 -4.21 30.26 -21.54
C ASN H 8 -4.61 31.28 -22.59
N PHE H 9 -4.14 32.52 -22.43
CA PHE H 9 -4.41 33.59 -23.39
C PHE H 9 -3.14 34.04 -24.13
N SER H 10 -2.22 33.10 -24.36
CA SER H 10 -1.03 33.38 -25.14
C SER H 10 -1.44 33.74 -26.57
N ALA H 11 -0.86 34.80 -27.10
CA ALA H 11 -1.12 35.24 -28.46
C ALA H 11 -0.41 34.38 -29.52
N GLY H 12 0.60 33.60 -29.12
CA GLY H 12 1.42 32.85 -30.09
C GLY H 12 2.78 32.46 -29.53
N PRO H 13 3.11 31.16 -29.42
CA PRO H 13 2.21 30.04 -29.69
C PRO H 13 1.02 29.99 -28.71
N ALA H 14 -0.07 29.38 -29.14
CA ALA H 14 -1.38 29.57 -28.49
C ALA H 14 -1.97 28.27 -28.00
N ALA H 15 -3.12 28.38 -27.35
CA ALA H 15 -3.87 27.22 -26.89
C ALA H 15 -4.21 26.31 -28.05
N VAL H 16 -4.43 25.04 -27.72
CA VAL H 16 -4.64 23.98 -28.70
C VAL H 16 -5.69 23.06 -28.09
N PRO H 17 -6.50 22.36 -28.92
CA PRO H 17 -7.52 21.50 -28.30
C PRO H 17 -6.88 20.36 -27.50
N LEU H 18 -7.33 20.18 -26.25
CA LEU H 18 -6.78 19.14 -25.37
C LEU H 18 -6.91 17.73 -25.96
N GLU H 19 -7.99 17.48 -26.73
CA GLU H 19 -8.15 16.21 -27.44
C GLU H 19 -7.05 15.94 -28.47
N CYS H 20 -6.57 16.99 -29.14
CA CYS H 20 -5.44 16.85 -30.07
C CYS H 20 -4.14 16.52 -29.34
N LEU H 21 -3.91 17.18 -28.21
CA LEU H 21 -2.76 16.89 -27.36
C LEU H 21 -2.80 15.43 -26.86
N GLU H 22 -3.98 15.02 -26.37
CA GLU H 22 -4.17 13.65 -25.88
C GLU H 22 -4.00 12.60 -26.97
N ARG H 23 -4.57 12.86 -28.14
CA ARG H 23 -4.42 11.98 -29.28
C ARG H 23 -2.94 11.85 -29.68
N ALA H 24 -2.21 12.96 -29.64
CA ALA H 24 -0.78 12.97 -30.03
C ALA H 24 0.09 12.22 -29.02
N ALA H 25 -0.16 12.45 -27.73
CA ALA H 25 0.53 11.72 -26.66
C ALA H 25 0.26 10.21 -26.76
N ALA H 26 -0.99 9.84 -27.05
CA ALA H 26 -1.41 8.43 -27.14
C ALA H 26 -0.71 7.65 -28.24
N GLU H 27 -0.40 8.31 -29.35
CA GLU H 27 0.23 7.65 -30.49
C GLU H 27 1.70 8.04 -30.71
N MET H 28 2.33 8.60 -29.68
CA MET H 28 3.66 9.18 -29.79
C MET H 28 4.75 8.15 -30.15
N THR H 29 4.61 6.91 -29.66
CA THR H 29 5.58 5.83 -29.91
C THR H 29 5.20 4.90 -31.08
N ASN H 30 3.97 5.03 -31.59
CA ASN H 30 3.43 4.10 -32.57
C ASN H 30 2.24 4.73 -33.29
N TRP H 31 2.51 5.32 -34.45
CA TRP H 31 1.53 6.11 -35.19
C TRP H 31 0.96 5.29 -36.35
N ARG H 32 -0.37 5.18 -36.40
CA ARG H 32 -1.10 4.39 -37.40
C ARG H 32 -0.63 2.93 -37.48
N ASN H 33 -0.31 2.34 -36.34
CA ASN H 33 0.17 0.95 -36.26
C ASN H 33 1.38 0.64 -37.18
N SER H 34 2.25 1.64 -37.37
CA SER H 34 3.49 1.48 -38.14
C SER H 34 4.66 1.00 -37.28
N GLY H 35 4.47 1.01 -35.97
CA GLY H 35 5.54 0.76 -35.02
C GLY H 35 6.58 1.88 -34.94
N MET H 36 6.19 3.09 -35.35
CA MET H 36 7.07 4.27 -35.34
C MET H 36 6.27 5.53 -35.01
N SER H 37 6.92 6.47 -34.33
CA SER H 37 6.38 7.82 -34.20
C SER H 37 6.26 8.47 -35.58
N VAL H 38 5.28 9.35 -35.72
CA VAL H 38 5.21 10.24 -36.88
C VAL H 38 6.53 11.05 -37.02
N ILE H 39 7.21 11.29 -35.89
CA ILE H 39 8.53 11.94 -35.86
C ILE H 39 9.61 11.14 -36.61
N GLU H 40 9.45 9.81 -36.67
CA GLU H 40 10.49 8.89 -37.15
C GLU H 40 10.29 8.29 -38.55
N VAL H 41 9.18 8.58 -39.22
CA VAL H 41 8.91 8.01 -40.55
C VAL H 41 9.53 8.84 -41.66
N SER H 42 9.94 8.15 -42.74
CA SER H 42 10.44 8.81 -43.93
C SER H 42 9.34 9.62 -44.60
N HIS H 43 9.68 10.85 -44.98
CA HIS H 43 8.81 11.70 -45.76
C HIS H 43 8.55 11.17 -47.20
N ARG H 44 9.43 10.30 -47.70
CA ARG H 44 9.22 9.64 -48.99
C ARG H 44 8.38 8.36 -48.90
N GLY H 45 8.08 7.89 -47.68
CA GLY H 45 7.34 6.65 -47.49
C GLY H 45 5.86 6.81 -47.73
N LYS H 46 5.20 5.67 -47.95
CA LYS H 46 3.75 5.63 -48.20
C LYS H 46 2.94 6.34 -47.12
N HIS H 47 3.27 6.05 -45.85
CA HIS H 47 2.51 6.60 -44.71
C HIS H 47 2.52 8.13 -44.62
N TRP H 48 3.70 8.76 -44.72
CA TRP H 48 3.74 10.22 -44.68
C TRP H 48 3.01 10.86 -45.87
N MET H 49 3.23 10.33 -47.06
CA MET H 49 2.59 10.87 -48.27
C MET H 49 1.05 10.80 -48.20
N GLU H 50 0.51 9.77 -47.56
CA GLU H 50 -0.92 9.72 -47.25
C GLU H 50 -1.36 10.84 -46.29
N GLU H 51 -0.62 11.02 -45.20
CA GLU H 51 -0.94 12.06 -44.20
C GLU H 51 -0.97 13.47 -44.80
N GLN H 52 0.04 13.80 -45.60
CA GLN H 52 0.17 15.15 -46.16
C GLN H 52 -0.89 15.42 -47.24
N LYS H 53 -1.16 14.41 -48.07
CA LYS H 53 -2.27 14.49 -49.02
C LYS H 53 -3.61 14.69 -48.29
N GLU H 54 -3.81 13.94 -47.21
CA GLU H 54 -5.03 14.05 -46.41
C GLU H 54 -5.17 15.44 -45.77
N ALA H 55 -4.08 15.97 -45.21
CA ALA H 55 -4.06 17.30 -44.58
C ALA H 55 -4.44 18.40 -45.57
N THR H 56 -3.87 18.32 -46.77
CA THR H 56 -4.18 19.25 -47.86
C THR H 56 -5.65 19.19 -48.29
N GLU H 57 -6.13 17.96 -48.51
CA GLU H 57 -7.52 17.74 -48.90
C GLU H 57 -8.51 18.18 -47.81
N ARG H 58 -8.19 17.88 -46.55
CA ARG H 58 -9.02 18.34 -45.43
C ARG H 58 -9.03 19.88 -45.33
N LEU H 59 -7.87 20.49 -45.58
CA LEU H 59 -7.78 21.95 -45.58
C LEU H 59 -8.58 22.58 -46.74
N ARG H 60 -8.52 21.95 -47.91
CA ARG H 60 -9.32 22.37 -49.07
C ARG H 60 -10.83 22.28 -48.80
N THR H 61 -11.26 21.21 -48.15
CA THR H 61 -12.67 20.99 -47.82
C THR H 61 -13.17 21.94 -46.73
N LEU H 62 -12.41 22.10 -45.65
CA LEU H 62 -12.73 23.10 -44.59
C LEU H 62 -12.95 24.49 -45.18
N LEU H 63 -12.01 24.94 -46.00
CA LEU H 63 -12.00 26.29 -46.56
C LEU H 63 -12.81 26.44 -47.86
N GLN H 64 -13.09 25.33 -48.53
CA GLN H 64 -13.70 25.33 -49.86
C GLN H 64 -12.82 26.16 -50.79
N VAL H 65 -11.53 25.82 -50.80
CA VAL H 65 -10.54 26.51 -51.63
C VAL H 65 -10.83 26.09 -53.06
N PRO H 66 -11.13 27.06 -53.96
CA PRO H 66 -11.44 26.66 -55.33
C PRO H 66 -10.26 26.00 -56.05
N GLU H 67 -10.53 25.37 -57.18
CA GLU H 67 -9.54 24.52 -57.86
C GLU H 67 -8.45 25.30 -58.60
N ASN H 68 -8.65 26.61 -58.81
CA ASN H 68 -7.61 27.48 -59.37
C ASN H 68 -6.60 28.02 -58.31
N PHE H 69 -6.58 27.44 -57.11
CA PHE H 69 -5.57 27.73 -56.09
C PHE H 69 -4.77 26.49 -55.74
N ASN H 70 -3.50 26.72 -55.41
CA ASN H 70 -2.62 25.68 -54.85
C ASN H 70 -2.55 25.86 -53.34
N ILE H 71 -2.37 24.76 -52.62
CA ILE H 71 -2.28 24.78 -51.17
C ILE H 71 -0.91 24.23 -50.80
N LEU H 72 -0.18 24.99 -49.97
CA LEU H 72 1.17 24.65 -49.58
C LEU H 72 1.30 24.64 -48.06
N PHE H 73 2.12 23.71 -47.57
CA PHE H 73 2.69 23.75 -46.23
C PHE H 73 4.18 23.93 -46.44
N VAL H 74 4.79 24.87 -45.73
CA VAL H 74 6.22 25.18 -45.86
C VAL H 74 6.84 25.41 -44.49
N ALA H 75 8.14 25.15 -44.40
CA ALA H 75 8.89 25.44 -43.17
C ALA H 75 9.14 26.93 -43.05
N GLY H 76 9.31 27.39 -41.83
CA GLY H 76 9.46 28.82 -41.55
C GLY H 76 8.14 29.48 -41.21
N GLY H 77 8.24 30.53 -40.41
CA GLY H 77 7.07 31.29 -39.97
C GLY H 77 6.65 32.33 -40.98
N ALA H 78 5.67 33.13 -40.57
CA ALA H 78 5.07 34.18 -41.41
C ALA H 78 6.09 35.22 -41.85
N SER H 79 7.04 35.56 -40.98
CA SER H 79 8.11 36.51 -41.31
C SER H 79 8.95 36.04 -42.50
N LEU H 80 9.20 34.74 -42.61
CA LEU H 80 9.86 34.20 -43.79
C LEU H 80 9.04 34.45 -45.07
N GLN H 81 7.72 34.31 -44.95
CA GLN H 81 6.82 34.53 -46.08
C GLN H 81 6.76 36.02 -46.46
N PHE H 82 6.95 36.94 -45.50
CA PHE H 82 7.12 38.36 -45.84
C PHE H 82 8.22 38.59 -46.89
N SER H 83 9.30 37.80 -46.83
CA SER H 83 10.37 37.88 -47.81
C SER H 83 9.99 37.19 -49.11
N ALA H 84 9.49 35.95 -49.01
CA ALA H 84 9.10 35.15 -50.18
C ALA H 84 8.09 35.86 -51.07
N ILE H 85 7.15 36.58 -50.46
CA ILE H 85 6.03 37.17 -51.19
C ILE H 85 6.49 38.09 -52.35
N PRO H 86 7.30 39.11 -52.07
CA PRO H 86 7.81 39.93 -53.18
C PRO H 86 8.71 39.20 -54.18
N PHE H 87 9.61 38.33 -53.70
CA PHE H 87 10.39 37.42 -54.57
C PHE H 87 9.53 36.65 -55.58
N ASN H 88 8.35 36.21 -55.13
CA ASN H 88 7.47 35.38 -55.93
C ASN H 88 6.43 36.13 -56.77
N PHE H 89 5.89 37.22 -56.22
CA PHE H 89 4.68 37.84 -56.80
C PHE H 89 4.81 39.25 -57.39
N ILE H 90 5.97 39.91 -57.24
CA ILE H 90 6.21 41.16 -57.96
C ILE H 90 6.14 40.90 -59.48
N GLY H 91 6.78 39.83 -59.92
CA GLY H 91 6.85 39.50 -61.34
C GLY H 91 7.58 40.60 -62.09
N GLU H 92 6.91 41.16 -63.11
CA GLU H 92 7.45 42.24 -63.93
C GLU H 92 6.86 43.61 -63.58
N HIS H 93 5.98 43.65 -62.58
CA HIS H 93 5.36 44.90 -62.15
C HIS H 93 6.36 45.86 -61.52
N LYS H 94 6.05 47.15 -61.64
CA LYS H 94 6.93 48.24 -61.22
C LYS H 94 6.50 48.86 -59.89
N ALA H 95 5.48 48.28 -59.25
CA ALA H 95 4.97 48.80 -58.00
C ALA H 95 4.23 47.74 -57.19
N VAL H 96 4.19 48.00 -55.89
CA VAL H 96 3.64 47.06 -54.93
C VAL H 96 3.02 47.89 -53.79
N ASP H 97 1.82 47.49 -53.36
CA ASP H 97 1.06 48.25 -52.34
C ASP H 97 0.92 47.48 -51.03
N TYR H 98 1.17 48.17 -49.92
CA TYR H 98 1.06 47.64 -48.56
C TYR H 98 0.19 48.56 -47.74
N LEU H 99 -0.88 48.02 -47.14
CA LEU H 99 -1.68 48.75 -46.14
C LEU H 99 -1.19 48.37 -44.74
N CYS H 100 -0.63 49.35 -44.04
CA CYS H 100 -0.08 49.16 -42.70
C CYS H 100 -1.08 49.58 -41.63
N THR H 101 -1.77 48.61 -41.04
CA THR H 101 -2.73 48.86 -39.97
C THR H 101 -2.21 48.50 -38.57
N GLY H 102 -1.02 47.92 -38.50
CA GLY H 102 -0.44 47.48 -37.23
C GLY H 102 0.98 46.98 -37.40
N THR H 103 1.48 46.28 -36.38
CA THR H 103 2.88 45.81 -36.34
C THR H 103 3.22 44.86 -37.49
N TRP H 104 2.34 43.89 -37.75
CA TRP H 104 2.66 42.82 -38.71
C TRP H 104 2.66 43.27 -40.18
N SER H 105 1.66 44.04 -40.59
CA SER H 105 1.64 44.63 -41.94
C SER H 105 2.77 45.64 -42.14
N LYS H 106 3.13 46.35 -41.07
CA LYS H 106 4.27 47.25 -41.07
C LYS H 106 5.59 46.49 -41.24
N LYS H 107 5.73 45.37 -40.53
CA LYS H 107 6.92 44.50 -40.69
C LYS H 107 7.00 43.94 -42.11
N ALA H 108 5.88 43.50 -42.67
CA ALA H 108 5.87 42.97 -44.05
C ALA H 108 6.21 44.06 -45.08
N PHE H 109 5.65 45.26 -44.90
CA PHE H 109 6.05 46.43 -45.68
C PHE H 109 7.55 46.72 -45.55
N ASP H 110 8.05 46.74 -44.30
CA ASP H 110 9.46 47.05 -44.03
C ASP H 110 10.43 46.09 -44.72
N GLU H 111 10.07 44.80 -44.75
CA GLU H 111 10.91 43.78 -45.40
C GLU H 111 10.94 43.95 -46.93
N CYS H 112 9.78 44.18 -47.54
CA CYS H 112 9.73 44.46 -48.97
C CYS H 112 10.55 45.69 -49.35
N LYS H 113 10.43 46.74 -48.54
CA LYS H 113 11.24 47.96 -48.71
C LYS H 113 12.73 47.67 -48.53
N ARG H 114 13.06 46.89 -47.50
CA ARG H 114 14.45 46.53 -47.19
C ARG H 114 15.12 45.70 -48.30
N LEU H 115 14.37 44.77 -48.90
CA LEU H 115 14.91 43.92 -49.97
C LEU H 115 15.26 44.76 -51.20
N ALA H 116 14.46 45.81 -51.44
CA ALA H 116 14.80 46.90 -52.37
C ALA H 116 15.08 46.39 -53.79
N PHE H 117 14.11 45.66 -54.32
CA PHE H 117 14.18 45.12 -55.67
C PHE H 117 14.23 46.32 -56.63
N PRO H 118 15.25 46.40 -57.50
CA PRO H 118 15.46 47.60 -58.33
C PRO H 118 14.31 47.88 -59.31
N GLY H 119 13.96 49.15 -59.44
CA GLY H 119 12.86 49.57 -60.29
C GLY H 119 11.47 49.27 -59.77
N VAL H 120 11.35 48.93 -58.48
CA VAL H 120 10.06 48.63 -57.87
C VAL H 120 9.77 49.66 -56.80
N THR H 121 8.68 50.41 -56.98
CA THR H 121 8.19 51.34 -55.96
C THR H 121 7.46 50.52 -54.91
N VAL H 122 7.89 50.60 -53.66
CA VAL H 122 7.21 49.93 -52.55
C VAL H 122 6.37 50.96 -51.83
N ASN H 123 5.08 50.95 -52.14
CA ASN H 123 4.16 52.01 -51.72
C ASN H 123 3.39 51.67 -50.45
N SER H 124 3.53 52.51 -49.44
CA SER H 124 2.68 52.46 -48.25
C SER H 124 1.36 53.16 -48.59
N VAL H 125 0.27 52.40 -48.56
CA VAL H 125 -1.04 52.83 -49.03
C VAL H 125 -1.61 53.99 -48.21
N ALA H 126 -1.52 53.89 -46.88
CA ALA H 126 -2.03 54.92 -45.96
C ALA H 126 -0.98 55.39 -44.93
N GLY H 127 0.31 55.15 -45.20
CA GLY H 127 1.37 55.51 -44.26
C GLY H 127 1.46 54.59 -43.06
N ASN H 128 2.28 54.98 -42.07
CA ASN H 128 2.49 54.20 -40.86
C ASN H 128 1.35 54.43 -39.86
N PRO H 129 0.85 53.35 -39.21
CA PRO H 129 -0.20 53.54 -38.21
C PRO H 129 0.34 54.16 -36.91
N PRO H 130 -0.53 54.83 -36.14
CA PRO H 130 -0.10 55.49 -34.91
C PRO H 130 0.25 54.51 -33.79
N ALA H 131 0.78 55.04 -32.70
CA ALA H 131 1.24 54.21 -31.56
C ALA H 131 0.13 53.34 -30.95
N ASN H 132 -1.08 53.88 -30.82
CA ASN H 132 -2.22 53.14 -30.26
C ASN H 132 -3.47 53.35 -31.14
N PRO H 133 -3.50 52.67 -32.31
CA PRO H 133 -4.56 52.93 -33.30
C PRO H 133 -5.94 52.44 -32.83
N VAL H 134 -6.99 53.17 -33.22
CA VAL H 134 -8.38 52.81 -32.88
C VAL H 134 -9.22 52.37 -34.09
N GLU H 135 -8.61 52.33 -35.27
CA GLU H 135 -9.31 52.06 -36.52
C GLU H 135 -8.30 51.91 -37.65
N VAL H 136 -8.80 51.54 -38.83
CA VAL H 136 -8.03 51.59 -40.07
C VAL H 136 -8.36 52.93 -40.76
N PRO H 137 -7.35 53.63 -41.35
CA PRO H 137 -7.64 54.91 -42.01
C PRO H 137 -8.66 54.79 -43.14
N ALA H 138 -9.43 55.86 -43.35
CA ALA H 138 -10.56 55.87 -44.29
C ALA H 138 -10.16 55.41 -45.67
N ARG H 139 -11.05 54.64 -46.31
CA ARG H 139 -10.80 54.04 -47.62
C ARG H 139 -10.44 55.08 -48.70
N ASP H 140 -11.08 56.26 -48.65
CA ASP H 140 -10.79 57.36 -49.59
C ASP H 140 -9.41 58.01 -49.42
N THR H 141 -8.72 57.77 -48.29
CA THR H 141 -7.33 58.23 -48.11
C THR H 141 -6.25 57.31 -48.70
N TRP H 142 -6.64 56.13 -49.19
CA TRP H 142 -5.67 55.13 -49.67
C TRP H 142 -5.10 55.54 -51.02
N LYS H 143 -3.77 55.71 -51.08
CA LYS H 143 -3.08 55.92 -52.36
C LYS H 143 -2.68 54.58 -52.95
N LEU H 144 -3.27 54.22 -54.09
CA LEU H 144 -2.98 52.95 -54.77
C LEU H 144 -2.10 53.17 -56.01
N SER H 145 -1.29 52.15 -56.34
CA SER H 145 -0.35 52.20 -57.46
C SER H 145 -1.03 51.71 -58.72
N GLU H 146 -0.71 52.36 -59.84
CA GLU H 146 -1.35 52.05 -61.13
C GLU H 146 -1.00 50.64 -61.60
N ASP H 147 0.29 50.29 -61.55
CA ASP H 147 0.78 49.00 -62.05
C ASP H 147 1.09 48.05 -60.87
N ALA H 148 0.14 47.92 -59.95
CA ALA H 148 0.39 47.19 -58.70
C ALA H 148 0.37 45.68 -58.92
N ALA H 149 1.45 45.01 -58.51
CA ALA H 149 1.52 43.53 -58.54
C ALA H 149 0.52 42.90 -57.57
N TYR H 150 0.32 43.55 -56.42
CA TYR H 150 -0.64 43.10 -55.43
C TYR H 150 -0.98 44.19 -54.41
N PHE H 151 -2.04 43.94 -53.64
CA PHE H 151 -2.40 44.73 -52.47
C PHE H 151 -2.18 43.87 -51.22
N TYR H 152 -1.23 44.25 -50.37
CA TYR H 152 -0.92 43.50 -49.16
C TYR H 152 -1.53 44.14 -47.94
N TYR H 153 -2.21 43.33 -47.13
CA TYR H 153 -2.68 43.79 -45.83
C TYR H 153 -2.74 42.59 -44.87
N CYS H 154 -2.95 42.89 -43.61
CA CYS H 154 -3.07 41.89 -42.56
C CYS H 154 -4.51 41.89 -42.06
N ASP H 155 -5.18 40.75 -42.16
CA ASP H 155 -6.61 40.64 -41.88
C ASP H 155 -6.96 40.81 -40.39
N ASN H 156 -6.04 40.45 -39.51
CA ASN H 156 -6.22 40.59 -38.08
C ASN H 156 -4.88 40.93 -37.43
N GLU H 157 -4.70 42.18 -37.00
CA GLU H 157 -3.46 42.59 -36.35
C GLU H 157 -3.52 42.15 -34.89
N THR H 158 -2.62 41.23 -34.54
CA THR H 158 -2.66 40.48 -33.30
C THR H 158 -2.46 41.36 -32.07
N ILE H 159 -1.53 42.32 -32.17
CA ILE H 159 -1.21 43.24 -31.08
C ILE H 159 -2.27 44.33 -30.94
N GLN H 160 -2.64 44.96 -32.06
CA GLN H 160 -3.55 46.11 -32.04
C GLN H 160 -5.04 45.73 -31.90
N GLY H 161 -5.38 44.47 -32.17
CA GLY H 161 -6.76 44.00 -32.12
C GLY H 161 -7.66 44.61 -33.18
N ILE H 162 -7.11 44.78 -34.38
CA ILE H 162 -7.81 45.42 -35.50
C ILE H 162 -8.07 44.40 -36.61
N GLU H 163 -9.35 44.06 -36.81
CA GLU H 163 -9.77 43.06 -37.79
C GLU H 163 -10.73 43.63 -38.85
N PHE H 164 -10.49 43.27 -40.11
CA PHE H 164 -11.38 43.62 -41.21
C PHE H 164 -12.58 42.68 -41.20
N GLN H 165 -13.79 43.23 -41.26
CA GLN H 165 -15.02 42.42 -41.34
C GLN H 165 -15.19 41.71 -42.69
N GLN H 166 -14.61 42.29 -43.73
CA GLN H 166 -14.59 41.67 -45.06
C GLN H 166 -13.40 42.21 -45.85
N PHE H 167 -13.10 41.54 -46.96
CA PHE H 167 -11.93 41.90 -47.77
C PHE H 167 -12.12 43.29 -48.37
N PRO H 168 -11.06 44.13 -48.36
CA PRO H 168 -11.19 45.42 -49.04
C PRO H 168 -11.44 45.25 -50.54
N ASP H 169 -11.99 46.29 -51.15
CA ASP H 169 -12.25 46.31 -52.60
C ASP H 169 -11.16 47.16 -53.24
N VAL H 170 -10.26 46.50 -53.98
CA VAL H 170 -9.15 47.15 -54.70
C VAL H 170 -8.95 46.47 -56.05
N PRO H 171 -8.28 47.13 -57.01
CA PRO H 171 -8.09 46.52 -58.33
C PRO H 171 -7.13 45.32 -58.31
N ALA H 172 -5.98 45.48 -57.66
CA ALA H 172 -4.94 44.45 -57.64
C ALA H 172 -5.36 43.20 -56.83
N PRO H 173 -4.71 42.04 -57.08
CA PRO H 173 -5.00 40.85 -56.27
C PRO H 173 -4.54 41.01 -54.81
N LEU H 174 -5.35 40.54 -53.86
CA LEU H 174 -5.00 40.62 -52.44
C LEU H 174 -3.93 39.61 -52.02
N ILE H 175 -2.96 40.07 -51.23
CA ILE H 175 -2.09 39.16 -50.45
C ILE H 175 -2.36 39.43 -48.97
N ILE H 176 -2.79 38.39 -48.24
CA ILE H 176 -3.44 38.56 -46.95
C ILE H 176 -2.73 37.73 -45.87
N ASP H 177 -2.18 38.43 -44.88
CA ASP H 177 -1.64 37.78 -43.69
C ASP H 177 -2.82 37.46 -42.78
N MET H 178 -3.13 36.17 -42.69
CA MET H 178 -4.20 35.68 -41.82
C MET H 178 -3.63 34.86 -40.66
N SER H 179 -2.37 35.10 -40.30
CA SER H 179 -1.68 34.32 -39.28
C SER H 179 -2.48 34.15 -37.99
N SER H 180 -3.14 35.21 -37.52
CA SER H 180 -3.91 35.17 -36.26
C SER H 180 -5.44 35.01 -36.39
N ASN H 181 -5.95 34.74 -37.59
CA ASN H 181 -7.39 34.38 -37.76
C ASN H 181 -7.71 33.33 -38.83
N PHE H 182 -6.70 32.59 -39.26
CA PHE H 182 -6.85 31.59 -40.31
C PHE H 182 -7.64 30.41 -39.76
N LEU H 183 -8.67 29.99 -40.49
CA LEU H 183 -9.64 28.96 -40.07
C LEU H 183 -10.55 29.39 -38.89
N SER H 184 -10.63 30.69 -38.61
CA SER H 184 -11.51 31.21 -37.56
C SER H 184 -12.89 31.61 -38.11
N ARG H 185 -13.01 31.67 -39.44
CA ARG H 185 -14.28 31.94 -40.12
C ARG H 185 -14.15 31.50 -41.59
N PRO H 186 -15.29 31.46 -42.33
CA PRO H 186 -15.20 31.15 -43.78
C PRO H 186 -14.53 32.24 -44.59
N ILE H 187 -14.03 31.88 -45.77
CA ILE H 187 -13.52 32.83 -46.76
C ILE H 187 -14.49 32.80 -47.95
N THR H 188 -15.06 33.96 -48.28
CA THR H 188 -16.19 34.05 -49.24
C THR H 188 -15.87 34.71 -50.58
N GLN H 189 -14.75 35.43 -50.69
CA GLN H 189 -14.46 36.25 -51.86
C GLN H 189 -13.11 35.87 -52.49
N TRP H 190 -13.02 34.61 -52.91
CA TRP H 190 -11.81 34.06 -53.51
C TRP H 190 -11.36 34.77 -54.78
N GLU H 191 -12.32 35.30 -55.55
CA GLU H 191 -12.06 36.12 -56.75
C GLU H 191 -11.05 37.24 -56.50
N LYS H 192 -11.10 37.84 -55.30
CA LYS H 192 -10.22 38.96 -54.95
C LYS H 192 -8.79 38.54 -54.58
N VAL H 193 -8.58 37.26 -54.29
CA VAL H 193 -7.36 36.77 -53.64
C VAL H 193 -6.24 36.40 -54.61
N GLY H 194 -5.09 37.05 -54.47
CA GLY H 194 -3.83 36.57 -55.03
C GLY H 194 -3.18 35.49 -54.16
N CYS H 195 -3.06 35.76 -52.86
CA CYS H 195 -2.43 34.80 -51.92
C CYS H 195 -2.90 34.99 -50.48
N ILE H 196 -3.16 33.88 -49.79
CA ILE H 196 -3.42 33.89 -48.34
C ILE H 196 -2.30 33.10 -47.71
N PHE H 197 -1.79 33.59 -46.58
CA PHE H 197 -0.90 32.78 -45.79
C PHE H 197 -1.13 32.95 -44.30
N ALA H 198 -0.55 32.04 -43.54
CA ALA H 198 -0.66 32.07 -42.09
C ALA H 198 0.39 31.15 -41.50
N CYS H 199 1.08 31.61 -40.46
CA CYS H 199 1.88 30.74 -39.63
C CYS H 199 0.92 29.89 -38.79
N ALA H 200 1.37 28.71 -38.39
CA ALA H 200 0.49 27.74 -37.74
C ALA H 200 0.24 28.00 -36.26
N GLN H 201 1.13 28.73 -35.59
CA GLN H 201 1.13 28.74 -34.11
C GLN H 201 0.06 29.60 -33.42
N ASN H 203 -3.56 29.54 -34.71
CA ASN H 203 -4.80 28.79 -34.85
C ASN H 203 -4.69 27.32 -35.32
N PHE H 204 -3.49 26.82 -35.62
CA PHE H 204 -3.34 25.40 -36.01
C PHE H 204 -1.99 24.72 -35.67
N GLY H 205 -1.42 25.06 -34.51
CA GLY H 205 -0.42 24.21 -33.84
C GLY H 205 0.99 24.76 -33.70
N LEU H 206 1.93 24.19 -34.44
CA LEU H 206 3.36 24.43 -34.16
C LEU H 206 3.94 25.67 -34.85
N ALA H 207 4.85 26.34 -34.17
CA ALA H 207 5.64 27.42 -34.79
C ALA H 207 6.62 26.87 -35.81
N GLY H 208 7.12 27.73 -36.68
CA GLY H 208 8.06 27.34 -37.74
C GLY H 208 7.42 26.60 -38.91
N MET H 209 6.11 26.74 -39.10
CA MET H 209 5.41 26.23 -40.28
C MET H 209 4.32 27.21 -40.65
N SER H 210 4.12 27.39 -41.95
CA SER H 210 3.07 28.25 -42.48
C SER H 210 2.29 27.54 -43.58
N VAL H 211 1.01 27.89 -43.71
CA VAL H 211 0.21 27.53 -44.86
C VAL H 211 0.21 28.72 -45.83
N VAL H 212 0.39 28.43 -47.12
CA VAL H 212 0.35 29.45 -48.17
C VAL H 212 -0.61 28.93 -49.23
N ILE H 213 -1.60 29.75 -49.59
CA ILE H 213 -2.62 29.39 -50.55
C ILE H 213 -2.57 30.41 -51.69
N ILE H 214 -2.22 29.93 -52.89
CA ILE H 214 -1.83 30.80 -54.02
C ILE H 214 -2.73 30.56 -55.23
N ARG H 215 -3.18 31.64 -55.88
CA ARG H 215 -3.94 31.53 -57.14
C ARG H 215 -3.01 31.21 -58.31
N LYS H 216 -3.40 30.27 -59.17
CA LYS H 216 -2.48 29.70 -60.19
C LYS H 216 -1.81 30.70 -61.14
N ASP H 217 -2.54 31.73 -61.55
CA ASP H 217 -1.98 32.82 -62.38
C ASP H 217 -0.86 33.61 -61.68
N MET H 218 -0.89 33.66 -60.35
CA MET H 218 0.16 34.35 -59.58
C MET H 218 1.50 33.60 -59.66
N LEU H 219 1.46 32.26 -59.65
CA LEU H 219 2.68 31.45 -59.82
C LEU H 219 3.24 31.46 -61.25
N GLU H 220 2.42 31.81 -62.24
CA GLU H 220 2.89 32.01 -63.62
C GLU H 220 3.84 33.21 -63.77
N ARG H 221 3.81 34.15 -62.82
CA ARG H 221 4.72 35.31 -62.84
C ARG H 221 6.15 34.85 -62.59
N PRO H 222 7.14 35.56 -63.18
CA PRO H 222 8.53 35.16 -62.99
C PRO H 222 9.06 35.55 -61.61
N VAL H 223 9.94 34.71 -61.05
CA VAL H 223 10.53 34.92 -59.73
C VAL H 223 11.67 35.93 -59.85
N LYS H 224 11.91 36.68 -58.78
CA LYS H 224 13.01 37.67 -58.74
C LYS H 224 14.36 36.97 -58.56
N PRO H 225 15.44 37.56 -59.13
CA PRO H 225 16.78 36.95 -59.26
C PRO H 225 17.33 36.07 -58.12
N PHE H 226 17.55 36.61 -56.92
CA PHE H 226 18.30 35.85 -55.88
C PHE H 226 17.39 35.07 -54.90
N CYS H 227 16.37 34.42 -55.40
CA CYS H 227 15.41 33.72 -54.55
C CYS H 227 15.98 32.36 -54.13
N PRO H 228 16.09 32.10 -52.80
CA PRO H 228 16.45 30.75 -52.35
C PRO H 228 15.50 29.72 -52.93
N ILE H 229 16.03 28.62 -53.44
CA ILE H 229 15.23 27.70 -54.25
C ILE H 229 14.02 27.15 -53.50
N THR H 230 14.16 26.90 -52.20
CA THR H 230 13.02 26.42 -51.40
C THR H 230 11.97 27.50 -51.09
N MET H 231 12.31 28.78 -51.29
CA MET H 231 11.34 29.89 -51.18
C MET H 231 10.64 30.24 -52.50
N ASP H 232 11.01 29.56 -53.58
CA ASP H 232 10.27 29.65 -54.83
C ASP H 232 9.04 28.76 -54.67
N TYR H 233 7.86 29.38 -54.66
CA TYR H 233 6.61 28.66 -54.43
C TYR H 233 6.25 27.71 -55.58
N ARG H 234 6.66 28.06 -56.79
CA ARG H 234 6.49 27.20 -57.96
C ARG H 234 7.23 25.86 -57.80
N ILE H 235 8.45 25.93 -57.27
CA ILE H 235 9.27 24.73 -56.95
C ILE H 235 8.55 23.86 -55.91
N GLN H 236 7.96 24.50 -54.90
CA GLN H 236 7.22 23.79 -53.87
C GLN H 236 6.03 23.02 -54.47
N VAL H 237 5.23 23.69 -55.31
CA VAL H 237 4.05 23.06 -55.92
C VAL H 237 4.45 21.90 -56.83
N LYS H 238 5.41 22.15 -57.71
CA LYS H 238 5.99 21.13 -58.60
C LYS H 238 6.43 19.85 -57.86
N ASN H 239 6.96 20.00 -56.64
CA ASN H 239 7.45 18.88 -55.84
C ASN H 239 6.52 18.45 -54.69
N ASN H 240 5.28 18.93 -54.72
CA ASN H 240 4.26 18.63 -53.70
C ASN H 240 4.69 18.98 -52.26
N CYS H 241 5.33 20.13 -52.11
CA CYS H 241 5.85 20.58 -50.81
C CYS H 241 6.80 19.58 -50.13
N MET H 242 7.49 18.79 -50.95
CA MET H 242 8.48 17.82 -50.49
C MET H 242 9.71 17.85 -51.43
N TYR H 243 10.10 19.06 -51.83
CA TYR H 243 11.38 19.26 -52.53
C TYR H 243 12.50 18.80 -51.58
N ASN H 244 12.45 19.27 -50.33
CA ASN H 244 13.26 18.73 -49.24
C ASN H 244 12.31 18.19 -48.16
N THR H 245 12.83 17.84 -47.00
CA THR H 245 12.00 17.28 -45.93
C THR H 245 11.03 18.33 -45.38
N PRO H 246 9.70 18.10 -45.50
CA PRO H 246 8.77 19.02 -44.88
C PRO H 246 8.73 18.92 -43.33
N PRO H 247 8.11 19.90 -42.65
CA PRO H 247 7.96 19.86 -41.20
C PRO H 247 6.82 18.90 -40.83
N THR H 248 7.17 17.62 -40.72
CA THR H 248 6.18 16.54 -40.66
C THR H 248 5.30 16.66 -39.43
N PHE H 249 5.90 16.77 -38.25
CA PHE H 249 5.10 16.84 -37.01
C PHE H 249 4.12 18.02 -36.99
N ALA H 250 4.56 19.19 -37.48
CA ALA H 250 3.69 20.37 -37.57
C ALA H 250 2.50 20.14 -38.50
N ILE H 251 2.75 19.55 -39.66
CA ILE H 251 1.68 19.23 -40.62
C ILE H 251 0.72 18.20 -40.01
N TYR H 252 1.30 17.19 -39.35
CA TYR H 252 0.54 16.14 -38.67
C TYR H 252 -0.36 16.73 -37.57
N PHE H 253 0.21 17.61 -36.76
CA PHE H 253 -0.54 18.20 -35.65
C PHE H 253 -1.60 19.18 -36.15
N ALA H 254 -1.29 19.91 -37.23
CA ALA H 254 -2.27 20.74 -37.93
C ALA H 254 -3.44 19.94 -38.47
N ASN H 255 -3.16 18.75 -39.01
CA ASN H 255 -4.22 17.89 -39.54
C ASN H 255 -5.18 17.40 -38.44
N HIS H 256 -4.64 17.05 -37.27
CA HIS H 256 -5.48 16.75 -36.10
C HIS H 256 -6.40 17.92 -35.75
N ILE H 257 -5.85 19.13 -35.74
CA ILE H 257 -6.63 20.32 -35.43
C ILE H 257 -7.71 20.55 -36.50
N PHE H 258 -7.39 20.31 -37.77
CA PHE H 258 -8.40 20.41 -38.84
C PHE H 258 -9.58 19.44 -38.60
N LYS H 259 -9.28 18.22 -38.16
CA LYS H 259 -10.33 17.23 -37.81
C LYS H 259 -11.20 17.74 -36.67
N TRP H 260 -10.55 18.30 -35.64
CA TRP H 260 -11.26 18.90 -34.52
C TRP H 260 -12.18 20.04 -34.97
N ILE H 261 -11.72 20.86 -35.93
CA ILE H 261 -12.52 21.96 -36.48
C ILE H 261 -13.77 21.40 -37.18
N GLU H 262 -13.57 20.36 -38.00
CA GLU H 262 -14.66 19.66 -38.69
C GLU H 262 -15.67 19.04 -37.73
N GLU H 263 -15.17 18.39 -36.69
CA GLU H 263 -16.02 17.77 -35.66
C GLU H 263 -16.89 18.80 -34.91
N LYS H 264 -16.37 20.02 -34.78
CA LYS H 264 -17.10 21.16 -34.18
C LYS H 264 -18.12 21.84 -35.13
N GLY H 265 -18.20 21.39 -36.38
CA GLY H 265 -19.20 21.87 -37.34
C GLY H 265 -18.71 22.86 -38.39
N GLY H 266 -17.43 22.78 -38.74
CA GLY H 266 -16.87 23.59 -39.82
C GLY H 266 -16.60 25.04 -39.42
N LEU H 267 -16.22 25.84 -40.41
CA LEU H 267 -15.77 27.23 -40.20
C LEU H 267 -16.89 28.20 -39.85
N ALA H 268 -18.10 27.96 -40.36
CA ALA H 268 -19.28 28.75 -40.01
C ALA H 268 -19.52 28.67 -38.49
N ALA H 269 -19.52 27.44 -37.97
CA ALA H 269 -19.60 27.18 -36.53
C ALA H 269 -18.53 27.90 -35.72
N MET H 270 -17.29 27.90 -36.22
CA MET H 270 -16.18 28.58 -35.55
C MET H 270 -16.35 30.10 -35.53
N ASP H 271 -16.90 30.67 -36.59
CA ASP H 271 -17.12 32.13 -36.65
C ASP H 271 -18.11 32.57 -35.57
N ALA H 272 -19.23 31.86 -35.47
CA ALA H 272 -20.25 32.12 -34.45
C ALA H 272 -19.71 31.97 -33.03
N LEU H 273 -18.99 30.87 -32.77
CA LEU H 273 -18.41 30.62 -31.44
C LEU H 273 -17.33 31.63 -31.07
N ASN H 274 -16.50 32.04 -32.05
CA ASN H 274 -15.53 33.12 -31.84
C ASN H 274 -16.21 34.46 -31.58
N LYS H 275 -17.26 34.77 -32.34
CA LYS H 275 -18.08 35.97 -32.12
C LYS H 275 -18.72 35.96 -30.74
N GLU H 276 -19.33 34.83 -30.38
CA GLU H 276 -19.98 34.64 -29.07
C GLU H 276 -18.99 34.88 -27.91
N LYS H 277 -17.78 34.34 -28.02
CA LYS H 277 -16.73 34.56 -27.01
C LYS H 277 -16.27 36.03 -26.96
N ALA H 278 -16.05 36.61 -28.14
CA ALA H 278 -15.62 38.02 -28.27
C ALA H 278 -16.66 39.01 -27.74
N LYS H 279 -17.95 38.71 -27.97
CA LYS H 279 -19.06 39.54 -27.49
C LYS H 279 -18.98 39.74 -25.98
N LYS H 280 -18.73 38.66 -25.24
CA LYS H 280 -18.68 38.70 -23.77
C LYS H 280 -17.43 39.38 -23.24
N VAL H 281 -16.29 39.21 -23.91
CA VAL H 281 -15.05 39.91 -23.53
C VAL H 281 -15.20 41.43 -23.70
N TYR H 282 -15.73 41.85 -24.86
CA TYR H 282 -15.94 43.28 -25.13
C TYR H 282 -17.03 43.86 -24.23
N GLU H 283 -18.13 43.13 -24.06
CA GLU H 283 -19.17 43.50 -23.09
C GLU H 283 -18.58 43.72 -21.69
N ALA H 284 -17.66 42.85 -21.27
CA ALA H 284 -16.99 42.96 -19.96
C ALA H 284 -16.02 44.14 -19.87
N ILE H 285 -15.38 44.50 -20.98
CA ILE H 285 -14.54 45.70 -21.05
C ILE H 285 -15.36 47.01 -20.92
N ASP H 286 -16.50 47.05 -21.61
CA ASP H 286 -17.32 48.26 -21.68
C ASP H 286 -18.31 48.40 -20.52
N SER H 287 -18.78 47.27 -19.97
CA SER H 287 -19.64 47.28 -18.77
C SER H 287 -18.89 47.83 -17.56
N ASN H 288 -17.74 47.24 -17.27
CA ASN H 288 -16.94 47.65 -16.13
C ASN H 288 -16.29 49.00 -16.39
N PRO H 289 -16.52 49.99 -15.50
CA PRO H 289 -15.83 51.28 -15.64
C PRO H 289 -14.35 51.25 -15.20
N ASN H 290 -13.87 50.12 -14.68
CA ASN H 290 -12.44 49.90 -14.47
C ASN H 290 -11.64 49.66 -15.76
N PHE H 291 -12.32 49.32 -16.86
CA PHE H 291 -11.65 49.03 -18.15
C PHE H 291 -12.24 49.80 -19.33
N VAL H 292 -11.46 49.85 -20.41
CA VAL H 292 -11.90 50.50 -21.65
C VAL H 292 -11.16 49.97 -22.89
N ASN H 293 -11.92 49.83 -23.98
CA ASN H 293 -11.40 49.59 -25.31
C ASN H 293 -12.08 50.58 -26.25
N ARG H 294 -11.31 51.46 -26.88
CA ARG H 294 -11.82 52.49 -27.79
C ARG H 294 -11.62 52.14 -29.27
N ILE H 295 -11.25 50.90 -29.57
CA ILE H 295 -11.18 50.41 -30.94
C ILE H 295 -12.61 50.41 -31.46
N LYS H 296 -12.85 51.09 -32.58
CA LYS H 296 -14.21 51.21 -33.11
C LYS H 296 -14.83 49.84 -33.42
N PRO H 297 -16.16 49.69 -33.20
CA PRO H 297 -16.82 48.37 -33.24
C PRO H 297 -16.70 47.61 -34.56
N GLU H 298 -16.67 48.35 -35.68
CA GLU H 298 -16.45 47.74 -37.01
C GLU H 298 -15.03 47.19 -37.22
N TRP H 299 -14.06 47.66 -36.41
CA TRP H 299 -12.66 47.19 -36.47
C TRP H 299 -12.26 46.27 -35.32
N ARG H 300 -13.18 45.99 -34.39
CA ARG H 300 -12.88 45.12 -33.26
C ARG H 300 -12.62 43.67 -33.68
N SER H 301 -11.48 43.14 -33.23
CA SER H 301 -11.08 41.76 -33.52
C SER H 301 -11.80 40.75 -32.63
N ARG H 302 -12.26 39.65 -33.22
CA ARG H 302 -12.85 38.53 -32.45
C ARG H 302 -11.79 37.66 -31.77
N MET H 303 -10.52 37.81 -32.16
CA MET H 303 -9.42 36.94 -31.70
C MET H 303 -8.55 37.57 -30.63
N ASN H 304 -8.16 38.83 -30.85
CA ASN H 304 -7.30 39.57 -29.93
C ASN H 304 -8.04 40.81 -29.44
N MET H 305 -8.39 40.84 -28.15
CA MET H 305 -9.09 41.98 -27.54
C MET H 305 -8.15 42.72 -26.58
N PRO H 306 -7.55 43.85 -27.03
CA PRO H 306 -6.83 44.69 -26.08
C PRO H 306 -7.78 45.51 -25.23
N PHE H 307 -7.33 45.89 -24.04
CA PHE H 307 -8.08 46.78 -23.16
C PHE H 307 -7.15 47.42 -22.14
N PHE H 308 -7.54 48.58 -21.62
CA PHE H 308 -6.71 49.33 -20.70
C PHE H 308 -7.52 49.89 -19.54
N ARG H 309 -6.80 50.44 -18.56
CA ARG H 309 -7.39 51.20 -17.44
C ARG H 309 -8.18 52.43 -17.95
N PRO H 310 -9.01 53.06 -17.08
CA PRO H 310 -9.93 54.11 -17.56
C PRO H 310 -9.26 55.25 -18.32
N ASP H 311 -8.14 55.75 -17.79
CA ASP H 311 -7.29 56.75 -18.46
C ASP H 311 -5.97 56.15 -19.00
N GLY H 312 -6.02 54.89 -19.43
CA GLY H 312 -4.83 54.17 -19.92
C GLY H 312 -4.35 54.61 -21.30
N TYR H 313 -5.28 55.10 -22.12
CA TYR H 313 -4.94 55.72 -23.41
C TYR H 313 -4.10 56.99 -23.25
N GLU H 314 -4.44 57.80 -22.23
CA GLU H 314 -3.75 59.08 -21.97
C GLU H 314 -2.53 58.92 -21.07
N ASN H 315 -2.70 58.23 -19.94
CA ASN H 315 -1.64 58.03 -18.95
C ASN H 315 -1.20 56.57 -18.87
N LYS H 316 0.02 56.29 -19.34
CA LYS H 316 0.61 54.95 -19.28
C LYS H 316 1.29 54.73 -17.93
N ASP H 317 0.81 53.74 -17.17
CA ASP H 317 1.41 53.32 -15.90
C ASP H 317 1.55 51.79 -15.87
N LEU H 318 2.75 51.30 -16.16
CA LEU H 318 3.02 49.86 -16.30
C LEU H 318 2.98 49.09 -14.97
N ASP H 319 3.52 49.70 -13.91
CA ASP H 319 3.45 49.12 -12.56
C ASP H 319 2.01 49.02 -12.06
N ALA H 320 1.21 50.05 -12.35
CA ALA H 320 -0.22 50.07 -12.02
C ALA H 320 -1.01 48.97 -12.75
N ASP H 321 -0.72 48.78 -14.04
CA ASP H 321 -1.35 47.72 -14.84
C ASP H 321 -1.03 46.31 -14.30
N ALA H 322 0.23 46.10 -13.89
CA ALA H 322 0.69 44.80 -13.37
C ALA H 322 -0.06 44.26 -12.13
N LYS H 323 -0.78 45.13 -11.41
CA LYS H 323 -1.63 44.70 -10.29
C LYS H 323 -2.83 43.85 -10.74
N PHE H 324 -3.46 44.25 -11.85
CA PHE H 324 -4.53 43.45 -12.46
C PHE H 324 -4.00 42.19 -13.17
N VAL H 325 -2.77 42.25 -13.68
CA VAL H 325 -2.14 41.11 -14.36
C VAL H 325 -1.77 40.02 -13.35
N ASN H 326 -1.11 40.41 -12.25
CA ASN H 326 -0.78 39.49 -11.15
C ASN H 326 -2.03 38.90 -10.49
N PHE H 327 -3.08 39.70 -10.38
CA PHE H 327 -4.42 39.25 -9.93
C PHE H 327 -5.00 38.15 -10.84
N CYS H 328 -4.82 38.30 -12.15
CA CYS H 328 -5.26 37.30 -13.13
C CYS H 328 -4.42 36.03 -13.09
N THR H 329 -3.09 36.20 -13.03
CA THR H 329 -2.14 35.08 -12.98
C THR H 329 -2.35 34.16 -11.76
N GLN H 330 -2.79 34.75 -10.64
CA GLN H 330 -3.11 33.99 -9.43
C GLN H 330 -4.31 33.05 -9.61
N ARG H 331 -5.25 33.44 -10.48
CA ARG H 331 -6.42 32.62 -10.83
C ARG H 331 -6.24 31.80 -12.12
N LYS H 332 -5.01 31.44 -12.45
CA LYS H 332 -4.69 30.61 -13.62
C LYS H 332 -5.15 31.21 -14.97
N LEU H 333 -5.17 32.54 -15.06
CA LEU H 333 -5.45 33.26 -16.29
C LEU H 333 -4.12 33.85 -16.73
N LEU H 334 -3.50 33.30 -17.77
CA LEU H 334 -2.10 33.57 -18.10
C LEU H 334 -1.89 34.40 -19.39
N THR H 335 -0.80 35.17 -19.41
CA THR H 335 -0.32 35.92 -20.58
C THR H 335 -1.32 36.99 -21.04
N LEU H 336 -1.74 37.84 -20.09
CA LEU H 336 -2.73 38.89 -20.34
C LEU H 336 -2.13 40.30 -20.49
N LYS H 337 -0.83 40.43 -20.28
CA LYS H 337 -0.08 41.58 -20.80
C LYS H 337 0.22 41.25 -22.27
N GLY H 338 0.02 42.17 -23.21
CA GLY H 338 -0.23 43.60 -22.99
C GLY H 338 1.03 44.31 -23.45
N HIS H 339 1.04 44.81 -24.68
CA HIS H 339 2.25 45.35 -25.31
C HIS H 339 2.76 46.58 -24.56
N VAL H 340 4.08 46.66 -24.39
CA VAL H 340 4.71 47.77 -23.65
C VAL H 340 4.57 49.14 -24.33
N SER H 341 4.38 49.14 -25.66
CA SER H 341 4.11 50.37 -26.41
C SER H 341 2.95 51.18 -25.80
N VAL H 342 1.77 50.56 -25.75
CA VAL H 342 0.55 51.17 -25.20
C VAL H 342 0.29 50.80 -23.73
N GLY H 343 0.98 49.79 -23.23
CA GLY H 343 0.69 49.25 -21.89
C GLY H 343 -0.59 48.43 -21.96
N GLY H 344 -1.47 48.63 -20.97
CA GLY H 344 -2.77 47.98 -20.97
C GLY H 344 -2.70 46.45 -20.89
N PHE H 345 -3.75 45.81 -21.42
CA PHE H 345 -3.89 44.35 -21.36
C PHE H 345 -4.36 43.83 -22.71
N ARG H 346 -4.27 42.52 -22.89
CA ARG H 346 -4.75 41.85 -24.11
C ARG H 346 -5.15 40.41 -23.83
N ALA H 347 -6.38 40.05 -24.23
CA ALA H 347 -6.85 38.67 -24.19
C ALA H 347 -6.86 38.12 -25.60
N SER H 348 -6.08 37.06 -25.84
CA SER H 348 -6.09 36.36 -27.12
C SER H 348 -6.96 35.11 -26.98
N CYS H 349 -8.02 35.03 -27.79
CA CYS H 349 -8.99 33.95 -27.75
C CYS H 349 -9.21 33.33 -29.14
N TYR H 350 -8.32 32.42 -29.50
CA TYR H 350 -8.40 31.72 -30.79
C TYR H 350 -9.41 30.58 -30.71
N ASN H 351 -9.52 29.80 -31.78
CA ASN H 351 -10.46 28.67 -31.86
C ASN H 351 -10.48 27.75 -30.64
N ALA H 352 -9.30 27.40 -30.15
CA ALA H 352 -9.16 26.41 -29.07
C ALA H 352 -9.40 26.97 -27.66
N CYS H 353 -9.54 28.29 -27.54
CA CYS H 353 -9.86 28.94 -26.28
C CYS H 353 -11.27 28.54 -25.82
N PRO H 354 -11.38 27.76 -24.72
CA PRO H 354 -12.72 27.31 -24.31
C PRO H 354 -13.55 28.43 -23.67
N MET H 355 -14.87 28.26 -23.72
CA MET H 355 -15.81 29.22 -23.11
C MET H 355 -15.59 29.38 -21.61
N GLU H 356 -15.15 28.30 -20.95
CA GLU H 356 -14.78 28.31 -19.53
C GLU H 356 -13.67 29.31 -19.19
N ALA H 357 -12.70 29.46 -20.08
CA ALA H 357 -11.62 30.44 -19.91
C ALA H 357 -12.16 31.86 -20.06
N VAL H 358 -13.03 32.06 -21.05
CA VAL H 358 -13.68 33.36 -21.30
C VAL H 358 -14.54 33.75 -20.09
N ASP H 359 -15.40 32.82 -19.65
CA ASP H 359 -16.20 33.00 -18.42
C ASP H 359 -15.34 33.24 -17.18
N ALA H 360 -14.21 32.55 -17.08
CA ALA H 360 -13.26 32.75 -15.98
C ALA H 360 -12.63 34.15 -16.02
N LEU H 361 -12.37 34.67 -17.23
CA LEU H 361 -11.80 36.01 -17.40
C LEU H 361 -12.77 37.13 -17.03
N VAL H 362 -14.00 37.06 -17.56
CA VAL H 362 -15.01 38.09 -17.28
C VAL H 362 -15.37 38.17 -15.79
N GLN H 363 -15.41 37.01 -15.12
CA GLN H 363 -15.63 36.94 -13.67
C GLN H 363 -14.48 37.61 -12.91
N ALA H 364 -13.24 37.35 -13.34
CA ALA H 364 -12.06 38.03 -12.77
C ALA H 364 -12.09 39.54 -13.00
N MET H 365 -12.52 39.97 -14.18
CA MET H 365 -12.65 41.40 -14.48
C MET H 365 -13.74 42.08 -13.64
N LYS H 366 -14.85 41.37 -13.41
CA LYS H 366 -15.91 41.85 -12.51
C LYS H 366 -15.44 41.92 -11.05
N GLU H 367 -14.75 40.89 -10.58
CA GLU H 367 -14.23 40.82 -9.20
C GLU H 367 -13.02 41.70 -8.89
N TRP H 368 -12.36 42.23 -9.92
CA TRP H 368 -11.28 43.20 -9.73
C TRP H 368 -11.85 44.54 -9.22
N PRO H 369 -11.32 45.06 -8.08
CA PRO H 369 -11.76 46.39 -7.63
C PRO H 369 -10.89 47.55 -8.16
N GLY H 370 -9.68 47.73 -7.62
CA GLY H 370 -8.88 48.94 -7.85
C GLY H 370 -8.15 48.98 -9.17
#